data_5H2T
#
_entry.id   5H2T
#
_cell.length_a   248.760
_cell.length_b   133.116
_cell.length_c   211.777
_cell.angle_alpha   90.00
_cell.angle_beta   112.54
_cell.angle_gamma   90.00
#
_symmetry.space_group_name_H-M   'C 1 2 1'
#
_entity_poly.entity_id   1
_entity_poly.type   'polypeptide(L)'
_entity_poly.pdbx_seq_one_letter_code
;MQMTGDPIPDTFTHEKPRDPYWYKHAVFYEVLVRGFSDSNDDGTGDLRGLINRLDYLQWLGIDCIWLLPIYQSPLRDGGY
DISDYTKILPEFGDLGDFVELVDEAHRRGIRVIADLVMNHTSDQHPWFQASRTDPDGPYGDFYMWSDTDDKYPDARIIFV
DTEVSNWTYDPVRGQYYWHRFFSHQPDLNYDNPAVQEAMLEVLRFWLDLGIDGFRLDAVPYLYAREGTNCENLPETHAYL
KRVRAEVDRLYPDRVLLAEANQWPADVVEYFGDPATGGDECHMAFHFPVMPRIFMAVRREQRYPISEIMAQTPKIPENCQ
WGIFLRNHDELTLEMVTDEERDYMYAEYAKDPRMKANIGIRRRLAPLLDNDRNQLELFTALLLSLPGSPVLYYGDEIGMG
DNIWLGDRDSVRTPMQWTPDRNAGFSRCDPARLYLPVIMDPIYGYQAVNVEAQQRNPGSLLNWTRKMIEIRKRHPVFGLG
SYVELPASNPSVLAFVREYGDDRVLCVNNLSRFPQPVELDLRRFEGCTPVECMGGVQFPAIGELPYLLTLPGHGFYWFVL
PPPPGGWPDGSGAAEQSLREQSDRGADFPADPSQETRQTAK
;
_entity_poly.pdbx_strand_id   A,B,C,D,E,F,G,H
#
# COMPACT_ATOMS: atom_id res chain seq x y z
N PRO A 17 -30.50 12.75 -47.25
CA PRO A 17 -30.96 12.54 -45.88
C PRO A 17 -29.84 12.79 -44.90
N ARG A 18 -29.81 13.96 -44.27
CA ARG A 18 -28.71 14.23 -43.35
C ARG A 18 -28.80 13.39 -42.08
N ASP A 19 -27.63 13.10 -41.51
CA ASP A 19 -27.53 12.28 -40.32
C ASP A 19 -26.47 12.92 -39.46
N PRO A 20 -26.84 14.00 -38.77
CA PRO A 20 -25.93 14.86 -38.02
C PRO A 20 -25.31 14.18 -36.83
N TYR A 21 -25.98 13.17 -36.30
CA TYR A 21 -25.54 12.54 -35.08
C TYR A 21 -25.26 11.07 -35.29
N TRP A 22 -24.71 10.76 -36.45
CA TRP A 22 -24.45 9.41 -36.89
C TRP A 22 -23.53 8.67 -35.95
N TYR A 23 -22.59 9.38 -35.33
CA TYR A 23 -21.59 8.79 -34.43
C TYR A 23 -22.23 8.14 -33.21
N LYS A 24 -23.51 8.37 -32.98
CA LYS A 24 -24.13 7.80 -31.82
C LYS A 24 -24.40 6.30 -32.01
N HIS A 25 -24.55 5.86 -33.24
CA HIS A 25 -24.76 4.43 -33.50
C HIS A 25 -23.59 3.86 -34.27
N ALA A 26 -22.45 4.52 -34.23
CA ALA A 26 -21.30 4.03 -34.97
C ALA A 26 -20.43 3.11 -34.11
N VAL A 27 -19.82 2.14 -34.76
CA VAL A 27 -18.73 1.38 -34.19
C VAL A 27 -17.47 1.77 -34.94
N PHE A 28 -16.45 2.24 -34.22
CA PHE A 28 -15.21 2.71 -34.87
C PHE A 28 -14.17 1.61 -34.92
N TYR A 29 -13.28 1.68 -35.90
CA TYR A 29 -12.20 0.70 -36.07
C TYR A 29 -10.90 1.47 -36.16
N GLU A 30 -10.08 1.40 -35.13
CA GLU A 30 -8.81 2.13 -35.18
C GLU A 30 -7.70 1.37 -35.90
N VAL A 31 -7.11 1.99 -36.91
CA VAL A 31 -6.10 1.35 -37.74
C VAL A 31 -4.84 2.17 -37.87
N LEU A 32 -3.70 1.52 -37.71
CA LEU A 32 -2.42 2.09 -38.03
C LEU A 32 -2.15 1.88 -39.49
N VAL A 33 -2.23 2.92 -40.31
CA VAL A 33 -2.00 2.75 -41.71
C VAL A 33 -0.68 2.03 -41.97
N ARG A 34 0.38 2.41 -41.29
CA ARG A 34 1.68 1.79 -41.47
C ARG A 34 1.66 0.28 -41.30
N GLY A 35 0.69 -0.22 -40.54
CA GLY A 35 0.70 -1.61 -40.18
C GLY A 35 -0.44 -2.44 -40.66
N PHE A 36 -1.24 -1.91 -41.57
CA PHE A 36 -2.41 -2.63 -42.02
C PHE A 36 -2.18 -3.40 -43.33
N SER A 37 -1.78 -2.72 -44.38
CA SER A 37 -1.50 -3.42 -45.63
C SER A 37 -0.50 -2.73 -46.49
N ASP A 38 0.40 -3.53 -47.05
CA ASP A 38 1.51 -3.06 -47.87
C ASP A 38 1.28 -3.43 -49.31
N SER A 39 1.01 -2.44 -50.16
CA SER A 39 0.77 -2.70 -51.57
C SER A 39 2.04 -2.54 -52.43
N ASN A 40 2.83 -1.50 -52.14
CA ASN A 40 4.11 -1.21 -52.79
C ASN A 40 5.18 -2.28 -52.57
N ASP A 41 4.98 -3.11 -51.54
CA ASP A 41 5.92 -4.17 -51.13
C ASP A 41 7.29 -3.67 -50.67
N ASP A 42 7.31 -2.51 -50.04
CA ASP A 42 8.53 -1.91 -49.54
C ASP A 42 8.72 -2.08 -48.03
N GLY A 43 7.82 -2.81 -47.39
CA GLY A 43 7.92 -3.08 -45.98
C GLY A 43 7.12 -2.14 -45.13
N THR A 44 6.48 -1.17 -45.75
CA THR A 44 5.63 -0.22 -45.05
C THR A 44 4.23 -0.12 -45.63
N GLY A 45 3.25 -0.21 -44.73
CA GLY A 45 1.84 -0.14 -45.07
C GLY A 45 1.45 1.24 -45.53
N ASP A 46 0.44 1.32 -46.40
CA ASP A 46 0.09 2.56 -47.06
C ASP A 46 -1.42 2.66 -47.28
N LEU A 47 -1.90 3.84 -47.63
CA LEU A 47 -3.31 4.06 -47.86
C LEU A 47 -3.85 3.17 -48.97
N ARG A 48 -3.04 2.89 -49.98
CA ARG A 48 -3.48 2.02 -51.04
C ARG A 48 -3.78 0.64 -50.46
N GLY A 49 -2.93 0.17 -49.56
CA GLY A 49 -3.21 -1.08 -48.87
C GLY A 49 -4.53 -1.05 -48.11
N LEU A 50 -4.76 0.04 -47.39
CA LEU A 50 -5.99 0.21 -46.65
C LEU A 50 -7.19 0.22 -47.57
N ILE A 51 -7.09 0.97 -48.68
CA ILE A 51 -8.14 0.98 -49.70
C ILE A 51 -8.45 -0.43 -50.18
N ASN A 52 -7.39 -1.20 -50.39
CA ASN A 52 -7.54 -2.56 -50.85
C ASN A 52 -8.22 -3.44 -49.84
N ARG A 53 -8.18 -3.05 -48.57
CA ARG A 53 -8.73 -3.90 -47.53
C ARG A 53 -10.08 -3.43 -47.07
N LEU A 54 -10.63 -2.41 -47.71
CA LEU A 54 -11.95 -1.92 -47.38
C LEU A 54 -13.06 -2.98 -47.48
N ASP A 55 -12.92 -3.97 -48.35
CA ASP A 55 -13.98 -4.95 -48.43
C ASP A 55 -14.01 -5.78 -47.15
N TYR A 56 -12.86 -5.97 -46.52
CA TYR A 56 -12.85 -6.72 -45.27
C TYR A 56 -13.53 -5.89 -44.20
N LEU A 57 -13.20 -4.60 -44.12
CA LEU A 57 -13.81 -3.73 -43.13
C LEU A 57 -15.34 -3.65 -43.27
N GLN A 58 -15.82 -3.76 -44.50
CA GLN A 58 -17.25 -3.81 -44.76
C GLN A 58 -17.81 -5.15 -44.27
N TRP A 59 -17.05 -6.21 -44.49
CA TRP A 59 -17.47 -7.56 -44.11
C TRP A 59 -17.61 -7.68 -42.61
N LEU A 60 -16.72 -7.03 -41.90
CA LEU A 60 -16.73 -7.05 -40.45
C LEU A 60 -17.95 -6.28 -39.92
N GLY A 61 -18.24 -5.14 -40.55
CA GLY A 61 -19.42 -4.38 -40.21
C GLY A 61 -19.16 -3.05 -39.51
N ILE A 62 -17.94 -2.57 -39.52
CA ILE A 62 -17.69 -1.36 -38.79
C ILE A 62 -18.20 -0.16 -39.58
N ASP A 63 -18.42 0.94 -38.89
CA ASP A 63 -19.14 2.10 -39.39
C ASP A 63 -18.21 3.25 -39.65
N CYS A 64 -17.04 3.23 -39.04
CA CYS A 64 -16.11 4.33 -39.20
C CYS A 64 -14.66 3.88 -38.99
N ILE A 65 -13.80 4.25 -39.93
CA ILE A 65 -12.38 4.03 -39.79
C ILE A 65 -11.76 5.19 -39.04
N TRP A 66 -10.92 4.90 -38.06
CA TRP A 66 -10.20 5.95 -37.39
C TRP A 66 -8.73 5.81 -37.68
N LEU A 67 -8.15 6.79 -38.37
CA LEU A 67 -6.74 6.74 -38.75
C LEU A 67 -5.83 7.33 -37.71
N LEU A 68 -4.82 6.58 -37.31
CA LEU A 68 -3.72 7.11 -36.52
C LEU A 68 -2.94 8.09 -37.39
N PRO A 69 -2.22 9.03 -36.78
CA PRO A 69 -1.59 10.11 -37.55
C PRO A 69 -0.86 9.66 -38.81
N ILE A 70 -1.15 10.32 -39.91
CA ILE A 70 -0.54 10.01 -41.19
C ILE A 70 0.25 11.19 -41.74
N TYR A 71 0.37 12.25 -40.96
CA TYR A 71 1.02 13.47 -41.41
C TYR A 71 2.53 13.34 -41.58
N GLN A 72 3.10 14.27 -42.34
CA GLN A 72 4.54 14.40 -42.42
C GLN A 72 5.06 14.61 -41.01
N SER A 73 6.10 13.88 -40.66
CA SER A 73 6.57 13.81 -39.30
C SER A 73 7.96 13.22 -39.23
N PRO A 74 8.79 13.71 -38.32
CA PRO A 74 10.09 13.06 -38.10
C PRO A 74 9.98 11.73 -37.35
N LEU A 75 8.78 11.41 -36.90
CA LEU A 75 8.49 10.20 -36.16
C LEU A 75 9.37 9.96 -34.94
N ARG A 76 9.57 10.98 -34.13
CA ARG A 76 10.33 10.84 -32.91
C ARG A 76 9.36 10.61 -31.76
N ASP A 77 8.07 10.73 -32.04
CA ASP A 77 7.07 10.47 -31.02
C ASP A 77 5.80 9.90 -31.65
N GLY A 78 5.96 8.78 -32.34
CA GLY A 78 4.83 8.01 -32.87
C GLY A 78 4.07 8.71 -33.97
N GLY A 79 4.61 9.82 -34.44
CA GLY A 79 3.92 10.61 -35.44
C GLY A 79 2.98 11.61 -34.82
N TYR A 80 3.02 11.76 -33.51
CA TYR A 80 2.23 12.76 -32.83
C TYR A 80 3.00 14.07 -32.82
N ASP A 81 4.17 14.02 -33.43
CA ASP A 81 5.00 15.20 -33.66
C ASP A 81 4.91 15.59 -35.12
N ILE A 82 3.97 16.47 -35.42
CA ILE A 82 3.60 16.79 -36.79
C ILE A 82 4.49 17.88 -37.34
N SER A 83 5.03 17.65 -38.53
CA SER A 83 5.91 18.61 -39.16
C SER A 83 5.27 19.27 -40.38
N ASP A 84 4.16 18.72 -40.85
CA ASP A 84 3.38 19.41 -41.86
C ASP A 84 1.96 18.88 -41.85
N TYR A 85 1.01 19.72 -41.42
CA TYR A 85 -0.36 19.31 -41.23
C TYR A 85 -1.13 19.01 -42.50
N THR A 86 -0.60 19.44 -43.63
CA THR A 86 -1.35 19.32 -44.86
C THR A 86 -0.61 18.43 -45.84
N LYS A 87 0.45 17.79 -45.36
CA LYS A 87 1.18 16.78 -46.12
C LYS A 87 1.13 15.40 -45.45
N ILE A 88 0.86 14.37 -46.24
CA ILE A 88 0.94 12.97 -45.81
C ILE A 88 2.38 12.38 -45.91
N LEU A 89 2.84 11.72 -44.85
CA LEU A 89 4.13 11.05 -44.88
C LEU A 89 4.25 10.16 -46.10
N PRO A 90 5.25 10.42 -46.93
CA PRO A 90 5.39 9.81 -48.27
C PRO A 90 5.36 8.30 -48.20
N GLU A 91 5.87 7.84 -47.10
CA GLU A 91 5.89 6.47 -46.71
C GLU A 91 4.50 5.82 -46.83
N PHE A 92 3.44 6.60 -46.62
CA PHE A 92 2.07 6.10 -46.63
C PHE A 92 1.30 6.38 -47.89
N GLY A 93 1.91 7.14 -48.80
CA GLY A 93 1.23 7.53 -50.02
C GLY A 93 1.15 9.04 -50.12
N ASP A 94 0.20 9.53 -50.91
CA ASP A 94 -0.04 10.97 -51.06
C ASP A 94 -1.52 11.35 -50.89
N LEU A 95 -1.82 12.64 -51.03
CA LEU A 95 -3.17 13.14 -50.79
C LEU A 95 -4.13 12.56 -51.82
N GLY A 96 -3.59 12.10 -52.94
CA GLY A 96 -4.42 11.50 -53.94
C GLY A 96 -4.95 10.20 -53.43
N ASP A 97 -4.10 9.45 -52.74
CA ASP A 97 -4.51 8.21 -52.11
C ASP A 97 -5.58 8.43 -51.05
N PHE A 98 -5.39 9.48 -50.26
CA PHE A 98 -6.35 9.81 -49.22
C PHE A 98 -7.72 10.16 -49.79
N VAL A 99 -7.74 10.92 -50.89
CA VAL A 99 -9.02 11.33 -51.45
C VAL A 99 -9.74 10.08 -51.88
N GLU A 100 -9.00 9.16 -52.47
CA GLU A 100 -9.57 7.90 -52.88
C GLU A 100 -10.03 7.03 -51.72
N LEU A 101 -9.33 7.09 -50.58
CA LEU A 101 -9.75 6.33 -49.37
C LEU A 101 -11.11 6.80 -48.90
N VAL A 102 -11.26 8.12 -48.80
CA VAL A 102 -12.51 8.72 -48.35
C VAL A 102 -13.64 8.35 -49.28
N ASP A 103 -13.38 8.34 -50.56
CA ASP A 103 -14.40 8.05 -51.54
C ASP A 103 -14.81 6.61 -51.53
N GLU A 104 -13.84 5.71 -51.47
CA GLU A 104 -14.11 4.29 -51.54
C GLU A 104 -14.77 3.77 -50.29
N ALA A 105 -14.44 4.39 -49.16
CA ALA A 105 -15.06 4.08 -47.90
C ALA A 105 -16.51 4.52 -47.92
N HIS A 106 -16.71 5.76 -48.35
CA HIS A 106 -18.06 6.32 -48.41
C HIS A 106 -18.95 5.49 -49.31
N ARG A 107 -18.41 5.04 -50.44
CA ARG A 107 -19.12 4.17 -51.35
C ARG A 107 -19.65 2.96 -50.61
N ARG A 108 -18.96 2.57 -49.55
CA ARG A 108 -19.30 1.35 -48.86
C ARG A 108 -20.05 1.58 -47.56
N GLY A 109 -20.36 2.84 -47.29
CA GLY A 109 -21.08 3.19 -46.09
C GLY A 109 -20.18 3.37 -44.89
N ILE A 110 -18.90 3.56 -45.12
CA ILE A 110 -17.93 3.71 -44.05
C ILE A 110 -17.41 5.15 -43.99
N ARG A 111 -17.39 5.76 -42.81
CA ARG A 111 -16.85 7.11 -42.69
C ARG A 111 -15.38 7.04 -42.31
N VAL A 112 -14.69 8.17 -42.32
CA VAL A 112 -13.28 8.20 -41.99
C VAL A 112 -12.98 9.37 -41.09
N ILE A 113 -12.30 9.14 -39.97
CA ILE A 113 -11.78 10.24 -39.15
C ILE A 113 -10.30 10.04 -38.87
N ALA A 114 -9.63 11.08 -38.35
CA ALA A 114 -8.20 10.99 -38.05
C ALA A 114 -7.80 11.74 -36.79
N ASP A 115 -6.74 11.29 -36.18
CA ASP A 115 -6.11 12.00 -35.09
C ASP A 115 -5.52 13.26 -35.66
N LEU A 116 -5.54 14.33 -34.90
CA LEU A 116 -4.83 15.53 -35.27
C LEU A 116 -4.40 16.24 -34.03
N VAL A 117 -3.11 16.49 -33.88
CA VAL A 117 -2.58 17.14 -32.71
C VAL A 117 -2.73 18.64 -32.84
N MET A 118 -3.59 19.20 -31.99
CA MET A 118 -3.95 20.62 -32.01
C MET A 118 -2.97 21.49 -31.24
N ASN A 119 -2.39 20.92 -30.19
CA ASN A 119 -1.63 21.68 -29.23
C ASN A 119 -0.23 22.04 -29.62
N HIS A 120 0.48 21.09 -30.19
CA HIS A 120 1.90 21.28 -30.45
C HIS A 120 2.27 20.70 -31.77
N THR A 121 3.44 21.08 -32.27
CA THR A 121 3.97 20.57 -33.51
C THR A 121 5.40 20.09 -33.30
N SER A 122 5.97 19.42 -34.29
CA SER A 122 7.38 19.10 -34.20
C SER A 122 8.22 20.36 -34.32
N ASP A 123 9.42 20.32 -33.76
CA ASP A 123 10.36 21.40 -33.95
C ASP A 123 10.83 21.39 -35.41
N GLN A 124 10.56 20.31 -36.11
CA GLN A 124 10.94 20.21 -37.51
C GLN A 124 9.86 20.83 -38.37
N HIS A 125 8.82 21.38 -37.75
CA HIS A 125 7.78 22.10 -38.50
C HIS A 125 8.28 23.46 -38.96
N PRO A 126 8.08 23.76 -40.23
CA PRO A 126 8.47 25.04 -40.84
C PRO A 126 8.07 26.28 -40.07
N TRP A 127 6.91 26.29 -39.42
CA TRP A 127 6.54 27.42 -38.58
C TRP A 127 7.55 27.61 -37.47
N PHE A 128 8.01 26.51 -36.86
CA PHE A 128 8.97 26.61 -35.74
C PHE A 128 10.31 27.11 -36.20
N GLN A 129 10.85 26.44 -37.20
CA GLN A 129 12.10 26.86 -37.82
C GLN A 129 12.10 28.34 -38.26
N ALA A 130 10.97 28.87 -38.67
CA ALA A 130 10.92 30.29 -38.99
C ALA A 130 10.51 31.13 -37.80
N SER A 131 10.20 30.49 -36.69
CA SER A 131 9.83 31.25 -35.52
C SER A 131 11.01 31.45 -34.63
N ARG A 132 12.07 30.71 -34.90
CA ARG A 132 13.25 30.80 -34.06
C ARG A 132 14.36 31.47 -34.84
N THR A 133 14.24 31.46 -36.16
CA THR A 133 15.17 32.19 -37.00
C THR A 133 14.78 33.64 -37.09
N ASP A 134 13.50 33.90 -37.27
CA ASP A 134 13.08 35.24 -37.57
C ASP A 134 11.90 35.65 -36.70
N PRO A 135 12.17 36.03 -35.45
CA PRO A 135 11.16 36.43 -34.47
C PRO A 135 10.26 37.54 -34.92
N ASP A 136 10.75 38.30 -35.89
CA ASP A 136 10.02 39.42 -36.46
C ASP A 136 9.05 39.00 -37.52
N GLY A 137 9.21 37.80 -38.08
CA GLY A 137 8.46 37.48 -39.27
C GLY A 137 7.04 37.10 -38.91
N PRO A 138 6.32 36.47 -39.84
CA PRO A 138 4.90 36.17 -39.67
C PRO A 138 4.62 35.06 -38.66
N TYR A 139 5.64 34.25 -38.38
CA TYR A 139 5.51 33.08 -37.50
C TYR A 139 6.12 33.33 -36.12
N GLY A 140 6.74 34.49 -35.96
CA GLY A 140 7.40 34.87 -34.73
C GLY A 140 6.66 34.62 -33.43
N ASP A 141 5.35 34.79 -33.43
CA ASP A 141 4.61 34.55 -32.20
C ASP A 141 3.67 33.38 -32.36
N PHE A 142 4.12 32.37 -33.11
CA PHE A 142 3.31 31.18 -33.27
C PHE A 142 3.55 30.23 -32.13
N TYR A 143 4.69 30.37 -31.47
CA TYR A 143 4.96 29.51 -30.34
C TYR A 143 5.13 30.35 -29.08
N MET A 144 5.08 29.70 -27.95
CA MET A 144 5.05 30.40 -26.69
C MET A 144 6.46 30.68 -26.23
N TRP A 145 6.89 31.92 -26.35
CA TRP A 145 8.27 32.27 -25.99
C TRP A 145 8.42 33.10 -24.73
N SER A 146 9.62 33.03 -24.17
CA SER A 146 9.91 33.77 -22.96
C SER A 146 11.40 34.05 -22.79
N ASP A 147 11.70 35.17 -22.15
CA ASP A 147 13.10 35.48 -21.86
C ASP A 147 13.48 34.68 -20.64
N THR A 148 12.45 34.29 -19.88
CA THR A 148 12.63 33.57 -18.62
C THR A 148 12.17 32.12 -18.63
N ASP A 149 12.68 31.38 -17.66
CA ASP A 149 12.33 29.99 -17.38
C ASP A 149 11.28 29.81 -16.26
N ASP A 150 10.72 30.91 -15.78
CA ASP A 150 9.87 30.84 -14.59
C ASP A 150 8.37 30.88 -14.76
N LYS A 151 7.93 31.10 -15.97
CA LYS A 151 6.51 31.33 -16.21
C LYS A 151 5.68 30.04 -16.22
N TYR A 152 4.39 30.18 -15.90
CA TYR A 152 3.41 29.11 -15.79
C TYR A 152 3.83 27.96 -14.88
N PRO A 153 4.18 28.27 -13.64
CA PRO A 153 4.80 27.26 -12.78
C PRO A 153 3.94 26.15 -12.20
N ASP A 154 2.61 26.17 -12.35
CA ASP A 154 1.84 25.14 -11.65
C ASP A 154 1.42 23.97 -12.51
N ALA A 155 1.98 23.86 -13.70
CA ALA A 155 1.75 22.70 -14.53
C ALA A 155 2.78 21.62 -14.28
N ARG A 156 2.31 20.44 -13.90
CA ARG A 156 3.17 19.27 -13.76
C ARG A 156 3.87 19.02 -15.07
N ILE A 157 5.03 18.36 -15.01
CA ILE A 157 5.66 17.88 -16.23
C ILE A 157 5.09 16.50 -16.51
N ILE A 158 4.50 16.35 -17.68
CA ILE A 158 3.82 15.11 -18.01
C ILE A 158 4.81 13.95 -18.13
N PHE A 159 5.84 14.14 -18.95
CA PHE A 159 6.84 13.10 -19.09
C PHE A 159 7.97 13.37 -18.11
N VAL A 160 7.64 13.23 -16.83
CA VAL A 160 8.53 13.58 -15.73
C VAL A 160 9.84 12.81 -15.65
N ASP A 161 9.95 11.67 -16.32
CA ASP A 161 11.17 10.88 -16.24
C ASP A 161 12.14 11.34 -17.26
N THR A 162 11.65 12.09 -18.24
CA THR A 162 12.49 12.46 -19.37
C THR A 162 12.76 13.94 -19.41
N GLU A 163 11.83 14.72 -18.87
CA GLU A 163 11.87 16.16 -19.01
C GLU A 163 12.09 16.87 -17.68
N VAL A 164 13.10 17.73 -17.62
CA VAL A 164 13.39 18.49 -16.41
C VAL A 164 12.54 19.75 -16.29
N SER A 165 12.23 20.38 -17.42
CA SER A 165 11.41 21.58 -17.43
C SER A 165 10.25 21.47 -18.42
N ASN A 166 9.31 22.39 -18.36
CA ASN A 166 8.30 22.51 -19.40
C ASN A 166 8.76 23.64 -20.31
N TRP A 167 9.94 24.17 -20.02
CA TRP A 167 10.57 25.20 -20.82
C TRP A 167 11.92 24.69 -21.29
N THR A 168 12.28 24.96 -22.53
CA THR A 168 13.58 24.55 -23.01
C THR A 168 14.16 25.74 -23.74
N TYR A 169 15.48 25.93 -23.69
CA TYR A 169 16.07 27.14 -24.22
C TYR A 169 16.55 26.85 -25.64
N ASP A 170 16.20 27.71 -26.60
CA ASP A 170 16.63 27.51 -27.96
C ASP A 170 17.78 28.44 -28.27
N PRO A 171 18.92 27.88 -28.66
CA PRO A 171 20.13 28.65 -28.94
C PRO A 171 19.99 29.64 -30.11
N VAL A 172 19.25 29.28 -31.16
CA VAL A 172 19.11 30.17 -32.32
C VAL A 172 18.23 31.38 -32.02
N ARG A 173 17.20 31.20 -31.21
CA ARG A 173 16.28 32.28 -30.90
C ARG A 173 16.75 33.06 -29.69
N GLY A 174 17.32 32.36 -28.71
CA GLY A 174 17.81 33.02 -27.51
C GLY A 174 16.75 33.20 -26.46
N GLN A 175 15.75 32.33 -26.50
CA GLN A 175 14.69 32.33 -25.52
C GLN A 175 14.24 30.92 -25.23
N TYR A 176 13.44 30.80 -24.19
CA TYR A 176 12.79 29.56 -23.81
C TYR A 176 11.48 29.43 -24.59
N TYR A 177 11.12 28.21 -25.00
CA TYR A 177 9.77 28.01 -25.50
C TYR A 177 9.05 27.02 -24.61
N TRP A 178 7.75 26.90 -24.81
CA TRP A 178 6.89 26.12 -23.95
C TRP A 178 6.56 24.77 -24.54
N HIS A 179 6.57 23.72 -23.74
CA HIS A 179 6.18 22.44 -24.27
C HIS A 179 5.67 21.53 -23.17
N ARG A 180 4.46 21.04 -23.34
CA ARG A 180 3.94 20.16 -22.32
C ARG A 180 4.34 18.75 -22.66
N PHE A 181 4.76 18.53 -23.88
CA PHE A 181 5.19 17.19 -24.20
C PHE A 181 6.70 17.19 -24.29
N PHE A 182 7.27 16.43 -25.19
CA PHE A 182 8.72 16.32 -25.25
C PHE A 182 9.29 17.62 -25.82
N SER A 183 10.56 17.88 -25.54
CA SER A 183 11.16 19.14 -25.90
C SER A 183 11.16 19.41 -27.39
N HIS A 184 10.94 18.38 -28.18
CA HIS A 184 10.99 18.55 -29.63
C HIS A 184 9.59 18.73 -30.17
N GLN A 185 8.65 18.94 -29.25
CA GLN A 185 7.27 19.21 -29.57
C GLN A 185 6.87 20.51 -28.92
N PRO A 186 7.33 21.64 -29.48
CA PRO A 186 7.00 22.93 -28.86
C PRO A 186 5.52 23.30 -28.96
N ASP A 187 4.94 23.81 -27.87
CA ASP A 187 3.52 24.21 -27.89
C ASP A 187 3.20 25.39 -28.80
N LEU A 188 1.97 25.43 -29.27
CA LEU A 188 1.51 26.54 -30.10
C LEU A 188 0.82 27.61 -29.27
N ASN A 189 1.15 28.85 -29.58
CA ASN A 189 0.59 29.99 -28.89
C ASN A 189 -0.79 30.33 -29.39
N TYR A 190 -1.80 29.91 -28.63
CA TYR A 190 -3.18 30.12 -29.04
C TYR A 190 -3.72 31.47 -28.56
N ASP A 191 -2.87 32.29 -27.93
CA ASP A 191 -3.25 33.66 -27.63
C ASP A 191 -3.08 34.50 -28.88
N ASN A 192 -2.26 34.00 -29.80
CA ASN A 192 -2.06 34.63 -31.09
C ASN A 192 -3.24 34.28 -32.00
N PRO A 193 -4.00 35.30 -32.43
CA PRO A 193 -5.14 35.01 -33.30
C PRO A 193 -4.77 34.33 -34.60
N ALA A 194 -3.54 34.51 -35.07
CA ALA A 194 -3.15 33.91 -36.35
C ALA A 194 -2.92 32.40 -36.22
N VAL A 195 -2.55 31.96 -35.02
CA VAL A 195 -2.42 30.55 -34.75
C VAL A 195 -3.80 29.92 -34.70
N GLN A 196 -4.73 30.58 -34.00
CA GLN A 196 -6.11 30.12 -33.93
C GLN A 196 -6.70 29.97 -35.33
N GLU A 197 -6.27 30.81 -36.25
CA GLU A 197 -6.76 30.77 -37.62
C GLU A 197 -5.97 29.77 -38.46
N ALA A 198 -4.70 29.57 -38.13
CA ALA A 198 -3.91 28.59 -38.87
C ALA A 198 -4.39 27.19 -38.60
N MET A 199 -4.80 26.91 -37.38
CA MET A 199 -5.28 25.58 -37.03
C MET A 199 -6.66 25.28 -37.61
N LEU A 200 -7.54 26.27 -37.68
CA LEU A 200 -8.81 26.07 -38.38
C LEU A 200 -8.60 25.82 -39.85
N GLU A 201 -7.56 26.45 -40.41
CA GLU A 201 -7.21 26.30 -41.80
C GLU A 201 -6.75 24.86 -41.98
N VAL A 202 -5.93 24.38 -41.05
CA VAL A 202 -5.51 23.01 -41.09
C VAL A 202 -6.74 22.12 -41.07
N LEU A 203 -7.66 22.41 -40.16
CA LEU A 203 -8.86 21.59 -40.05
C LEU A 203 -9.72 21.55 -41.31
N ARG A 204 -9.94 22.70 -41.93
CA ARG A 204 -10.76 22.79 -43.12
C ARG A 204 -10.12 22.10 -44.31
N PHE A 205 -8.80 22.19 -44.39
CA PHE A 205 -8.06 21.55 -45.45
C PHE A 205 -8.48 20.12 -45.57
N TRP A 206 -8.53 19.42 -44.43
CA TRP A 206 -8.87 18.00 -44.44
C TRP A 206 -10.36 17.79 -44.65
N LEU A 207 -11.15 18.67 -44.05
CA LEU A 207 -12.61 18.60 -44.22
C LEU A 207 -13.00 18.81 -45.66
N ASP A 208 -12.21 19.60 -46.38
CA ASP A 208 -12.49 19.87 -47.78
C ASP A 208 -12.26 18.63 -48.61
N LEU A 209 -11.30 17.81 -48.19
CA LEU A 209 -11.00 16.58 -48.89
C LEU A 209 -12.01 15.50 -48.56
N GLY A 210 -12.86 15.75 -47.58
CA GLY A 210 -13.95 14.85 -47.33
C GLY A 210 -13.83 14.03 -46.08
N ILE A 211 -12.82 14.28 -45.25
CA ILE A 211 -12.75 13.53 -44.01
C ILE A 211 -13.98 13.85 -43.16
N ASP A 212 -14.48 12.85 -42.44
CA ASP A 212 -15.72 13.02 -41.73
C ASP A 212 -15.51 13.57 -40.32
N GLY A 213 -14.27 13.78 -39.93
CA GLY A 213 -14.02 14.38 -38.63
C GLY A 213 -12.64 14.13 -38.07
N PHE A 214 -12.47 14.50 -36.81
CA PHE A 214 -11.19 14.36 -36.13
C PHE A 214 -11.30 13.92 -34.70
N ARG A 215 -10.22 13.31 -34.21
CA ARG A 215 -10.01 13.25 -32.78
C ARG A 215 -8.97 14.28 -32.47
N LEU A 216 -9.42 15.39 -31.88
CA LEU A 216 -8.54 16.50 -31.56
C LEU A 216 -7.65 16.17 -30.38
N ASP A 217 -6.35 16.07 -30.62
CA ASP A 217 -5.44 15.58 -29.61
C ASP A 217 -4.82 16.65 -28.74
N ALA A 218 -4.73 16.34 -27.46
CA ALA A 218 -4.10 17.20 -26.49
C ALA A 218 -4.82 18.54 -26.36
N VAL A 219 -6.11 18.59 -26.65
CA VAL A 219 -6.79 19.86 -26.51
C VAL A 219 -6.90 20.37 -25.06
N PRO A 220 -6.72 19.50 -24.03
CA PRO A 220 -6.76 20.12 -22.70
C PRO A 220 -5.69 21.15 -22.43
N TYR A 221 -4.66 21.25 -23.25
CA TYR A 221 -3.51 22.09 -22.96
C TYR A 221 -3.37 23.28 -23.90
N LEU A 222 -4.40 23.63 -24.65
CA LEU A 222 -4.24 24.66 -25.67
C LEU A 222 -3.79 26.00 -25.12
N TYR A 223 -4.53 26.50 -24.13
CA TYR A 223 -4.20 27.78 -23.53
C TYR A 223 -3.53 27.61 -22.16
N ALA A 224 -2.64 28.55 -21.84
CA ALA A 224 -1.97 28.62 -20.54
C ALA A 224 -2.16 30.01 -19.94
N ARG A 225 -2.44 30.05 -18.64
CA ARG A 225 -2.65 31.30 -17.91
C ARG A 225 -1.88 31.36 -16.62
N GLU A 226 -1.40 32.55 -16.27
CA GLU A 226 -0.58 32.66 -15.08
C GLU A 226 -1.60 32.40 -13.98
N GLY A 227 -1.32 31.50 -13.05
CA GLY A 227 -2.23 31.36 -11.94
C GLY A 227 -2.82 29.98 -11.91
N THR A 228 -2.70 29.27 -13.01
CA THR A 228 -3.37 27.98 -13.13
C THR A 228 -2.41 26.86 -13.43
N ASN A 229 -2.95 25.68 -13.70
CA ASN A 229 -2.12 24.52 -13.97
C ASN A 229 -2.06 24.35 -15.47
N CYS A 230 -2.91 25.08 -16.18
CA CYS A 230 -2.79 25.21 -17.62
C CYS A 230 -3.46 24.04 -18.32
N GLU A 231 -4.54 23.56 -17.73
CA GLU A 231 -5.36 22.54 -18.33
C GLU A 231 -6.80 22.99 -18.23
N ASN A 232 -7.66 22.54 -19.15
CA ASN A 232 -9.07 22.69 -18.93
C ASN A 232 -9.56 24.13 -18.80
N LEU A 233 -8.73 25.07 -19.22
CA LEU A 233 -9.02 26.51 -19.09
C LEU A 233 -10.16 26.98 -19.98
N PRO A 234 -10.94 27.95 -19.49
CA PRO A 234 -12.11 28.43 -20.22
C PRO A 234 -11.79 28.97 -21.60
N GLU A 235 -10.59 29.50 -21.77
CA GLU A 235 -10.16 30.01 -23.06
C GLU A 235 -10.06 28.85 -24.04
N THR A 236 -9.68 27.69 -23.52
CA THR A 236 -9.60 26.49 -24.32
C THR A 236 -10.97 26.06 -24.80
N HIS A 237 -11.93 25.96 -23.89
CA HIS A 237 -13.28 25.56 -24.26
C HIS A 237 -13.96 26.54 -25.21
N ALA A 238 -13.68 27.81 -25.04
CA ALA A 238 -14.27 28.81 -25.89
C ALA A 238 -13.85 28.58 -27.31
N TYR A 239 -12.57 28.28 -27.49
CA TYR A 239 -12.01 28.07 -28.82
C TYR A 239 -12.63 26.83 -29.45
N LEU A 240 -12.82 25.79 -28.66
CA LEU A 240 -13.37 24.58 -29.21
C LEU A 240 -14.80 24.86 -29.66
N LYS A 241 -15.57 25.61 -28.87
CA LYS A 241 -16.90 26.02 -29.28
C LYS A 241 -16.84 26.81 -30.59
N ARG A 242 -15.79 27.62 -30.72
CA ARG A 242 -15.57 28.38 -31.95
C ARG A 242 -15.24 27.44 -33.14
N VAL A 243 -14.44 26.43 -32.90
CA VAL A 243 -14.13 25.45 -33.93
C VAL A 243 -15.37 24.70 -34.34
N ARG A 244 -16.21 24.32 -33.37
CA ARG A 244 -17.39 23.58 -33.73
C ARG A 244 -18.33 24.40 -34.59
N ALA A 245 -18.48 25.67 -34.25
CA ALA A 245 -19.38 26.52 -35.00
C ALA A 245 -19.01 26.57 -36.48
N GLU A 246 -17.71 26.71 -36.76
CA GLU A 246 -17.22 26.80 -38.14
C GLU A 246 -17.37 25.50 -38.88
N VAL A 247 -17.09 24.38 -38.22
CA VAL A 247 -17.22 23.11 -38.88
C VAL A 247 -18.68 22.85 -39.23
N ASP A 248 -19.58 23.04 -38.28
CA ASP A 248 -21.01 22.88 -38.52
C ASP A 248 -21.56 23.81 -39.62
N ARG A 249 -21.04 25.03 -39.70
CA ARG A 249 -21.50 26.01 -40.69
C ARG A 249 -21.16 25.55 -42.12
N LEU A 250 -19.90 25.17 -42.33
CA LEU A 250 -19.39 24.87 -43.66
C LEU A 250 -19.48 23.41 -44.09
N TYR A 251 -19.55 22.49 -43.13
CA TYR A 251 -19.55 21.07 -43.49
C TYR A 251 -20.64 20.30 -42.75
N PRO A 252 -21.46 19.57 -43.51
CA PRO A 252 -22.53 18.78 -42.89
C PRO A 252 -22.05 17.45 -42.31
N ASP A 253 -22.65 17.08 -41.19
CA ASP A 253 -22.51 15.77 -40.57
C ASP A 253 -21.09 15.36 -40.17
N ARG A 254 -20.31 16.29 -39.63
CA ARG A 254 -18.96 15.94 -39.20
C ARG A 254 -18.91 15.77 -37.69
N VAL A 255 -17.84 15.15 -37.20
CA VAL A 255 -17.69 14.88 -35.78
C VAL A 255 -16.32 15.30 -35.24
N LEU A 256 -16.33 15.93 -34.07
CA LEU A 256 -15.09 16.27 -33.36
C LEU A 256 -14.97 15.44 -32.09
N LEU A 257 -13.92 14.65 -31.96
CA LEU A 257 -13.70 13.91 -30.71
C LEU A 257 -12.54 14.48 -29.90
N ALA A 258 -12.71 14.62 -28.60
CA ALA A 258 -11.64 15.10 -27.74
C ALA A 258 -10.93 13.96 -27.05
N GLU A 259 -9.60 13.94 -27.09
CA GLU A 259 -8.86 13.04 -26.20
C GLU A 259 -8.44 13.84 -24.97
N ALA A 260 -9.11 13.55 -23.87
CA ALA A 260 -8.80 14.18 -22.61
C ALA A 260 -8.61 13.04 -21.66
N ASN A 261 -7.34 12.81 -21.33
CA ASN A 261 -6.93 11.74 -20.46
C ASN A 261 -7.32 12.19 -19.06
N GLN A 262 -8.60 12.34 -18.83
CA GLN A 262 -9.07 12.91 -17.57
C GLN A 262 -10.24 12.21 -16.93
N TRP A 263 -10.47 12.55 -15.68
CA TRP A 263 -11.57 11.94 -15.00
C TRP A 263 -12.89 12.38 -15.60
N PRO A 264 -13.77 11.42 -15.83
CA PRO A 264 -15.07 11.71 -16.42
C PRO A 264 -15.94 12.52 -15.50
N ALA A 265 -15.70 13.82 -15.50
CA ALA A 265 -16.39 14.76 -14.65
C ALA A 265 -15.69 16.05 -14.95
N ASP A 266 -14.40 15.92 -15.22
CA ASP A 266 -13.61 17.00 -15.78
C ASP A 266 -13.73 17.03 -17.29
N VAL A 267 -14.12 15.90 -17.85
CA VAL A 267 -14.21 15.73 -19.28
C VAL A 267 -15.50 16.28 -19.82
N VAL A 268 -16.54 16.16 -19.02
CA VAL A 268 -17.90 16.54 -19.41
C VAL A 268 -18.00 17.98 -19.90
N GLU A 269 -17.09 18.84 -19.51
CA GLU A 269 -17.18 20.23 -19.94
C GLU A 269 -16.89 20.35 -21.40
N TYR A 270 -16.22 19.34 -21.94
CA TYR A 270 -15.83 19.40 -23.34
C TYR A 270 -17.01 19.15 -24.23
N PHE A 271 -18.14 18.81 -23.63
CA PHE A 271 -19.32 18.64 -24.43
C PHE A 271 -20.04 19.97 -24.59
N GLY A 272 -19.61 20.98 -23.83
CA GLY A 272 -20.15 22.33 -23.97
C GLY A 272 -21.42 22.58 -23.17
N ASP A 273 -22.23 23.51 -23.66
CA ASP A 273 -23.45 23.90 -22.97
C ASP A 273 -24.60 22.93 -23.23
N PRO A 274 -25.05 22.23 -22.19
CA PRO A 274 -26.11 21.21 -22.32
C PRO A 274 -27.43 21.77 -22.82
N ALA A 275 -27.64 23.07 -22.65
CA ALA A 275 -28.88 23.68 -23.09
C ALA A 275 -29.05 23.57 -24.60
N THR A 276 -27.94 23.62 -25.31
CA THR A 276 -27.93 23.59 -26.76
C THR A 276 -27.99 22.17 -27.33
N GLY A 277 -27.94 21.17 -26.45
CA GLY A 277 -27.86 19.79 -26.87
C GLY A 277 -26.43 19.37 -27.13
N GLY A 278 -25.53 20.34 -27.05
CA GLY A 278 -24.13 20.10 -27.31
C GLY A 278 -23.62 21.07 -28.35
N ASP A 279 -22.63 21.87 -27.99
CA ASP A 279 -22.08 22.84 -28.90
C ASP A 279 -20.54 22.86 -28.87
N GLU A 280 -19.93 21.79 -28.41
CA GLU A 280 -18.47 21.72 -28.40
C GLU A 280 -17.97 20.42 -29.02
N CYS A 281 -17.40 19.52 -28.24
CA CYS A 281 -16.98 18.25 -28.83
C CYS A 281 -18.19 17.31 -28.82
N HIS A 282 -18.37 16.57 -29.90
CA HIS A 282 -19.45 15.59 -30.01
C HIS A 282 -19.22 14.40 -29.13
N MET A 283 -17.98 13.92 -29.12
CA MET A 283 -17.59 12.76 -28.36
C MET A 283 -16.38 13.02 -27.52
N ALA A 284 -16.23 12.30 -26.43
CA ALA A 284 -14.99 12.25 -25.70
C ALA A 284 -14.89 10.88 -25.11
N PHE A 285 -13.72 10.50 -24.66
CA PHE A 285 -13.53 9.14 -24.25
C PHE A 285 -13.63 8.96 -22.76
N HIS A 286 -14.26 7.86 -22.40
CA HIS A 286 -14.43 7.45 -21.03
C HIS A 286 -13.31 6.50 -20.64
N PHE A 287 -12.17 7.02 -20.25
CA PHE A 287 -11.01 6.18 -20.00
C PHE A 287 -11.10 5.20 -18.83
N PRO A 288 -11.83 5.52 -17.75
CA PRO A 288 -11.79 4.48 -16.73
C PRO A 288 -12.61 3.21 -16.99
N VAL A 289 -13.29 3.08 -18.12
CA VAL A 289 -14.14 1.92 -18.32
C VAL A 289 -13.37 0.63 -18.25
N MET A 290 -12.30 0.54 -19.02
CA MET A 290 -11.51 -0.67 -19.09
C MET A 290 -10.81 -0.99 -17.78
N PRO A 291 -10.18 0.00 -17.13
CA PRO A 291 -9.61 -0.40 -15.84
C PRO A 291 -10.66 -0.93 -14.87
N ARG A 292 -11.85 -0.34 -14.88
CA ARG A 292 -12.90 -0.78 -13.99
C ARG A 292 -13.49 -2.13 -14.34
N ILE A 293 -13.63 -2.43 -15.62
CA ILE A 293 -14.07 -3.75 -15.97
C ILE A 293 -13.03 -4.75 -15.54
N PHE A 294 -11.79 -4.39 -15.77
CA PHE A 294 -10.66 -5.24 -15.40
C PHE A 294 -10.71 -5.61 -13.92
N MET A 295 -10.87 -4.62 -13.06
CA MET A 295 -10.95 -4.87 -11.62
C MET A 295 -12.21 -5.66 -11.27
N ALA A 296 -13.27 -5.36 -11.99
CA ALA A 296 -14.51 -6.06 -11.76
C ALA A 296 -14.31 -7.54 -12.00
N VAL A 297 -13.65 -7.90 -13.09
CA VAL A 297 -13.42 -9.29 -13.35
C VAL A 297 -12.49 -9.90 -12.31
N ARG A 298 -11.50 -9.15 -11.88
CA ARG A 298 -10.55 -9.68 -10.91
C ARG A 298 -11.19 -9.95 -9.58
N ARG A 299 -11.96 -9.00 -9.08
CA ARG A 299 -12.61 -9.27 -7.81
C ARG A 299 -13.93 -10.04 -7.98
N GLU A 300 -14.31 -10.32 -9.22
CA GLU A 300 -15.53 -11.05 -9.52
C GLU A 300 -16.77 -10.40 -8.94
N GLN A 301 -16.86 -9.09 -9.04
CA GLN A 301 -18.07 -8.43 -8.60
C GLN A 301 -18.36 -7.21 -9.46
N ARG A 302 -19.63 -6.95 -9.64
CA ARG A 302 -20.16 -5.93 -10.51
C ARG A 302 -19.83 -4.50 -10.10
N TYR A 303 -19.54 -4.32 -8.81
CA TYR A 303 -19.48 -3.00 -8.19
C TYR A 303 -18.54 -1.98 -8.84
N PRO A 304 -17.32 -2.37 -9.21
CA PRO A 304 -16.47 -1.34 -9.83
C PRO A 304 -17.03 -0.72 -11.09
N ILE A 305 -17.89 -1.44 -11.83
CA ILE A 305 -18.52 -0.90 -13.03
C ILE A 305 -19.71 -0.06 -12.62
N SER A 306 -20.46 -0.54 -11.65
CA SER A 306 -21.59 0.18 -11.12
C SER A 306 -21.21 1.57 -10.67
N GLU A 307 -20.07 1.69 -10.01
CA GLU A 307 -19.63 2.97 -9.47
C GLU A 307 -19.30 4.04 -10.55
N ILE A 308 -18.45 3.73 -11.52
CA ILE A 308 -18.15 4.72 -12.56
C ILE A 308 -19.38 5.02 -13.37
N MET A 309 -20.30 4.06 -13.48
CA MET A 309 -21.57 4.32 -14.13
C MET A 309 -22.38 5.34 -13.36
N ALA A 310 -22.20 5.35 -12.04
CA ALA A 310 -22.98 6.23 -11.19
C ALA A 310 -22.32 7.57 -11.06
N GLN A 311 -21.00 7.62 -11.20
CA GLN A 311 -20.30 8.88 -11.03
C GLN A 311 -20.07 9.54 -12.37
N THR A 312 -20.62 8.95 -13.42
CA THR A 312 -20.55 9.57 -14.71
C THR A 312 -21.73 10.49 -14.86
N PRO A 313 -21.48 11.80 -15.01
CA PRO A 313 -22.56 12.78 -15.11
C PRO A 313 -23.33 12.61 -16.40
N LYS A 314 -24.58 13.08 -16.46
CA LYS A 314 -25.27 13.00 -17.72
C LYS A 314 -24.63 14.04 -18.66
N ILE A 315 -24.64 13.75 -19.95
CA ILE A 315 -23.99 14.60 -20.94
C ILE A 315 -25.05 15.15 -21.89
N PRO A 316 -24.75 16.21 -22.65
CA PRO A 316 -25.78 16.77 -23.53
C PRO A 316 -26.34 15.74 -24.49
N GLU A 317 -27.59 15.91 -24.89
CA GLU A 317 -28.31 14.86 -25.62
C GLU A 317 -27.59 14.39 -26.87
N ASN A 318 -26.88 15.27 -27.55
CA ASN A 318 -26.28 14.87 -28.80
C ASN A 318 -24.83 14.48 -28.70
N CYS A 319 -24.35 14.34 -27.48
CA CYS A 319 -22.97 13.94 -27.26
C CYS A 319 -22.90 12.46 -26.91
N GLN A 320 -21.71 11.89 -26.99
CA GLN A 320 -21.50 10.46 -26.81
C GLN A 320 -20.17 10.18 -26.16
N TRP A 321 -20.13 9.21 -25.25
CA TRP A 321 -18.86 8.72 -24.74
C TRP A 321 -18.23 7.79 -25.74
N GLY A 322 -16.92 7.88 -25.87
CA GLY A 322 -16.19 6.88 -26.61
C GLY A 322 -15.62 5.85 -25.66
N ILE A 323 -15.73 4.58 -26.02
CA ILE A 323 -15.13 3.53 -25.22
C ILE A 323 -14.26 2.58 -26.03
N PHE A 324 -13.22 2.08 -25.41
CA PHE A 324 -12.32 1.10 -25.99
C PHE A 324 -11.68 0.26 -24.90
N LEU A 325 -11.22 -0.92 -25.25
CA LEU A 325 -10.69 -1.78 -24.24
C LEU A 325 -9.20 -1.60 -24.06
N ARG A 326 -8.78 -0.44 -23.56
CA ARG A 326 -7.38 -0.21 -23.25
C ARG A 326 -7.21 0.59 -21.96
N ASN A 327 -6.06 0.42 -21.33
CA ASN A 327 -5.79 1.06 -20.04
C ASN A 327 -5.02 2.36 -20.11
N HIS A 328 -4.50 2.73 -21.29
CA HIS A 328 -3.70 3.93 -21.40
C HIS A 328 -4.20 4.72 -22.57
N ASP A 329 -4.15 6.04 -22.54
CA ASP A 329 -4.39 6.72 -23.79
C ASP A 329 -3.08 6.63 -24.53
N GLU A 330 -3.13 6.79 -25.84
CA GLU A 330 -1.97 6.57 -26.65
C GLU A 330 -1.00 7.72 -26.83
N LEU A 331 -1.36 8.94 -26.47
CA LEU A 331 -0.42 10.04 -26.65
C LEU A 331 0.57 10.19 -25.51
N THR A 332 0.14 9.80 -24.33
CA THR A 332 0.92 9.82 -23.12
C THR A 332 0.72 8.39 -22.77
N LEU A 333 1.61 7.68 -22.13
CA LEU A 333 1.21 6.31 -21.98
C LEU A 333 0.88 6.15 -20.54
N GLU A 334 -0.20 6.85 -20.23
CA GLU A 334 -0.72 6.98 -18.90
C GLU A 334 -2.15 6.47 -18.81
N MET A 335 -2.43 5.83 -17.69
CA MET A 335 -3.78 5.44 -17.31
C MET A 335 -4.47 6.62 -16.63
N VAL A 336 -5.72 6.87 -16.94
CA VAL A 336 -6.39 7.97 -16.27
C VAL A 336 -6.72 7.64 -14.86
N THR A 337 -6.17 8.35 -13.91
CA THR A 337 -6.66 8.08 -12.59
C THR A 337 -6.63 9.33 -11.79
N ASP A 338 -7.17 9.21 -10.59
CA ASP A 338 -7.41 10.36 -9.77
C ASP A 338 -7.53 9.87 -8.36
N GLU A 339 -6.58 10.25 -7.53
CA GLU A 339 -6.45 9.63 -6.22
C GLU A 339 -7.60 9.97 -5.29
N GLU A 340 -8.22 11.11 -5.51
CA GLU A 340 -9.28 11.55 -4.63
C GLU A 340 -10.66 11.16 -5.12
N ARG A 341 -10.80 10.87 -6.40
CA ARG A 341 -12.13 10.52 -6.89
C ARG A 341 -12.30 9.11 -7.43
N ASP A 342 -11.20 8.40 -7.61
CA ASP A 342 -11.25 7.03 -8.06
C ASP A 342 -11.00 6.13 -6.87
N TYR A 343 -12.05 5.51 -6.37
CA TYR A 343 -11.92 4.68 -5.18
C TYR A 343 -11.01 3.49 -5.42
N MET A 344 -10.73 3.16 -6.67
CA MET A 344 -9.90 2.02 -6.96
C MET A 344 -8.46 2.43 -7.16
N TYR A 345 -8.17 3.71 -7.00
CA TYR A 345 -6.84 4.29 -7.27
C TYR A 345 -5.68 3.40 -6.81
N ALA A 346 -5.73 2.92 -5.57
CA ALA A 346 -4.60 2.19 -5.01
C ALA A 346 -4.68 0.71 -5.32
N GLU A 347 -5.81 0.29 -5.83
CA GLU A 347 -6.07 -1.12 -6.02
C GLU A 347 -5.50 -1.60 -7.34
N TYR A 348 -5.36 -0.70 -8.30
CA TYR A 348 -4.74 -1.06 -9.58
C TYR A 348 -3.33 -1.48 -9.29
N ALA A 349 -2.74 -0.84 -8.30
CA ALA A 349 -1.35 -1.05 -7.98
C ALA A 349 -1.10 -2.42 -7.34
N LYS A 350 -1.94 -2.83 -6.41
CA LYS A 350 -1.78 -4.12 -5.74
C LYS A 350 -2.09 -5.29 -6.67
N ASP A 351 -2.19 -4.98 -7.94
CA ASP A 351 -2.71 -5.90 -8.93
C ASP A 351 -1.61 -6.30 -9.90
N PRO A 352 -1.02 -7.49 -9.73
CA PRO A 352 0.32 -7.74 -10.26
C PRO A 352 0.43 -7.69 -11.78
N ARG A 353 -0.60 -8.10 -12.50
CA ARG A 353 -0.61 -8.03 -13.96
C ARG A 353 -0.65 -6.58 -14.38
N MET A 354 -1.56 -5.87 -13.74
CA MET A 354 -1.82 -4.48 -13.98
C MET A 354 -0.56 -3.67 -13.79
N LYS A 355 0.17 -3.97 -12.73
CA LYS A 355 1.38 -3.27 -12.36
C LYS A 355 2.59 -3.58 -13.22
N ALA A 356 2.51 -4.65 -13.98
CA ALA A 356 3.63 -4.93 -14.85
C ALA A 356 3.46 -4.27 -16.20
N ASN A 357 2.22 -4.08 -16.65
CA ASN A 357 2.02 -3.36 -17.89
C ASN A 357 1.75 -1.89 -17.64
N ILE A 358 2.50 -1.25 -16.77
CA ILE A 358 2.04 0.04 -16.30
C ILE A 358 2.05 1.17 -17.33
N GLY A 359 3.06 1.26 -18.19
CA GLY A 359 3.05 2.34 -19.16
C GLY A 359 3.05 1.78 -20.55
N ILE A 360 2.58 0.56 -20.68
CA ILE A 360 2.63 -0.22 -21.91
C ILE A 360 1.26 -0.42 -22.51
N ARG A 361 1.13 -0.16 -23.79
CA ARG A 361 -0.07 -0.52 -24.49
C ARG A 361 -0.03 -2.01 -24.72
N ARG A 362 -1.10 -2.70 -24.36
CA ARG A 362 -1.24 -4.11 -24.65
C ARG A 362 -2.52 -4.31 -25.36
N ARG A 363 -2.56 -5.34 -26.18
CA ARG A 363 -3.75 -5.68 -26.91
C ARG A 363 -4.65 -6.51 -26.02
N LEU A 364 -5.87 -6.72 -26.47
CA LEU A 364 -6.88 -7.25 -25.59
C LEU A 364 -6.55 -8.65 -25.13
N ALA A 365 -6.16 -9.50 -26.06
CA ALA A 365 -5.91 -10.89 -25.76
C ALA A 365 -4.73 -11.10 -24.79
N PRO A 366 -3.61 -10.39 -24.99
CA PRO A 366 -2.60 -10.48 -23.95
C PRO A 366 -3.05 -9.96 -22.57
N LEU A 367 -3.85 -8.91 -22.59
CA LEU A 367 -4.31 -8.31 -21.35
C LEU A 367 -5.20 -9.26 -20.58
N LEU A 368 -5.75 -10.24 -21.28
CA LEU A 368 -6.64 -11.22 -20.70
C LEU A 368 -6.09 -12.66 -20.74
N ASP A 369 -4.77 -12.80 -20.80
CA ASP A 369 -4.13 -14.11 -20.90
C ASP A 369 -4.75 -14.99 -21.96
N ASN A 370 -5.14 -14.37 -23.07
CA ASN A 370 -5.69 -15.12 -24.17
C ASN A 370 -6.88 -15.98 -23.81
N ASP A 371 -7.69 -15.58 -22.83
CA ASP A 371 -8.89 -16.32 -22.42
C ASP A 371 -10.07 -15.96 -23.31
N ARG A 372 -10.51 -16.88 -24.17
CA ARG A 372 -11.55 -16.53 -25.13
C ARG A 372 -12.86 -16.17 -24.44
N ASN A 373 -13.21 -16.85 -23.37
CA ASN A 373 -14.42 -16.46 -22.67
C ASN A 373 -14.35 -15.03 -22.16
N GLN A 374 -13.19 -14.60 -21.67
CA GLN A 374 -13.08 -13.22 -21.18
C GLN A 374 -13.03 -12.21 -22.35
N LEU A 375 -12.46 -12.63 -23.47
CA LEU A 375 -12.42 -11.79 -24.65
C LEU A 375 -13.83 -11.48 -25.09
N GLU A 376 -14.70 -12.47 -24.96
CA GLU A 376 -16.10 -12.30 -25.25
C GLU A 376 -16.80 -11.43 -24.23
N LEU A 377 -16.52 -11.65 -22.95
CA LEU A 377 -17.15 -10.84 -21.91
C LEU A 377 -16.78 -9.40 -22.09
N PHE A 378 -15.49 -9.12 -22.24
CA PHE A 378 -15.04 -7.75 -22.35
C PHE A 378 -15.59 -7.12 -23.60
N THR A 379 -15.63 -7.88 -24.70
CA THR A 379 -16.11 -7.33 -25.96
C THR A 379 -17.61 -7.12 -25.88
N ALA A 380 -18.29 -8.03 -25.21
CA ALA A 380 -19.72 -7.88 -25.05
C ALA A 380 -20.01 -6.60 -24.33
N LEU A 381 -19.28 -6.34 -23.26
CA LEU A 381 -19.47 -5.09 -22.55
C LEU A 381 -19.10 -3.90 -23.37
N LEU A 382 -18.02 -4.00 -24.15
CA LEU A 382 -17.62 -2.88 -24.98
C LEU A 382 -18.74 -2.47 -25.91
N LEU A 383 -19.54 -3.44 -26.35
CA LEU A 383 -20.57 -3.23 -27.35
C LEU A 383 -21.94 -2.93 -26.78
N SER A 384 -22.08 -3.02 -25.46
CA SER A 384 -23.39 -2.85 -24.83
C SER A 384 -23.47 -1.69 -23.87
N LEU A 385 -22.33 -1.25 -23.36
CA LEU A 385 -22.32 -0.13 -22.44
C LEU A 385 -22.72 1.16 -23.16
N PRO A 386 -23.12 2.19 -22.41
CA PRO A 386 -23.59 3.38 -23.12
C PRO A 386 -22.47 4.14 -23.77
N GLY A 387 -22.37 4.08 -25.08
CA GLY A 387 -21.35 4.86 -25.75
C GLY A 387 -21.17 4.35 -27.14
N SER A 388 -20.15 4.83 -27.83
CA SER A 388 -19.79 4.29 -29.13
C SER A 388 -18.42 3.69 -29.05
N PRO A 389 -18.32 2.39 -29.34
CA PRO A 389 -17.11 1.63 -29.08
C PRO A 389 -16.03 1.79 -30.16
N VAL A 390 -14.77 1.70 -29.75
CA VAL A 390 -13.68 1.69 -30.67
C VAL A 390 -12.95 0.37 -30.62
N LEU A 391 -12.91 -0.32 -31.75
CA LEU A 391 -12.13 -1.55 -31.89
C LEU A 391 -10.74 -1.19 -32.36
N TYR A 392 -9.74 -1.87 -31.82
CA TYR A 392 -8.37 -1.68 -32.24
C TYR A 392 -7.98 -2.77 -33.22
N TYR A 393 -7.28 -2.41 -34.29
CA TYR A 393 -6.99 -3.38 -35.31
C TYR A 393 -6.22 -4.53 -34.74
N GLY A 394 -6.64 -5.75 -35.08
CA GLY A 394 -5.96 -6.92 -34.58
C GLY A 394 -6.69 -7.58 -33.42
N ASP A 395 -7.43 -6.82 -32.64
CA ASP A 395 -8.11 -7.39 -31.48
C ASP A 395 -9.18 -8.38 -31.92
N GLU A 396 -9.71 -8.21 -33.13
CA GLU A 396 -10.86 -9.01 -33.58
C GLU A 396 -10.48 -10.45 -33.93
N ILE A 397 -9.19 -10.73 -34.02
CA ILE A 397 -8.76 -12.10 -34.20
C ILE A 397 -7.86 -12.53 -33.06
N GLY A 398 -7.62 -11.66 -32.10
CA GLY A 398 -6.88 -12.08 -30.94
C GLY A 398 -5.40 -11.93 -31.09
N MET A 399 -4.97 -10.92 -31.82
CA MET A 399 -3.56 -10.63 -31.96
C MET A 399 -2.91 -10.30 -30.62
N GLY A 400 -1.60 -10.45 -30.54
CA GLY A 400 -0.84 -10.16 -29.34
C GLY A 400 -0.03 -8.86 -29.43
N ASP A 401 1.13 -8.83 -28.77
CA ASP A 401 2.00 -7.64 -28.77
C ASP A 401 3.42 -8.09 -28.93
N ASN A 402 4.32 -7.12 -28.83
CA ASN A 402 5.73 -7.33 -28.74
C ASN A 402 6.32 -6.20 -27.87
N ILE A 403 6.20 -6.33 -26.55
CA ILE A 403 6.56 -5.23 -25.64
C ILE A 403 7.99 -4.75 -25.77
N TRP A 404 8.85 -5.62 -26.27
CA TRP A 404 10.23 -5.29 -26.49
C TRP A 404 10.45 -4.26 -27.57
N LEU A 405 9.40 -3.85 -28.27
CA LEU A 405 9.58 -2.86 -29.31
C LEU A 405 9.15 -1.50 -28.79
N GLY A 406 8.78 -1.44 -27.52
CA GLY A 406 8.74 -0.22 -26.75
C GLY A 406 7.37 0.34 -26.42
N ASP A 407 6.53 -0.44 -25.77
CA ASP A 407 5.34 -0.03 -25.00
C ASP A 407 4.39 1.04 -25.62
N ARG A 408 4.86 1.76 -26.62
CA ARG A 408 4.06 2.12 -27.79
C ARG A 408 4.85 1.60 -28.96
N ASP A 409 4.28 0.67 -29.71
CA ASP A 409 4.86 -0.01 -30.89
C ASP A 409 4.70 -1.47 -30.58
N SER A 410 4.59 -1.77 -29.31
CA SER A 410 4.17 -3.07 -28.85
C SER A 410 2.92 -3.51 -29.56
N VAL A 411 2.11 -2.53 -29.89
CA VAL A 411 0.77 -2.75 -30.32
C VAL A 411 0.59 -2.31 -31.76
N ARG A 412 1.71 -2.06 -32.42
CA ARG A 412 1.72 -1.56 -33.78
C ARG A 412 2.37 -2.50 -34.81
N THR A 413 2.41 -3.78 -34.45
CA THR A 413 2.80 -4.88 -35.31
C THR A 413 1.94 -5.03 -36.54
N PRO A 414 2.50 -5.55 -37.63
CA PRO A 414 1.77 -5.79 -38.87
C PRO A 414 0.52 -6.63 -38.67
N MET A 415 -0.57 -6.24 -39.28
CA MET A 415 -1.81 -7.01 -39.24
C MET A 415 -1.59 -8.39 -39.82
N GLN A 416 -2.16 -9.41 -39.22
CA GLN A 416 -1.86 -10.78 -39.62
C GLN A 416 -2.97 -11.37 -40.46
N TRP A 417 -2.79 -11.41 -41.78
CA TRP A 417 -3.86 -11.73 -42.75
C TRP A 417 -4.00 -13.17 -43.15
N THR A 418 -2.89 -13.75 -43.57
CA THR A 418 -2.85 -15.10 -44.11
C THR A 418 -1.69 -15.84 -43.44
N PRO A 419 -1.56 -17.17 -43.67
CA PRO A 419 -0.35 -17.81 -43.16
C PRO A 419 0.82 -17.80 -44.16
N ASP A 420 0.75 -16.96 -45.18
CA ASP A 420 1.84 -16.93 -46.14
C ASP A 420 2.93 -16.04 -45.59
N ARG A 421 3.87 -15.63 -46.42
CA ARG A 421 5.03 -14.89 -45.91
C ARG A 421 4.63 -13.56 -45.31
N ASN A 422 5.26 -13.21 -44.19
CA ASN A 422 4.97 -11.96 -43.47
C ASN A 422 3.49 -11.82 -43.11
N ALA A 423 2.84 -12.97 -42.88
CA ALA A 423 1.44 -13.03 -42.52
C ALA A 423 0.53 -12.45 -43.58
N GLY A 424 1.06 -12.23 -44.77
CA GLY A 424 0.23 -11.73 -45.84
C GLY A 424 0.17 -10.23 -45.92
N PHE A 425 0.95 -9.60 -45.05
CA PHE A 425 0.98 -8.15 -44.93
C PHE A 425 1.73 -7.50 -46.07
N SER A 426 2.78 -8.16 -46.51
CA SER A 426 3.66 -7.66 -47.54
C SER A 426 4.34 -8.80 -48.22
N ARG A 427 4.77 -8.60 -49.45
CA ARG A 427 5.47 -9.65 -50.17
C ARG A 427 6.97 -9.39 -50.13
N CYS A 428 7.36 -8.42 -49.32
CA CYS A 428 8.75 -8.05 -49.22
C CYS A 428 9.61 -9.05 -48.48
N ASP A 429 10.90 -8.75 -48.45
CA ASP A 429 11.88 -9.45 -47.64
C ASP A 429 11.72 -9.02 -46.19
N PRO A 430 11.76 -9.96 -45.25
CA PRO A 430 11.52 -9.62 -43.85
C PRO A 430 12.43 -8.53 -43.28
N ALA A 431 13.64 -8.40 -43.78
CA ALA A 431 14.54 -7.41 -43.26
C ALA A 431 14.05 -6.00 -43.50
N ARG A 432 13.13 -5.86 -44.44
CA ARG A 432 12.65 -4.56 -44.83
C ARG A 432 11.37 -4.11 -44.17
N LEU A 433 10.81 -4.94 -43.30
CA LEU A 433 9.59 -4.59 -42.61
C LEU A 433 9.84 -3.48 -41.61
N TYR A 434 8.89 -2.57 -41.47
CA TYR A 434 9.02 -1.48 -40.50
C TYR A 434 9.05 -2.07 -39.08
N LEU A 435 8.28 -3.14 -38.85
CA LEU A 435 8.32 -3.86 -37.59
C LEU A 435 8.07 -5.32 -37.91
N PRO A 436 8.62 -6.24 -37.11
CA PRO A 436 8.45 -7.66 -37.42
C PRO A 436 7.05 -8.20 -37.14
N VAL A 437 6.67 -9.21 -37.87
CA VAL A 437 5.44 -9.90 -37.61
C VAL A 437 5.61 -10.78 -36.39
N ILE A 438 4.61 -10.80 -35.52
CA ILE A 438 4.67 -11.60 -34.32
C ILE A 438 4.74 -13.08 -34.69
N MET A 439 5.70 -13.80 -34.10
CA MET A 439 5.97 -15.20 -34.47
C MET A 439 5.94 -16.12 -33.28
N ASP A 440 5.67 -15.54 -32.14
CA ASP A 440 5.37 -16.18 -30.88
C ASP A 440 4.51 -17.46 -31.00
N PRO A 441 4.79 -18.48 -30.19
CA PRO A 441 3.96 -19.68 -30.29
C PRO A 441 2.52 -19.52 -29.83
N ILE A 442 2.13 -18.39 -29.28
CA ILE A 442 0.71 -18.25 -28.90
C ILE A 442 -0.03 -17.29 -29.83
N TYR A 443 0.59 -16.14 -30.12
CA TYR A 443 -0.04 -15.14 -30.94
C TYR A 443 0.58 -15.03 -32.33
N GLY A 444 1.57 -15.84 -32.65
CA GLY A 444 2.24 -15.78 -33.94
C GLY A 444 1.36 -16.04 -35.15
N TYR A 445 1.77 -15.52 -36.32
CA TYR A 445 0.87 -15.49 -37.45
C TYR A 445 0.52 -16.85 -37.99
N GLN A 446 1.36 -17.83 -37.69
CA GLN A 446 1.15 -19.19 -38.16
C GLN A 446 -0.02 -19.83 -37.42
N ALA A 447 -0.41 -19.24 -36.30
CA ALA A 447 -1.52 -19.75 -35.51
C ALA A 447 -2.74 -18.84 -35.54
N VAL A 448 -2.48 -17.54 -35.56
CA VAL A 448 -3.50 -16.50 -35.53
C VAL A 448 -3.47 -15.61 -36.78
N ASN A 449 -4.45 -15.75 -37.67
CA ASN A 449 -4.56 -14.85 -38.83
C ASN A 449 -5.98 -14.80 -39.37
N VAL A 450 -6.35 -13.74 -40.08
CA VAL A 450 -7.74 -13.52 -40.47
C VAL A 450 -8.26 -14.68 -41.32
N GLU A 451 -7.43 -15.20 -42.20
CA GLU A 451 -7.89 -16.28 -43.06
C GLU A 451 -8.22 -17.52 -42.25
N ALA A 452 -7.35 -17.89 -41.33
CA ALA A 452 -7.68 -19.02 -40.49
C ALA A 452 -8.96 -18.73 -39.72
N GLN A 453 -9.07 -17.53 -39.15
CA GLN A 453 -10.24 -17.11 -38.42
C GLN A 453 -11.52 -17.13 -39.24
N GLN A 454 -11.51 -16.60 -40.44
CA GLN A 454 -12.77 -16.58 -41.19
C GLN A 454 -13.19 -17.97 -41.63
N ARG A 455 -12.25 -18.86 -41.91
CA ARG A 455 -12.63 -20.22 -42.30
C ARG A 455 -13.12 -21.07 -41.15
N ASN A 456 -12.92 -20.62 -39.93
CA ASN A 456 -13.39 -21.38 -38.80
C ASN A 456 -14.65 -20.73 -38.22
N PRO A 457 -15.78 -21.44 -38.31
CA PRO A 457 -17.05 -20.85 -37.90
C PRO A 457 -17.11 -20.60 -36.38
N GLY A 458 -16.27 -21.27 -35.61
CA GLY A 458 -16.26 -21.08 -34.17
C GLY A 458 -15.28 -20.03 -33.66
N SER A 459 -14.71 -19.25 -34.58
CA SER A 459 -13.65 -18.31 -34.26
C SER A 459 -14.08 -17.01 -33.60
N LEU A 460 -13.12 -16.37 -32.95
CA LEU A 460 -13.35 -15.08 -32.32
C LEU A 460 -13.73 -14.03 -33.33
N LEU A 461 -13.16 -14.12 -34.53
CA LEU A 461 -13.47 -13.17 -35.61
C LEU A 461 -14.90 -13.28 -36.05
N ASN A 462 -15.35 -14.48 -36.35
CA ASN A 462 -16.69 -14.71 -36.82
C ASN A 462 -17.69 -14.37 -35.74
N TRP A 463 -17.28 -14.56 -34.50
CA TRP A 463 -18.09 -14.17 -33.36
C TRP A 463 -18.23 -12.69 -33.33
N THR A 464 -17.13 -11.99 -33.49
CA THR A 464 -17.14 -10.55 -33.40
C THR A 464 -18.00 -9.96 -34.49
N ARG A 465 -17.93 -10.55 -35.66
CA ARG A 465 -18.71 -10.08 -36.79
C ARG A 465 -20.19 -10.17 -36.52
N LYS A 466 -20.60 -11.29 -35.93
CA LYS A 466 -21.99 -11.51 -35.62
C LYS A 466 -22.46 -10.51 -34.60
N MET A 467 -21.61 -10.31 -33.63
CA MET A 467 -21.88 -9.45 -32.54
C MET A 467 -22.11 -8.05 -33.04
N ILE A 468 -21.28 -7.60 -33.96
CA ILE A 468 -21.39 -6.27 -34.54
C ILE A 468 -22.69 -6.14 -35.32
N GLU A 469 -23.11 -7.21 -35.97
CA GLU A 469 -24.27 -7.14 -36.80
C GLU A 469 -25.49 -7.12 -35.90
N ILE A 470 -25.47 -7.87 -34.81
CA ILE A 470 -26.57 -7.83 -33.85
C ILE A 470 -26.70 -6.45 -33.28
N ARG A 471 -25.56 -5.80 -33.03
CA ARG A 471 -25.59 -4.47 -32.47
C ARG A 471 -26.18 -3.48 -33.46
N LYS A 472 -25.87 -3.68 -34.74
CA LYS A 472 -26.36 -2.78 -35.78
C LYS A 472 -27.88 -2.88 -35.93
N ARG A 473 -28.46 -4.05 -35.70
CA ARG A 473 -29.90 -4.18 -35.89
C ARG A 473 -30.66 -3.58 -34.70
N HIS A 474 -29.92 -3.11 -33.70
CA HIS A 474 -30.52 -2.56 -32.50
C HIS A 474 -29.86 -1.24 -32.10
N PRO A 475 -30.38 -0.12 -32.63
CA PRO A 475 -29.86 1.22 -32.36
C PRO A 475 -29.94 1.62 -30.90
N VAL A 476 -30.62 0.82 -30.10
CA VAL A 476 -30.71 1.10 -28.69
C VAL A 476 -29.32 1.07 -28.04
N PHE A 477 -28.38 0.32 -28.59
CA PHE A 477 -27.08 0.21 -27.97
C PHE A 477 -26.33 1.52 -27.95
N GLY A 478 -26.57 2.37 -28.93
CA GLY A 478 -25.94 3.68 -28.93
C GLY A 478 -26.86 4.83 -28.51
N LEU A 479 -28.16 4.64 -28.68
CA LEU A 479 -29.11 5.73 -28.51
C LEU A 479 -29.96 5.61 -27.28
N GLY A 480 -30.04 4.40 -26.72
CA GLY A 480 -30.97 4.13 -25.65
C GLY A 480 -30.46 4.49 -24.27
N SER A 481 -31.34 4.32 -23.30
CA SER A 481 -31.05 4.60 -21.91
C SER A 481 -30.27 3.46 -21.32
N TYR A 482 -29.81 3.63 -20.09
CA TYR A 482 -29.12 2.57 -19.38
C TYR A 482 -29.62 2.47 -17.94
N VAL A 483 -30.27 1.38 -17.59
CA VAL A 483 -30.71 1.16 -16.21
C VAL A 483 -30.19 -0.15 -15.68
N GLU A 484 -29.44 -0.08 -14.60
CA GLU A 484 -28.90 -1.27 -13.97
C GLU A 484 -29.93 -1.94 -13.07
N LEU A 485 -29.99 -3.27 -13.14
CA LEU A 485 -30.98 -4.01 -12.37
C LEU A 485 -30.38 -4.47 -11.08
N PRO A 486 -31.10 -4.22 -9.99
CA PRO A 486 -30.62 -4.71 -8.70
C PRO A 486 -30.70 -6.21 -8.72
N ALA A 487 -29.74 -6.88 -8.10
CA ALA A 487 -29.75 -8.33 -8.04
C ALA A 487 -28.94 -8.79 -6.85
N SER A 488 -29.43 -9.77 -6.12
CA SER A 488 -28.72 -10.23 -4.94
C SER A 488 -27.33 -10.78 -5.27
N ASN A 489 -27.10 -11.22 -6.50
CA ASN A 489 -25.81 -11.80 -6.84
C ASN A 489 -24.86 -10.72 -7.31
N PRO A 490 -23.81 -10.47 -6.53
CA PRO A 490 -22.87 -9.40 -6.85
C PRO A 490 -21.99 -9.71 -8.04
N SER A 491 -21.92 -10.97 -8.45
CA SER A 491 -21.03 -11.36 -9.51
C SER A 491 -21.63 -11.10 -10.89
N VAL A 492 -22.93 -10.81 -10.92
CA VAL A 492 -23.59 -10.58 -12.20
C VAL A 492 -23.97 -9.11 -12.36
N LEU A 493 -23.67 -8.56 -13.53
CA LEU A 493 -24.05 -7.20 -13.91
C LEU A 493 -25.19 -7.26 -14.90
N ALA A 494 -26.35 -6.78 -14.52
CA ALA A 494 -27.51 -6.89 -15.38
C ALA A 494 -28.08 -5.53 -15.69
N PHE A 495 -28.27 -5.23 -16.97
CA PHE A 495 -28.91 -3.97 -17.28
C PHE A 495 -29.86 -4.02 -18.44
N VAL A 496 -30.69 -3.00 -18.56
CA VAL A 496 -31.65 -2.93 -19.64
C VAL A 496 -31.41 -1.64 -20.40
N ARG A 497 -31.49 -1.71 -21.72
CA ARG A 497 -31.37 -0.53 -22.57
C ARG A 497 -32.65 -0.35 -23.36
N GLU A 498 -33.21 0.85 -23.35
CA GLU A 498 -34.49 1.08 -23.98
C GLU A 498 -34.45 2.28 -24.90
N TYR A 499 -34.93 2.08 -26.12
CA TYR A 499 -35.07 3.18 -27.06
C TYR A 499 -36.34 3.01 -27.84
N GLY A 500 -37.45 3.30 -27.18
CA GLY A 500 -38.74 3.32 -27.80
C GLY A 500 -39.07 2.09 -28.58
N ASP A 501 -39.45 1.03 -27.89
CA ASP A 501 -39.88 -0.21 -28.52
C ASP A 501 -38.70 -1.07 -28.93
N ASP A 502 -37.50 -0.49 -28.94
CA ASP A 502 -36.29 -1.28 -29.09
C ASP A 502 -35.69 -1.46 -27.71
N ARG A 503 -35.94 -2.59 -27.07
CA ARG A 503 -35.53 -2.80 -25.69
C ARG A 503 -34.70 -4.07 -25.57
N VAL A 504 -33.53 -4.01 -24.96
CA VAL A 504 -32.73 -5.21 -24.76
C VAL A 504 -32.35 -5.42 -23.30
N LEU A 505 -32.17 -6.68 -22.92
CA LEU A 505 -31.68 -7.03 -21.60
C LEU A 505 -30.27 -7.64 -21.70
N CYS A 506 -29.32 -7.10 -20.94
CA CYS A 506 -27.93 -7.57 -21.00
C CYS A 506 -27.48 -8.11 -19.66
N VAL A 507 -26.96 -9.32 -19.67
CA VAL A 507 -26.60 -9.99 -18.45
C VAL A 507 -25.17 -10.48 -18.54
N ASN A 508 -24.34 -10.16 -17.56
CA ASN A 508 -22.91 -10.44 -17.65
C ASN A 508 -22.36 -11.05 -16.38
N ASN A 509 -21.61 -12.13 -16.50
CA ASN A 509 -21.09 -12.79 -15.31
C ASN A 509 -19.63 -12.47 -15.09
N LEU A 510 -19.30 -11.84 -13.98
CA LEU A 510 -17.91 -11.45 -13.71
C LEU A 510 -17.15 -12.53 -12.95
N SER A 511 -17.87 -13.53 -12.44
CA SER A 511 -17.24 -14.65 -11.76
C SER A 511 -16.74 -15.65 -12.77
N ARG A 512 -15.72 -16.42 -12.42
CA ARG A 512 -15.18 -17.43 -13.33
C ARG A 512 -15.94 -18.75 -13.16
N PHE A 513 -16.88 -18.73 -12.20
CA PHE A 513 -17.79 -19.84 -11.93
C PHE A 513 -19.19 -19.57 -12.43
N PRO A 514 -19.94 -20.63 -12.66
CA PRO A 514 -21.34 -20.44 -13.03
C PRO A 514 -22.11 -19.70 -11.96
N GLN A 515 -23.00 -18.82 -12.40
CA GLN A 515 -23.75 -17.97 -11.49
C GLN A 515 -25.22 -17.84 -11.84
N PRO A 516 -26.09 -17.85 -10.84
CA PRO A 516 -27.50 -17.54 -11.01
C PRO A 516 -27.77 -16.06 -10.88
N VAL A 517 -28.72 -15.54 -11.63
CA VAL A 517 -29.19 -14.21 -11.34
C VAL A 517 -30.71 -14.23 -11.41
N GLU A 518 -31.32 -13.67 -10.38
CA GLU A 518 -32.76 -13.57 -10.28
C GLU A 518 -33.14 -12.14 -10.49
N LEU A 519 -33.92 -11.87 -11.52
CA LEU A 519 -34.26 -10.51 -11.91
C LEU A 519 -35.74 -10.16 -11.73
N ASP A 520 -36.01 -8.95 -11.26
CA ASP A 520 -37.37 -8.44 -11.23
C ASP A 520 -37.68 -7.71 -12.50
N LEU A 521 -38.34 -8.42 -13.41
CA LEU A 521 -38.62 -7.89 -14.73
C LEU A 521 -40.08 -7.55 -14.94
N ARG A 522 -40.79 -7.17 -13.89
CA ARG A 522 -42.24 -7.00 -13.99
C ARG A 522 -42.65 -5.89 -14.93
N ARG A 523 -41.74 -4.95 -15.18
CA ARG A 523 -41.94 -3.91 -16.18
C ARG A 523 -42.21 -4.53 -17.54
N PHE A 524 -41.73 -5.75 -17.73
CA PHE A 524 -41.84 -6.45 -19.00
C PHE A 524 -42.70 -7.70 -18.88
N GLU A 525 -43.60 -7.71 -17.91
CA GLU A 525 -44.47 -8.86 -17.72
C GLU A 525 -45.22 -9.14 -19.01
N GLY A 526 -45.25 -10.40 -19.41
CA GLY A 526 -45.92 -10.82 -20.63
C GLY A 526 -45.00 -11.02 -21.83
N CYS A 527 -43.83 -10.37 -21.78
CA CYS A 527 -42.86 -10.43 -22.87
C CYS A 527 -42.16 -11.77 -23.03
N THR A 528 -41.87 -12.11 -24.27
CA THR A 528 -41.10 -13.30 -24.56
C THR A 528 -39.69 -12.92 -24.98
N PRO A 529 -38.73 -13.03 -24.04
CA PRO A 529 -37.36 -12.60 -24.31
C PRO A 529 -36.79 -13.43 -25.44
N VAL A 530 -36.16 -12.78 -26.39
CA VAL A 530 -35.54 -13.47 -27.50
C VAL A 530 -34.04 -13.25 -27.48
N GLU A 531 -33.30 -14.34 -27.36
CA GLU A 531 -31.86 -14.28 -27.30
C GLU A 531 -31.25 -13.98 -28.65
N CYS A 532 -30.27 -13.08 -28.67
CA CYS A 532 -29.76 -12.52 -29.89
C CYS A 532 -28.92 -13.45 -30.76
N MET A 533 -28.05 -14.23 -30.13
CA MET A 533 -27.12 -15.05 -30.90
C MET A 533 -27.89 -16.04 -31.73
N GLY A 534 -28.93 -16.64 -31.15
CA GLY A 534 -29.64 -17.71 -31.81
C GLY A 534 -31.11 -17.52 -32.13
N GLY A 535 -31.72 -16.46 -31.61
CA GLY A 535 -33.11 -16.21 -31.93
C GLY A 535 -34.13 -17.13 -31.28
N VAL A 536 -33.72 -17.86 -30.25
CA VAL A 536 -34.60 -18.76 -29.51
C VAL A 536 -35.48 -17.98 -28.56
N GLN A 537 -36.76 -18.29 -28.49
CA GLN A 537 -37.66 -17.62 -27.58
C GLN A 537 -37.69 -18.23 -26.18
N PHE A 538 -37.48 -17.40 -25.19
CA PHE A 538 -37.41 -17.83 -23.81
C PHE A 538 -38.79 -17.78 -23.13
N PRO A 539 -38.93 -18.40 -21.96
CA PRO A 539 -40.24 -18.37 -21.31
C PRO A 539 -40.72 -16.97 -21.05
N ALA A 540 -42.02 -16.76 -21.09
CA ALA A 540 -42.59 -15.45 -20.85
C ALA A 540 -42.26 -14.95 -19.46
N ILE A 541 -42.07 -13.65 -19.35
CA ILE A 541 -41.79 -12.99 -18.10
C ILE A 541 -43.03 -12.88 -17.22
N GLY A 542 -42.96 -13.49 -16.03
CA GLY A 542 -44.05 -13.49 -15.07
C GLY A 542 -43.97 -12.49 -13.93
N GLU A 543 -44.61 -12.80 -12.81
CA GLU A 543 -44.63 -11.86 -11.71
C GLU A 543 -43.56 -12.29 -10.75
N LEU A 544 -43.04 -13.47 -11.03
CA LEU A 544 -42.02 -14.08 -10.20
C LEU A 544 -40.67 -13.65 -10.72
N PRO A 545 -39.65 -13.72 -9.86
CA PRO A 545 -38.28 -13.44 -10.29
C PRO A 545 -37.89 -14.32 -11.46
N TYR A 546 -37.25 -13.75 -12.46
CA TYR A 546 -36.84 -14.51 -13.64
C TYR A 546 -35.44 -15.03 -13.44
N LEU A 547 -35.25 -16.32 -13.61
CA LEU A 547 -33.96 -16.92 -13.36
C LEU A 547 -33.11 -17.10 -14.60
N LEU A 548 -31.97 -16.41 -14.67
CA LEU A 548 -30.99 -16.64 -15.70
C LEU A 548 -29.76 -17.31 -15.13
N THR A 549 -29.23 -18.28 -15.86
CA THR A 549 -28.03 -19.00 -15.46
C THR A 549 -26.89 -18.71 -16.43
N LEU A 550 -25.75 -18.25 -15.93
CA LEU A 550 -24.59 -17.96 -16.79
C LEU A 550 -23.36 -18.78 -16.48
N PRO A 551 -22.60 -19.14 -17.50
CA PRO A 551 -21.34 -19.84 -17.23
C PRO A 551 -20.26 -18.87 -16.82
N GLY A 552 -19.09 -19.36 -16.45
CA GLY A 552 -18.01 -18.48 -16.04
C GLY A 552 -17.71 -17.45 -17.08
N HIS A 553 -17.74 -16.19 -16.70
CA HIS A 553 -17.48 -15.07 -17.61
C HIS A 553 -18.41 -15.06 -18.78
N GLY A 554 -19.62 -15.54 -18.59
CA GLY A 554 -20.59 -15.61 -19.66
C GLY A 554 -21.37 -14.35 -19.74
N PHE A 555 -22.17 -14.22 -20.79
CA PHE A 555 -23.04 -13.09 -20.93
C PHE A 555 -24.13 -13.52 -21.91
N TYR A 556 -25.32 -12.94 -21.80
CA TYR A 556 -26.37 -13.10 -22.78
C TYR A 556 -26.93 -11.76 -23.15
N TRP A 557 -27.39 -11.63 -24.39
CA TRP A 557 -28.18 -10.49 -24.85
C TRP A 557 -29.56 -10.93 -25.20
N PHE A 558 -30.59 -10.28 -24.63
CA PHE A 558 -31.98 -10.58 -24.98
C PHE A 558 -32.69 -9.40 -25.56
N VAL A 559 -33.44 -9.61 -26.63
CA VAL A 559 -34.40 -8.62 -27.08
C VAL A 559 -35.73 -8.85 -26.34
N LEU A 560 -36.45 -7.79 -26.02
CA LEU A 560 -37.75 -7.91 -25.40
C LEU A 560 -38.82 -7.43 -26.37
N PRO B 17 -55.98 5.73 20.35
CA PRO B 17 -55.78 4.27 20.42
C PRO B 17 -56.54 3.58 19.32
N ARG B 18 -55.98 2.58 18.63
CA ARG B 18 -54.67 1.97 18.84
C ARG B 18 -53.65 2.51 17.86
N ASP B 19 -52.37 2.24 18.11
CA ASP B 19 -51.33 2.66 17.18
C ASP B 19 -50.25 1.58 17.08
N PRO B 20 -50.53 0.52 16.32
CA PRO B 20 -49.68 -0.66 16.26
C PRO B 20 -48.32 -0.39 15.66
N TYR B 21 -48.19 0.66 14.87
CA TYR B 21 -46.95 0.88 14.15
C TYR B 21 -46.33 2.22 14.50
N TRP B 22 -46.43 2.58 15.77
CA TRP B 22 -45.93 3.85 16.27
C TRP B 22 -44.44 4.01 16.07
N TYR B 23 -43.72 2.91 16.10
CA TYR B 23 -42.27 2.91 15.99
C TYR B 23 -41.77 3.45 14.64
N LYS B 24 -42.66 3.60 13.68
CA LYS B 24 -42.27 4.13 12.39
C LYS B 24 -42.08 5.66 12.47
N HIS B 25 -42.72 6.36 13.40
CA HIS B 25 -42.51 7.81 13.51
C HIS B 25 -41.84 8.19 14.82
N ALA B 26 -41.18 7.22 15.43
CA ALA B 26 -40.52 7.44 16.71
C ALA B 26 -39.05 7.85 16.60
N VAL B 27 -38.62 8.71 17.51
CA VAL B 27 -37.21 8.96 17.67
C VAL B 27 -36.80 8.31 18.97
N PHE B 28 -35.84 7.39 18.91
CA PHE B 28 -35.43 6.66 20.10
C PHE B 28 -34.24 7.32 20.79
N TYR B 29 -34.15 7.10 22.11
CA TYR B 29 -33.08 7.66 22.93
C TYR B 29 -32.52 6.53 23.71
N GLU B 30 -31.29 6.13 23.41
CA GLU B 30 -30.67 5.03 24.12
C GLU B 30 -30.01 5.51 25.41
N VAL B 31 -30.37 4.92 26.55
CA VAL B 31 -29.80 5.37 27.83
C VAL B 31 -29.20 4.24 28.67
N LEU B 32 -28.03 4.48 29.22
CA LEU B 32 -27.41 3.62 30.22
C LEU B 32 -27.88 4.04 31.59
N VAL B 33 -28.78 3.25 32.17
CA VAL B 33 -29.34 3.58 33.47
C VAL B 33 -28.21 3.81 34.45
N ARG B 34 -27.22 2.94 34.38
CA ARG B 34 -26.06 3.05 35.24
C ARG B 34 -25.38 4.42 35.18
N GLY B 35 -25.51 5.11 34.06
CA GLY B 35 -24.76 6.34 33.87
C GLY B 35 -25.53 7.62 33.66
N PHE B 36 -26.85 7.61 33.89
CA PHE B 36 -27.70 8.76 33.61
C PHE B 36 -27.98 9.67 34.81
N SER B 37 -28.49 9.12 35.90
CA SER B 37 -28.72 9.95 37.08
C SER B 37 -28.69 9.15 38.35
N ASP B 38 -28.03 9.70 39.36
CA ASP B 38 -27.81 9.03 40.64
C ASP B 38 -28.69 9.72 41.67
N SER B 39 -29.71 9.03 42.16
CA SER B 39 -30.60 9.59 43.17
C SER B 39 -30.15 9.18 44.56
N ASN B 40 -29.75 7.93 44.68
CA ASN B 40 -29.19 7.31 45.89
C ASN B 40 -27.90 7.98 46.40
N ASP B 41 -27.18 8.65 45.49
CA ASP B 41 -25.87 9.26 45.77
C ASP B 41 -24.83 8.26 46.21
N ASP B 42 -24.89 7.05 45.65
CA ASP B 42 -23.92 6.02 45.97
C ASP B 42 -22.85 5.83 44.87
N GLY B 43 -22.91 6.67 43.83
CA GLY B 43 -21.98 6.61 42.72
C GLY B 43 -22.45 5.84 41.49
N THR B 44 -23.65 5.26 41.54
CA THR B 44 -24.26 4.49 40.46
C THR B 44 -25.63 5.00 40.04
N GLY B 45 -25.84 5.17 38.75
CA GLY B 45 -27.10 5.63 38.21
C GLY B 45 -28.21 4.62 38.41
N ASP B 46 -29.44 5.11 38.55
CA ASP B 46 -30.52 4.21 38.96
C ASP B 46 -31.83 4.58 38.28
N LEU B 47 -32.80 3.68 38.33
CA LEU B 47 -34.08 3.93 37.71
C LEU B 47 -34.77 5.18 38.23
N ARG B 48 -34.64 5.44 39.52
CA ARG B 48 -35.26 6.62 40.08
C ARG B 48 -34.69 7.88 39.45
N GLY B 49 -33.38 7.90 39.26
CA GLY B 49 -32.71 8.99 38.59
C GLY B 49 -33.26 9.21 37.19
N LEU B 50 -33.46 8.11 36.48
CA LEU B 50 -34.04 8.19 35.16
C LEU B 50 -35.44 8.79 35.21
N ILE B 51 -36.24 8.37 36.18
CA ILE B 51 -37.57 8.93 36.36
C ILE B 51 -37.50 10.45 36.58
N ASN B 52 -36.53 10.93 37.35
CA ASN B 52 -36.41 12.36 37.60
C ASN B 52 -35.98 13.17 36.40
N ARG B 53 -35.37 12.52 35.43
CA ARG B 53 -34.88 13.28 34.31
C ARG B 53 -35.86 13.17 33.17
N LEU B 54 -37.00 12.56 33.41
CA LEU B 54 -38.03 12.44 32.39
C LEU B 54 -38.52 13.77 31.88
N ASP B 55 -38.52 14.81 32.69
CA ASP B 55 -38.98 16.07 32.14
C ASP B 55 -38.00 16.59 31.11
N TYR B 56 -36.73 16.22 31.23
CA TYR B 56 -35.75 16.61 30.23
C TYR B 56 -35.97 15.83 28.90
N LEU B 57 -36.14 14.52 28.99
CA LEU B 57 -36.36 13.69 27.82
C LEU B 57 -37.60 14.14 27.07
N GLN B 58 -38.59 14.63 27.80
CA GLN B 58 -39.78 15.17 27.18
C GLN B 58 -39.49 16.46 26.45
N TRP B 59 -38.69 17.30 27.08
CA TRP B 59 -38.33 18.59 26.53
C TRP B 59 -37.52 18.40 25.25
N LEU B 60 -36.67 17.39 25.25
CA LEU B 60 -35.83 17.12 24.11
C LEU B 60 -36.72 16.68 22.97
N GLY B 61 -37.71 15.86 23.29
CA GLY B 61 -38.73 15.49 22.34
C GLY B 61 -38.70 14.08 21.84
N ILE B 62 -37.90 13.24 22.46
CA ILE B 62 -37.80 11.89 21.96
C ILE B 62 -39.05 11.13 22.35
N ASP B 63 -39.30 10.01 21.67
CA ASP B 63 -40.58 9.32 21.76
C ASP B 63 -40.48 8.01 22.49
N CYS B 64 -39.28 7.48 22.58
CA CYS B 64 -39.11 6.20 23.20
C CYS B 64 -37.71 6.10 23.78
N ILE B 65 -37.66 5.70 25.04
CA ILE B 65 -36.44 5.38 25.75
C ILE B 65 -36.07 3.95 25.47
N TRP B 66 -34.80 3.73 25.16
CA TRP B 66 -34.26 2.39 24.99
C TRP B 66 -33.25 2.15 26.12
N LEU B 67 -33.55 1.21 27.02
CA LEU B 67 -32.70 0.91 28.18
C LEU B 67 -31.66 -0.14 27.87
N LEU B 68 -30.40 0.13 28.18
CA LEU B 68 -29.40 -0.92 28.16
C LEU B 68 -29.69 -1.87 29.29
N PRO B 69 -29.23 -3.11 29.17
CA PRO B 69 -29.59 -4.16 30.13
C PRO B 69 -29.46 -3.75 31.58
N ILE B 70 -30.51 -4.03 32.36
CA ILE B 70 -30.53 -3.74 33.77
C ILE B 70 -30.67 -5.00 34.63
N TYR B 71 -30.57 -6.16 34.01
CA TYR B 71 -30.76 -7.43 34.71
C TYR B 71 -29.68 -7.75 35.72
N GLN B 72 -29.96 -8.69 36.62
CA GLN B 72 -28.93 -9.25 37.49
C GLN B 72 -27.88 -9.82 36.58
N SER B 73 -26.63 -9.55 36.89
CA SER B 73 -25.54 -9.94 36.04
C SER B 73 -24.22 -9.83 36.82
N PRO B 74 -23.27 -10.71 36.54
CA PRO B 74 -21.96 -10.48 37.16
C PRO B 74 -21.23 -9.30 36.55
N LEU B 75 -21.80 -8.72 35.49
CA LEU B 75 -21.21 -7.62 34.76
C LEU B 75 -19.84 -7.94 34.19
N ARG B 76 -19.69 -9.08 33.55
CA ARG B 76 -18.38 -9.40 32.96
C ARG B 76 -18.34 -9.07 31.48
N ASP B 77 -19.50 -8.75 30.92
CA ASP B 77 -19.62 -8.39 29.53
C ASP B 77 -20.70 -7.36 29.34
N GLY B 78 -20.55 -6.23 30.03
CA GLY B 78 -21.43 -5.08 29.84
C GLY B 78 -22.86 -5.25 30.29
N GLY B 79 -23.14 -6.32 31.02
CA GLY B 79 -24.50 -6.59 31.44
C GLY B 79 -25.26 -7.40 30.41
N TYR B 80 -24.54 -7.87 29.39
CA TYR B 80 -25.13 -8.72 28.37
C TYR B 80 -25.00 -10.19 28.77
N ASP B 81 -24.42 -10.43 29.95
CA ASP B 81 -24.35 -11.77 30.55
C ASP B 81 -25.31 -11.84 31.74
N ILE B 82 -26.53 -12.26 31.45
CA ILE B 82 -27.63 -12.19 32.40
C ILE B 82 -27.71 -13.42 33.31
N SER B 83 -27.85 -13.17 34.60
CA SER B 83 -27.94 -14.24 35.57
C SER B 83 -29.36 -14.38 36.14
N ASP B 84 -30.23 -13.42 35.86
CA ASP B 84 -31.66 -13.54 36.18
C ASP B 84 -32.46 -12.55 35.35
N TYR B 85 -33.29 -13.07 34.44
CA TYR B 85 -34.02 -12.24 33.51
C TYR B 85 -35.11 -11.45 34.14
N THR B 86 -35.45 -11.80 35.38
CA THR B 86 -36.61 -11.20 36.06
C THR B 86 -36.23 -10.43 37.32
N LYS B 87 -34.93 -10.24 37.53
CA LYS B 87 -34.39 -9.45 38.63
C LYS B 87 -33.59 -8.26 38.09
N ILE B 88 -33.77 -7.10 38.69
CA ILE B 88 -32.99 -5.91 38.39
C ILE B 88 -31.73 -5.84 39.27
N LEU B 89 -30.56 -5.64 38.67
CA LEU B 89 -29.35 -5.45 39.48
C LEU B 89 -29.61 -4.38 40.52
N PRO B 90 -29.45 -4.73 41.79
CA PRO B 90 -29.93 -3.84 42.85
C PRO B 90 -29.37 -2.42 42.84
N GLU B 91 -28.14 -2.23 42.38
CA GLU B 91 -27.60 -0.88 42.23
C GLU B 91 -28.45 0.01 41.31
N PHE B 92 -29.23 -0.56 40.39
CA PHE B 92 -29.98 0.27 39.45
C PHE B 92 -31.39 0.55 39.96
N GLY B 93 -31.76 -0.07 41.08
CA GLY B 93 -33.09 0.06 41.63
C GLY B 93 -33.80 -1.28 41.73
N ASP B 94 -35.11 -1.26 41.85
CA ASP B 94 -35.87 -2.49 41.91
C ASP B 94 -37.04 -2.47 40.93
N LEU B 95 -37.79 -3.56 40.84
CA LEU B 95 -38.91 -3.67 39.92
C LEU B 95 -40.00 -2.65 40.25
N GLY B 96 -39.98 -2.14 41.46
CA GLY B 96 -40.91 -1.09 41.82
C GLY B 96 -40.57 0.17 41.09
N ASP B 97 -39.28 0.45 40.97
CA ASP B 97 -38.83 1.59 40.22
C ASP B 97 -39.20 1.53 38.77
N PHE B 98 -39.04 0.37 38.16
CA PHE B 98 -39.34 0.19 36.75
C PHE B 98 -40.81 0.44 36.40
N VAL B 99 -41.71 -0.04 37.25
CA VAL B 99 -43.15 0.10 37.05
C VAL B 99 -43.51 1.55 37.14
N GLU B 100 -42.89 2.25 38.07
CA GLU B 100 -43.08 3.68 38.16
C GLU B 100 -42.50 4.43 36.95
N LEU B 101 -41.37 3.96 36.43
CA LEU B 101 -40.76 4.52 35.23
C LEU B 101 -41.65 4.37 34.03
N VAL B 102 -42.16 3.17 33.80
CA VAL B 102 -42.99 2.93 32.65
C VAL B 102 -44.22 3.83 32.71
N ASP B 103 -44.76 3.99 33.91
CA ASP B 103 -45.95 4.80 34.10
C ASP B 103 -45.66 6.29 33.93
N GLU B 104 -44.57 6.78 34.50
CA GLU B 104 -44.32 8.21 34.37
C GLU B 104 -43.86 8.58 32.97
N ALA B 105 -43.22 7.66 32.27
CA ALA B 105 -42.90 7.92 30.90
C ALA B 105 -44.17 7.98 30.05
N HIS B 106 -45.04 7.00 30.20
CA HIS B 106 -46.27 6.97 29.42
C HIS B 106 -47.09 8.25 29.61
N ARG B 107 -47.17 8.76 30.84
CA ARG B 107 -47.85 10.03 31.08
C ARG B 107 -47.32 11.18 30.24
N ARG B 108 -46.08 11.05 29.81
CA ARG B 108 -45.45 12.12 29.07
C ARG B 108 -45.42 11.82 27.60
N GLY B 109 -46.01 10.70 27.20
CA GLY B 109 -46.06 10.32 25.80
C GLY B 109 -44.83 9.59 25.30
N ILE B 110 -44.06 9.03 26.22
CA ILE B 110 -42.82 8.35 25.91
C ILE B 110 -42.94 6.85 26.16
N ARG B 111 -42.54 6.02 25.21
CA ARG B 111 -42.60 4.59 25.42
C ARG B 111 -41.26 4.06 25.95
N VAL B 112 -41.22 2.79 26.34
CA VAL B 112 -40.00 2.24 26.91
C VAL B 112 -39.73 0.88 26.34
N ILE B 113 -38.52 0.69 25.83
CA ILE B 113 -38.10 -0.64 25.42
C ILE B 113 -36.78 -0.93 26.06
N ALA B 114 -36.37 -2.18 26.01
CA ALA B 114 -35.13 -2.60 26.62
C ALA B 114 -34.45 -3.68 25.82
N ASP B 115 -33.13 -3.75 25.94
CA ASP B 115 -32.34 -4.87 25.44
C ASP B 115 -32.65 -6.12 26.22
N LEU B 116 -32.65 -7.25 25.54
CA LEU B 116 -32.76 -8.55 26.17
C LEU B 116 -31.99 -9.55 25.38
N VAL B 117 -31.03 -10.22 26.04
CA VAL B 117 -30.22 -11.22 25.38
C VAL B 117 -30.96 -12.55 25.37
N MET B 118 -31.37 -12.95 24.18
CA MET B 118 -32.17 -14.14 23.94
C MET B 118 -31.39 -15.43 23.82
N ASN B 119 -30.17 -15.32 23.34
CA ASN B 119 -29.38 -16.47 22.93
C ASN B 119 -28.69 -17.23 24.06
N HIS B 120 -28.11 -16.50 24.99
CA HIS B 120 -27.25 -17.11 25.99
C HIS B 120 -27.46 -16.48 27.35
N THR B 121 -26.97 -17.13 28.39
CA THR B 121 -27.06 -16.57 29.71
C THR B 121 -25.69 -16.57 30.32
N SER B 122 -25.57 -15.90 31.46
CA SER B 122 -24.34 -15.88 32.22
C SER B 122 -24.02 -17.25 32.81
N ASP B 123 -22.80 -17.38 33.31
CA ASP B 123 -22.40 -18.54 34.06
C ASP B 123 -23.23 -18.68 35.30
N GLN B 124 -23.55 -17.53 35.88
CA GLN B 124 -24.13 -17.50 37.19
C GLN B 124 -25.65 -17.57 37.18
N HIS B 125 -26.24 -17.77 36.01
CA HIS B 125 -27.67 -17.93 35.96
C HIS B 125 -28.00 -19.27 36.60
N PRO B 126 -28.97 -19.30 37.53
CA PRO B 126 -29.40 -20.51 38.22
C PRO B 126 -29.69 -21.66 37.28
N TRP B 127 -30.22 -21.39 36.10
CA TRP B 127 -30.43 -22.46 35.13
C TRP B 127 -29.18 -23.21 34.78
N PHE B 128 -28.09 -22.50 34.56
CA PHE B 128 -26.85 -23.13 34.15
C PHE B 128 -26.33 -23.99 35.30
N GLN B 129 -26.15 -23.35 36.44
CA GLN B 129 -25.70 -24.01 37.66
C GLN B 129 -26.49 -25.25 38.02
N ALA B 130 -27.77 -25.30 37.67
CA ALA B 130 -28.50 -26.52 37.96
C ALA B 130 -28.43 -27.47 36.80
N SER B 131 -27.80 -27.06 35.71
CA SER B 131 -27.63 -27.95 34.58
C SER B 131 -26.24 -28.57 34.63
N ARG B 132 -25.47 -28.24 35.65
CA ARG B 132 -24.17 -28.89 35.81
C ARG B 132 -24.23 -29.74 37.05
N THR B 133 -25.09 -29.33 37.97
CA THR B 133 -25.29 -30.06 39.21
C THR B 133 -26.24 -31.22 39.08
N ASP B 134 -27.32 -31.00 38.35
CA ASP B 134 -28.39 -31.99 38.28
C ASP B 134 -28.77 -32.25 36.82
N PRO B 135 -27.88 -32.90 36.05
CA PRO B 135 -28.16 -33.15 34.63
C PRO B 135 -29.41 -33.96 34.33
N ASP B 136 -29.87 -34.77 35.28
CA ASP B 136 -31.13 -35.46 35.13
C ASP B 136 -32.24 -34.70 35.84
N GLY B 137 -32.06 -33.40 36.02
CA GLY B 137 -33.16 -32.58 36.46
C GLY B 137 -33.79 -31.83 35.31
N PRO B 138 -34.70 -30.90 35.62
CA PRO B 138 -35.49 -30.23 34.59
C PRO B 138 -34.69 -29.22 33.78
N TYR B 139 -33.57 -28.77 34.33
CA TYR B 139 -32.80 -27.75 33.65
C TYR B 139 -31.64 -28.39 32.90
N GLY B 140 -31.49 -29.69 33.05
CA GLY B 140 -30.43 -30.44 32.40
C GLY B 140 -30.18 -30.17 30.93
N ASP B 141 -31.23 -29.92 30.16
CA ASP B 141 -31.06 -29.61 28.74
C ASP B 141 -31.49 -28.20 28.37
N PHE B 142 -31.17 -27.24 29.22
CA PHE B 142 -31.41 -25.85 28.90
C PHE B 142 -30.25 -25.30 28.11
N TYR B 143 -29.10 -25.96 28.22
CA TYR B 143 -27.93 -25.52 27.51
C TYR B 143 -27.46 -26.60 26.60
N MET B 144 -26.59 -26.24 25.66
CA MET B 144 -26.16 -27.16 24.61
C MET B 144 -24.92 -27.94 25.02
N TRP B 145 -25.11 -29.20 25.37
CA TRP B 145 -23.99 -30.01 25.83
C TRP B 145 -23.62 -31.11 24.84
N SER B 146 -22.37 -31.55 24.89
CA SER B 146 -21.92 -32.66 24.06
C SER B 146 -20.71 -33.30 24.72
N ASP B 147 -20.51 -34.58 24.44
CA ASP B 147 -19.40 -35.32 25.02
C ASP B 147 -18.11 -34.97 24.33
N THR B 148 -18.18 -34.48 23.11
CA THR B 148 -16.95 -34.11 22.47
C THR B 148 -17.02 -32.72 21.84
N ASP B 149 -15.84 -32.10 21.75
CA ASP B 149 -15.64 -30.84 21.07
C ASP B 149 -16.04 -30.95 19.60
N ASP B 150 -15.77 -32.11 19.04
CA ASP B 150 -15.99 -32.40 17.63
C ASP B 150 -17.44 -32.19 17.19
N LYS B 151 -17.86 -30.94 16.95
CA LYS B 151 -19.25 -30.66 16.56
C LYS B 151 -19.52 -29.18 16.14
N TYR B 152 -20.47 -28.98 15.23
CA TYR B 152 -20.78 -27.66 14.65
C TYR B 152 -19.55 -26.91 14.16
N PRO B 153 -18.81 -27.50 13.22
CA PRO B 153 -17.49 -26.98 12.87
C PRO B 153 -17.41 -25.76 11.96
N ASP B 154 -18.50 -25.34 11.34
CA ASP B 154 -18.38 -24.26 10.37
C ASP B 154 -18.85 -22.95 10.96
N ALA B 155 -18.96 -22.93 12.28
CA ALA B 155 -19.28 -21.73 12.99
C ALA B 155 -18.01 -20.98 13.31
N ARG B 156 -17.94 -19.76 12.83
CA ARG B 156 -16.85 -18.86 13.18
C ARG B 156 -16.70 -18.70 14.70
N ILE B 157 -15.49 -18.44 15.19
CA ILE B 157 -15.37 -17.99 16.57
C ILE B 157 -15.40 -16.47 16.58
N ILE B 158 -16.38 -15.89 17.25
CA ILE B 158 -16.57 -14.45 17.19
C ILE B 158 -15.47 -13.70 17.90
N PHE B 159 -15.19 -14.05 19.14
CA PHE B 159 -14.12 -13.40 19.86
C PHE B 159 -12.85 -14.20 19.67
N VAL B 160 -12.39 -14.21 18.43
CA VAL B 160 -11.31 -15.06 17.99
C VAL B 160 -9.99 -14.78 18.74
N ASP B 161 -9.90 -13.64 19.42
CA ASP B 161 -8.65 -13.27 20.08
C ASP B 161 -8.58 -13.78 21.52
N THR B 162 -9.73 -14.10 22.12
CA THR B 162 -9.74 -14.53 23.51
C THR B 162 -10.27 -15.96 23.64
N GLU B 163 -11.03 -16.42 22.66
CA GLU B 163 -11.64 -17.73 22.75
C GLU B 163 -11.02 -18.67 21.76
N VAL B 164 -10.51 -19.80 22.22
CA VAL B 164 -9.87 -20.76 21.33
C VAL B 164 -10.90 -21.65 20.67
N SER B 165 -11.96 -21.97 21.40
CA SER B 165 -13.04 -22.82 20.90
C SER B 165 -14.42 -22.18 21.04
N ASN B 166 -15.42 -22.78 20.39
CA ASN B 166 -16.80 -22.43 20.65
C ASN B 166 -17.38 -23.43 21.62
N TRP B 167 -16.53 -24.35 22.06
CA TRP B 167 -16.88 -25.35 23.06
C TRP B 167 -15.94 -25.24 24.25
N THR B 168 -16.45 -25.31 25.46
CA THR B 168 -15.59 -25.25 26.63
C THR B 168 -16.06 -26.35 27.54
N TYR B 169 -15.13 -26.92 28.31
CA TYR B 169 -15.42 -28.12 29.09
C TYR B 169 -15.74 -27.71 30.49
N ASP B 170 -16.83 -28.22 31.02
CA ASP B 170 -17.21 -27.90 32.38
C ASP B 170 -16.79 -29.06 33.23
N PRO B 171 -15.94 -28.79 34.23
CA PRO B 171 -15.39 -29.84 35.09
C PRO B 171 -16.46 -30.60 35.85
N VAL B 172 -17.51 -29.92 36.30
CA VAL B 172 -18.59 -30.58 37.03
C VAL B 172 -19.48 -31.47 36.16
N ARG B 173 -20.15 -30.88 35.19
CA ARG B 173 -21.03 -31.61 34.31
C ARG B 173 -20.25 -32.71 33.59
N GLY B 174 -19.00 -32.46 33.25
CA GLY B 174 -18.22 -33.49 32.60
C GLY B 174 -18.50 -33.55 31.13
N GLN B 175 -18.91 -32.41 30.59
CA GLN B 175 -19.18 -32.31 29.17
C GLN B 175 -18.76 -30.95 28.64
N TYR B 176 -18.73 -30.83 27.33
CA TYR B 176 -18.52 -29.52 26.72
C TYR B 176 -19.85 -28.80 26.61
N TYR B 177 -19.86 -27.49 26.82
CA TYR B 177 -21.03 -26.70 26.47
C TYR B 177 -20.66 -25.72 25.39
N TRP B 178 -21.68 -25.23 24.70
CA TRP B 178 -21.53 -24.40 23.52
C TRP B 178 -21.71 -22.94 23.88
N HIS B 179 -20.89 -22.08 23.29
CA HIS B 179 -21.02 -20.66 23.47
C HIS B 179 -20.43 -19.93 22.27
N ARG B 180 -21.26 -19.12 21.61
CA ARG B 180 -20.77 -18.36 20.47
C ARG B 180 -20.17 -17.06 20.96
N PHE B 181 -20.44 -16.72 22.20
CA PHE B 181 -19.84 -15.55 22.82
C PHE B 181 -18.77 -16.00 23.79
N PHE B 182 -18.61 -15.33 24.92
CA PHE B 182 -17.54 -15.70 25.83
C PHE B 182 -17.88 -16.96 26.64
N SER B 183 -16.84 -17.65 27.14
CA SER B 183 -17.01 -18.93 27.81
C SER B 183 -17.88 -18.83 29.05
N HIS B 184 -18.11 -17.63 29.54
CA HIS B 184 -18.90 -17.48 30.73
C HIS B 184 -20.29 -17.09 30.30
N GLN B 185 -20.54 -17.23 29.01
CA GLN B 185 -21.87 -17.00 28.42
C GLN B 185 -22.34 -18.20 27.61
N PRO B 186 -22.76 -19.28 28.29
CA PRO B 186 -23.22 -20.46 27.58
C PRO B 186 -24.53 -20.24 26.84
N ASP B 187 -24.65 -20.72 25.61
CA ASP B 187 -25.87 -20.57 24.83
C ASP B 187 -27.03 -21.35 25.39
N LEU B 188 -28.25 -20.90 25.08
CA LEU B 188 -29.43 -21.64 25.47
C LEU B 188 -29.80 -22.60 24.37
N ASN B 189 -30.18 -23.80 24.79
CA ASN B 189 -30.61 -24.83 23.88
C ASN B 189 -32.03 -24.59 23.38
N TYR B 190 -32.16 -24.06 22.17
CA TYR B 190 -33.48 -23.71 21.66
C TYR B 190 -34.15 -24.87 20.94
N ASP B 191 -33.50 -26.02 20.93
CA ASP B 191 -34.16 -27.22 20.44
C ASP B 191 -35.07 -27.82 21.51
N ASN B 192 -34.80 -27.45 22.75
CA ASN B 192 -35.64 -27.82 23.87
C ASN B 192 -36.89 -26.93 23.90
N PRO B 193 -38.08 -27.53 23.78
CA PRO B 193 -39.30 -26.72 23.84
C PRO B 193 -39.49 -26.02 25.18
N ALA B 194 -38.88 -26.54 26.24
CA ALA B 194 -39.07 -25.94 27.54
C ALA B 194 -38.31 -24.62 27.60
N VAL B 195 -37.26 -24.54 26.80
CA VAL B 195 -36.48 -23.33 26.68
C VAL B 195 -37.25 -22.31 25.85
N GLN B 196 -37.85 -22.75 24.75
CA GLN B 196 -38.60 -21.84 23.91
C GLN B 196 -39.70 -21.14 24.69
N GLU B 197 -40.31 -21.82 25.65
CA GLU B 197 -41.38 -21.23 26.47
C GLU B 197 -40.84 -20.53 27.68
N ALA B 198 -39.69 -20.95 28.19
CA ALA B 198 -39.10 -20.27 29.34
C ALA B 198 -38.72 -18.87 28.98
N MET B 199 -38.20 -18.72 27.76
CA MET B 199 -37.81 -17.44 27.20
C MET B 199 -38.99 -16.61 26.79
N LEU B 200 -40.01 -17.27 26.28
CA LEU B 200 -41.25 -16.58 25.95
C LEU B 200 -41.91 -16.07 27.24
N GLU B 201 -41.69 -16.82 28.32
CA GLU B 201 -42.14 -16.40 29.64
C GLU B 201 -41.38 -15.17 30.06
N VAL B 202 -40.07 -15.16 29.85
CA VAL B 202 -39.28 -13.99 30.21
C VAL B 202 -39.86 -12.77 29.51
N LEU B 203 -40.16 -12.88 28.22
CA LEU B 203 -40.80 -11.80 27.48
C LEU B 203 -42.12 -11.41 28.10
N ARG B 204 -42.93 -12.36 28.54
CA ARG B 204 -44.20 -11.98 29.12
C ARG B 204 -44.08 -11.18 30.40
N PHE B 205 -43.14 -11.57 31.26
CA PHE B 205 -42.93 -10.90 32.53
C PHE B 205 -42.80 -9.39 32.37
N TRP B 206 -41.94 -8.96 31.46
CA TRP B 206 -41.67 -7.55 31.27
C TRP B 206 -42.81 -6.87 30.52
N LEU B 207 -43.40 -7.59 29.58
CA LEU B 207 -44.55 -7.05 28.87
C LEU B 207 -45.71 -6.82 29.84
N ASP B 208 -45.80 -7.65 30.88
CA ASP B 208 -46.84 -7.53 31.88
C ASP B 208 -46.65 -6.30 32.74
N LEU B 209 -45.40 -5.95 32.97
CA LEU B 209 -45.07 -4.79 33.76
C LEU B 209 -45.24 -3.54 32.92
N GLY B 210 -45.47 -3.73 31.62
CA GLY B 210 -45.82 -2.61 30.76
C GLY B 210 -44.79 -2.15 29.76
N ILE B 211 -43.67 -2.86 29.65
CA ILE B 211 -42.62 -2.46 28.71
C ILE B 211 -43.19 -2.49 27.30
N ASP B 212 -42.76 -1.57 26.45
CA ASP B 212 -43.40 -1.45 25.16
C ASP B 212 -42.74 -2.31 24.11
N GLY B 213 -41.67 -2.99 24.49
CA GLY B 213 -41.02 -3.91 23.57
C GLY B 213 -39.57 -4.22 23.90
N PHE B 214 -38.90 -4.92 23.00
CA PHE B 214 -37.53 -5.33 23.24
C PHE B 214 -36.65 -5.22 22.01
N ARG B 215 -35.36 -5.04 22.23
CA ARG B 215 -34.40 -5.31 21.20
C ARG B 215 -33.86 -6.67 21.57
N LEU B 216 -34.28 -7.69 20.85
CA LEU B 216 -33.87 -9.05 21.11
C LEU B 216 -32.43 -9.22 20.69
N ASP B 217 -31.54 -9.42 21.64
CA ASP B 217 -30.12 -9.41 21.33
C ASP B 217 -29.58 -10.78 20.98
N ALA B 218 -28.68 -10.82 20.00
CA ALA B 218 -27.97 -12.01 19.54
C ALA B 218 -28.89 -13.07 18.94
N VAL B 219 -30.01 -12.66 18.35
CA VAL B 219 -30.91 -13.64 17.75
C VAL B 219 -30.41 -14.40 16.52
N PRO B 220 -29.37 -13.92 15.82
CA PRO B 220 -28.96 -14.78 14.71
C PRO B 220 -28.43 -16.14 15.09
N TYR B 221 -28.08 -16.35 16.35
CA TYR B 221 -27.37 -17.55 16.72
C TYR B 221 -28.25 -18.45 17.60
N LEU B 222 -29.56 -18.25 17.57
CA LEU B 222 -30.44 -19.01 18.46
C LEU B 222 -30.33 -20.51 18.23
N TYR B 223 -30.58 -20.93 16.99
CA TYR B 223 -30.51 -22.34 16.65
C TYR B 223 -29.22 -22.64 15.90
N ALA B 224 -28.69 -23.84 16.13
CA ALA B 224 -27.51 -24.33 15.42
C ALA B 224 -27.78 -25.69 14.78
N ARG B 225 -27.28 -25.88 13.57
CA ARG B 225 -27.42 -27.15 12.85
C ARG B 225 -26.07 -27.56 12.29
N GLU B 226 -25.81 -28.85 12.25
CA GLU B 226 -24.62 -29.33 11.58
C GLU B 226 -24.88 -29.10 10.10
N GLY B 227 -23.92 -28.53 9.38
CA GLY B 227 -24.09 -28.41 7.94
C GLY B 227 -24.10 -26.95 7.57
N THR B 228 -24.29 -26.10 8.58
CA THR B 228 -24.38 -24.67 8.37
C THR B 228 -23.45 -23.90 9.28
N ASN B 229 -23.54 -22.57 9.23
CA ASN B 229 -22.64 -21.72 9.98
C ASN B 229 -23.29 -21.32 11.29
N CYS B 230 -24.59 -21.51 11.37
CA CYS B 230 -25.35 -21.45 12.61
C CYS B 230 -25.76 -20.02 12.82
N GLU B 231 -25.93 -19.31 11.71
CA GLU B 231 -26.43 -17.97 11.78
C GLU B 231 -27.57 -17.92 10.82
N ASN B 232 -28.60 -17.18 11.18
CA ASN B 232 -29.74 -16.93 10.32
C ASN B 232 -30.54 -18.15 9.90
N LEU B 233 -30.50 -19.21 10.70
CA LEU B 233 -31.18 -20.46 10.35
C LEU B 233 -32.70 -20.30 10.39
N PRO B 234 -33.40 -20.99 9.47
CA PRO B 234 -34.87 -20.93 9.37
C PRO B 234 -35.57 -21.33 10.65
N GLU B 235 -34.94 -22.15 11.46
CA GLU B 235 -35.49 -22.51 12.75
C GLU B 235 -35.57 -21.28 13.67
N THR B 236 -34.60 -20.39 13.53
CA THR B 236 -34.58 -19.15 14.29
C THR B 236 -35.75 -18.28 13.88
N HIS B 237 -35.93 -18.10 12.59
CA HIS B 237 -37.02 -17.28 12.07
C HIS B 237 -38.36 -17.85 12.47
N ALA B 238 -38.45 -19.17 12.51
CA ALA B 238 -39.69 -19.80 12.89
C ALA B 238 -40.07 -19.44 14.31
N TYR B 239 -39.11 -19.47 15.20
CA TYR B 239 -39.37 -19.16 16.60
C TYR B 239 -39.77 -17.71 16.73
N LEU B 240 -39.08 -16.84 15.99
CA LEU B 240 -39.38 -15.43 16.10
C LEU B 240 -40.78 -15.14 15.57
N LYS B 241 -41.19 -15.82 14.50
CA LYS B 241 -42.54 -15.67 13.99
C LYS B 241 -43.52 -16.06 15.09
N ARG B 242 -43.16 -17.12 15.81
CA ARG B 242 -43.96 -17.58 16.93
C ARG B 242 -44.03 -16.57 18.04
N VAL B 243 -42.91 -15.93 18.33
CA VAL B 243 -42.84 -14.95 19.39
C VAL B 243 -43.69 -13.76 19.10
N ARG B 244 -43.65 -13.28 17.87
CA ARG B 244 -44.47 -12.12 17.56
C ARG B 244 -45.97 -12.46 17.68
N ALA B 245 -46.36 -13.65 17.25
CA ALA B 245 -47.77 -14.03 17.33
C ALA B 245 -48.28 -13.97 18.77
N GLU B 246 -47.48 -14.50 19.68
CA GLU B 246 -47.83 -14.52 21.08
C GLU B 246 -47.87 -13.13 21.65
N VAL B 247 -46.86 -12.33 21.36
CA VAL B 247 -46.81 -10.99 21.88
C VAL B 247 -47.99 -10.20 21.33
N ASP B 248 -48.20 -10.28 20.03
CA ASP B 248 -49.34 -9.62 19.40
C ASP B 248 -50.67 -10.08 19.97
N ARG B 249 -50.75 -11.37 20.30
CA ARG B 249 -51.97 -11.97 20.84
C ARG B 249 -52.38 -11.40 22.20
N LEU B 250 -51.42 -11.32 23.12
CA LEU B 250 -51.68 -10.93 24.50
C LEU B 250 -51.49 -9.45 24.80
N TYR B 251 -50.67 -8.76 24.03
CA TYR B 251 -50.33 -7.38 24.34
C TYR B 251 -50.39 -6.44 23.14
N PRO B 252 -51.23 -5.41 23.22
CA PRO B 252 -51.28 -4.51 22.07
C PRO B 252 -50.14 -3.48 22.02
N ASP B 253 -49.79 -3.12 20.80
CA ASP B 253 -48.90 -2.02 20.47
C ASP B 253 -47.49 -2.15 21.03
N ARG B 254 -46.94 -3.36 20.99
CA ARG B 254 -45.59 -3.57 21.42
C ARG B 254 -44.70 -3.74 20.20
N VAL B 255 -43.40 -3.61 20.39
CA VAL B 255 -42.46 -3.68 19.28
C VAL B 255 -41.32 -4.64 19.56
N LEU B 256 -40.95 -5.43 18.58
CA LEU B 256 -39.79 -6.26 18.70
C LEU B 256 -38.72 -5.79 17.73
N LEU B 257 -37.57 -5.40 18.25
CA LEU B 257 -36.46 -5.00 17.40
C LEU B 257 -35.40 -6.10 17.36
N ALA B 258 -34.83 -6.35 16.21
CA ALA B 258 -33.78 -7.34 16.13
C ALA B 258 -32.43 -6.68 16.16
N GLU B 259 -31.56 -7.15 17.06
CA GLU B 259 -30.16 -6.82 16.96
C GLU B 259 -29.53 -7.92 16.15
N ALA B 260 -29.30 -7.65 14.88
CA ALA B 260 -28.72 -8.61 13.98
C ALA B 260 -27.52 -7.99 13.28
N ASN B 261 -26.33 -8.42 13.70
CA ASN B 261 -25.07 -7.94 13.18
C ASN B 261 -24.75 -8.54 11.83
N GLN B 262 -25.61 -8.25 10.85
CA GLN B 262 -25.53 -8.90 9.57
C GLN B 262 -25.71 -7.90 8.44
N TRP B 263 -25.33 -8.29 7.24
CA TRP B 263 -25.48 -7.44 6.09
C TRP B 263 -26.96 -7.30 5.86
N PRO B 264 -27.41 -6.08 5.61
CA PRO B 264 -28.82 -5.77 5.43
C PRO B 264 -29.37 -6.38 4.16
N ALA B 265 -29.67 -7.66 4.21
CA ALA B 265 -30.13 -8.41 3.05
C ALA B 265 -30.34 -9.79 3.60
N ASP B 266 -29.45 -10.12 4.52
CA ASP B 266 -29.62 -11.29 5.34
C ASP B 266 -30.52 -10.84 6.46
N VAL B 267 -30.57 -9.56 6.71
CA VAL B 267 -31.33 -9.08 7.84
C VAL B 267 -32.79 -9.05 7.46
N VAL B 268 -33.06 -8.79 6.19
CA VAL B 268 -34.43 -8.64 5.69
C VAL B 268 -35.29 -9.84 6.04
N GLU B 269 -34.65 -10.98 6.29
CA GLU B 269 -35.41 -12.16 6.61
C GLU B 269 -36.06 -12.08 7.98
N TYR B 270 -35.53 -11.23 8.83
CA TYR B 270 -36.06 -11.10 10.17
C TYR B 270 -37.33 -10.29 10.19
N PHE B 271 -37.71 -9.74 9.05
CA PHE B 271 -38.96 -9.03 8.99
C PHE B 271 -40.08 -9.97 8.64
N GLY B 272 -39.74 -11.17 8.22
CA GLY B 272 -40.73 -12.19 7.94
C GLY B 272 -41.30 -12.12 6.53
N ASP B 273 -42.54 -12.59 6.42
CA ASP B 273 -43.27 -12.68 5.16
C ASP B 273 -43.91 -11.39 4.73
N PRO B 274 -43.44 -10.85 3.60
CA PRO B 274 -43.91 -9.58 3.08
C PRO B 274 -45.40 -9.54 2.78
N ALA B 275 -46.03 -10.69 2.57
CA ALA B 275 -47.48 -10.72 2.30
C ALA B 275 -48.31 -10.27 3.52
N THR B 276 -47.80 -10.54 4.72
CA THR B 276 -48.54 -10.22 5.93
C THR B 276 -48.40 -8.79 6.31
N GLY B 277 -47.53 -8.08 5.60
CA GLY B 277 -47.15 -6.73 5.97
C GLY B 277 -46.00 -6.81 6.98
N GLY B 278 -45.66 -8.02 7.39
CA GLY B 278 -44.61 -8.21 8.35
C GLY B 278 -45.20 -9.01 9.48
N ASP B 279 -44.63 -10.17 9.76
CA ASP B 279 -45.12 -11.07 10.80
C ASP B 279 -43.97 -11.56 11.67
N GLU B 280 -42.84 -10.88 11.67
CA GLU B 280 -41.73 -11.30 12.52
C GLU B 280 -41.23 -10.15 13.40
N CYS B 281 -40.01 -9.67 13.17
CA CYS B 281 -39.55 -8.53 13.95
C CYS B 281 -40.06 -7.24 13.31
N HIS B 282 -40.45 -6.27 14.13
CA HIS B 282 -40.91 -4.99 13.61
C HIS B 282 -39.77 -4.18 13.02
N MET B 283 -38.64 -4.17 13.73
CA MET B 283 -37.48 -3.41 13.33
C MET B 283 -36.22 -4.25 13.36
N ALA B 284 -35.23 -3.86 12.57
CA ALA B 284 -33.88 -4.38 12.67
C ALA B 284 -32.98 -3.25 12.30
N PHE B 285 -31.71 -3.35 12.58
CA PHE B 285 -30.83 -2.22 12.36
C PHE B 285 -30.04 -2.32 11.07
N HIS B 286 -29.94 -1.19 10.39
CA HIS B 286 -29.18 -1.08 9.17
C HIS B 286 -27.80 -0.61 9.54
N PHE B 287 -26.94 -1.53 9.96
CA PHE B 287 -25.63 -1.18 10.48
C PHE B 287 -24.70 -0.46 9.49
N PRO B 288 -24.82 -0.74 8.19
CA PRO B 288 -23.89 0.03 7.38
C PRO B 288 -24.21 1.50 7.14
N VAL B 289 -25.33 2.04 7.62
CA VAL B 289 -25.66 3.41 7.30
C VAL B 289 -24.56 4.38 7.79
N MET B 290 -24.13 4.28 9.05
CA MET B 290 -23.10 5.19 9.54
C MET B 290 -21.73 4.99 8.89
N PRO B 291 -21.26 3.75 8.77
CA PRO B 291 -20.00 3.63 8.03
C PRO B 291 -20.04 4.18 6.62
N ARG B 292 -21.16 4.03 5.92
CA ARG B 292 -21.23 4.52 4.57
C ARG B 292 -21.23 6.04 4.55
N ILE B 293 -21.90 6.67 5.51
CA ILE B 293 -21.90 8.12 5.60
C ILE B 293 -20.54 8.67 5.96
N PHE B 294 -19.89 8.01 6.90
CA PHE B 294 -18.54 8.40 7.30
C PHE B 294 -17.62 8.42 6.09
N MET B 295 -17.66 7.34 5.33
CA MET B 295 -16.85 7.23 4.13
C MET B 295 -17.26 8.24 3.05
N ALA B 296 -18.55 8.51 2.94
CA ALA B 296 -19.03 9.49 1.99
C ALA B 296 -18.48 10.88 2.29
N VAL B 297 -18.46 11.27 3.57
CA VAL B 297 -17.93 12.57 3.95
C VAL B 297 -16.43 12.62 3.71
N ARG B 298 -15.74 11.53 4.03
CA ARG B 298 -14.29 11.46 3.85
C ARG B 298 -13.94 11.55 2.36
N ARG B 299 -14.63 10.81 1.53
CA ARG B 299 -14.37 10.88 0.10
C ARG B 299 -15.08 12.05 -0.60
N GLU B 300 -15.89 12.78 0.16
CA GLU B 300 -16.68 13.91 -0.36
C GLU B 300 -17.54 13.49 -1.55
N GLN B 301 -18.15 12.30 -1.47
CA GLN B 301 -19.02 11.78 -2.54
C GLN B 301 -20.27 11.12 -1.99
N ARG B 302 -21.40 11.34 -2.64
CA ARG B 302 -22.67 10.81 -2.16
C ARG B 302 -22.83 9.31 -2.41
N TYR B 303 -22.05 8.76 -3.34
CA TYR B 303 -22.31 7.40 -3.80
C TYR B 303 -22.37 6.36 -2.73
N PRO B 304 -21.43 6.39 -1.75
CA PRO B 304 -21.53 5.35 -0.73
C PRO B 304 -22.89 5.36 -0.02
N ILE B 305 -23.53 6.52 0.03
CA ILE B 305 -24.86 6.63 0.61
C ILE B 305 -25.90 6.23 -0.41
N SER B 306 -25.74 6.72 -1.63
CA SER B 306 -26.64 6.41 -2.73
C SER B 306 -26.83 4.93 -2.90
N GLU B 307 -25.72 4.23 -2.75
CA GLU B 307 -25.66 2.80 -3.00
C GLU B 307 -26.49 1.99 -2.01
N ILE B 308 -26.31 2.19 -0.70
CA ILE B 308 -27.09 1.41 0.24
C ILE B 308 -28.56 1.73 0.15
N MET B 309 -28.88 2.95 -0.22
CA MET B 309 -30.25 3.35 -0.34
C MET B 309 -30.90 2.60 -1.47
N ALA B 310 -30.11 2.26 -2.47
CA ALA B 310 -30.63 1.56 -3.63
C ALA B 310 -30.44 0.04 -3.64
N GLN B 311 -29.41 -0.48 -2.98
CA GLN B 311 -29.15 -1.90 -3.10
C GLN B 311 -29.73 -2.67 -1.93
N THR B 312 -30.42 -1.97 -1.05
CA THR B 312 -31.08 -2.60 0.06
C THR B 312 -32.45 -3.08 -0.37
N PRO B 313 -32.75 -4.36 -0.18
CA PRO B 313 -34.03 -4.89 -0.65
C PRO B 313 -35.22 -4.26 0.05
N LYS B 314 -36.37 -4.30 -0.60
CA LYS B 314 -37.57 -3.74 -0.03
C LYS B 314 -38.02 -4.64 1.10
N ILE B 315 -38.61 -4.06 2.14
CA ILE B 315 -39.02 -4.80 3.32
C ILE B 315 -40.53 -4.65 3.46
N PRO B 316 -41.18 -5.51 4.26
CA PRO B 316 -42.62 -5.49 4.45
C PRO B 316 -43.17 -4.15 4.91
N GLU B 317 -44.43 -3.87 4.57
CA GLU B 317 -44.97 -2.54 4.77
C GLU B 317 -44.86 -1.98 6.15
N ASN B 318 -45.03 -2.83 7.15
CA ASN B 318 -45.13 -2.37 8.51
C ASN B 318 -43.83 -2.47 9.27
N CYS B 319 -42.75 -2.78 8.59
CA CYS B 319 -41.46 -2.89 9.25
C CYS B 319 -40.61 -1.63 9.07
N GLN B 320 -39.54 -1.51 9.83
CA GLN B 320 -38.73 -0.32 9.74
C GLN B 320 -37.28 -0.62 9.93
N TRP B 321 -36.43 0.05 9.18
CA TRP B 321 -35.03 0.04 9.52
C TRP B 321 -34.80 0.99 10.67
N GLY B 322 -33.97 0.57 11.62
CA GLY B 322 -33.47 1.45 12.66
C GLY B 322 -32.09 1.96 12.27
N ILE B 323 -31.83 3.24 12.50
CA ILE B 323 -30.51 3.81 12.24
C ILE B 323 -29.96 4.58 13.43
N PHE B 324 -28.63 4.57 13.55
CA PHE B 324 -27.89 5.29 14.57
C PHE B 324 -26.52 5.67 14.06
N LEU B 325 -25.92 6.68 14.65
CA LEU B 325 -24.64 7.12 14.17
C LEU B 325 -23.49 6.45 14.90
N ARG B 326 -23.36 5.15 14.70
CA ARG B 326 -22.23 4.41 15.24
C ARG B 326 -21.74 3.39 14.21
N ASN B 327 -20.46 3.04 14.30
CA ASN B 327 -19.79 2.12 13.41
C ASN B 327 -19.75 0.71 13.96
N HIS B 328 -20.15 0.53 15.20
CA HIS B 328 -20.05 -0.80 15.77
C HIS B 328 -21.34 -1.25 16.40
N ASP B 329 -21.52 -2.55 16.36
CA ASP B 329 -22.55 -3.21 17.11
C ASP B 329 -22.07 -3.21 18.53
N GLU B 330 -22.99 -3.22 19.48
CA GLU B 330 -22.56 -3.16 20.87
C GLU B 330 -22.33 -4.50 21.55
N LEU B 331 -22.93 -5.58 21.06
CA LEU B 331 -22.74 -6.85 21.75
C LEU B 331 -21.42 -7.46 21.32
N THR B 332 -21.02 -7.15 20.11
CA THR B 332 -19.75 -7.61 19.54
C THR B 332 -19.16 -6.28 19.30
N LEU B 333 -17.87 -6.13 19.12
CA LEU B 333 -17.52 -4.75 18.85
C LEU B 333 -17.02 -4.73 17.43
N GLU B 334 -17.94 -5.01 16.52
CA GLU B 334 -17.60 -5.15 15.12
C GLU B 334 -18.41 -4.25 14.23
N MET B 335 -17.79 -3.78 13.16
CA MET B 335 -18.55 -3.11 12.16
C MET B 335 -19.11 -4.14 11.24
N VAL B 336 -20.39 -4.01 10.94
CA VAL B 336 -21.07 -4.95 10.07
C VAL B 336 -20.71 -4.68 8.63
N THR B 337 -20.07 -5.66 8.02
CA THR B 337 -19.70 -5.58 6.63
C THR B 337 -19.73 -6.98 6.06
N ASP B 338 -19.40 -7.10 4.78
CA ASP B 338 -19.59 -8.33 4.05
C ASP B 338 -18.67 -8.32 2.85
N GLU B 339 -17.83 -9.34 2.75
CA GLU B 339 -16.73 -9.29 1.79
C GLU B 339 -17.17 -9.33 0.33
N GLU B 340 -18.30 -9.95 0.05
CA GLU B 340 -18.75 -10.06 -1.32
C GLU B 340 -19.82 -9.05 -1.72
N ARG B 341 -20.55 -8.50 -0.76
CA ARG B 341 -21.68 -7.66 -1.12
C ARG B 341 -21.52 -6.21 -0.70
N ASP B 342 -20.45 -5.92 0.02
CA ASP B 342 -20.12 -4.55 0.37
C ASP B 342 -18.99 -4.10 -0.51
N TYR B 343 -19.26 -3.22 -1.45
CA TYR B 343 -18.21 -2.75 -2.33
C TYR B 343 -17.13 -1.99 -1.60
N MET B 344 -17.40 -1.59 -0.36
CA MET B 344 -16.45 -0.81 0.44
C MET B 344 -15.63 -1.66 1.39
N TYR B 345 -15.84 -2.97 1.40
CA TYR B 345 -15.22 -3.91 2.36
C TYR B 345 -13.77 -3.61 2.69
N ALA B 346 -12.99 -3.42 1.65
CA ALA B 346 -11.56 -3.26 1.76
C ALA B 346 -11.19 -1.81 1.94
N GLU B 347 -12.16 -0.93 1.78
CA GLU B 347 -11.90 0.50 1.79
C GLU B 347 -11.88 1.12 3.17
N TYR B 348 -12.59 0.52 4.09
CA TYR B 348 -12.64 1.02 5.43
C TYR B 348 -11.28 1.03 6.10
N ALA B 349 -10.47 0.03 5.78
CA ALA B 349 -9.18 -0.10 6.44
C ALA B 349 -8.12 0.85 5.87
N LYS B 350 -8.49 1.64 4.88
CA LYS B 350 -7.56 2.59 4.30
C LYS B 350 -7.87 3.99 4.75
N ASP B 351 -8.71 4.07 5.75
CA ASP B 351 -9.02 5.33 6.38
C ASP B 351 -8.29 5.25 7.69
N PRO B 352 -7.36 6.18 7.91
CA PRO B 352 -6.58 6.13 9.15
C PRO B 352 -7.45 6.39 10.38
N ARG B 353 -8.42 7.30 10.31
CA ARG B 353 -9.31 7.53 11.44
C ARG B 353 -10.21 6.31 11.64
N MET B 354 -10.67 5.72 10.56
CA MET B 354 -11.49 4.52 10.68
C MET B 354 -10.74 3.33 11.26
N LYS B 355 -9.52 3.10 10.77
CA LYS B 355 -8.73 1.96 11.22
C LYS B 355 -8.17 2.11 12.61
N ALA B 356 -8.33 3.27 13.22
CA ALA B 356 -7.78 3.44 14.55
C ALA B 356 -8.80 3.06 15.59
N ASN B 357 -10.07 3.32 15.32
CA ASN B 357 -11.12 2.91 16.23
C ASN B 357 -11.75 1.59 15.86
N ILE B 358 -10.97 0.60 15.46
CA ILE B 358 -11.55 -0.54 14.74
C ILE B 358 -12.43 -1.42 15.62
N GLY B 359 -12.12 -1.60 16.90
CA GLY B 359 -13.07 -2.30 17.73
C GLY B 359 -13.60 -1.47 18.90
N ILE B 360 -13.52 -0.16 18.78
CA ILE B 360 -13.86 0.71 19.89
C ILE B 360 -15.12 1.50 19.61
N ARG B 361 -16.05 1.52 20.56
CA ARG B 361 -17.18 2.42 20.43
C ARG B 361 -16.78 3.85 20.76
N ARG B 362 -17.16 4.78 19.91
CA ARG B 362 -16.91 6.18 20.11
C ARG B 362 -18.18 6.98 20.01
N ARG B 363 -18.21 8.11 20.69
CA ARG B 363 -19.37 8.98 20.66
C ARG B 363 -19.28 9.82 19.38
N LEU B 364 -20.35 10.49 19.00
CA LEU B 364 -20.35 11.11 17.68
C LEU B 364 -19.30 12.21 17.54
N ALA B 365 -19.20 13.06 18.53
CA ALA B 365 -18.29 14.19 18.45
C ALA B 365 -16.83 13.76 18.32
N PRO B 366 -16.34 12.81 19.14
CA PRO B 366 -14.98 12.33 18.88
C PRO B 366 -14.77 11.72 17.51
N LEU B 367 -15.77 11.02 17.01
CA LEU B 367 -15.66 10.42 15.69
C LEU B 367 -15.52 11.49 14.64
N LEU B 368 -15.96 12.70 14.96
CA LEU B 368 -15.94 13.78 13.99
C LEU B 368 -14.96 14.88 14.36
N ASP B 369 -13.99 14.58 15.19
CA ASP B 369 -13.04 15.57 15.67
C ASP B 369 -13.75 16.81 16.17
N ASN B 370 -14.88 16.62 16.82
CA ASN B 370 -15.59 17.73 17.43
C ASN B 370 -15.94 18.84 16.48
N ASP B 371 -16.19 18.50 15.23
CA ASP B 371 -16.55 19.47 14.22
C ASP B 371 -18.06 19.73 14.24
N ARG B 372 -18.44 20.91 14.71
CA ARG B 372 -19.84 21.22 14.86
C ARG B 372 -20.64 21.11 13.55
N ASN B 373 -20.06 21.57 12.44
CA ASN B 373 -20.72 21.48 11.14
C ASN B 373 -20.98 20.03 10.71
N GLN B 374 -20.05 19.13 11.00
CA GLN B 374 -20.24 17.72 10.69
C GLN B 374 -21.22 17.08 11.68
N LEU B 375 -21.25 17.61 12.90
CA LEU B 375 -22.21 17.14 13.89
C LEU B 375 -23.60 17.45 13.43
N GLU B 376 -23.77 18.61 12.84
CA GLU B 376 -25.05 18.99 12.30
C GLU B 376 -25.39 18.18 11.05
N LEU B 377 -24.41 17.97 10.17
CA LEU B 377 -24.61 17.17 8.97
C LEU B 377 -24.98 15.72 9.25
N PHE B 378 -24.25 15.04 10.11
CA PHE B 378 -24.53 13.63 10.35
C PHE B 378 -25.89 13.44 11.01
N THR B 379 -26.23 14.33 11.94
CA THR B 379 -27.46 14.19 12.69
C THR B 379 -28.66 14.54 11.80
N ALA B 380 -28.47 15.50 10.91
CA ALA B 380 -29.51 15.79 9.95
C ALA B 380 -29.78 14.56 9.07
N LEU B 381 -28.73 13.90 8.60
CA LEU B 381 -28.90 12.69 7.82
C LEU B 381 -29.53 11.61 8.67
N LEU B 382 -29.13 11.52 9.93
CA LEU B 382 -29.75 10.54 10.83
C LEU B 382 -31.24 10.75 10.95
N LEU B 383 -31.69 12.00 10.93
CA LEU B 383 -33.07 12.27 11.20
C LEU B 383 -33.93 12.34 9.95
N SER B 384 -33.30 12.32 8.78
CA SER B 384 -34.05 12.49 7.54
C SER B 384 -34.02 11.27 6.67
N LEU B 385 -33.07 10.36 6.90
CA LEU B 385 -33.05 9.15 6.10
C LEU B 385 -34.28 8.27 6.39
N PRO B 386 -34.60 7.34 5.49
CA PRO B 386 -35.80 6.54 5.72
C PRO B 386 -35.56 5.48 6.78
N GLY B 387 -36.14 5.64 7.96
CA GLY B 387 -35.98 4.69 9.04
C GLY B 387 -36.41 5.33 10.33
N SER B 388 -36.15 4.68 11.46
CA SER B 388 -36.38 5.29 12.77
C SER B 388 -35.06 5.39 13.49
N PRO B 389 -34.68 6.60 13.83
CA PRO B 389 -33.34 6.84 14.38
C PRO B 389 -33.21 6.58 15.88
N VAL B 390 -32.01 6.20 16.29
CA VAL B 390 -31.69 6.09 17.70
C VAL B 390 -30.61 7.10 18.07
N LEU B 391 -30.90 8.00 19.00
CA LEU B 391 -29.88 8.90 19.55
C LEU B 391 -29.21 8.22 20.72
N TYR B 392 -27.90 8.39 20.86
CA TYR B 392 -27.20 7.83 21.99
C TYR B 392 -27.04 8.93 23.03
N TYR B 393 -27.27 8.61 24.28
CA TYR B 393 -27.27 9.64 25.31
C TYR B 393 -25.94 10.35 25.34
N GLY B 394 -25.98 11.68 25.41
CA GLY B 394 -24.76 12.43 25.46
C GLY B 394 -24.39 13.03 24.12
N ASP B 395 -24.82 12.40 23.04
CA ASP B 395 -24.50 12.92 21.74
C ASP B 395 -25.16 14.29 21.55
N GLU B 396 -26.25 14.54 22.26
CA GLU B 396 -27.03 15.75 21.99
C GLU B 396 -26.33 16.98 22.54
N ILE B 397 -25.27 16.82 23.32
CA ILE B 397 -24.48 17.95 23.74
C ILE B 397 -23.04 17.88 23.31
N GLY B 398 -22.66 16.77 22.68
CA GLY B 398 -21.32 16.61 22.16
C GLY B 398 -20.40 15.99 23.16
N MET B 399 -20.92 15.09 23.98
CA MET B 399 -20.09 14.40 24.94
C MET B 399 -18.99 13.63 24.24
N GLY B 400 -17.92 13.34 24.97
CA GLY B 400 -16.83 12.62 24.39
C GLY B 400 -16.81 11.20 24.86
N ASP B 401 -15.63 10.64 24.96
CA ASP B 401 -15.43 9.30 25.45
C ASP B 401 -14.13 9.20 26.22
N ASN B 402 -13.81 7.99 26.65
CA ASN B 402 -12.61 7.68 27.37
C ASN B 402 -12.14 6.29 27.02
N ILE B 403 -11.39 6.18 25.93
CA ILE B 403 -10.97 4.88 25.39
C ILE B 403 -10.21 3.99 26.36
N TRP B 404 -9.54 4.61 27.30
CA TRP B 404 -8.77 3.87 28.27
C TRP B 404 -9.62 3.05 29.26
N LEU B 405 -10.93 3.11 29.17
CA LEU B 405 -11.78 2.38 30.10
C LEU B 405 -12.32 1.11 29.45
N GLY B 406 -11.78 0.75 28.29
CA GLY B 406 -12.26 -0.37 27.52
C GLY B 406 -12.91 -0.03 26.19
N ASP B 407 -13.24 -1.06 25.39
CA ASP B 407 -13.72 -0.88 24.02
C ASP B 407 -15.20 -0.54 24.04
N ARG B 408 -15.97 -1.37 24.72
CA ARG B 408 -17.35 -1.08 25.04
C ARG B 408 -17.09 -0.28 26.23
N ASP B 409 -18.10 0.27 26.87
CA ASP B 409 -17.83 0.99 28.09
C ASP B 409 -17.24 2.20 27.44
N SER B 410 -16.28 2.95 27.99
CA SER B 410 -15.70 3.98 27.10
C SER B 410 -16.66 5.10 26.74
N VAL B 411 -17.85 4.68 26.37
CA VAL B 411 -18.89 5.52 25.86
C VAL B 411 -19.99 5.46 26.91
N ARG B 412 -19.64 4.94 28.09
CA ARG B 412 -20.58 4.76 29.20
C ARG B 412 -20.26 5.60 30.43
N THR B 413 -19.45 6.63 30.27
CA THR B 413 -19.20 7.59 31.33
C THR B 413 -20.49 8.30 31.71
N PRO B 414 -20.55 8.86 32.93
CA PRO B 414 -21.71 9.61 33.42
C PRO B 414 -22.15 10.79 32.57
N MET B 415 -23.46 10.93 32.40
CA MET B 415 -24.07 12.05 31.69
C MET B 415 -23.71 13.37 32.35
N GLN B 416 -23.43 14.38 31.54
CA GLN B 416 -22.91 15.61 32.07
C GLN B 416 -24.00 16.67 32.08
N TRP B 417 -24.60 16.87 33.25
CA TRP B 417 -25.81 17.68 33.43
C TRP B 417 -25.52 19.13 33.73
N THR B 418 -24.69 19.36 34.72
CA THR B 418 -24.39 20.71 35.20
C THR B 418 -22.89 20.92 35.37
N PRO B 419 -22.45 22.17 35.64
CA PRO B 419 -21.02 22.34 35.94
C PRO B 419 -20.70 22.16 37.42
N ASP B 420 -21.58 21.52 38.18
CA ASP B 420 -21.31 21.29 39.58
C ASP B 420 -20.47 20.06 39.74
N ARG B 421 -20.38 19.58 40.98
CA ARG B 421 -19.51 18.45 41.28
C ARG B 421 -20.03 17.25 40.53
N ASN B 422 -19.12 16.50 39.94
CA ASN B 422 -19.46 15.33 39.15
C ASN B 422 -20.44 15.63 38.03
N ALA B 423 -20.36 16.84 37.51
CA ALA B 423 -21.22 17.28 36.43
C ALA B 423 -22.69 17.23 36.78
N GLY B 424 -23.00 17.07 38.07
CA GLY B 424 -24.38 17.04 38.50
C GLY B 424 -25.00 15.65 38.47
N PHE B 425 -24.19 14.65 38.15
CA PHE B 425 -24.66 13.29 38.00
C PHE B 425 -24.93 12.71 39.34
N SER B 426 -24.11 13.09 40.29
CA SER B 426 -24.20 12.58 41.62
C SER B 426 -23.56 13.56 42.57
N ARG B 427 -23.98 13.49 43.82
CA ARG B 427 -23.43 14.36 44.83
C ARG B 427 -22.44 13.59 45.68
N CYS B 428 -22.11 12.38 45.23
CA CYS B 428 -21.21 11.54 45.98
C CYS B 428 -19.79 12.00 45.88
N ASP B 429 -18.95 11.34 46.64
CA ASP B 429 -17.53 11.55 46.57
C ASP B 429 -17.04 10.87 45.29
N PRO B 430 -16.17 11.53 44.53
CA PRO B 430 -15.75 11.03 43.21
C PRO B 430 -15.20 9.61 43.23
N ALA B 431 -14.67 9.18 44.37
CA ALA B 431 -14.08 7.85 44.51
C ALA B 431 -15.11 6.73 44.45
N ARG B 432 -16.38 7.07 44.63
CA ARG B 432 -17.45 6.09 44.67
C ARG B 432 -18.14 5.95 43.32
N LEU B 433 -17.72 6.74 42.34
CA LEU B 433 -18.33 6.71 41.02
C LEU B 433 -18.04 5.41 40.31
N TYR B 434 -19.03 4.86 39.62
CA TYR B 434 -18.85 3.60 38.91
C TYR B 434 -17.81 3.79 37.80
N LEU B 435 -17.81 4.97 37.19
CA LEU B 435 -16.84 5.35 36.20
C LEU B 435 -16.63 6.85 36.32
N PRO B 436 -15.43 7.34 36.02
CA PRO B 436 -15.18 8.77 36.22
C PRO B 436 -15.82 9.66 35.17
N VAL B 437 -16.12 10.89 35.55
CA VAL B 437 -16.63 11.92 34.66
C VAL B 437 -15.51 12.48 33.79
N ILE B 438 -15.79 12.69 32.52
CA ILE B 438 -14.78 13.18 31.61
C ILE B 438 -14.37 14.58 31.99
N MET B 439 -13.07 14.81 32.10
CA MET B 439 -12.51 16.07 32.60
C MET B 439 -11.51 16.67 31.63
N ASP B 440 -11.42 16.00 30.51
CA ASP B 440 -10.75 16.38 29.28
C ASP B 440 -10.94 17.87 28.98
N PRO B 441 -9.89 18.52 28.49
CA PRO B 441 -10.02 19.93 28.14
C PRO B 441 -10.93 20.21 26.98
N ILE B 442 -11.38 19.20 26.27
CA ILE B 442 -12.25 19.45 25.13
C ILE B 442 -13.69 19.02 25.39
N TYR B 443 -13.86 17.82 25.93
CA TYR B 443 -15.19 17.28 26.18
C TYR B 443 -15.53 17.26 27.66
N GLY B 444 -14.63 17.75 28.50
CA GLY B 444 -14.83 17.70 29.93
C GLY B 444 -16.05 18.45 30.40
N TYR B 445 -16.53 18.09 31.59
CA TYR B 445 -17.81 18.61 32.04
C TYR B 445 -17.76 20.09 32.31
N GLN B 446 -16.57 20.63 32.53
CA GLN B 446 -16.51 22.06 32.79
C GLN B 446 -16.78 22.86 31.53
N ALA B 447 -16.72 22.21 30.37
CA ALA B 447 -16.98 22.88 29.10
C ALA B 447 -18.26 22.41 28.43
N VAL B 448 -18.55 21.11 28.51
CA VAL B 448 -19.75 20.62 27.89
C VAL B 448 -20.66 19.91 28.90
N ASN B 449 -21.81 20.54 29.16
CA ASN B 449 -22.86 20.00 30.00
C ASN B 449 -24.21 20.57 29.64
N VAL B 450 -25.30 19.86 29.95
CA VAL B 450 -26.65 20.24 29.46
C VAL B 450 -27.06 21.62 29.90
N GLU B 451 -26.74 22.02 31.12
CA GLU B 451 -27.18 23.32 31.56
C GLU B 451 -26.53 24.44 30.77
N ALA B 452 -25.23 24.38 30.60
CA ALA B 452 -24.56 25.36 29.76
C ALA B 452 -25.12 25.32 28.33
N GLN B 453 -25.30 24.12 27.78
CA GLN B 453 -25.84 24.00 26.44
C GLN B 453 -27.22 24.62 26.27
N GLN B 454 -28.15 24.33 27.17
CA GLN B 454 -29.48 24.87 26.98
C GLN B 454 -29.49 26.38 27.18
N ARG B 455 -28.64 26.90 28.05
CA ARG B 455 -28.65 28.34 28.25
C ARG B 455 -28.06 29.10 27.06
N ASN B 456 -27.39 28.40 26.15
CA ASN B 456 -26.83 29.02 24.95
C ASN B 456 -27.65 28.75 23.68
N PRO B 457 -28.23 29.79 23.08
CA PRO B 457 -29.13 29.56 21.95
C PRO B 457 -28.45 29.00 20.73
N GLY B 458 -27.13 29.16 20.62
CA GLY B 458 -26.43 28.61 19.47
C GLY B 458 -25.87 27.22 19.71
N SER B 459 -26.27 26.61 20.81
CA SER B 459 -25.67 25.35 21.20
C SER B 459 -26.12 24.16 20.37
N LEU B 460 -25.34 23.10 20.45
CA LEU B 460 -25.67 21.88 19.74
C LEU B 460 -26.95 21.30 20.27
N LEU B 461 -27.17 21.44 21.57
CA LEU B 461 -28.38 20.92 22.19
C LEU B 461 -29.64 21.58 21.67
N ASN B 462 -29.65 22.91 21.63
CA ASN B 462 -30.82 23.63 21.19
C ASN B 462 -31.08 23.39 19.70
N TRP B 463 -30.02 23.18 18.93
CA TRP B 463 -30.18 22.81 17.53
C TRP B 463 -30.82 21.43 17.42
N THR B 464 -30.34 20.48 18.21
CA THR B 464 -30.88 19.14 18.17
C THR B 464 -32.34 19.16 18.56
N ARG B 465 -32.68 19.96 19.56
CA ARG B 465 -34.05 20.02 20.03
C ARG B 465 -34.97 20.54 18.94
N LYS B 466 -34.52 21.60 18.29
CA LYS B 466 -35.29 22.21 17.20
C LYS B 466 -35.45 21.26 16.05
N MET B 467 -34.41 20.51 15.79
CA MET B 467 -34.40 19.56 14.71
C MET B 467 -35.41 18.45 14.94
N ILE B 468 -35.46 17.93 16.14
CA ILE B 468 -36.38 16.88 16.53
C ILE B 468 -37.83 17.38 16.46
N GLU B 469 -38.05 18.67 16.70
CA GLU B 469 -39.38 19.22 16.67
C GLU B 469 -39.89 19.31 15.22
N ILE B 470 -39.01 19.71 14.32
CA ILE B 470 -39.35 19.78 12.91
C ILE B 470 -39.69 18.39 12.36
N ARG B 471 -38.95 17.37 12.78
CA ARG B 471 -39.22 16.03 12.32
C ARG B 471 -40.53 15.55 12.90
N LYS B 472 -40.82 15.95 14.13
CA LYS B 472 -42.04 15.53 14.80
C LYS B 472 -43.26 16.06 14.06
N ARG B 473 -43.16 17.28 13.53
CA ARG B 473 -44.27 17.89 12.82
C ARG B 473 -44.38 17.42 11.38
N HIS B 474 -43.50 16.52 10.98
CA HIS B 474 -43.53 15.97 9.63
C HIS B 474 -43.36 14.47 9.66
N PRO B 475 -44.48 13.75 9.71
CA PRO B 475 -44.49 12.28 9.72
C PRO B 475 -43.90 11.70 8.47
N VAL B 476 -43.62 12.55 7.51
CA VAL B 476 -43.02 12.08 6.27
C VAL B 476 -41.65 11.48 6.55
N PHE B 477 -40.93 11.97 7.53
CA PHE B 477 -39.61 11.47 7.78
C PHE B 477 -39.60 10.03 8.22
N GLY B 478 -40.68 9.58 8.87
CA GLY B 478 -40.72 8.19 9.26
C GLY B 478 -41.58 7.30 8.39
N LEU B 479 -42.58 7.87 7.73
CA LEU B 479 -43.59 7.06 7.05
C LEU B 479 -43.50 7.12 5.54
N GLY B 480 -42.89 8.17 5.02
CA GLY B 480 -42.91 8.49 3.61
C GLY B 480 -41.91 7.80 2.71
N SER B 481 -41.98 8.09 1.42
CA SER B 481 -41.10 7.50 0.43
C SER B 481 -39.75 8.16 0.43
N TYR B 482 -38.85 7.62 -0.40
CA TYR B 482 -37.54 8.21 -0.61
C TYR B 482 -37.19 8.21 -2.07
N VAL B 483 -37.05 9.37 -2.70
CA VAL B 483 -36.60 9.37 -4.08
C VAL B 483 -35.39 10.30 -4.15
N GLU B 484 -34.28 9.76 -4.61
CA GLU B 484 -33.06 10.53 -4.70
C GLU B 484 -32.97 11.29 -5.98
N LEU B 485 -32.45 12.51 -5.90
CA LEU B 485 -32.36 13.42 -7.02
C LEU B 485 -31.00 13.34 -7.69
N PRO B 486 -31.00 13.23 -9.02
CA PRO B 486 -29.76 13.25 -9.79
C PRO B 486 -29.16 14.64 -9.72
N ALA B 487 -27.84 14.75 -9.72
CA ALA B 487 -27.21 16.07 -9.70
C ALA B 487 -25.83 16.01 -10.27
N SER B 488 -25.46 17.02 -11.05
CA SER B 488 -24.16 17.03 -11.71
C SER B 488 -23.05 16.94 -10.68
N ASN B 489 -23.34 17.45 -9.49
CA ASN B 489 -22.37 17.50 -8.41
C ASN B 489 -22.45 16.29 -7.53
N PRO B 490 -21.37 15.51 -7.54
CA PRO B 490 -21.20 14.28 -6.76
C PRO B 490 -21.02 14.55 -5.26
N SER B 491 -20.81 15.79 -4.86
CA SER B 491 -20.63 16.07 -3.45
C SER B 491 -21.93 16.32 -2.70
N VAL B 492 -23.02 16.53 -3.44
CA VAL B 492 -24.26 16.90 -2.81
C VAL B 492 -25.24 15.73 -2.89
N LEU B 493 -25.85 15.39 -1.76
CA LEU B 493 -26.87 14.36 -1.71
C LEU B 493 -28.21 15.04 -1.55
N ALA B 494 -29.05 14.94 -2.55
CA ALA B 494 -30.33 15.58 -2.49
C ALA B 494 -31.39 14.52 -2.67
N PHE B 495 -32.35 14.49 -1.77
CA PHE B 495 -33.48 13.56 -1.93
C PHE B 495 -34.79 14.21 -1.50
N VAL B 496 -35.89 13.58 -1.84
CA VAL B 496 -37.20 14.08 -1.49
C VAL B 496 -37.96 13.01 -0.73
N ARG B 497 -38.72 13.42 0.27
CA ARG B 497 -39.57 12.49 1.00
C ARG B 497 -41.04 12.90 0.87
N GLU B 498 -41.92 11.97 0.53
CA GLU B 498 -43.32 12.31 0.33
C GLU B 498 -44.21 11.34 1.06
N TYR B 499 -45.17 11.89 1.80
CA TYR B 499 -46.17 11.08 2.44
C TYR B 499 -47.45 11.82 2.28
N GLY B 500 -47.97 11.83 1.05
CA GLY B 500 -49.26 12.42 0.77
C GLY B 500 -49.43 13.83 1.30
N ASP B 501 -49.16 14.84 0.49
CA ASP B 501 -49.35 16.24 0.89
C ASP B 501 -48.25 16.70 1.83
N ASP B 502 -47.60 15.77 2.51
CA ASP B 502 -46.45 16.14 3.32
C ASP B 502 -45.18 15.79 2.59
N ARG B 503 -44.60 16.78 1.93
CA ARG B 503 -43.45 16.53 1.08
C ARG B 503 -42.32 17.43 1.54
N VAL B 504 -41.13 16.86 1.76
CA VAL B 504 -39.98 17.68 2.11
C VAL B 504 -38.81 17.44 1.17
N LEU B 505 -38.00 18.48 0.96
CA LEU B 505 -36.79 18.39 0.16
C LEU B 505 -35.55 18.50 1.07
N CYS B 506 -34.65 17.54 0.97
CA CYS B 506 -33.46 17.51 1.82
C CYS B 506 -32.19 17.51 1.00
N VAL B 507 -31.29 18.44 1.32
CA VAL B 507 -30.10 18.64 0.53
C VAL B 507 -28.87 18.64 1.43
N ASN B 508 -27.88 17.84 1.08
CA ASN B 508 -26.72 17.65 1.93
C ASN B 508 -25.41 17.76 1.23
N ASN B 509 -24.50 18.54 1.80
CA ASN B 509 -23.19 18.70 1.18
C ASN B 509 -22.15 17.89 1.89
N LEU B 510 -21.57 16.94 1.18
CA LEU B 510 -20.63 16.03 1.80
C LEU B 510 -19.21 16.56 1.70
N SER B 511 -19.04 17.65 0.95
CA SER B 511 -17.75 18.33 0.81
C SER B 511 -17.48 19.36 1.91
N ARG B 512 -16.21 19.64 2.16
CA ARG B 512 -15.84 20.64 3.15
C ARG B 512 -15.77 22.04 2.55
N PHE B 513 -15.98 22.15 1.25
CA PHE B 513 -16.01 23.43 0.55
C PHE B 513 -17.44 23.82 0.20
N PRO B 514 -17.68 25.11 0.02
CA PRO B 514 -19.01 25.49 -0.42
C PRO B 514 -19.34 24.82 -1.74
N GLN B 515 -20.59 24.44 -1.92
CA GLN B 515 -20.97 23.76 -3.13
C GLN B 515 -22.27 24.26 -3.72
N PRO B 516 -22.32 24.37 -5.05
CA PRO B 516 -23.55 24.62 -5.82
C PRO B 516 -24.19 23.31 -6.17
N VAL B 517 -25.51 23.27 -6.18
CA VAL B 517 -26.19 22.10 -6.70
C VAL B 517 -27.35 22.59 -7.53
N GLU B 518 -27.50 22.03 -8.72
CA GLU B 518 -28.62 22.39 -9.54
C GLU B 518 -29.60 21.23 -9.62
N LEU B 519 -30.82 21.45 -9.16
CA LEU B 519 -31.81 20.40 -9.07
C LEU B 519 -32.96 20.61 -10.04
N ASP B 520 -33.38 19.52 -10.66
CA ASP B 520 -34.56 19.52 -11.53
C ASP B 520 -35.77 19.15 -10.68
N LEU B 521 -36.53 20.16 -10.32
CA LEU B 521 -37.65 20.02 -9.42
C LEU B 521 -38.98 20.20 -10.13
N ARG B 522 -39.05 19.83 -11.41
CA ARG B 522 -40.22 20.13 -12.23
C ARG B 522 -41.49 19.45 -11.75
N ARG B 523 -41.31 18.32 -11.06
CA ARG B 523 -42.43 17.59 -10.49
C ARG B 523 -43.18 18.48 -9.49
N PHE B 524 -42.48 19.48 -8.98
CA PHE B 524 -43.00 20.40 -7.97
C PHE B 524 -43.11 21.82 -8.49
N GLU B 525 -43.26 21.97 -9.80
CA GLU B 525 -43.34 23.30 -10.38
C GLU B 525 -44.51 24.05 -9.77
N GLY B 526 -44.27 25.30 -9.41
CA GLY B 526 -45.28 26.13 -8.80
C GLY B 526 -45.18 26.26 -7.31
N CYS B 527 -44.58 25.26 -6.66
CA CYS B 527 -44.41 25.30 -5.20
C CYS B 527 -43.34 26.29 -4.76
N THR B 528 -43.56 26.91 -3.60
CA THR B 528 -42.59 27.81 -3.00
C THR B 528 -41.98 27.14 -1.78
N PRO B 529 -40.76 26.63 -1.92
CA PRO B 529 -40.14 25.88 -0.82
C PRO B 529 -40.00 26.74 0.42
N VAL B 530 -40.33 26.18 1.56
CA VAL B 530 -40.20 26.90 2.82
C VAL B 530 -39.14 26.18 3.63
N GLU B 531 -38.10 26.91 4.03
CA GLU B 531 -37.01 26.33 4.78
C GLU B 531 -37.46 26.07 6.21
N CYS B 532 -37.13 24.90 6.75
CA CYS B 532 -37.69 24.46 8.03
C CYS B 532 -37.20 25.23 9.25
N MET B 533 -35.91 25.54 9.27
CA MET B 533 -35.32 26.16 10.44
C MET B 533 -35.87 27.57 10.69
N GLY B 534 -36.01 28.37 9.64
CA GLY B 534 -36.40 29.76 9.80
C GLY B 534 -37.73 30.13 9.18
N GLY B 535 -38.33 29.22 8.44
CA GLY B 535 -39.63 29.46 7.87
C GLY B 535 -39.67 30.46 6.73
N VAL B 536 -38.52 30.75 6.16
CA VAL B 536 -38.46 31.70 5.06
C VAL B 536 -38.95 31.07 3.78
N GLN B 537 -39.79 31.78 3.04
CA GLN B 537 -40.28 31.27 1.77
C GLN B 537 -39.30 31.60 0.64
N PHE B 538 -38.88 30.55 -0.04
CA PHE B 538 -37.87 30.68 -1.09
C PHE B 538 -38.52 30.93 -2.44
N PRO B 539 -37.73 31.33 -3.43
CA PRO B 539 -38.35 31.60 -4.72
C PRO B 539 -39.11 30.39 -5.24
N ALA B 540 -40.18 30.64 -5.99
CA ALA B 540 -40.97 29.59 -6.58
C ALA B 540 -40.18 28.77 -7.58
N ILE B 541 -40.47 27.48 -7.63
CA ILE B 541 -39.86 26.57 -8.56
C ILE B 541 -40.43 26.72 -9.97
N GLY B 542 -39.58 27.10 -10.91
CA GLY B 542 -39.97 27.17 -12.31
C GLY B 542 -39.49 25.92 -13.02
N GLU B 543 -39.30 25.98 -14.35
CA GLU B 543 -38.92 24.78 -15.07
C GLU B 543 -37.43 24.78 -15.30
N LEU B 544 -36.78 25.82 -14.82
CA LEU B 544 -35.36 25.87 -14.99
C LEU B 544 -34.73 25.18 -13.79
N PRO B 545 -33.51 24.67 -13.95
CA PRO B 545 -32.85 24.08 -12.80
C PRO B 545 -32.76 25.06 -11.63
N TYR B 546 -33.04 24.56 -10.43
CA TYR B 546 -33.07 25.35 -9.20
C TYR B 546 -31.70 25.30 -8.56
N LEU B 547 -31.15 26.46 -8.23
CA LEU B 547 -29.80 26.53 -7.67
C LEU B 547 -29.81 26.68 -6.17
N LEU B 548 -29.25 25.70 -5.47
CA LEU B 548 -29.00 25.81 -4.03
C LEU B 548 -27.52 25.89 -3.70
N THR B 549 -27.14 26.77 -2.79
CA THR B 549 -25.75 26.86 -2.41
C THR B 549 -25.58 26.46 -0.95
N LEU B 550 -24.71 25.50 -0.69
CA LEU B 550 -24.47 25.06 0.66
C LEU B 550 -23.05 25.32 1.05
N PRO B 551 -22.82 25.67 2.32
CA PRO B 551 -21.48 25.83 2.86
C PRO B 551 -20.86 24.48 3.14
N GLY B 552 -19.62 24.45 3.59
CA GLY B 552 -19.00 23.19 3.93
C GLY B 552 -19.81 22.39 4.92
N HIS B 553 -20.11 21.16 4.53
CA HIS B 553 -20.87 20.22 5.33
C HIS B 553 -22.22 20.72 5.74
N GLY B 554 -22.82 21.54 4.89
CA GLY B 554 -24.11 22.09 5.18
C GLY B 554 -25.22 21.19 4.71
N PHE B 555 -26.44 21.58 5.08
CA PHE B 555 -27.64 20.93 4.67
C PHE B 555 -28.84 21.88 4.79
N TYR B 556 -29.89 21.67 4.00
CA TYR B 556 -31.14 22.38 4.22
C TYR B 556 -32.29 21.40 4.20
N TRP B 557 -33.32 21.70 4.97
CA TRP B 557 -34.60 21.01 4.83
C TRP B 557 -35.60 21.98 4.32
N PHE B 558 -36.31 21.61 3.26
CA PHE B 558 -37.39 22.45 2.76
C PHE B 558 -38.69 21.71 2.77
N VAL B 559 -39.74 22.37 3.19
CA VAL B 559 -41.09 21.89 2.98
C VAL B 559 -41.50 22.39 1.61
N LEU B 560 -42.28 21.62 0.88
CA LEU B 560 -42.82 22.05 -0.39
C LEU B 560 -44.33 22.20 -0.24
N PRO C 17 55.59 -15.70 -13.90
CA PRO C 17 55.03 -14.43 -13.43
C PRO C 17 55.57 -13.27 -14.28
N ARG C 18 55.71 -12.06 -13.71
CA ARG C 18 56.43 -10.96 -14.40
C ARG C 18 56.01 -10.59 -15.86
N ASP C 19 54.84 -10.02 -16.15
CA ASP C 19 54.54 -9.75 -17.58
C ASP C 19 53.75 -8.48 -17.90
N PRO C 20 54.43 -7.33 -17.98
CA PRO C 20 53.83 -6.00 -18.15
C PRO C 20 53.14 -5.76 -19.49
N TYR C 21 53.50 -6.50 -20.53
CA TYR C 21 52.91 -6.20 -21.83
C TYR C 21 52.14 -7.40 -22.39
N TRP C 22 51.42 -8.08 -21.51
CA TRP C 22 50.64 -9.28 -21.81
C TRP C 22 49.56 -9.04 -22.86
N TYR C 23 49.03 -7.83 -22.87
CA TYR C 23 47.95 -7.46 -23.78
C TYR C 23 48.37 -7.52 -25.23
N LYS C 24 49.66 -7.60 -25.47
CA LYS C 24 50.15 -7.62 -26.84
C LYS C 24 49.90 -8.96 -27.49
N HIS C 25 49.87 -10.03 -26.71
CA HIS C 25 49.63 -11.35 -27.26
C HIS C 25 48.31 -11.93 -26.77
N ALA C 26 47.42 -11.06 -26.35
CA ALA C 26 46.12 -11.45 -25.82
C ALA C 26 45.07 -11.46 -26.90
N VAL C 27 44.11 -12.38 -26.77
CA VAL C 27 42.88 -12.31 -27.56
C VAL C 27 41.74 -11.96 -26.59
N PHE C 28 41.05 -10.86 -26.83
CA PHE C 28 40.00 -10.40 -25.92
C PHE C 28 38.64 -10.91 -26.32
N TYR C 29 37.75 -11.04 -25.34
CA TYR C 29 36.38 -11.51 -25.55
C TYR C 29 35.43 -10.53 -24.90
N GLU C 30 34.71 -9.73 -25.70
CA GLU C 30 33.78 -8.76 -25.15
C GLU C 30 32.43 -9.38 -24.82
N VAL C 31 31.98 -9.22 -23.58
CA VAL C 31 30.75 -9.88 -23.15
C VAL C 31 29.78 -8.95 -22.43
N LEU C 32 28.51 -9.02 -22.79
CA LEU C 32 27.49 -8.33 -22.05
C LEU C 32 27.02 -9.25 -20.96
N VAL C 33 27.37 -8.91 -19.72
CA VAL C 33 26.94 -9.68 -18.57
C VAL C 33 25.43 -9.86 -18.60
N ARG C 34 24.71 -8.79 -18.92
CA ARG C 34 23.26 -8.85 -18.97
C ARG C 34 22.76 -9.97 -19.87
N GLY C 35 23.55 -10.32 -20.88
CA GLY C 35 23.09 -11.26 -21.88
C GLY C 35 23.85 -12.55 -22.03
N PHE C 36 24.72 -12.87 -21.08
CA PHE C 36 25.54 -14.05 -21.23
C PHE C 36 24.96 -15.27 -20.54
N SER C 37 24.68 -15.19 -19.24
CA SER C 37 24.06 -16.33 -18.55
C SER C 37 23.26 -15.95 -17.30
N ASP C 38 22.08 -16.55 -17.16
CA ASP C 38 21.18 -16.22 -16.05
C ASP C 38 21.11 -17.36 -15.04
N SER C 39 21.64 -17.15 -13.83
CA SER C 39 21.60 -18.20 -12.80
C SER C 39 20.42 -18.05 -11.83
N ASN C 40 20.15 -16.83 -11.42
CA ASN C 40 19.02 -16.52 -10.56
C ASN C 40 17.67 -16.88 -11.22
N ASP C 41 17.68 -17.04 -12.54
CA ASP C 41 16.47 -17.32 -13.35
C ASP C 41 15.43 -16.21 -13.33
N ASP C 42 15.87 -14.96 -13.25
CA ASP C 42 14.95 -13.84 -13.25
C ASP C 42 14.86 -13.16 -14.61
N GLY C 43 15.55 -13.70 -15.60
CA GLY C 43 15.48 -13.14 -16.93
C GLY C 43 16.60 -12.17 -17.24
N THR C 44 17.48 -11.93 -16.26
CA THR C 44 18.64 -11.10 -16.54
C THR C 44 19.94 -11.77 -16.14
N GLY C 45 20.88 -11.76 -17.07
CA GLY C 45 22.20 -12.34 -16.86
C GLY C 45 22.99 -11.59 -15.82
N ASP C 46 23.84 -12.33 -15.15
CA ASP C 46 24.53 -11.86 -13.96
C ASP C 46 25.94 -12.43 -13.83
N LEU C 47 26.73 -11.83 -12.95
CA LEU C 47 28.10 -12.26 -12.74
C LEU C 47 28.18 -13.70 -12.32
N ARG C 48 27.18 -14.17 -11.59
CA ARG C 48 27.20 -15.56 -11.17
C ARG C 48 27.21 -16.48 -12.39
N GLY C 49 26.37 -16.15 -13.36
CA GLY C 49 26.30 -16.87 -14.62
C GLY C 49 27.58 -16.91 -15.41
N LEU C 50 28.23 -15.75 -15.52
CA LEU C 50 29.50 -15.65 -16.21
C LEU C 50 30.54 -16.58 -15.60
N ILE C 51 30.59 -16.61 -14.27
CA ILE C 51 31.50 -17.49 -13.56
C ILE C 51 31.24 -18.94 -13.96
N ASN C 52 29.97 -19.29 -14.07
CA ASN C 52 29.60 -20.63 -14.45
C ASN C 52 30.00 -20.99 -15.87
N ARG C 53 30.23 -19.97 -16.69
CA ARG C 53 30.57 -20.22 -18.07
C ARG C 53 32.06 -20.05 -18.34
N LEU C 54 32.83 -19.78 -17.30
CA LEU C 54 34.26 -19.60 -17.45
C LEU C 54 34.93 -20.84 -18.02
N ASP C 55 34.34 -22.01 -17.81
CA ASP C 55 34.92 -23.22 -18.36
C ASP C 55 34.80 -23.22 -19.88
N TYR C 56 33.78 -22.55 -20.39
CA TYR C 56 33.64 -22.45 -21.83
C TYR C 56 34.68 -21.50 -22.39
N LEU C 57 34.83 -20.34 -21.78
CA LEU C 57 35.78 -19.36 -22.27
C LEU C 57 37.19 -19.91 -22.26
N GLN C 58 37.49 -20.77 -21.32
CA GLN C 58 38.77 -21.42 -21.27
C GLN C 58 38.89 -22.39 -22.44
N TRP C 59 37.80 -23.09 -22.72
CA TRP C 59 37.75 -24.06 -23.78
C TRP C 59 37.93 -23.43 -25.16
N LEU C 60 37.37 -22.25 -25.31
CA LEU C 60 37.42 -21.48 -26.53
C LEU C 60 38.83 -20.96 -26.77
N GLY C 61 39.49 -20.52 -25.70
CA GLY C 61 40.88 -20.15 -25.75
C GLY C 61 41.22 -18.68 -25.59
N ILE C 62 40.27 -17.86 -25.22
CA ILE C 62 40.52 -16.43 -25.14
C ILE C 62 41.33 -16.11 -23.90
N ASP C 63 41.98 -14.95 -23.89
CA ASP C 63 42.97 -14.61 -22.85
C ASP C 63 42.48 -13.59 -21.84
N CYS C 64 41.50 -12.80 -22.22
CA CYS C 64 41.00 -11.73 -21.39
C CYS C 64 39.53 -11.48 -21.64
N ILE C 65 38.75 -11.44 -20.58
CA ILE C 65 37.37 -11.07 -20.68
C ILE C 65 37.26 -9.57 -20.62
N TRP C 66 36.53 -8.97 -21.54
CA TRP C 66 36.29 -7.54 -21.51
C TRP C 66 34.83 -7.38 -21.18
N LEU C 67 34.53 -6.82 -20.01
CA LEU C 67 33.16 -6.66 -19.57
C LEU C 67 32.62 -5.34 -20.02
N LEU C 68 31.43 -5.37 -20.61
CA LEU C 68 30.66 -4.16 -20.86
C LEU C 68 30.22 -3.61 -19.50
N PRO C 69 29.89 -2.30 -19.44
CA PRO C 69 29.55 -1.64 -18.19
C PRO C 69 28.56 -2.40 -17.29
N ILE C 70 28.89 -2.56 -16.01
CA ILE C 70 27.97 -3.21 -15.07
C ILE C 70 27.60 -2.32 -13.89
N TYR C 71 28.02 -1.06 -13.94
CA TYR C 71 27.83 -0.14 -12.84
C TYR C 71 26.37 0.23 -12.65
N GLN C 72 26.02 0.75 -11.47
CA GLN C 72 24.69 1.30 -11.22
C GLN C 72 24.39 2.35 -12.26
N SER C 73 23.18 2.32 -12.81
CA SER C 73 22.88 3.12 -13.97
C SER C 73 21.37 3.22 -14.20
N PRO C 74 20.92 4.38 -14.70
CA PRO C 74 19.53 4.52 -15.12
C PRO C 74 19.28 3.79 -16.43
N LEU C 75 20.36 3.31 -17.05
CA LEU C 75 20.32 2.58 -18.31
C LEU C 75 19.59 3.35 -19.39
N ARG C 76 19.88 4.64 -19.53
CA ARG C 76 19.19 5.40 -20.57
C ARG C 76 20.06 5.45 -21.81
N ASP C 77 21.29 4.95 -21.69
CA ASP C 77 22.24 4.95 -22.80
C ASP C 77 23.15 3.72 -22.70
N GLY C 78 22.53 2.54 -22.67
CA GLY C 78 23.29 1.30 -22.71
C GLY C 78 24.15 0.95 -21.51
N GLY C 79 23.98 1.66 -20.41
CA GLY C 79 24.80 1.42 -19.25
C GLY C 79 26.08 2.22 -19.35
N TYR C 80 26.17 3.05 -20.38
CA TYR C 80 27.29 3.96 -20.51
C TYR C 80 26.96 5.25 -19.78
N ASP C 81 25.78 5.30 -19.16
CA ASP C 81 25.38 6.44 -18.32
C ASP C 81 25.48 6.04 -16.85
N ILE C 82 26.65 6.28 -16.27
CA ILE C 82 26.98 5.79 -14.93
C ILE C 82 26.52 6.76 -13.86
N SER C 83 25.85 6.22 -12.87
CA SER C 83 25.31 7.02 -11.78
C SER C 83 26.07 6.75 -10.48
N ASP C 84 26.89 5.70 -10.48
CA ASP C 84 27.76 5.41 -9.35
C ASP C 84 28.89 4.49 -9.75
N TYR C 85 30.11 4.99 -9.72
CA TYR C 85 31.28 4.24 -10.16
C TYR C 85 31.70 3.05 -9.32
N THR C 86 31.18 2.93 -8.10
CA THR C 86 31.71 1.93 -7.18
C THR C 86 30.69 0.86 -6.81
N LYS C 87 29.52 0.93 -7.43
CA LYS C 87 28.45 -0.04 -7.23
C LYS C 87 28.10 -0.81 -8.51
N ILE C 88 27.93 -2.12 -8.37
CA ILE C 88 27.42 -2.94 -9.45
C ILE C 88 25.89 -2.97 -9.40
N LEU C 89 25.23 -2.66 -10.52
CA LEU C 89 23.78 -2.73 -10.61
C LEU C 89 23.32 -4.08 -10.09
N PRO C 90 22.44 -4.06 -9.09
CA PRO C 90 22.02 -5.21 -8.28
C PRO C 90 21.57 -6.36 -9.15
N GLU C 91 21.03 -5.99 -10.30
CA GLU C 91 20.62 -6.89 -11.36
C GLU C 91 21.70 -7.91 -11.73
N PHE C 92 22.97 -7.53 -11.58
CA PHE C 92 24.10 -8.34 -12.03
C PHE C 92 24.78 -9.15 -10.92
N GLY C 93 24.44 -8.88 -9.67
CA GLY C 93 25.10 -9.52 -8.55
C GLY C 93 25.73 -8.47 -7.65
N ASP C 94 26.71 -8.86 -6.85
CA ASP C 94 27.39 -7.94 -5.94
C ASP C 94 28.91 -7.94 -6.11
N LEU C 95 29.60 -7.08 -5.37
CA LEU C 95 31.04 -6.93 -5.51
C LEU C 95 31.78 -8.21 -5.11
N GLY C 96 31.13 -9.07 -4.35
CA GLY C 96 31.75 -10.33 -3.98
C GLY C 96 31.79 -11.22 -5.20
N ASP C 97 30.71 -11.17 -5.97
CA ASP C 97 30.61 -11.86 -7.24
C ASP C 97 31.68 -11.38 -8.20
N PHE C 98 31.88 -10.07 -8.24
CA PHE C 98 32.91 -9.51 -9.11
C PHE C 98 34.29 -10.01 -8.72
N VAL C 99 34.56 -10.04 -7.41
CA VAL C 99 35.85 -10.52 -6.91
C VAL C 99 36.03 -12.02 -7.15
N GLU C 100 34.96 -12.79 -6.97
CA GLU C 100 35.05 -14.21 -7.24
C GLU C 100 35.27 -14.42 -8.73
N LEU C 101 34.68 -13.56 -9.55
CA LEU C 101 34.85 -13.66 -10.99
C LEU C 101 36.29 -13.47 -11.42
N VAL C 102 36.91 -12.40 -10.95
CA VAL C 102 38.29 -12.11 -11.33
C VAL C 102 39.23 -13.22 -10.88
N ASP C 103 38.98 -13.75 -9.70
CA ASP C 103 39.84 -14.78 -9.13
C ASP C 103 39.70 -16.07 -9.90
N GLU C 104 38.47 -16.44 -10.22
CA GLU C 104 38.25 -17.66 -10.97
C GLU C 104 38.71 -17.53 -12.41
N ALA C 105 38.71 -16.30 -12.93
CA ALA C 105 39.25 -16.06 -14.26
C ALA C 105 40.77 -16.25 -14.29
N HIS C 106 41.44 -15.62 -13.32
CA HIS C 106 42.89 -15.68 -13.16
C HIS C 106 43.39 -17.11 -13.00
N ARG C 107 42.65 -17.91 -12.23
CA ARG C 107 42.97 -19.33 -12.05
C ARG C 107 43.05 -20.07 -13.37
N ARG C 108 42.35 -19.57 -14.36
CA ARG C 108 42.23 -20.23 -15.66
C ARG C 108 43.08 -19.59 -16.74
N GLY C 109 43.87 -18.61 -16.35
CA GLY C 109 44.77 -17.96 -17.29
C GLY C 109 44.03 -16.87 -18.03
N ILE C 110 42.90 -16.46 -17.47
CA ILE C 110 42.08 -15.45 -18.11
C ILE C 110 42.14 -14.18 -17.28
N ARG C 111 42.40 -13.05 -17.92
CA ARG C 111 42.40 -11.77 -17.23
C ARG C 111 41.04 -11.09 -17.41
N VAL C 112 40.81 -9.97 -16.74
CA VAL C 112 39.53 -9.28 -16.85
C VAL C 112 39.68 -7.76 -16.93
N ILE C 113 39.06 -7.13 -17.92
CA ILE C 113 39.05 -5.68 -17.95
C ILE C 113 37.61 -5.22 -18.08
N ALA C 114 37.38 -3.92 -17.94
CA ALA C 114 36.03 -3.39 -18.08
C ALA C 114 35.99 -2.04 -18.81
N ASP C 115 34.88 -1.74 -19.46
CA ASP C 115 34.66 -0.39 -19.95
C ASP C 115 34.49 0.51 -18.73
N LEU C 116 34.96 1.73 -18.81
CA LEU C 116 34.66 2.69 -17.76
C LEU C 116 34.62 4.09 -18.38
N VAL C 117 33.50 4.77 -18.22
CA VAL C 117 33.31 6.09 -18.83
C VAL C 117 33.90 7.19 -17.97
N MET C 118 34.98 7.80 -18.47
CA MET C 118 35.76 8.81 -17.78
C MET C 118 35.22 10.23 -17.92
N ASN C 119 34.57 10.50 -19.03
CA ASN C 119 34.26 11.88 -19.40
C ASN C 119 33.10 12.49 -18.67
N HIS C 120 32.05 11.71 -18.51
CA HIS C 120 30.77 12.20 -18.01
C HIS C 120 30.15 11.19 -17.11
N THR C 121 29.14 11.60 -16.35
CA THR C 121 28.39 10.70 -15.50
C THR C 121 26.91 10.86 -15.81
N SER C 122 26.07 10.00 -15.24
CA SER C 122 24.63 10.21 -15.39
C SER C 122 24.27 11.51 -14.71
N ASP C 123 23.16 12.13 -15.11
CA ASP C 123 22.71 13.29 -14.36
C ASP C 123 22.16 12.81 -13.04
N GLN C 124 21.88 11.52 -12.96
CA GLN C 124 21.29 10.91 -11.76
C GLN C 124 22.37 10.46 -10.80
N HIS C 125 23.61 10.75 -11.15
CA HIS C 125 24.75 10.50 -10.27
C HIS C 125 24.72 11.51 -9.12
N PRO C 126 24.85 11.03 -7.87
CA PRO C 126 24.88 11.91 -6.69
C PRO C 126 25.81 13.14 -6.77
N TRP C 127 27.00 13.02 -7.39
CA TRP C 127 27.86 14.19 -7.60
C TRP C 127 27.15 15.30 -8.34
N PHE C 128 26.31 14.94 -9.31
CA PHE C 128 25.59 15.92 -10.08
C PHE C 128 24.51 16.55 -9.19
N GLN C 129 23.71 15.67 -8.59
CA GLN C 129 22.63 16.07 -7.69
C GLN C 129 23.11 17.00 -6.60
N ALA C 130 24.36 16.86 -6.21
CA ALA C 130 24.91 17.74 -5.21
C ALA C 130 25.47 18.96 -5.87
N SER C 131 25.76 18.87 -7.16
CA SER C 131 26.28 20.03 -7.83
C SER C 131 25.14 20.88 -8.34
N ARG C 132 23.90 20.49 -8.06
CA ARG C 132 22.78 21.33 -8.46
C ARG C 132 22.10 21.87 -7.22
N THR C 133 22.21 21.11 -6.14
CA THR C 133 21.66 21.53 -4.86
C THR C 133 22.60 22.46 -4.11
N ASP C 134 23.90 22.21 -4.22
CA ASP C 134 24.89 22.94 -3.44
C ASP C 134 25.98 23.50 -4.35
N PRO C 135 25.67 24.57 -5.11
CA PRO C 135 26.64 25.15 -6.04
C PRO C 135 27.91 25.62 -5.38
N ASP C 136 27.79 25.94 -4.10
CA ASP C 136 28.94 26.41 -3.35
C ASP C 136 29.68 25.30 -2.63
N GLY C 137 29.01 24.17 -2.40
CA GLY C 137 29.65 23.11 -1.64
C GLY C 137 30.64 22.30 -2.47
N PRO C 138 31.02 21.12 -1.98
CA PRO C 138 32.27 20.51 -2.40
C PRO C 138 32.21 19.99 -3.82
N TYR C 139 31.00 19.80 -4.32
CA TYR C 139 30.81 19.26 -5.66
C TYR C 139 30.45 20.32 -6.70
N GLY C 140 30.24 21.55 -6.24
CA GLY C 140 29.85 22.64 -7.10
C GLY C 140 30.62 22.77 -8.40
N ASP C 141 31.91 22.44 -8.37
CA ASP C 141 32.72 22.50 -9.57
C ASP C 141 33.20 21.11 -10.04
N PHE C 142 32.33 20.12 -9.92
CA PHE C 142 32.63 18.82 -10.49
C PHE C 142 32.19 18.78 -11.95
N TYR C 143 31.26 19.68 -12.30
CA TYR C 143 30.78 19.77 -13.66
C TYR C 143 31.01 21.17 -14.21
N MET C 144 30.95 21.31 -15.53
CA MET C 144 31.26 22.58 -16.14
C MET C 144 30.02 23.43 -16.25
N TRP C 145 29.93 24.45 -15.42
CA TRP C 145 28.76 25.32 -15.42
C TRP C 145 29.14 26.69 -15.96
N SER C 146 28.15 27.40 -16.50
CA SER C 146 28.32 28.74 -17.06
C SER C 146 26.96 29.43 -17.08
N ASP C 147 26.96 30.75 -17.05
CA ASP C 147 25.70 31.49 -17.06
C ASP C 147 25.15 31.58 -18.49
N THR C 148 26.02 31.44 -19.48
CA THR C 148 25.66 31.52 -20.89
C THR C 148 25.83 30.20 -21.67
N ASP C 149 25.18 30.09 -22.82
CA ASP C 149 25.40 28.97 -23.74
C ASP C 149 26.42 29.38 -24.78
N ASP C 150 27.10 30.50 -24.55
CA ASP C 150 28.03 31.04 -25.55
C ASP C 150 29.43 30.65 -25.23
N LYS C 151 29.74 29.37 -25.34
CA LYS C 151 31.07 28.95 -24.95
C LYS C 151 31.49 27.64 -25.60
N TYR C 152 32.79 27.52 -25.85
CA TYR C 152 33.36 26.41 -26.59
C TYR C 152 32.58 26.24 -27.88
N PRO C 153 32.44 27.30 -28.67
CA PRO C 153 31.52 27.24 -29.80
C PRO C 153 32.03 26.44 -30.98
N ASP C 154 33.23 25.89 -30.90
CA ASP C 154 33.79 25.21 -32.04
C ASP C 154 33.69 23.70 -31.92
N ALA C 155 33.06 23.26 -30.85
CA ALA C 155 32.82 21.84 -30.67
C ALA C 155 31.56 21.41 -31.38
N ARG C 156 31.71 20.49 -32.32
CA ARG C 156 30.58 19.87 -33.01
C ARG C 156 29.65 19.23 -32.00
N ILE C 157 28.38 19.11 -32.35
CA ILE C 157 27.48 18.33 -31.53
C ILE C 157 27.52 16.89 -32.01
N ILE C 158 27.88 15.96 -31.14
CA ILE C 158 28.03 14.58 -31.56
C ILE C 158 26.70 13.97 -31.97
N PHE C 159 25.71 14.01 -31.09
CA PHE C 159 24.42 13.46 -31.44
C PHE C 159 23.57 14.57 -32.01
N VAL C 160 24.02 15.05 -33.17
CA VAL C 160 23.48 16.23 -33.81
C VAL C 160 21.99 16.14 -34.11
N ASP C 161 21.47 14.92 -34.11
CA ASP C 161 20.09 14.66 -34.50
C ASP C 161 19.13 14.72 -33.32
N THR C 162 19.68 14.63 -32.13
CA THR C 162 18.91 14.58 -30.91
C THR C 162 19.16 15.81 -30.02
N GLU C 163 20.36 16.37 -30.12
CA GLU C 163 20.78 17.45 -29.23
C GLU C 163 20.97 18.76 -30.00
N VAL C 164 20.28 19.81 -29.55
CA VAL C 164 20.38 21.09 -30.23
C VAL C 164 21.58 21.92 -29.80
N SER C 165 22.01 21.76 -28.56
CA SER C 165 23.19 22.48 -28.08
C SER C 165 24.09 21.56 -27.23
N ASN C 166 25.33 21.98 -26.98
CA ASN C 166 26.19 21.24 -26.07
C ASN C 166 26.09 21.81 -24.68
N TRP C 167 25.22 22.80 -24.53
CA TRP C 167 24.93 23.38 -23.25
C TRP C 167 23.47 23.18 -22.99
N THR C 168 23.11 22.82 -21.76
CA THR C 168 21.71 22.66 -21.43
C THR C 168 21.46 23.31 -20.09
N TYR C 169 20.28 23.92 -19.93
CA TYR C 169 20.04 24.76 -18.77
C TYR C 169 19.30 23.96 -17.72
N ASP C 170 19.81 24.04 -16.51
CA ASP C 170 19.28 23.34 -15.35
C ASP C 170 18.42 24.26 -14.49
N PRO C 171 17.16 23.88 -14.27
CA PRO C 171 16.19 24.66 -13.48
C PRO C 171 16.58 24.80 -12.01
N VAL C 172 17.14 23.77 -11.40
CA VAL C 172 17.51 23.83 -10.00
C VAL C 172 18.73 24.68 -9.71
N ARG C 173 19.72 24.66 -10.59
CA ARG C 173 20.93 25.43 -10.35
C ARG C 173 20.82 26.78 -11.00
N GLY C 174 20.17 26.83 -12.15
CA GLY C 174 20.02 28.09 -12.84
C GLY C 174 21.19 28.40 -13.72
N GLN C 175 21.87 27.36 -14.19
CA GLN C 175 22.94 27.56 -15.14
C GLN C 175 22.95 26.45 -16.15
N TYR C 176 23.69 26.69 -17.23
CA TYR C 176 23.91 25.71 -18.29
C TYR C 176 25.03 24.79 -17.86
N TYR C 177 24.93 23.51 -18.17
CA TYR C 177 26.10 22.66 -18.03
C TYR C 177 26.48 22.11 -19.38
N TRP C 178 27.64 21.51 -19.42
CA TRP C 178 28.27 21.05 -20.65
C TRP C 178 28.03 19.55 -20.79
N HIS C 179 27.73 19.14 -22.02
CA HIS C 179 27.60 17.74 -22.32
C HIS C 179 27.92 17.54 -23.78
N ARG C 180 28.91 16.70 -24.05
CA ARG C 180 29.28 16.40 -25.42
C ARG C 180 28.42 15.25 -25.88
N PHE C 181 27.85 14.55 -24.91
CA PHE C 181 26.95 13.45 -25.19
C PHE C 181 25.50 13.87 -24.94
N PHE C 182 24.67 13.00 -24.38
CA PHE C 182 23.26 13.34 -24.19
C PHE C 182 23.01 14.26 -23.01
N SER C 183 21.86 14.93 -23.02
CA SER C 183 21.52 15.90 -21.98
C SER C 183 21.57 15.32 -20.59
N HIS C 184 21.51 13.99 -20.48
CA HIS C 184 21.46 13.39 -19.16
C HIS C 184 22.80 12.83 -18.78
N GLN C 185 23.81 13.16 -19.59
CA GLN C 185 25.21 12.79 -19.34
C GLN C 185 26.13 14.01 -19.28
N PRO C 186 26.06 14.77 -18.19
CA PRO C 186 26.86 15.99 -18.03
C PRO C 186 28.35 15.70 -17.85
N ASP C 187 29.19 16.51 -18.48
CA ASP C 187 30.64 16.36 -18.41
C ASP C 187 31.22 16.67 -17.05
N LEU C 188 32.37 16.06 -16.77
CA LEU C 188 33.07 16.34 -15.52
C LEU C 188 34.12 17.40 -15.77
N ASN C 189 34.22 18.34 -14.86
CA ASN C 189 35.20 19.41 -15.01
C ASN C 189 36.56 18.89 -14.68
N TYR C 190 37.36 18.64 -15.70
CA TYR C 190 38.65 18.06 -15.44
C TYR C 190 39.66 19.16 -15.15
N ASP C 191 39.20 20.40 -15.14
CA ASP C 191 40.04 21.50 -14.68
C ASP C 191 40.06 21.53 -13.15
N ASN C 192 39.06 20.91 -12.54
CA ASN C 192 39.00 20.77 -11.09
C ASN C 192 39.86 19.60 -10.60
N PRO C 193 40.87 19.88 -9.78
CA PRO C 193 41.76 18.85 -9.24
C PRO C 193 41.04 17.82 -8.38
N ALA C 194 39.90 18.18 -7.83
CA ALA C 194 39.17 17.28 -6.95
C ALA C 194 38.53 16.18 -7.78
N VAL C 195 38.24 16.53 -9.03
CA VAL C 195 37.72 15.63 -10.03
C VAL C 195 38.77 14.64 -10.51
N GLN C 196 39.97 15.13 -10.76
CA GLN C 196 41.07 14.27 -11.16
C GLN C 196 41.40 13.20 -10.13
N GLU C 197 41.25 13.54 -8.85
CA GLU C 197 41.58 12.60 -7.79
C GLU C 197 40.41 11.72 -7.50
N ALA C 198 39.22 12.23 -7.71
CA ALA C 198 38.04 11.42 -7.51
C ALA C 198 38.02 10.31 -8.55
N MET C 199 38.45 10.62 -9.76
CA MET C 199 38.47 9.62 -10.81
C MET C 199 39.57 8.61 -10.65
N LEU C 200 40.73 9.06 -10.19
CA LEU C 200 41.83 8.15 -9.91
C LEU C 200 41.42 7.26 -8.76
N GLU C 201 40.60 7.82 -7.89
CA GLU C 201 40.09 7.11 -6.73
C GLU C 201 39.24 5.98 -7.28
N VAL C 202 38.40 6.32 -8.26
CA VAL C 202 37.55 5.33 -8.91
C VAL C 202 38.38 4.23 -9.58
N LEU C 203 39.43 4.60 -10.29
CA LEU C 203 40.29 3.60 -10.92
C LEU C 203 40.89 2.64 -9.92
N ARG C 204 41.40 3.17 -8.81
CA ARG C 204 42.05 2.35 -7.80
C ARG C 204 41.09 1.37 -7.16
N PHE C 205 39.85 1.81 -6.96
CA PHE C 205 38.84 0.97 -6.33
C PHE C 205 38.75 -0.37 -7.01
N TRP C 206 38.64 -0.35 -8.33
CA TRP C 206 38.51 -1.56 -9.11
C TRP C 206 39.84 -2.30 -9.26
N LEU C 207 40.92 -1.56 -9.42
CA LEU C 207 42.24 -2.21 -9.50
C LEU C 207 42.54 -2.96 -8.21
N ASP C 208 42.06 -2.47 -7.08
CA ASP C 208 42.26 -3.15 -5.81
C ASP C 208 41.48 -4.44 -5.72
N LEU C 209 40.38 -4.52 -6.45
CA LEU C 209 39.60 -5.74 -6.49
C LEU C 209 40.24 -6.75 -7.42
N GLY C 210 41.23 -6.32 -8.18
CA GLY C 210 41.96 -7.26 -8.98
C GLY C 210 41.74 -7.15 -10.47
N ILE C 211 40.99 -6.15 -10.89
CA ILE C 211 40.73 -5.97 -12.30
C ILE C 211 42.04 -5.70 -13.02
N ASP C 212 42.17 -6.21 -14.24
CA ASP C 212 43.44 -6.14 -14.91
C ASP C 212 43.57 -4.90 -15.75
N GLY C 213 42.53 -4.09 -15.80
CA GLY C 213 42.63 -2.83 -16.51
C GLY C 213 41.30 -2.27 -16.94
N PHE C 214 41.34 -1.23 -17.76
CA PHE C 214 40.13 -0.60 -18.22
C PHE C 214 40.23 -0.23 -19.67
N ARG C 215 39.09 -0.10 -20.32
CA ARG C 215 39.05 0.67 -21.54
C ARG C 215 38.47 2.01 -21.16
N LEU C 216 39.31 3.03 -21.13
CA LEU C 216 38.84 4.34 -20.74
C LEU C 216 38.01 4.96 -21.85
N ASP C 217 36.73 5.13 -21.57
CA ASP C 217 35.78 5.55 -22.58
C ASP C 217 35.62 7.05 -22.69
N ALA C 218 35.51 7.54 -23.92
CA ALA C 218 35.21 8.94 -24.25
C ALA C 218 36.26 9.96 -23.77
N VAL C 219 37.51 9.53 -23.66
CA VAL C 219 38.60 10.41 -23.24
C VAL C 219 39.00 11.52 -24.22
N PRO C 220 38.59 11.46 -25.50
CA PRO C 220 38.98 12.65 -26.28
C PRO C 220 38.39 13.96 -25.79
N TYR C 221 37.38 13.88 -24.95
CA TYR C 221 36.57 15.02 -24.58
C TYR C 221 36.73 15.45 -23.13
N LEU C 222 37.81 15.02 -22.49
CA LEU C 222 38.03 15.34 -21.09
C LEU C 222 38.12 16.83 -20.87
N TYR C 223 38.99 17.49 -21.63
CA TYR C 223 39.17 18.92 -21.45
C TYR C 223 38.55 19.76 -22.55
N ALA C 224 38.16 20.97 -22.20
CA ALA C 224 37.67 21.94 -23.16
C ALA C 224 38.44 23.25 -23.02
N ARG C 225 38.84 23.83 -24.14
CA ARG C 225 39.51 25.11 -24.12
C ARG C 225 38.90 25.98 -25.18
N GLU C 226 38.85 27.27 -24.91
CA GLU C 226 38.29 28.22 -25.85
C GLU C 226 39.31 28.28 -27.00
N GLY C 227 38.87 28.28 -28.25
CA GLY C 227 39.82 28.44 -29.33
C GLY C 227 40.06 27.11 -30.00
N THR C 228 39.61 26.05 -29.34
CA THR C 228 39.86 24.71 -29.80
C THR C 228 38.52 24.07 -30.07
N ASN C 229 38.52 22.87 -30.63
CA ASN C 229 37.25 22.23 -30.94
C ASN C 229 36.91 21.31 -29.79
N CYS C 230 37.90 21.08 -28.93
CA CYS C 230 37.72 20.46 -27.61
C CYS C 230 37.89 18.98 -27.70
N GLU C 231 38.72 18.54 -28.63
CA GLU C 231 39.05 17.15 -28.73
C GLU C 231 40.55 17.00 -28.76
N ASN C 232 41.03 15.89 -28.20
CA ASN C 232 42.43 15.50 -28.30
C ASN C 232 43.37 16.53 -27.75
N LEU C 233 42.90 17.36 -26.83
CA LEU C 233 43.68 18.46 -26.28
C LEU C 233 44.87 17.96 -25.48
N PRO C 234 45.99 18.70 -25.55
CA PRO C 234 47.21 18.32 -24.82
C PRO C 234 46.96 18.18 -23.33
N GLU C 235 45.99 18.93 -22.79
CA GLU C 235 45.65 18.78 -21.37
C GLU C 235 45.08 17.41 -21.11
N THR C 236 44.36 16.88 -22.09
CA THR C 236 43.80 15.55 -21.98
C THR C 236 44.93 14.55 -21.90
N HIS C 237 45.87 14.66 -22.84
CA HIS C 237 47.00 13.74 -22.89
C HIS C 237 47.87 13.77 -21.63
N ALA C 238 48.05 14.93 -21.03
CA ALA C 238 48.83 15.02 -19.82
C ALA C 238 48.18 14.26 -18.69
N TYR C 239 46.86 14.38 -18.60
CA TYR C 239 46.14 13.71 -17.52
C TYR C 239 46.30 12.20 -17.65
N LEU C 240 46.24 11.72 -18.88
CA LEU C 240 46.35 10.29 -19.12
C LEU C 240 47.77 9.80 -18.77
N LYS C 241 48.78 10.57 -19.15
CA LYS C 241 50.17 10.23 -18.81
C LYS C 241 50.26 10.17 -17.31
N ARG C 242 49.56 11.07 -16.66
CA ARG C 242 49.49 11.05 -15.21
C ARG C 242 48.86 9.79 -14.70
N VAL C 243 47.80 9.35 -15.37
CA VAL C 243 47.09 8.16 -14.94
C VAL C 243 47.95 6.92 -15.05
N ARG C 244 48.68 6.77 -16.14
CA ARG C 244 49.46 5.57 -16.24
C ARG C 244 50.51 5.54 -15.15
N ALA C 245 51.10 6.69 -14.88
CA ALA C 245 52.18 6.76 -13.90
C ALA C 245 51.76 6.22 -12.55
N GLU C 246 50.58 6.62 -12.06
CA GLU C 246 50.11 6.16 -10.76
C GLU C 246 49.72 4.70 -10.82
N VAL C 247 49.09 4.31 -11.92
CA VAL C 247 48.69 2.94 -12.06
C VAL C 247 49.92 2.04 -12.09
N ASP C 248 50.91 2.42 -12.87
CA ASP C 248 52.16 1.67 -12.93
C ASP C 248 52.83 1.56 -11.57
N ARG C 249 52.73 2.64 -10.81
CA ARG C 249 53.31 2.75 -9.47
C ARG C 249 52.67 1.79 -8.49
N LEU C 250 51.35 1.79 -8.43
CA LEU C 250 50.65 1.04 -7.38
C LEU C 250 50.25 -0.38 -7.79
N TYR C 251 50.18 -0.63 -9.08
CA TYR C 251 49.72 -1.93 -9.54
C TYR C 251 50.56 -2.54 -10.65
N PRO C 252 50.94 -3.81 -10.48
CA PRO C 252 51.71 -4.51 -11.53
C PRO C 252 50.84 -5.03 -12.68
N ASP C 253 51.35 -4.97 -13.90
CA ASP C 253 50.73 -5.62 -15.06
C ASP C 253 49.30 -5.21 -15.40
N ARG C 254 48.99 -3.92 -15.33
CA ARG C 254 47.64 -3.48 -15.69
C ARG C 254 47.61 -2.82 -17.06
N VAL C 255 46.43 -2.68 -17.63
CA VAL C 255 46.38 -2.13 -18.98
C VAL C 255 45.36 -1.01 -19.06
N LEU C 256 45.71 0.06 -19.76
CA LEU C 256 44.75 1.10 -20.05
C LEU C 256 44.48 1.12 -21.53
N LEU C 257 43.25 0.87 -21.93
CA LEU C 257 42.89 0.95 -23.34
C LEU C 257 42.12 2.23 -23.53
N ALA C 258 42.41 2.94 -24.62
CA ALA C 258 41.71 4.18 -24.94
C ALA C 258 40.64 3.93 -25.98
N GLU C 259 39.41 4.36 -25.68
CA GLU C 259 38.38 4.40 -26.70
C GLU C 259 38.35 5.76 -27.35
N ALA C 260 38.93 5.86 -28.54
CA ALA C 260 38.95 7.14 -29.23
C ALA C 260 38.39 6.98 -30.61
N ASN C 261 37.19 7.50 -30.81
CA ASN C 261 36.54 7.41 -32.09
C ASN C 261 37.19 8.36 -33.07
N GLN C 262 38.48 8.16 -33.32
CA GLN C 262 39.25 9.12 -34.09
C GLN C 262 40.11 8.43 -35.13
N TRP C 263 40.60 9.20 -36.10
CA TRP C 263 41.43 8.66 -37.16
C TRP C 263 42.76 8.20 -36.60
N PRO C 264 43.21 7.03 -37.02
CA PRO C 264 44.48 6.48 -36.53
C PRO C 264 45.68 7.29 -36.97
N ALA C 265 45.91 8.41 -36.31
CA ALA C 265 46.95 9.36 -36.67
C ALA C 265 46.78 10.44 -35.66
N ASP C 266 45.50 10.67 -35.37
CA ASP C 266 45.07 11.49 -34.26
C ASP C 266 45.07 10.61 -33.03
N VAL C 267 45.00 9.31 -33.25
CA VAL C 267 44.91 8.38 -32.13
C VAL C 267 46.26 8.12 -31.51
N VAL C 268 47.27 8.12 -32.38
CA VAL C 268 48.62 7.74 -32.01
C VAL C 268 49.19 8.54 -30.83
N GLU C 269 48.69 9.74 -30.58
CA GLU C 269 49.19 10.55 -29.48
C GLU C 269 48.79 10.00 -28.13
N TYR C 270 47.76 9.14 -28.09
CA TYR C 270 47.29 8.61 -26.83
C TYR C 270 48.22 7.53 -26.31
N PHE C 271 49.22 7.20 -27.11
CA PHE C 271 50.22 6.24 -26.69
C PHE C 271 51.36 6.91 -25.95
N GLY C 272 51.43 8.25 -26.06
CA GLY C 272 52.45 9.03 -25.39
C GLY C 272 53.74 9.26 -26.15
N ASP C 273 54.83 9.38 -25.41
CA ASP C 273 56.15 9.66 -25.95
C ASP C 273 56.83 8.37 -26.44
N PRO C 274 57.10 8.29 -27.76
CA PRO C 274 57.69 7.07 -28.33
C PRO C 274 59.06 6.78 -27.75
N ALA C 275 59.71 7.79 -27.20
CA ALA C 275 61.02 7.61 -26.60
C ALA C 275 60.95 6.66 -25.41
N THR C 276 59.83 6.69 -24.69
CA THR C 276 59.66 5.86 -23.50
C THR C 276 59.24 4.45 -23.83
N GLY C 277 58.89 4.22 -25.08
CA GLY C 277 58.29 2.95 -25.45
C GLY C 277 56.80 2.98 -25.19
N GLY C 278 56.34 4.08 -24.60
CA GLY C 278 54.95 4.27 -24.25
C GLY C 278 54.74 4.65 -22.79
N ASP C 279 54.17 5.83 -22.56
CA ASP C 279 53.94 6.32 -21.21
C ASP C 279 52.51 6.84 -21.02
N GLU C 280 51.61 6.46 -21.91
CA GLU C 280 50.22 6.88 -21.79
C GLU C 280 49.31 5.67 -21.84
N CYS C 281 48.49 5.56 -22.88
CA CYS C 281 47.64 4.37 -23.03
C CYS C 281 48.38 3.23 -23.68
N HIS C 282 48.15 2.02 -23.18
CA HIS C 282 48.80 0.85 -23.75
C HIS C 282 48.20 0.53 -25.11
N MET C 283 46.87 0.56 -25.20
CA MET C 283 46.17 0.20 -26.42
C MET C 283 45.17 1.26 -26.83
N ALA C 284 44.90 1.32 -28.11
CA ALA C 284 43.83 2.11 -28.65
C ALA C 284 43.32 1.33 -29.83
N PHE C 285 42.14 1.67 -30.32
CA PHE C 285 41.56 0.86 -31.36
C PHE C 285 41.72 1.46 -32.74
N HIS C 286 42.04 0.60 -33.68
CA HIS C 286 42.19 0.99 -35.06
C HIS C 286 40.89 0.78 -35.80
N PHE C 287 39.98 1.73 -35.65
CA PHE C 287 38.62 1.61 -36.14
C PHE C 287 38.47 1.46 -37.64
N PRO C 288 39.35 2.07 -38.43
CA PRO C 288 39.03 1.83 -39.84
C PRO C 288 39.36 0.44 -40.39
N VAL C 289 39.90 -0.49 -39.61
CA VAL C 289 40.29 -1.80 -40.14
C VAL C 289 39.12 -2.56 -40.78
N MET C 290 38.00 -2.68 -40.09
CA MET C 290 36.87 -3.42 -40.64
C MET C 290 36.25 -2.79 -41.88
N PRO C 291 35.99 -1.48 -41.87
CA PRO C 291 35.46 -0.89 -43.09
C PRO C 291 36.37 -1.10 -44.27
N ARG C 292 37.66 -1.14 -44.06
CA ARG C 292 38.54 -1.32 -45.19
C ARG C 292 38.49 -2.75 -45.71
N ILE C 293 38.44 -3.72 -44.81
CA ILE C 293 38.32 -5.10 -45.23
C ILE C 293 37.02 -5.28 -45.96
N PHE C 294 35.95 -4.69 -45.42
CA PHE C 294 34.65 -4.77 -46.05
C PHE C 294 34.68 -4.23 -47.46
N MET C 295 35.22 -3.04 -47.62
CA MET C 295 35.28 -2.42 -48.92
C MET C 295 36.19 -3.21 -49.83
N ALA C 296 37.27 -3.74 -49.27
CA ALA C 296 38.19 -4.54 -50.05
C ALA C 296 37.53 -5.80 -50.57
N VAL C 297 36.73 -6.47 -49.74
CA VAL C 297 36.06 -7.68 -50.21
C VAL C 297 35.04 -7.32 -51.28
N ARG C 298 34.38 -6.19 -51.11
CA ARG C 298 33.39 -5.75 -52.07
C ARG C 298 34.05 -5.39 -53.40
N ARG C 299 35.15 -4.64 -53.36
CA ARG C 299 35.84 -4.30 -54.60
C ARG C 299 36.73 -5.43 -55.10
N GLU C 300 36.87 -6.48 -54.31
CA GLU C 300 37.72 -7.61 -54.66
C GLU C 300 39.14 -7.18 -54.96
N GLN C 301 39.67 -6.25 -54.18
CA GLN C 301 41.05 -5.79 -54.37
C GLN C 301 41.71 -5.49 -53.01
N ARG C 302 43.00 -5.74 -52.93
CA ARG C 302 43.71 -5.61 -51.67
C ARG C 302 43.92 -4.19 -51.19
N TYR C 303 43.82 -3.25 -52.10
CA TYR C 303 44.25 -1.87 -51.84
C TYR C 303 43.66 -1.22 -50.59
N PRO C 304 42.33 -1.32 -50.38
CA PRO C 304 41.84 -0.65 -49.18
C PRO C 304 42.44 -1.16 -47.88
N ILE C 305 42.89 -2.39 -47.85
CA ILE C 305 43.55 -2.93 -46.67
C ILE C 305 45.02 -2.54 -46.68
N SER C 306 45.68 -2.66 -47.84
CA SER C 306 47.08 -2.28 -47.94
C SER C 306 47.31 -0.84 -47.50
N GLU C 307 46.40 0.03 -47.91
CA GLU C 307 46.62 1.44 -47.70
C GLU C 307 46.71 1.75 -46.21
N ILE C 308 45.75 1.31 -45.42
CA ILE C 308 45.84 1.59 -43.99
C ILE C 308 47.04 0.91 -43.37
N MET C 309 47.47 -0.22 -43.90
CA MET C 309 48.61 -0.88 -43.31
C MET C 309 49.85 -0.05 -43.52
N ALA C 310 49.89 0.65 -44.66
CA ALA C 310 51.05 1.45 -45.01
C ALA C 310 50.96 2.90 -44.57
N GLN C 311 49.76 3.42 -44.44
CA GLN C 311 49.66 4.84 -44.15
C GLN C 311 49.42 5.08 -42.67
N THR C 312 49.41 4.02 -41.90
CA THR C 312 49.29 4.12 -40.45
C THR C 312 50.66 4.30 -39.80
N PRO C 313 50.84 5.39 -39.04
CA PRO C 313 52.13 5.72 -38.42
C PRO C 313 52.58 4.67 -37.42
N LYS C 314 53.87 4.63 -37.16
CA LYS C 314 54.41 3.70 -36.17
C LYS C 314 54.02 4.15 -34.77
N ILE C 315 53.87 3.17 -33.88
CA ILE C 315 53.47 3.47 -32.52
C ILE C 315 54.58 2.97 -31.63
N PRO C 316 54.59 3.43 -30.36
CA PRO C 316 55.64 3.01 -29.45
C PRO C 316 55.77 1.50 -29.30
N GLU C 317 56.97 1.07 -28.95
CA GLU C 317 57.30 -0.35 -28.95
C GLU C 317 56.38 -1.20 -28.08
N ASN C 318 55.95 -0.65 -26.95
CA ASN C 318 55.19 -1.45 -26.01
C ASN C 318 53.69 -1.23 -26.10
N CYS C 319 53.27 -0.49 -27.11
CA CYS C 319 51.86 -0.22 -27.32
C CYS C 319 51.34 -1.11 -28.43
N GLN C 320 50.02 -1.24 -28.56
CA GLN C 320 49.47 -1.98 -29.67
C GLN C 320 48.09 -1.49 -30.12
N TRP C 321 47.83 -1.62 -31.41
CA TRP C 321 46.50 -1.37 -31.92
C TRP C 321 45.56 -2.48 -31.52
N GLY C 322 44.34 -2.09 -31.15
CA GLY C 322 43.27 -3.05 -30.92
C GLY C 322 42.45 -3.12 -32.18
N ILE C 323 42.08 -4.32 -32.59
CA ILE C 323 41.23 -4.46 -33.77
C ILE C 323 40.05 -5.33 -33.46
N PHE C 324 38.94 -5.04 -34.11
CA PHE C 324 37.72 -5.84 -34.01
C PHE C 324 36.93 -5.71 -35.31
N LEU C 325 36.05 -6.67 -35.58
CA LEU C 325 35.29 -6.66 -36.82
C LEU C 325 33.95 -5.99 -36.73
N ARG C 326 33.94 -4.69 -36.50
CA ARG C 326 32.71 -3.90 -36.48
C ARG C 326 32.95 -2.57 -37.14
N ASN C 327 31.89 -1.96 -37.63
CA ASN C 327 31.98 -0.73 -38.38
C ASN C 327 31.74 0.49 -37.56
N HIS C 328 31.25 0.31 -36.36
CA HIS C 328 30.87 1.45 -35.55
C HIS C 328 31.50 1.41 -34.19
N ASP C 329 31.67 2.57 -33.62
CA ASP C 329 31.97 2.66 -32.21
C ASP C 329 30.71 2.41 -31.36
N GLU C 330 30.86 1.82 -30.19
CA GLU C 330 29.68 1.45 -29.42
C GLU C 330 29.14 2.57 -28.54
N LEU C 331 29.93 3.58 -28.22
CA LEU C 331 29.40 4.70 -27.43
C LEU C 331 28.78 5.77 -28.33
N THR C 332 29.32 5.92 -29.52
CA THR C 332 28.82 6.90 -30.48
C THR C 332 28.62 6.11 -31.73
N LEU C 333 27.39 5.71 -32.01
CA LEU C 333 27.20 4.79 -33.11
C LEU C 333 27.62 5.35 -34.47
N GLU C 334 28.89 5.74 -34.54
CA GLU C 334 29.51 6.37 -35.71
C GLU C 334 30.66 5.55 -36.29
N MET C 335 30.80 5.57 -37.60
CA MET C 335 31.95 5.02 -38.26
C MET C 335 33.07 6.04 -38.25
N VAL C 336 34.25 5.60 -37.85
CA VAL C 336 35.38 6.48 -37.78
C VAL C 336 35.95 6.76 -39.17
N THR C 337 35.94 8.03 -39.58
CA THR C 337 36.50 8.40 -40.87
C THR C 337 37.05 9.83 -40.86
N ASP C 338 37.59 10.28 -41.99
CA ASP C 338 38.30 11.55 -42.06
C ASP C 338 38.38 12.05 -43.50
N GLU C 339 37.83 13.23 -43.76
CA GLU C 339 37.67 13.70 -45.13
C GLU C 339 38.95 14.03 -45.86
N GLU C 340 39.96 14.37 -45.09
CA GLU C 340 41.21 14.81 -45.65
C GLU C 340 42.22 13.68 -45.75
N ARG C 341 42.06 12.68 -44.91
CA ARG C 341 43.03 11.61 -44.82
C ARG C 341 42.53 10.23 -45.18
N ASP C 342 41.22 10.09 -45.40
CA ASP C 342 40.64 8.80 -45.76
C ASP C 342 40.37 8.66 -47.25
N TYR C 343 41.17 7.81 -47.90
CA TYR C 343 41.10 7.52 -49.32
C TYR C 343 39.73 7.03 -49.74
N MET C 344 38.99 6.48 -48.80
CA MET C 344 37.68 5.88 -49.06
C MET C 344 36.48 6.71 -48.61
N TYR C 345 36.71 7.89 -48.06
CA TYR C 345 35.66 8.70 -47.42
C TYR C 345 34.28 8.70 -48.07
N ALA C 346 34.25 8.97 -49.36
CA ALA C 346 32.99 9.14 -50.03
C ALA C 346 32.50 7.81 -50.58
N GLU C 347 33.36 6.80 -50.53
CA GLU C 347 33.08 5.53 -51.18
C GLU C 347 32.27 4.58 -50.31
N TYR C 348 32.36 4.74 -49.00
CA TYR C 348 31.58 3.91 -48.11
C TYR C 348 30.14 4.17 -48.46
N ALA C 349 29.88 5.39 -48.89
CA ALA C 349 28.54 5.79 -49.20
C ALA C 349 28.01 5.14 -50.48
N LYS C 350 28.85 4.90 -51.48
CA LYS C 350 28.32 4.30 -52.71
C LYS C 350 27.98 2.82 -52.57
N ASP C 351 27.99 2.30 -51.36
CA ASP C 351 27.91 0.84 -51.19
C ASP C 351 26.59 0.48 -50.51
N PRO C 352 25.66 -0.13 -51.24
CA PRO C 352 24.27 -0.11 -50.78
C PRO C 352 24.12 -0.80 -49.43
N ARG C 353 24.89 -1.85 -49.24
CA ARG C 353 24.86 -2.64 -48.02
C ARG C 353 25.46 -1.89 -46.84
N MET C 354 26.54 -1.17 -47.12
CA MET C 354 27.18 -0.34 -46.13
C MET C 354 26.26 0.79 -45.68
N LYS C 355 25.59 1.40 -46.66
CA LYS C 355 24.70 2.52 -46.40
C LYS C 355 23.43 2.15 -45.68
N ALA C 356 23.12 0.88 -45.63
CA ALA C 356 21.82 0.52 -45.11
C ALA C 356 21.91 0.47 -43.60
N ASN C 357 23.11 0.23 -43.10
CA ASN C 357 23.31 0.21 -41.67
C ASN C 357 23.69 1.60 -41.15
N ILE C 358 22.63 2.33 -40.79
CA ILE C 358 22.64 3.76 -40.46
C ILE C 358 23.84 4.17 -39.64
N GLY C 359 24.15 3.32 -38.69
CA GLY C 359 24.79 3.73 -37.46
C GLY C 359 24.22 2.70 -36.53
N ILE C 360 24.15 1.48 -37.07
CA ILE C 360 23.56 0.34 -36.40
C ILE C 360 24.65 -0.65 -36.11
N ARG C 361 24.74 -1.13 -34.89
CA ARG C 361 25.63 -2.23 -34.63
C ARG C 361 25.04 -3.52 -35.14
N ARG C 362 25.84 -4.23 -35.92
CA ARG C 362 25.45 -5.51 -36.44
C ARG C 362 26.50 -6.53 -36.10
N ARG C 363 26.08 -7.78 -35.94
CA ARG C 363 27.00 -8.84 -35.58
C ARG C 363 27.62 -9.32 -36.88
N LEU C 364 28.69 -10.11 -36.82
CA LEU C 364 29.47 -10.37 -38.03
C LEU C 364 28.73 -11.09 -39.14
N ALA C 365 28.02 -12.16 -38.80
CA ALA C 365 27.33 -12.95 -39.80
C ALA C 365 26.22 -12.17 -40.52
N PRO C 366 25.41 -11.39 -39.80
CA PRO C 366 24.50 -10.54 -40.53
C PRO C 366 25.21 -9.56 -41.44
N LEU C 367 26.34 -9.06 -40.97
CA LEU C 367 27.13 -8.12 -41.74
C LEU C 367 27.65 -8.72 -43.02
N LEU C 368 27.78 -10.05 -43.03
CA LEU C 368 28.30 -10.77 -44.18
C LEU C 368 27.27 -11.72 -44.79
N ASP C 369 26.00 -11.48 -44.51
CA ASP C 369 24.89 -12.32 -44.99
C ASP C 369 25.10 -13.81 -44.81
N ASN C 370 25.69 -14.16 -43.67
CA ASN C 370 25.91 -15.55 -43.25
C ASN C 370 26.73 -16.37 -44.22
N ASP C 371 27.64 -15.73 -44.94
CA ASP C 371 28.47 -16.43 -45.88
C ASP C 371 29.62 -17.06 -45.08
N ARG C 372 29.58 -18.38 -44.97
CA ARG C 372 30.53 -19.07 -44.14
C ARG C 372 31.97 -18.79 -44.59
N ASN C 373 32.17 -18.75 -45.89
CA ASN C 373 33.49 -18.50 -46.42
C ASN C 373 34.01 -17.13 -46.04
N GLN C 374 33.16 -16.12 -46.09
CA GLN C 374 33.57 -14.76 -45.77
C GLN C 374 33.77 -14.61 -44.26
N LEU C 375 33.02 -15.35 -43.47
CA LEU C 375 33.15 -15.30 -42.02
C LEU C 375 34.52 -15.78 -41.64
N GLU C 376 34.96 -16.80 -42.35
CA GLU C 376 36.29 -17.31 -42.11
C GLU C 376 37.34 -16.32 -42.59
N LEU C 377 37.13 -15.74 -43.77
CA LEU C 377 38.09 -14.80 -44.32
C LEU C 377 38.29 -13.63 -43.39
N PHE C 378 37.20 -13.03 -42.93
CA PHE C 378 37.28 -11.85 -42.10
C PHE C 378 37.93 -12.19 -40.77
N THR C 379 37.59 -13.34 -40.20
CA THR C 379 38.14 -13.72 -38.91
C THR C 379 39.59 -14.12 -38.99
N ALA C 380 39.99 -14.71 -40.11
CA ALA C 380 41.40 -15.04 -40.31
C ALA C 380 42.19 -13.75 -40.28
N LEU C 381 41.67 -12.73 -40.93
CA LEU C 381 42.30 -11.42 -40.96
C LEU C 381 42.31 -10.76 -39.60
N LEU C 382 41.23 -10.86 -38.86
CA LEU C 382 41.18 -10.26 -37.54
C LEU C 382 42.28 -10.83 -36.67
N LEU C 383 42.58 -12.10 -36.88
CA LEU C 383 43.49 -12.84 -36.03
C LEU C 383 44.92 -12.80 -36.53
N SER C 384 45.16 -12.29 -37.74
CA SER C 384 46.50 -12.32 -38.30
C SER C 384 47.13 -10.95 -38.54
N LEU C 385 46.32 -9.90 -38.64
CA LEU C 385 46.82 -8.57 -38.81
C LEU C 385 47.56 -8.10 -37.53
N PRO C 386 48.40 -7.06 -37.63
CA PRO C 386 49.20 -6.64 -36.48
C PRO C 386 48.42 -5.91 -35.40
N GLY C 387 48.11 -6.60 -34.31
CA GLY C 387 47.39 -5.98 -33.22
C GLY C 387 46.89 -7.02 -32.27
N SER C 388 46.06 -6.62 -31.33
CA SER C 388 45.42 -7.58 -30.48
C SER C 388 43.94 -7.51 -30.74
N PRO C 389 43.36 -8.65 -31.12
CA PRO C 389 42.00 -8.78 -31.63
C PRO C 389 40.95 -8.86 -30.53
N VAL C 390 39.76 -8.35 -30.84
CA VAL C 390 38.62 -8.48 -29.95
C VAL C 390 37.51 -9.27 -30.62
N LEU C 391 37.10 -10.37 -30.01
CA LEU C 391 35.94 -11.14 -30.44
C LEU C 391 34.73 -10.64 -29.68
N TYR C 392 33.58 -10.56 -30.34
CA TYR C 392 32.36 -10.19 -29.66
C TYR C 392 31.55 -11.45 -29.37
N TYR C 393 30.95 -11.54 -28.19
CA TYR C 393 30.24 -12.75 -27.80
C TYR C 393 29.17 -13.06 -28.80
N GLY C 394 29.09 -14.32 -29.20
CA GLY C 394 28.09 -14.80 -30.12
C GLY C 394 28.60 -14.97 -31.54
N ASP C 395 29.57 -14.17 -31.92
CA ASP C 395 30.12 -14.23 -33.25
C ASP C 395 30.75 -15.56 -33.50
N GLU C 396 31.21 -16.21 -32.44
CA GLU C 396 31.99 -17.42 -32.60
C GLU C 396 31.12 -18.60 -33.03
N ILE C 397 29.80 -18.45 -32.91
CA ILE C 397 28.86 -19.48 -33.38
C ILE C 397 27.98 -19.00 -34.49
N GLY C 398 28.15 -17.75 -34.87
CA GLY C 398 27.43 -17.13 -35.95
C GLY C 398 26.13 -16.48 -35.54
N MET C 399 26.02 -15.96 -34.32
CA MET C 399 24.80 -15.29 -33.89
C MET C 399 24.44 -14.11 -34.79
N GLY C 400 23.18 -13.73 -34.83
CA GLY C 400 22.70 -12.65 -35.68
C GLY C 400 22.34 -11.40 -34.93
N ASP C 401 21.35 -10.66 -35.41
CA ASP C 401 20.92 -9.46 -34.73
C ASP C 401 19.44 -9.44 -34.68
N ASN C 402 18.97 -8.35 -34.11
CA ASN C 402 17.60 -7.98 -34.08
C ASN C 402 17.58 -6.45 -34.11
N ILE C 403 17.72 -5.88 -35.30
CA ILE C 403 17.81 -4.43 -35.44
C ILE C 403 16.59 -3.71 -34.92
N TRP C 404 15.46 -4.38 -34.87
CA TRP C 404 14.23 -3.75 -34.38
C TRP C 404 14.27 -3.40 -32.89
N LEU C 405 15.36 -3.71 -32.24
CA LEU C 405 15.53 -3.37 -30.84
C LEU C 405 16.38 -2.08 -30.62
N GLY C 406 17.26 -1.68 -31.56
CA GLY C 406 17.76 -0.29 -31.72
C GLY C 406 18.38 0.36 -30.47
N ASP C 407 19.20 1.42 -30.57
CA ASP C 407 19.92 1.90 -29.35
C ASP C 407 21.06 0.87 -29.10
N ARG C 408 21.69 0.35 -30.18
CA ARG C 408 22.36 -0.97 -30.18
C ARG C 408 21.33 -1.90 -29.54
N ASP C 409 21.69 -3.02 -28.89
CA ASP C 409 20.71 -3.99 -28.32
C ASP C 409 20.45 -5.01 -29.43
N SER C 410 20.29 -4.51 -30.64
CA SER C 410 20.45 -5.26 -31.87
C SER C 410 21.34 -6.43 -31.64
N VAL C 411 22.44 -6.10 -30.98
CA VAL C 411 23.58 -6.94 -30.80
C VAL C 411 23.77 -7.33 -29.32
N ARG C 412 22.78 -7.01 -28.47
CA ARG C 412 22.84 -7.30 -27.03
C ARG C 412 21.81 -8.31 -26.55
N THR C 413 21.32 -9.06 -27.50
CA THR C 413 20.47 -10.23 -27.34
C THR C 413 21.17 -11.37 -26.54
N PRO C 414 20.40 -12.24 -25.87
CA PRO C 414 20.90 -13.38 -25.10
C PRO C 414 21.79 -14.37 -25.88
N MET C 415 22.87 -14.79 -25.25
CA MET C 415 23.74 -15.80 -25.81
C MET C 415 22.94 -17.05 -26.03
N GLN C 416 23.15 -17.73 -27.15
CA GLN C 416 22.30 -18.83 -27.51
C GLN C 416 23.01 -20.13 -27.23
N TRP C 417 22.73 -20.74 -26.08
CA TRP C 417 23.54 -21.88 -25.57
C TRP C 417 23.09 -23.24 -26.03
N THR C 418 21.81 -23.53 -25.84
CA THR C 418 21.26 -24.85 -26.14
C THR C 418 20.00 -24.71 -26.97
N PRO C 419 19.45 -25.83 -27.45
CA PRO C 419 18.14 -25.67 -28.10
C PRO C 419 16.97 -25.80 -27.13
N ASP C 420 17.20 -25.68 -25.83
CA ASP C 420 16.14 -25.79 -24.83
C ASP C 420 15.36 -24.49 -24.79
N ARG C 421 14.62 -24.30 -23.72
CA ARG C 421 13.84 -23.11 -23.58
C ARG C 421 14.80 -21.94 -23.43
N ASN C 422 14.46 -20.82 -24.05
CA ASN C 422 15.28 -19.62 -23.99
C ASN C 422 16.73 -19.86 -24.37
N ALA C 423 16.95 -20.79 -25.30
CA ALA C 423 18.28 -21.13 -25.80
C ALA C 423 19.25 -21.57 -24.70
N GLY C 424 18.74 -21.81 -23.51
CA GLY C 424 19.56 -22.24 -22.41
C GLY C 424 20.10 -21.09 -21.61
N PHE C 425 19.65 -19.89 -21.92
CA PHE C 425 20.14 -18.70 -21.27
C PHE C 425 19.60 -18.57 -19.86
N SER C 426 18.36 -18.96 -19.72
CA SER C 426 17.61 -18.84 -18.48
C SER C 426 16.51 -19.86 -18.51
N ARG C 427 15.96 -20.20 -17.35
CA ARG C 427 14.86 -21.14 -17.30
C ARG C 427 13.58 -20.35 -17.05
N CYS C 428 13.69 -19.04 -17.11
CA CYS C 428 12.58 -18.18 -16.77
C CYS C 428 11.47 -18.22 -17.79
N ASP C 429 10.40 -17.51 -17.48
CA ASP C 429 9.30 -17.31 -18.40
C ASP C 429 9.80 -16.28 -19.39
N PRO C 430 9.58 -16.53 -20.68
CA PRO C 430 10.06 -15.61 -21.73
C PRO C 430 9.59 -14.18 -21.52
N ALA C 431 8.47 -14.01 -20.86
CA ALA C 431 7.92 -12.68 -20.67
C ALA C 431 8.82 -11.81 -19.79
N ARG C 432 9.69 -12.42 -19.00
CA ARG C 432 10.54 -11.62 -18.09
C ARG C 432 11.97 -11.44 -18.60
N LEU C 433 12.27 -11.94 -19.79
CA LEU C 433 13.61 -11.75 -20.35
C LEU C 433 13.86 -10.28 -20.60
N TYR C 434 15.08 -9.83 -20.32
CA TYR C 434 15.39 -8.43 -20.50
C TYR C 434 15.26 -8.06 -21.98
N LEU C 435 15.69 -8.97 -22.84
CA LEU C 435 15.56 -8.87 -24.29
C LEU C 435 15.34 -10.24 -24.86
N PRO C 436 14.58 -10.34 -25.95
CA PRO C 436 14.18 -11.65 -26.47
C PRO C 436 15.27 -12.39 -27.20
N VAL C 437 15.22 -13.71 -27.19
CA VAL C 437 16.14 -14.54 -27.94
C VAL C 437 15.76 -14.57 -29.40
N ILE C 438 16.75 -14.49 -30.26
CA ILE C 438 16.55 -14.52 -31.69
C ILE C 438 15.96 -15.86 -32.11
N MET C 439 14.84 -15.83 -32.84
CA MET C 439 14.05 -17.01 -33.21
C MET C 439 13.88 -17.09 -34.71
N ASP C 440 14.51 -16.14 -35.36
CA ASP C 440 14.69 -16.01 -36.78
C ASP C 440 14.94 -17.36 -37.46
N PRO C 441 14.35 -17.59 -38.63
CA PRO C 441 14.63 -18.89 -39.27
C PRO C 441 16.07 -19.09 -39.74
N ILE C 442 16.90 -18.05 -39.72
CA ILE C 442 18.29 -18.17 -40.15
C ILE C 442 19.26 -18.13 -38.97
N TYR C 443 19.09 -17.17 -38.06
CA TYR C 443 20.00 -17.09 -36.92
C TYR C 443 19.35 -17.53 -35.61
N GLY C 444 18.08 -17.89 -35.66
CA GLY C 444 17.37 -18.27 -34.46
C GLY C 444 17.98 -19.46 -33.74
N TYR C 445 17.72 -19.55 -32.46
CA TYR C 445 18.43 -20.50 -31.62
C TYR C 445 18.14 -21.96 -31.88
N GLN C 446 17.02 -22.27 -32.51
CA GLN C 446 16.73 -23.67 -32.73
C GLN C 446 17.69 -24.17 -33.79
N ALA C 447 18.34 -23.24 -34.47
CA ALA C 447 19.32 -23.58 -35.48
C ALA C 447 20.74 -23.19 -35.06
N VAL C 448 20.91 -22.08 -34.36
CA VAL C 448 22.25 -21.66 -33.99
C VAL C 448 22.44 -21.59 -32.48
N ASN C 449 23.20 -22.53 -31.93
CA ASN C 449 23.55 -22.55 -30.51
C ASN C 449 24.84 -23.33 -30.20
N VAL C 450 25.48 -23.03 -29.06
CA VAL C 450 26.81 -23.57 -28.76
C VAL C 450 26.79 -25.08 -28.75
N GLU C 451 25.69 -25.66 -28.32
CA GLU C 451 25.62 -27.10 -28.24
C GLU C 451 25.62 -27.78 -29.60
N ALA C 452 24.82 -27.29 -30.54
CA ALA C 452 24.88 -27.87 -31.87
C ALA C 452 26.26 -27.69 -32.46
N GLN C 453 26.83 -26.50 -32.29
CA GLN C 453 28.14 -26.19 -32.81
C GLN C 453 29.23 -27.12 -32.28
N GLN C 454 29.23 -27.39 -31.00
CA GLN C 454 30.25 -28.24 -30.44
C GLN C 454 30.17 -29.67 -30.97
N ARG C 455 28.97 -30.19 -31.14
CA ARG C 455 28.85 -31.57 -31.55
C ARG C 455 29.16 -31.77 -33.04
N ASN C 456 29.18 -30.69 -33.80
CA ASN C 456 29.50 -30.77 -35.20
C ASN C 456 30.92 -30.35 -35.46
N PRO C 457 31.76 -31.29 -35.87
CA PRO C 457 33.18 -30.96 -35.98
C PRO C 457 33.50 -29.93 -37.05
N GLY C 458 32.62 -29.77 -38.03
CA GLY C 458 32.86 -28.83 -39.09
C GLY C 458 32.26 -27.47 -38.81
N SER C 459 31.81 -27.26 -37.58
CA SER C 459 31.07 -26.04 -37.28
C SER C 459 32.00 -24.86 -37.19
N LEU C 460 31.43 -23.66 -37.28
CA LEU C 460 32.17 -22.43 -37.21
C LEU C 460 32.81 -22.28 -35.85
N LEU C 461 32.13 -22.76 -34.83
CA LEU C 461 32.64 -22.68 -33.48
C LEU C 461 33.91 -23.48 -33.38
N ASN C 462 33.90 -24.69 -33.90
CA ASN C 462 35.09 -25.50 -33.77
C ASN C 462 36.23 -24.92 -34.59
N TRP C 463 35.90 -24.29 -35.70
CA TRP C 463 36.91 -23.65 -36.54
C TRP C 463 37.57 -22.49 -35.81
N THR C 464 36.76 -21.66 -35.19
CA THR C 464 37.26 -20.53 -34.44
C THR C 464 38.18 -20.98 -33.33
N ARG C 465 37.84 -22.11 -32.73
CA ARG C 465 38.65 -22.64 -31.68
C ARG C 465 40.02 -23.09 -32.20
N LYS C 466 40.06 -23.77 -33.33
CA LYS C 466 41.33 -24.22 -33.89
C LYS C 466 42.21 -23.02 -34.21
N MET C 467 41.58 -21.98 -34.72
CA MET C 467 42.24 -20.76 -35.09
C MET C 467 42.86 -20.03 -33.93
N ILE C 468 42.11 -19.90 -32.85
CA ILE C 468 42.62 -19.23 -31.68
C ILE C 468 43.79 -20.03 -31.11
N GLU C 469 43.72 -21.34 -31.24
CA GLU C 469 44.72 -22.19 -30.67
C GLU C 469 46.03 -22.13 -31.44
N ILE C 470 45.97 -22.15 -32.77
CA ILE C 470 47.20 -22.00 -33.52
C ILE C 470 47.75 -20.60 -33.33
N ARG C 471 46.89 -19.62 -33.14
CA ARG C 471 47.38 -18.29 -32.91
C ARG C 471 48.13 -18.21 -31.57
N LYS C 472 47.65 -18.95 -30.58
CA LYS C 472 48.25 -18.94 -29.25
C LYS C 472 49.65 -19.48 -29.30
N ARG C 473 49.85 -20.46 -30.18
CA ARG C 473 51.11 -21.14 -30.29
C ARG C 473 52.13 -20.35 -31.11
N HIS C 474 51.71 -19.20 -31.62
CA HIS C 474 52.57 -18.36 -32.41
C HIS C 474 52.45 -16.94 -31.97
N PRO C 475 53.30 -16.54 -31.02
CA PRO C 475 53.32 -15.19 -30.49
C PRO C 475 53.65 -14.16 -31.55
N VAL C 476 54.06 -14.60 -32.73
CA VAL C 476 54.38 -13.68 -33.82
C VAL C 476 53.16 -12.88 -34.23
N PHE C 477 51.98 -13.44 -34.07
CA PHE C 477 50.78 -12.75 -34.50
C PHE C 477 50.54 -11.49 -33.69
N GLY C 478 50.99 -11.47 -32.44
CA GLY C 478 50.80 -10.29 -31.62
C GLY C 478 52.01 -9.41 -31.47
N LEU C 479 53.19 -9.99 -31.63
CA LEU C 479 54.42 -9.31 -31.31
C LEU C 479 55.23 -8.98 -32.54
N GLY C 480 55.00 -9.71 -33.62
CA GLY C 480 55.86 -9.63 -34.77
C GLY C 480 55.60 -8.48 -35.71
N SER C 481 56.43 -8.36 -36.73
CA SER C 481 56.32 -7.31 -37.73
C SER C 481 55.30 -7.68 -38.79
N TYR C 482 55.10 -6.77 -39.73
CA TYR C 482 54.20 -6.97 -40.84
C TYR C 482 54.89 -6.59 -42.14
N VAL C 483 55.05 -7.55 -43.03
CA VAL C 483 55.61 -7.28 -44.34
C VAL C 483 54.66 -7.76 -45.43
N GLU C 484 54.17 -6.85 -46.24
CA GLU C 484 53.26 -7.26 -47.29
C GLU C 484 54.05 -7.70 -48.52
N LEU C 485 53.61 -8.78 -49.16
CA LEU C 485 54.34 -9.33 -50.29
C LEU C 485 53.75 -8.82 -51.55
N PRO C 486 54.58 -8.33 -52.45
CA PRO C 486 54.06 -7.87 -53.73
C PRO C 486 53.56 -9.04 -54.54
N ALA C 487 52.50 -8.82 -55.29
CA ALA C 487 51.97 -9.86 -56.14
C ALA C 487 51.18 -9.22 -57.26
N SER C 488 51.30 -9.76 -58.46
CA SER C 488 50.59 -9.25 -59.62
C SER C 488 49.07 -9.34 -59.50
N ASN C 489 48.55 -10.22 -58.66
CA ASN C 489 47.11 -10.35 -58.53
C ASN C 489 46.58 -9.42 -57.44
N PRO C 490 45.81 -8.41 -57.84
CA PRO C 490 45.28 -7.38 -56.95
C PRO C 490 44.20 -7.90 -56.02
N SER C 491 43.72 -9.11 -56.30
CA SER C 491 42.62 -9.64 -55.55
C SER C 491 43.09 -10.32 -54.27
N VAL C 492 44.38 -10.61 -54.19
CA VAL C 492 44.95 -11.35 -53.07
C VAL C 492 45.87 -10.48 -52.24
N LEU C 493 45.71 -10.57 -50.92
CA LEU C 493 46.57 -9.90 -49.96
C LEU C 493 47.44 -10.93 -49.30
N ALA C 494 48.74 -10.85 -49.52
CA ALA C 494 49.66 -11.82 -48.96
C ALA C 494 50.68 -11.09 -48.11
N PHE C 495 50.85 -11.53 -46.88
CA PHE C 495 51.84 -10.91 -46.02
C PHE C 495 52.58 -11.90 -45.16
N VAL C 496 53.63 -11.44 -44.52
CA VAL C 496 54.42 -12.32 -43.68
C VAL C 496 54.49 -11.71 -42.29
N ARG C 497 54.43 -12.52 -41.26
CA ARG C 497 54.60 -12.02 -39.91
C ARG C 497 55.79 -12.68 -39.32
N GLU C 498 56.71 -11.90 -38.78
CA GLU C 498 57.97 -12.47 -38.31
C GLU C 498 58.33 -11.93 -36.96
N TYR C 499 58.69 -12.82 -36.06
CA TYR C 499 59.14 -12.44 -34.75
C TYR C 499 60.28 -13.35 -34.34
N GLY C 500 61.45 -13.13 -34.92
CA GLY C 500 62.62 -13.87 -34.54
C GLY C 500 62.48 -15.37 -34.57
N ASP C 501 62.57 -15.94 -35.76
CA ASP C 501 62.48 -17.38 -35.96
C ASP C 501 61.03 -17.87 -35.92
N ASP C 502 60.12 -17.04 -35.43
CA ASP C 502 58.70 -17.38 -35.53
C ASP C 502 58.13 -16.60 -36.72
N ARG C 503 58.04 -17.25 -37.87
CA ARG C 503 57.62 -16.59 -39.08
C ARG C 503 56.44 -17.34 -39.74
N VAL C 504 55.36 -16.62 -40.02
CA VAL C 504 54.23 -17.23 -40.71
C VAL C 504 53.85 -16.46 -41.95
N LEU C 505 53.37 -17.18 -42.94
CA LEU C 505 52.91 -16.58 -44.18
C LEU C 505 51.40 -16.61 -44.22
N CYS C 506 50.79 -15.48 -44.49
CA CYS C 506 49.33 -15.39 -44.53
C CYS C 506 48.87 -14.91 -45.88
N VAL C 507 47.97 -15.66 -46.49
CA VAL C 507 47.50 -15.36 -47.83
C VAL C 507 45.98 -15.34 -47.87
N ASN C 508 45.41 -14.26 -48.39
CA ASN C 508 43.98 -14.04 -48.33
C ASN C 508 43.38 -13.61 -49.64
N ASN C 509 42.35 -14.31 -50.06
CA ASN C 509 41.71 -14.05 -51.34
C ASN C 509 40.42 -13.28 -51.16
N LEU C 510 40.38 -12.09 -51.75
CA LEU C 510 39.28 -11.18 -51.61
C LEU C 510 38.26 -11.35 -52.73
N SER C 511 38.62 -12.13 -53.74
CA SER C 511 37.74 -12.41 -54.87
C SER C 511 36.80 -13.54 -54.52
N ARG C 512 35.64 -13.55 -55.14
CA ARG C 512 34.69 -14.64 -54.90
C ARG C 512 34.99 -15.81 -55.83
N PHE C 513 35.97 -15.63 -56.71
CA PHE C 513 36.41 -16.68 -57.60
C PHE C 513 37.75 -17.26 -57.19
N PRO C 514 38.03 -18.49 -57.60
CA PRO C 514 39.38 -19.00 -57.34
C PRO C 514 40.43 -18.09 -57.97
N GLN C 515 41.56 -17.91 -57.29
CA GLN C 515 42.60 -17.01 -57.75
C GLN C 515 43.95 -17.63 -57.52
N PRO C 516 44.85 -17.50 -58.47
CA PRO C 516 46.24 -17.87 -58.26
C PRO C 516 46.99 -16.68 -57.69
N VAL C 517 47.96 -16.94 -56.83
CA VAL C 517 48.84 -15.88 -56.41
C VAL C 517 50.21 -16.47 -56.50
N GLU C 518 51.14 -15.72 -57.09
CA GLU C 518 52.52 -16.13 -57.20
C GLU C 518 53.42 -15.28 -56.33
N LEU C 519 54.09 -15.90 -55.36
CA LEU C 519 54.85 -15.16 -54.40
C LEU C 519 56.36 -15.36 -54.55
N ASP C 520 57.12 -14.29 -54.36
CA ASP C 520 58.56 -14.37 -54.31
C ASP C 520 59.00 -14.57 -52.88
N LEU C 521 59.25 -15.82 -52.51
CA LEU C 521 59.55 -16.15 -51.15
C LEU C 521 61.02 -16.48 -51.02
N ARG C 522 61.85 -15.86 -51.84
CA ARG C 522 63.26 -16.22 -51.89
C ARG C 522 63.96 -15.88 -50.59
N ARG C 523 63.45 -14.92 -49.84
CA ARG C 523 64.00 -14.65 -48.52
C ARG C 523 63.86 -15.88 -47.64
N PHE C 524 62.96 -16.78 -48.03
CA PHE C 524 62.71 -18.00 -47.29
C PHE C 524 63.09 -19.23 -48.08
N GLU C 525 64.02 -19.13 -49.02
CA GLU C 525 64.39 -20.30 -49.82
C GLU C 525 64.87 -21.47 -48.99
N GLY C 526 64.37 -22.65 -49.30
CA GLY C 526 64.74 -23.85 -48.57
C GLY C 526 63.73 -24.30 -47.54
N CYS C 527 62.90 -23.36 -47.08
CA CYS C 527 61.89 -23.65 -46.07
C CYS C 527 60.85 -24.56 -46.66
N THR C 528 60.33 -25.45 -45.84
CA THR C 528 59.26 -26.32 -46.27
C THR C 528 58.01 -25.78 -45.54
N PRO C 529 57.15 -25.04 -46.24
CA PRO C 529 56.01 -24.45 -45.55
C PRO C 529 55.06 -25.49 -44.96
N VAL C 530 54.60 -25.26 -43.72
CA VAL C 530 53.65 -26.15 -43.08
C VAL C 530 52.34 -25.44 -42.84
N GLU C 531 51.26 -25.94 -43.41
CA GLU C 531 49.96 -25.29 -43.29
C GLU C 531 49.42 -25.48 -41.89
N CYS C 532 48.87 -24.43 -41.30
CA CYS C 532 48.52 -24.45 -39.88
C CYS C 532 47.32 -25.32 -39.55
N MET C 533 46.29 -25.31 -40.40
CA MET C 533 45.07 -26.05 -40.11
C MET C 533 45.29 -27.55 -40.03
N GLY C 534 46.06 -28.11 -40.96
CA GLY C 534 46.22 -29.54 -41.02
C GLY C 534 47.62 -30.06 -40.79
N GLY C 535 48.59 -29.15 -40.72
CA GLY C 535 49.97 -29.49 -40.44
C GLY C 535 50.66 -30.20 -41.57
N VAL C 536 50.11 -30.11 -42.76
CA VAL C 536 50.71 -30.77 -43.90
C VAL C 536 51.89 -29.97 -44.36
N GLN C 537 52.97 -30.67 -44.68
CA GLN C 537 54.19 -30.03 -45.16
C GLN C 537 54.14 -29.84 -46.67
N PHE C 538 54.29 -28.60 -47.10
CA PHE C 538 54.19 -28.22 -48.50
C PHE C 538 55.56 -28.28 -49.17
N PRO C 539 55.59 -28.24 -50.50
CA PRO C 539 56.87 -28.32 -51.18
C PRO C 539 57.85 -27.22 -50.76
N ALA C 540 59.14 -27.51 -50.85
CA ALA C 540 60.16 -26.54 -50.55
C ALA C 540 60.09 -25.31 -51.44
N ILE C 541 60.41 -24.16 -50.86
CA ILE C 541 60.51 -22.89 -51.57
C ILE C 541 61.76 -22.84 -52.43
N GLY C 542 61.56 -22.67 -53.72
CA GLY C 542 62.66 -22.57 -54.67
C GLY C 542 63.03 -21.16 -55.04
N GLU C 543 63.58 -20.96 -56.22
CA GLU C 543 64.07 -19.65 -56.58
C GLU C 543 63.00 -19.00 -57.42
N LEU C 544 62.06 -19.81 -57.87
CA LEU C 544 61.00 -19.34 -58.73
C LEU C 544 59.82 -18.92 -57.86
N PRO C 545 58.93 -18.09 -58.41
CA PRO C 545 57.72 -17.72 -57.69
C PRO C 545 56.96 -18.94 -57.23
N TYR C 546 56.45 -18.89 -56.01
CA TYR C 546 55.71 -19.98 -55.39
C TYR C 546 54.24 -19.78 -55.63
N LEU C 547 53.61 -20.82 -56.13
CA LEU C 547 52.22 -20.73 -56.52
C LEU C 547 51.28 -21.26 -55.48
N LEU C 548 50.48 -20.36 -54.93
CA LEU C 548 49.37 -20.75 -54.10
C LEU C 548 48.04 -20.52 -54.80
N THR C 549 47.14 -21.47 -54.68
CA THR C 549 45.81 -21.39 -55.25
C THR C 549 44.78 -21.30 -54.16
N LEU C 550 43.93 -20.28 -54.24
CA LEU C 550 42.91 -20.12 -53.23
C LEU C 550 41.50 -20.20 -53.82
N PRO C 551 40.59 -20.79 -53.07
CA PRO C 551 39.21 -20.77 -53.51
C PRO C 551 38.62 -19.41 -53.22
N GLY C 552 37.38 -19.18 -53.66
CA GLY C 552 36.71 -17.93 -53.42
C GLY C 552 36.65 -17.58 -51.97
N HIS C 553 37.16 -16.41 -51.62
CA HIS C 553 37.21 -15.93 -50.24
C HIS C 553 37.98 -16.86 -49.32
N GLY C 554 38.99 -17.53 -49.85
CA GLY C 554 39.81 -18.44 -49.06
C GLY C 554 40.99 -17.79 -48.38
N PHE C 555 41.68 -18.55 -47.55
CA PHE C 555 42.90 -18.08 -46.92
C PHE C 555 43.78 -19.24 -46.47
N TYR C 556 45.08 -19.02 -46.38
CA TYR C 556 46.00 -20.00 -45.81
C TYR C 556 46.94 -19.40 -44.79
N TRP C 557 47.30 -20.17 -43.80
CA TRP C 557 48.38 -19.80 -42.90
C TRP C 557 49.44 -20.83 -43.06
N PHE C 558 50.66 -20.40 -43.29
CA PHE C 558 51.79 -21.31 -43.34
C PHE C 558 52.83 -20.90 -42.35
N VAL C 559 53.37 -21.84 -41.61
CA VAL C 559 54.57 -21.63 -40.81
C VAL C 559 55.78 -21.90 -41.70
N LEU C 560 56.88 -21.21 -41.47
CA LEU C 560 58.10 -21.43 -42.24
C LEU C 560 59.25 -22.12 -41.47
N PRO D 17 12.25 47.82 -6.23
CA PRO D 17 11.62 49.12 -6.47
C PRO D 17 10.82 49.63 -5.28
N ARG D 18 10.09 50.72 -5.50
CA ARG D 18 9.29 51.38 -4.46
C ARG D 18 7.83 51.01 -4.47
N ASP D 19 7.20 51.14 -3.31
CA ASP D 19 5.79 50.85 -3.14
C ASP D 19 5.25 51.89 -2.18
N PRO D 20 4.96 53.10 -2.69
CA PRO D 20 4.62 54.22 -1.81
C PRO D 20 3.32 54.00 -1.05
N TYR D 21 2.43 53.19 -1.61
CA TYR D 21 1.12 53.08 -1.02
C TYR D 21 0.81 51.65 -0.59
N TRP D 22 1.81 50.98 -0.02
CA TRP D 22 1.70 49.58 0.39
C TRP D 22 0.59 49.30 1.39
N TYR D 23 0.31 50.26 2.26
CA TYR D 23 -0.67 50.11 3.32
C TYR D 23 -2.11 49.87 2.83
N LYS D 24 -2.36 50.08 1.54
CA LYS D 24 -3.69 49.89 1.01
C LYS D 24 -4.03 48.42 0.84
N HIS D 25 -3.00 47.59 0.69
CA HIS D 25 -3.19 46.16 0.57
C HIS D 25 -2.55 45.42 1.73
N ALA D 26 -2.38 46.11 2.84
CA ALA D 26 -1.75 45.52 4.00
C ALA D 26 -2.78 44.90 4.89
N VAL D 27 -2.38 43.83 5.57
CA VAL D 27 -3.09 43.33 6.75
C VAL D 27 -2.22 43.58 7.97
N PHE D 28 -2.71 44.35 8.94
CA PHE D 28 -1.89 44.66 10.12
C PHE D 28 -2.14 43.67 11.25
N TYR D 29 -1.14 43.49 12.11
CA TYR D 29 -1.23 42.60 13.24
C TYR D 29 -0.76 43.36 14.46
N GLU D 30 -1.68 43.73 15.34
CA GLU D 30 -1.32 44.48 16.54
C GLU D 30 -0.83 43.57 17.63
N VAL D 31 0.34 43.83 18.16
CA VAL D 31 0.90 42.95 19.17
C VAL D 31 1.41 43.71 20.38
N LEU D 32 1.09 43.21 21.56
CA LEU D 32 1.70 43.71 22.77
C LEU D 32 2.97 42.94 22.98
N VAL D 33 4.11 43.57 22.74
CA VAL D 33 5.41 42.92 22.91
C VAL D 33 5.51 42.27 24.28
N ARG D 34 5.03 42.98 25.28
CA ARG D 34 5.05 42.51 26.65
C ARG D 34 4.39 41.14 26.79
N GLY D 35 3.45 40.86 25.89
CA GLY D 35 2.64 39.68 26.03
C GLY D 35 2.76 38.68 24.91
N PHE D 36 3.73 38.84 24.02
CA PHE D 36 3.81 37.93 22.91
C PHE D 36 4.76 36.78 23.18
N SER D 37 6.01 37.06 23.48
CA SER D 37 6.94 35.97 23.79
C SER D 37 8.08 36.41 24.69
N ASP D 38 8.39 35.58 25.66
CA ASP D 38 9.45 35.83 26.63
C ASP D 38 10.63 34.90 26.41
N SER D 39 11.78 35.46 26.07
CA SER D 39 12.96 34.63 25.81
C SER D 39 13.89 34.41 27.01
N ASN D 40 14.24 35.48 27.72
CA ASN D 40 15.12 35.40 28.90
C ASN D 40 14.49 34.70 30.10
N ASP D 41 13.17 34.47 30.02
CA ASP D 41 12.37 33.87 31.09
C ASP D 41 12.25 34.77 32.32
N ASP D 42 12.10 36.07 32.08
CA ASP D 42 11.96 37.02 33.16
C ASP D 42 10.49 37.26 33.49
N GLY D 43 9.60 36.57 32.77
CA GLY D 43 8.18 36.66 33.02
C GLY D 43 7.52 37.73 32.20
N THR D 44 8.33 38.46 31.42
CA THR D 44 7.86 39.51 30.54
C THR D 44 8.37 39.34 29.14
N GLY D 45 7.47 39.43 28.18
CA GLY D 45 7.81 39.32 26.78
C GLY D 45 8.64 40.48 26.29
N ASP D 46 9.45 40.20 25.28
CA ASP D 46 10.46 41.11 24.82
C ASP D 46 10.67 41.07 23.33
N LEU D 47 11.39 42.06 22.83
CA LEU D 47 11.69 42.17 21.41
C LEU D 47 12.38 40.96 20.84
N ARG D 48 13.23 40.32 21.64
CA ARG D 48 13.96 39.16 21.18
C ARG D 48 12.99 38.07 20.83
N GLY D 49 12.04 37.87 21.74
CA GLY D 49 10.99 36.88 21.60
C GLY D 49 10.18 37.08 20.35
N LEU D 50 9.81 38.33 20.10
CA LEU D 50 9.06 38.70 18.91
C LEU D 50 9.84 38.32 17.67
N ILE D 51 11.14 38.57 17.68
CA ILE D 51 11.98 38.14 16.58
C ILE D 51 11.86 36.65 16.40
N ASN D 52 11.86 35.91 17.51
CA ASN D 52 11.79 34.46 17.45
C ASN D 52 10.49 33.92 16.89
N ARG D 53 9.45 34.73 16.91
CA ARG D 53 8.15 34.27 16.46
C ARG D 53 7.83 34.79 15.06
N LEU D 54 8.80 35.47 14.45
CA LEU D 54 8.61 36.05 13.12
C LEU D 54 8.25 35.04 12.05
N ASP D 55 8.69 33.81 12.20
CA ASP D 55 8.37 32.81 11.19
C ASP D 55 6.90 32.51 11.26
N TYR D 56 6.29 32.62 12.45
CA TYR D 56 4.86 32.37 12.57
C TYR D 56 4.03 33.47 11.93
N LEU D 57 4.34 34.72 12.19
CA LEU D 57 3.61 35.82 11.56
C LEU D 57 3.71 35.74 10.05
N GLN D 58 4.80 35.23 9.54
CA GLN D 58 4.92 35.09 8.11
C GLN D 58 3.96 34.02 7.60
N TRP D 59 3.85 32.94 8.36
CA TRP D 59 2.98 31.81 8.04
C TRP D 59 1.53 32.21 8.03
N LEU D 60 1.17 33.10 8.95
CA LEU D 60 -0.18 33.60 9.07
C LEU D 60 -0.52 34.44 7.85
N GLY D 61 0.44 35.23 7.40
CA GLY D 61 0.29 35.98 6.17
C GLY D 61 0.14 37.47 6.35
N ILE D 62 0.44 37.99 7.53
CA ILE D 62 0.24 39.42 7.73
C ILE D 62 1.39 40.22 7.12
N ASP D 63 1.15 41.49 6.87
CA ASP D 63 2.06 42.34 6.09
C ASP D 63 2.79 43.34 6.93
N CYS D 64 2.25 43.63 8.10
CA CYS D 64 2.82 44.65 8.91
C CYS D 64 2.52 44.41 10.38
N ILE D 65 3.56 44.42 11.19
CA ILE D 65 3.44 44.33 12.63
C ILE D 65 3.19 45.72 13.18
N TRP D 66 2.20 45.84 14.05
CA TRP D 66 1.94 47.09 14.75
C TRP D 66 2.21 46.92 16.22
N LEU D 67 3.22 47.63 16.71
CA LEU D 67 3.62 47.54 18.10
C LEU D 67 2.88 48.50 18.99
N LEU D 68 2.30 47.99 20.06
CA LEU D 68 1.83 48.82 21.15
C LEU D 68 3.06 49.42 21.82
N PRO D 69 2.92 50.57 22.47
CA PRO D 69 4.05 51.32 23.00
C PRO D 69 5.07 50.49 23.75
N ILE D 70 6.33 50.69 23.40
CA ILE D 70 7.45 50.04 24.07
C ILE D 70 8.40 51.08 24.67
N TYR D 71 8.00 52.35 24.62
CA TYR D 71 8.83 53.45 25.10
C TYR D 71 9.02 53.41 26.61
N GLN D 72 10.03 54.14 27.10
CA GLN D 72 10.21 54.34 28.54
C GLN D 72 8.96 54.94 29.13
N SER D 73 8.50 54.38 30.24
CA SER D 73 7.20 54.73 30.79
C SER D 73 7.02 54.28 32.23
N PRO D 74 6.27 55.06 33.01
CA PRO D 74 5.89 54.62 34.35
C PRO D 74 4.78 53.57 34.33
N LEU D 75 4.21 53.32 33.16
CA LEU D 75 3.12 52.36 33.01
C LEU D 75 1.91 52.66 33.92
N ARG D 76 1.49 53.92 33.99
CA ARG D 76 0.34 54.25 34.83
C ARG D 76 -0.92 54.32 33.98
N ASP D 77 -0.73 54.24 32.67
CA ASP D 77 -1.84 54.26 31.75
C ASP D 77 -1.50 53.41 30.55
N GLY D 78 -1.20 52.16 30.84
CA GLY D 78 -1.00 51.18 29.80
C GLY D 78 0.23 51.46 28.98
N GLY D 79 1.05 52.41 29.40
CA GLY D 79 2.22 52.77 28.64
C GLY D 79 1.95 53.81 27.58
N TYR D 80 0.76 54.38 27.61
CA TYR D 80 0.41 55.50 26.73
C TYR D 80 0.82 56.82 27.34
N ASP D 81 1.45 56.73 28.49
CA ASP D 81 2.05 57.88 29.17
C ASP D 81 3.57 57.81 29.07
N ILE D 82 4.12 58.39 28.02
CA ILE D 82 5.51 58.16 27.66
C ILE D 82 6.48 59.05 28.44
N SER D 83 7.57 58.46 28.93
CA SER D 83 8.53 59.23 29.71
C SER D 83 9.80 59.57 28.97
N ASP D 84 10.05 58.89 27.88
CA ASP D 84 11.19 59.23 27.05
C ASP D 84 10.95 58.60 25.70
N TYR D 85 10.74 59.44 24.70
CA TYR D 85 10.37 58.94 23.39
C TYR D 85 11.50 58.16 22.73
N THR D 86 12.69 58.26 23.30
CA THR D 86 13.87 57.70 22.66
C THR D 86 14.52 56.57 23.43
N LYS D 87 13.91 56.16 24.53
CA LYS D 87 14.43 55.02 25.26
C LYS D 87 13.38 53.92 25.26
N ILE D 88 13.82 52.71 24.98
CA ILE D 88 12.98 51.54 25.07
C ILE D 88 13.04 50.97 26.48
N LEU D 89 11.88 50.77 27.09
CA LEU D 89 11.78 50.16 28.41
C LEU D 89 12.58 48.85 28.45
N PRO D 90 13.54 48.76 29.38
CA PRO D 90 14.56 47.69 29.45
C PRO D 90 14.03 46.25 29.53
N GLU D 91 12.92 46.03 30.21
CA GLU D 91 12.30 44.70 30.22
C GLU D 91 12.04 44.22 28.79
N PHE D 92 11.91 45.16 27.85
CA PHE D 92 11.61 44.78 26.47
C PHE D 92 12.87 44.67 25.63
N GLY D 93 14.02 45.09 26.16
CA GLY D 93 15.25 45.08 25.40
C GLY D 93 15.93 46.42 25.19
N ASP D 94 16.78 46.51 24.16
CA ASP D 94 17.47 47.75 23.83
C ASP D 94 17.22 48.11 22.36
N LEU D 95 17.74 49.25 21.94
CA LEU D 95 17.53 49.73 20.57
C LEU D 95 18.17 48.84 19.51
N GLY D 96 19.13 48.00 19.88
CA GLY D 96 19.69 47.10 18.91
C GLY D 96 18.70 46.02 18.55
N ASP D 97 18.02 45.50 19.55
CA ASP D 97 17.00 44.49 19.32
C ASP D 97 15.92 45.03 18.38
N PHE D 98 15.53 46.28 18.58
CA PHE D 98 14.51 46.90 17.74
C PHE D 98 14.95 46.99 16.28
N VAL D 99 16.22 47.32 16.08
CA VAL D 99 16.79 47.41 14.75
C VAL D 99 16.83 46.01 14.12
N GLU D 100 17.16 45.00 14.92
CA GLU D 100 17.14 43.65 14.41
C GLU D 100 15.72 43.19 14.09
N LEU D 101 14.74 43.66 14.87
CA LEU D 101 13.34 43.38 14.56
C LEU D 101 12.97 43.97 13.21
N VAL D 102 13.27 45.25 13.02
CA VAL D 102 12.90 45.91 11.79
C VAL D 102 13.57 45.29 10.58
N ASP D 103 14.82 44.90 10.72
CA ASP D 103 15.51 44.30 9.58
C ASP D 103 15.01 42.87 9.38
N GLU D 104 14.87 42.12 10.44
CA GLU D 104 14.42 40.74 10.30
C GLU D 104 12.96 40.63 9.84
N ALA D 105 12.14 41.61 10.17
CA ALA D 105 10.78 41.61 9.65
C ALA D 105 10.82 41.84 8.15
N HIS D 106 11.58 42.84 7.73
CA HIS D 106 11.73 43.19 6.33
C HIS D 106 12.17 42.06 5.44
N ARG D 107 13.10 41.26 5.93
CA ARG D 107 13.60 40.12 5.19
C ARG D 107 12.48 39.18 4.83
N ARG D 108 11.44 39.17 5.67
CA ARG D 108 10.33 38.24 5.56
C ARG D 108 9.13 38.88 4.87
N GLY D 109 9.30 40.11 4.40
CA GLY D 109 8.29 40.81 3.64
C GLY D 109 7.27 41.48 4.52
N ILE D 110 7.62 41.66 5.79
CA ILE D 110 6.74 42.26 6.78
C ILE D 110 7.30 43.58 7.28
N ARG D 111 6.47 44.63 7.31
CA ARG D 111 6.86 45.95 7.81
C ARG D 111 6.52 46.14 9.27
N VAL D 112 6.96 47.24 9.87
CA VAL D 112 6.71 47.52 11.29
C VAL D 112 6.32 48.95 11.57
N ILE D 113 5.21 49.16 12.29
CA ILE D 113 4.87 50.50 12.77
C ILE D 113 4.59 50.47 14.26
N ALA D 114 4.48 51.63 14.88
CA ALA D 114 4.21 51.67 16.31
C ALA D 114 3.27 52.80 16.72
N ASP D 115 2.52 52.56 17.78
CA ASP D 115 1.73 53.62 18.38
C ASP D 115 2.71 54.64 18.93
N LEU D 116 2.37 55.92 18.82
CA LEU D 116 3.18 56.93 19.46
C LEU D 116 2.30 58.11 19.82
N VAL D 117 2.34 58.49 21.10
CA VAL D 117 1.50 59.56 21.63
C VAL D 117 2.07 60.95 21.40
N MET D 118 1.42 61.71 20.53
CA MET D 118 1.87 63.05 20.12
C MET D 118 1.47 64.17 21.04
N ASN D 119 0.30 64.02 21.67
CA ASN D 119 -0.37 65.13 22.33
C ASN D 119 0.18 65.46 23.68
N HIS D 120 0.52 64.42 24.43
CA HIS D 120 0.92 64.59 25.82
C HIS D 120 2.00 63.61 26.22
N THR D 121 2.67 63.89 27.33
CA THR D 121 3.71 63.01 27.82
C THR D 121 3.43 62.74 29.28
N SER D 122 4.21 61.84 29.87
CA SER D 122 4.11 61.60 31.30
C SER D 122 4.51 62.83 32.06
N ASP D 123 4.06 62.94 33.30
CA ASP D 123 4.60 63.97 34.17
C ASP D 123 6.02 63.57 34.60
N GLN D 124 6.37 62.31 34.35
CA GLN D 124 7.68 61.83 34.73
C GLN D 124 8.67 62.05 33.61
N HIS D 125 8.20 62.69 32.55
CA HIS D 125 9.04 63.03 31.42
C HIS D 125 10.01 64.17 31.81
N PRO D 126 11.32 63.99 31.58
CA PRO D 126 12.30 65.03 31.90
C PRO D 126 11.94 66.40 31.36
N TRP D 127 11.36 66.48 30.17
CA TRP D 127 10.89 67.78 29.68
C TRP D 127 9.89 68.39 30.66
N PHE D 128 9.04 67.57 31.25
CA PHE D 128 8.05 68.10 32.18
C PHE D 128 8.73 68.65 33.41
N GLN D 129 9.48 67.81 34.08
CA GLN D 129 10.18 68.21 35.27
C GLN D 129 11.04 69.42 35.16
N ALA D 130 11.53 69.70 33.97
CA ALA D 130 12.27 70.92 33.78
C ALA D 130 11.37 72.06 33.37
N SER D 131 10.08 71.81 33.14
CA SER D 131 9.19 72.92 32.86
C SER D 131 8.51 73.37 34.15
N ARG D 132 8.85 72.74 35.27
CA ARG D 132 8.31 73.20 36.52
C ARG D 132 9.42 73.74 37.38
N THR D 133 10.66 73.33 37.12
CA THR D 133 11.80 73.85 37.87
C THR D 133 12.34 75.20 37.33
N ASP D 134 12.47 75.40 36.02
CA ASP D 134 12.93 76.69 35.52
C ASP D 134 11.99 77.21 34.43
N PRO D 135 10.87 77.81 34.87
CA PRO D 135 9.82 78.31 33.98
C PRO D 135 10.28 79.25 32.89
N ASP D 136 11.45 79.86 33.04
CA ASP D 136 11.97 80.74 31.99
C ASP D 136 13.08 80.12 31.15
N GLY D 137 13.56 78.94 31.53
CA GLY D 137 14.54 78.30 30.67
C GLY D 137 13.87 77.73 29.43
N PRO D 138 14.57 76.85 28.71
CA PRO D 138 14.12 76.54 27.36
C PRO D 138 12.87 75.65 27.32
N TYR D 139 12.55 74.96 28.42
CA TYR D 139 11.40 74.06 28.45
C TYR D 139 10.20 74.70 29.10
N GLY D 140 10.42 75.90 29.63
CA GLY D 140 9.40 76.66 30.33
C GLY D 140 8.04 76.74 29.68
N ASP D 141 8.00 76.75 28.35
CA ASP D 141 6.73 76.74 27.63
C ASP D 141 6.52 75.49 26.75
N PHE D 142 6.96 74.33 27.22
CA PHE D 142 6.71 73.08 26.49
C PHE D 142 5.33 72.56 26.79
N TYR D 143 4.80 73.02 27.91
CA TYR D 143 3.49 72.64 28.36
C TYR D 143 2.62 73.87 28.48
N MET D 144 1.32 73.64 28.60
CA MET D 144 0.33 74.70 28.61
C MET D 144 0.07 75.19 30.03
N TRP D 145 0.50 76.41 30.37
CA TRP D 145 0.29 76.93 31.73
C TRP D 145 -0.71 78.08 31.84
N SER D 146 -1.25 78.26 33.04
CA SER D 146 -2.23 79.31 33.27
C SER D 146 -2.28 79.71 34.74
N ASP D 147 -2.62 80.98 34.98
CA ASP D 147 -2.75 81.45 36.35
C ASP D 147 -4.11 81.04 36.86
N THR D 148 -5.05 80.84 35.95
CA THR D 148 -6.40 80.43 36.30
C THR D 148 -6.73 79.04 35.73
N ASP D 149 -7.70 78.36 36.34
CA ASP D 149 -8.23 77.11 35.80
C ASP D 149 -9.48 77.45 34.99
N ASP D 150 -9.61 78.71 34.59
CA ASP D 150 -10.83 79.19 33.98
C ASP D 150 -10.76 79.24 32.46
N LYS D 151 -9.94 78.39 31.87
CA LYS D 151 -9.72 78.53 30.44
C LYS D 151 -10.13 77.32 29.60
N TYR D 152 -10.45 77.60 28.34
CA TYR D 152 -10.97 76.63 27.40
C TYR D 152 -12.20 75.90 27.94
N PRO D 153 -13.22 76.65 28.32
CA PRO D 153 -14.34 76.07 29.06
C PRO D 153 -15.27 75.24 28.22
N ASP D 154 -15.07 75.21 26.91
CA ASP D 154 -16.02 74.51 26.06
C ASP D 154 -15.44 73.17 25.71
N ALA D 155 -14.28 72.87 26.27
CA ALA D 155 -13.65 71.56 26.10
C ALA D 155 -14.11 70.59 27.17
N ARG D 156 -14.74 69.50 26.73
CA ARG D 156 -15.21 68.42 27.59
C ARG D 156 -14.09 67.76 28.38
N ILE D 157 -14.44 67.18 29.53
CA ILE D 157 -13.51 66.32 30.22
C ILE D 157 -13.71 64.89 29.75
N ILE D 158 -12.65 64.31 29.21
CA ILE D 158 -12.72 62.97 28.66
C ILE D 158 -12.88 61.89 29.74
N PHE D 159 -12.03 61.92 30.76
CA PHE D 159 -12.16 60.94 31.84
C PHE D 159 -13.00 61.50 32.98
N VAL D 160 -14.28 61.68 32.71
CA VAL D 160 -15.21 62.35 33.63
C VAL D 160 -15.39 61.64 34.97
N ASP D 161 -15.01 60.38 35.07
CA ASP D 161 -15.27 59.68 36.31
C ASP D 161 -14.11 59.79 37.29
N THR D 162 -12.92 60.15 36.80
CA THR D 162 -11.79 60.25 37.70
C THR D 162 -11.27 61.69 37.75
N GLU D 163 -11.53 62.47 36.71
CA GLU D 163 -10.93 63.80 36.62
C GLU D 163 -11.96 64.90 36.74
N VAL D 164 -11.72 65.83 37.66
CA VAL D 164 -12.67 66.91 37.88
C VAL D 164 -12.52 68.09 36.93
N SER D 165 -11.29 68.41 36.53
CA SER D 165 -11.04 69.51 35.62
C SER D 165 -10.19 69.07 34.44
N ASN D 166 -10.01 69.93 33.44
CA ASN D 166 -9.01 69.68 32.42
C ASN D 166 -7.75 70.45 32.82
N TRP D 167 -7.83 71.11 33.97
CA TRP D 167 -6.72 71.86 34.58
C TRP D 167 -6.38 71.30 35.96
N THR D 168 -5.08 71.18 36.24
CA THR D 168 -4.65 70.67 37.53
C THR D 168 -3.54 71.57 38.05
N TYR D 169 -3.41 71.68 39.37
CA TYR D 169 -2.48 72.65 39.94
C TYR D 169 -1.20 71.94 40.36
N ASP D 170 -0.08 72.52 40.01
CA ASP D 170 1.25 72.02 40.31
C ASP D 170 1.84 72.80 41.48
N PRO D 171 2.24 72.09 42.54
CA PRO D 171 2.75 72.84 43.70
C PRO D 171 4.05 73.63 43.47
N VAL D 172 5.05 73.02 42.85
CA VAL D 172 6.36 73.65 42.67
C VAL D 172 6.40 74.77 41.62
N ARG D 173 5.49 74.74 40.66
CA ARG D 173 5.46 75.74 39.61
C ARG D 173 4.60 76.93 39.98
N GLY D 174 3.48 76.66 40.63
CA GLY D 174 2.56 77.71 41.01
C GLY D 174 1.57 78.07 39.94
N GLN D 175 1.30 77.12 39.05
CA GLN D 175 0.30 77.31 38.02
C GLN D 175 -0.46 76.03 37.68
N TYR D 176 -1.56 76.19 36.95
CA TYR D 176 -2.35 75.08 36.43
C TYR D 176 -1.73 74.61 35.11
N TYR D 177 -1.67 73.30 34.85
CA TYR D 177 -1.26 72.87 33.53
C TYR D 177 -2.39 72.13 32.85
N TRP D 178 -2.29 72.00 31.54
CA TRP D 178 -3.40 71.47 30.75
C TRP D 178 -3.17 70.01 30.46
N HIS D 179 -4.24 69.22 30.56
CA HIS D 179 -4.21 67.80 30.27
C HIS D 179 -5.59 67.37 29.83
N ARG D 180 -5.67 66.81 28.64
CA ARG D 180 -6.95 66.35 28.16
C ARG D 180 -7.16 64.94 28.63
N PHE D 181 -6.06 64.30 29.00
CA PHE D 181 -6.08 62.93 29.51
C PHE D 181 -5.90 62.93 31.02
N PHE D 182 -5.13 62.00 31.56
CA PHE D 182 -4.97 61.93 33.01
C PHE D 182 -3.99 62.97 33.55
N SER D 183 -4.12 63.26 34.84
CA SER D 183 -3.35 64.30 35.53
C SER D 183 -1.85 64.11 35.47
N HIS D 184 -1.42 62.90 35.13
CA HIS D 184 -0.02 62.55 35.06
C HIS D 184 0.40 62.51 33.59
N GLN D 185 -0.50 63.01 32.75
CA GLN D 185 -0.24 63.15 31.33
C GLN D 185 -0.50 64.56 30.83
N PRO D 186 0.39 65.50 31.15
CA PRO D 186 0.22 66.90 30.74
C PRO D 186 0.34 67.13 29.23
N ASP D 187 -0.52 67.97 28.65
CA ASP D 187 -0.44 68.28 27.22
C ASP D 187 0.82 69.05 26.84
N LEU D 188 1.24 68.90 25.59
CA LEU D 188 2.33 69.68 25.06
C LEU D 188 1.78 70.89 24.34
N ASN D 189 2.45 72.02 24.55
CA ASN D 189 2.06 73.27 23.94
C ASN D 189 2.53 73.34 22.49
N TYR D 190 1.60 73.13 21.57
CA TYR D 190 1.97 73.10 20.15
C TYR D 190 1.93 74.50 19.59
N ASP D 191 1.63 75.48 20.44
CA ASP D 191 1.77 76.86 20.04
C ASP D 191 3.25 77.24 20.16
N ASN D 192 3.98 76.49 20.96
CA ASN D 192 5.42 76.67 21.05
C ASN D 192 6.10 75.94 19.91
N PRO D 193 6.80 76.67 19.05
CA PRO D 193 7.51 76.10 17.89
C PRO D 193 8.62 75.11 18.24
N ALA D 194 9.16 75.19 19.45
CA ALA D 194 10.21 74.25 19.84
C ALA D 194 9.61 72.88 20.12
N VAL D 195 8.34 72.86 20.50
CA VAL D 195 7.62 71.62 20.72
C VAL D 195 7.37 70.95 19.38
N GLN D 196 6.96 71.76 18.41
CA GLN D 196 6.71 71.24 17.09
C GLN D 196 7.94 70.59 16.51
N GLU D 197 9.10 71.11 16.85
CA GLU D 197 10.34 70.61 16.29
C GLU D 197 10.88 69.48 17.12
N ALA D 198 10.59 69.51 18.41
CA ALA D 198 11.01 68.46 19.29
C ALA D 198 10.31 67.17 18.90
N MET D 199 9.04 67.30 18.55
CA MET D 199 8.24 66.16 18.14
C MET D 199 8.65 65.75 16.75
N LEU D 200 8.99 66.73 15.95
CA LEU D 200 9.42 66.49 14.60
C LEU D 200 10.71 65.68 14.68
N GLU D 201 11.49 65.94 15.70
CA GLU D 201 12.71 65.19 15.94
C GLU D 201 12.46 63.73 16.30
N VAL D 202 11.51 63.54 17.22
CA VAL D 202 11.17 62.25 17.77
C VAL D 202 10.82 61.30 16.64
N LEU D 203 10.00 61.78 15.72
CA LEU D 203 9.60 60.97 14.60
C LEU D 203 10.77 60.52 13.76
N ARG D 204 11.72 61.40 13.47
CA ARG D 204 12.85 60.95 12.66
C ARG D 204 13.74 59.99 13.45
N PHE D 205 13.81 60.17 14.76
CA PHE D 205 14.61 59.26 15.57
C PHE D 205 14.26 57.80 15.24
N TRP D 206 12.97 57.47 15.29
CA TRP D 206 12.55 56.10 15.04
C TRP D 206 12.58 55.78 13.55
N LEU D 207 12.24 56.76 12.73
CA LEU D 207 12.32 56.58 11.29
C LEU D 207 13.73 56.29 10.81
N ASP D 208 14.74 56.81 11.52
CA ASP D 208 16.13 56.53 11.19
C ASP D 208 16.45 55.09 11.55
N LEU D 209 15.76 54.57 12.56
CA LEU D 209 15.99 53.19 12.97
C LEU D 209 15.30 52.22 12.03
N GLY D 210 14.44 52.75 11.15
CA GLY D 210 13.87 51.94 10.09
C GLY D 210 12.39 51.62 10.19
N ILE D 211 11.72 52.18 11.18
CA ILE D 211 10.31 51.94 11.36
C ILE D 211 9.57 52.44 10.12
N ASP D 212 8.48 51.79 9.74
CA ASP D 212 7.81 52.16 8.51
C ASP D 212 6.74 53.17 8.72
N GLY D 213 6.53 53.55 9.96
CA GLY D 213 5.53 54.55 10.23
C GLY D 213 5.01 54.55 11.64
N PHE D 214 3.97 55.32 11.87
CA PHE D 214 3.38 55.45 13.18
C PHE D 214 1.90 55.53 13.16
N ARG D 215 1.29 55.15 14.27
CA ARG D 215 -0.07 55.59 14.52
C ARG D 215 0.03 56.74 15.49
N LEU D 216 -0.21 57.92 14.96
CA LEU D 216 -0.12 59.13 15.75
C LEU D 216 -1.33 59.21 16.67
N ASP D 217 -1.06 59.09 17.96
CA ASP D 217 -2.09 58.98 18.97
C ASP D 217 -2.50 60.33 19.53
N ALA D 218 -3.79 60.50 19.76
CA ALA D 218 -4.34 61.69 20.42
C ALA D 218 -4.10 63.01 19.69
N VAL D 219 -3.93 62.94 18.38
CA VAL D 219 -3.72 64.15 17.59
C VAL D 219 -4.92 65.10 17.47
N PRO D 220 -6.16 64.65 17.76
CA PRO D 220 -7.17 65.69 17.64
C PRO D 220 -7.03 66.84 18.64
N TYR D 221 -6.19 66.66 19.65
CA TYR D 221 -6.15 67.60 20.77
C TYR D 221 -4.86 68.39 20.82
N LEU D 222 -4.15 68.47 19.69
CA LEU D 222 -2.87 69.14 19.66
C LEU D 222 -2.95 70.63 20.00
N TYR D 223 -3.81 71.36 19.29
CA TYR D 223 -3.96 72.79 19.55
C TYR D 223 -5.25 73.13 20.27
N ALA D 224 -5.19 74.16 21.11
CA ALA D 224 -6.36 74.63 21.82
C ALA D 224 -6.53 76.12 21.66
N ARG D 225 -7.76 76.57 21.40
CA ARG D 225 -8.01 77.98 21.34
C ARG D 225 -9.29 78.30 22.09
N GLU D 226 -9.30 79.42 22.78
CA GLU D 226 -10.32 79.67 23.76
C GLU D 226 -11.56 79.95 22.95
N GLY D 227 -12.70 79.42 23.31
CA GLY D 227 -13.91 79.79 22.60
C GLY D 227 -14.41 78.58 21.86
N THR D 228 -13.54 77.59 21.71
CA THR D 228 -13.92 76.43 20.95
C THR D 228 -13.77 75.19 21.81
N ASN D 229 -13.79 74.04 21.16
CA ASN D 229 -13.80 72.75 21.84
C ASN D 229 -12.41 72.12 21.95
N CYS D 230 -11.47 72.70 21.23
CA CYS D 230 -10.07 72.40 21.35
C CYS D 230 -9.77 71.02 20.80
N GLU D 231 -10.60 70.64 19.85
CA GLU D 231 -10.34 69.49 19.02
C GLU D 231 -10.64 69.86 17.59
N ASN D 232 -9.85 69.26 16.69
CA ASN D 232 -9.95 69.42 15.25
C ASN D 232 -9.69 70.81 14.73
N LEU D 233 -8.96 71.62 15.47
CA LEU D 233 -8.68 72.97 15.05
C LEU D 233 -7.78 72.98 13.82
N PRO D 234 -7.96 73.98 12.95
CA PRO D 234 -7.16 74.07 11.73
C PRO D 234 -5.66 74.14 11.99
N GLU D 235 -5.22 74.62 13.15
CA GLU D 235 -3.80 74.63 13.47
C GLU D 235 -3.29 73.22 13.57
N THR D 236 -4.15 72.34 14.05
CA THR D 236 -3.80 70.95 14.21
C THR D 236 -3.51 70.29 12.86
N HIS D 237 -4.45 70.43 11.93
CA HIS D 237 -4.29 69.85 10.62
C HIS D 237 -3.11 70.41 9.87
N ALA D 238 -2.85 71.70 10.05
CA ALA D 238 -1.72 72.35 9.39
C ALA D 238 -0.41 71.74 9.89
N TYR D 239 -0.33 71.49 11.19
CA TYR D 239 0.88 70.88 11.72
C TYR D 239 1.12 69.48 11.21
N LEU D 240 0.05 68.70 11.08
CA LEU D 240 0.21 67.34 10.60
C LEU D 240 0.67 67.31 9.15
N LYS D 241 0.12 68.18 8.30
CA LYS D 241 0.55 68.26 6.90
C LYS D 241 2.02 68.56 6.84
N ARG D 242 2.46 69.40 7.76
CA ARG D 242 3.87 69.71 7.90
C ARG D 242 4.63 68.43 8.23
N VAL D 243 4.03 67.60 9.06
CA VAL D 243 4.71 66.35 9.39
C VAL D 243 4.80 65.43 8.19
N ARG D 244 3.72 65.25 7.45
CA ARG D 244 3.76 64.31 6.34
C ARG D 244 4.72 64.77 5.26
N ALA D 245 4.64 66.05 4.94
CA ALA D 245 5.46 66.64 3.92
C ALA D 245 6.91 66.38 4.28
N GLU D 246 7.21 66.51 5.57
CA GLU D 246 8.55 66.29 6.06
C GLU D 246 9.07 64.87 5.98
N VAL D 247 8.32 63.88 6.45
CA VAL D 247 8.82 62.51 6.41
C VAL D 247 8.93 62.03 4.96
N ASP D 248 7.94 62.32 4.12
CA ASP D 248 8.01 61.92 2.71
C ASP D 248 9.27 62.46 2.06
N ARG D 249 9.70 63.63 2.50
CA ARG D 249 10.93 64.21 2.02
C ARG D 249 12.16 63.38 2.42
N LEU D 250 12.28 63.03 3.69
CA LEU D 250 13.49 62.39 4.18
C LEU D 250 13.42 60.86 4.21
N TYR D 251 12.21 60.31 4.21
CA TYR D 251 12.06 58.85 4.27
C TYR D 251 11.02 58.34 3.29
N PRO D 252 11.45 57.45 2.39
CA PRO D 252 10.54 56.86 1.40
C PRO D 252 9.64 55.74 1.91
N ASP D 253 8.44 55.67 1.35
CA ASP D 253 7.53 54.57 1.60
C ASP D 253 7.17 54.41 3.07
N ARG D 254 6.88 55.53 3.73
CA ARG D 254 6.47 55.50 5.13
C ARG D 254 4.98 55.77 5.32
N VAL D 255 4.44 55.41 6.48
CA VAL D 255 3.01 55.54 6.71
C VAL D 255 2.66 56.29 8.01
N LEU D 256 1.70 57.19 7.90
CA LEU D 256 1.17 57.86 9.08
C LEU D 256 -0.30 57.51 9.25
N LEU D 257 -0.65 56.87 10.36
CA LEU D 257 -2.05 56.56 10.62
C LEU D 257 -2.53 57.49 11.72
N ALA D 258 -3.74 58.02 11.58
CA ALA D 258 -4.27 58.90 12.61
C ALA D 258 -5.22 58.15 13.54
N GLU D 259 -4.94 58.21 14.82
CA GLU D 259 -5.89 57.76 15.83
C GLU D 259 -6.76 58.93 16.20
N ALA D 260 -7.95 58.95 15.63
CA ALA D 260 -8.86 60.04 15.93
C ALA D 260 -10.20 59.44 16.23
N ASN D 261 -10.58 59.46 17.50
CA ASN D 261 -11.82 58.84 17.90
C ASN D 261 -13.02 59.66 17.54
N GLN D 262 -13.26 59.76 16.26
CA GLN D 262 -14.30 60.64 15.71
C GLN D 262 -15.22 60.02 14.67
N TRP D 263 -16.32 60.72 14.41
CA TRP D 263 -17.29 60.18 13.47
C TRP D 263 -16.63 60.25 12.12
N PRO D 264 -16.75 59.17 11.33
CA PRO D 264 -16.05 59.07 10.05
C PRO D 264 -16.46 60.06 8.98
N ALA D 265 -16.93 61.24 9.36
CA ALA D 265 -17.38 62.22 8.40
C ALA D 265 -16.78 63.51 8.87
N ASP D 266 -16.11 63.39 10.02
CA ASP D 266 -15.29 64.43 10.60
C ASP D 266 -13.83 64.03 10.58
N VAL D 267 -13.59 62.73 10.42
CA VAL D 267 -12.23 62.20 10.50
C VAL D 267 -11.60 62.49 9.16
N VAL D 268 -12.46 62.50 8.15
CA VAL D 268 -12.05 62.62 6.77
C VAL D 268 -11.14 63.81 6.56
N GLU D 269 -11.22 64.84 7.40
CA GLU D 269 -10.32 65.96 7.17
C GLU D 269 -8.86 65.64 7.54
N TYR D 270 -8.62 64.57 8.28
CA TYR D 270 -7.25 64.20 8.61
C TYR D 270 -6.52 63.58 7.44
N PHE D 271 -7.24 63.43 6.33
CA PHE D 271 -6.65 62.90 5.11
C PHE D 271 -6.04 63.98 4.24
N GLY D 272 -6.37 65.23 4.57
CA GLY D 272 -5.79 66.36 3.88
C GLY D 272 -6.55 66.82 2.66
N ASP D 273 -5.80 67.43 1.76
CA ASP D 273 -6.38 68.02 0.57
C ASP D 273 -6.57 66.96 -0.51
N PRO D 274 -7.83 66.70 -0.87
CA PRO D 274 -8.16 65.66 -1.85
C PRO D 274 -7.53 65.90 -3.22
N ALA D 275 -7.22 67.15 -3.55
CA ALA D 275 -6.60 67.49 -4.83
C ALA D 275 -5.20 66.89 -4.93
N THR D 276 -4.54 66.76 -3.79
CA THR D 276 -3.20 66.22 -3.75
C THR D 276 -3.22 64.70 -3.80
N GLY D 277 -4.39 64.10 -3.66
CA GLY D 277 -4.45 62.67 -3.50
C GLY D 277 -4.22 62.30 -2.03
N GLY D 278 -3.92 63.30 -1.22
CA GLY D 278 -3.66 63.10 0.19
C GLY D 278 -2.35 63.70 0.62
N ASP D 279 -2.41 64.68 1.52
CA ASP D 279 -1.21 65.38 1.97
C ASP D 279 -1.16 65.52 3.48
N GLU D 280 -1.88 64.66 4.20
CA GLU D 280 -1.85 64.67 5.66
C GLU D 280 -1.60 63.26 6.21
N CYS D 281 -2.58 62.66 6.88
CA CYS D 281 -2.43 61.28 7.33
C CYS D 281 -2.83 60.34 6.23
N HIS D 282 -2.07 59.26 6.08
CA HIS D 282 -2.37 58.27 5.06
C HIS D 282 -3.64 57.49 5.39
N MET D 283 -3.74 57.08 6.66
CA MET D 283 -4.85 56.27 7.13
C MET D 283 -5.48 56.86 8.35
N ALA D 284 -6.75 56.55 8.54
CA ALA D 284 -7.45 56.84 9.78
C ALA D 284 -8.47 55.75 10.00
N PHE D 285 -8.99 55.63 11.21
CA PHE D 285 -9.83 54.49 11.48
C PHE D 285 -11.31 54.76 11.39
N HIS D 286 -12.01 53.80 10.82
CA HIS D 286 -13.43 53.84 10.69
C HIS D 286 -14.04 53.13 11.90
N PHE D 287 -14.11 53.82 13.01
CA PHE D 287 -14.51 53.22 14.28
C PHE D 287 -15.91 52.62 14.42
N PRO D 288 -16.93 53.21 13.77
CA PRO D 288 -18.25 52.61 13.98
C PRO D 288 -18.53 51.28 13.28
N VAL D 289 -17.55 50.70 12.59
CA VAL D 289 -17.80 49.46 11.83
C VAL D 289 -18.26 48.30 12.70
N MET D 290 -17.52 48.04 13.77
CA MET D 290 -17.83 46.90 14.62
C MET D 290 -19.19 47.09 15.33
N PRO D 291 -19.47 48.27 15.90
CA PRO D 291 -20.81 48.45 16.47
C PRO D 291 -21.94 48.32 15.49
N ARG D 292 -21.72 48.76 14.26
CA ARG D 292 -22.79 48.64 13.28
C ARG D 292 -22.99 47.19 12.82
N ILE D 293 -21.94 46.41 12.72
CA ILE D 293 -22.12 44.99 12.41
C ILE D 293 -22.91 44.32 13.55
N PHE D 294 -22.57 44.65 14.79
CA PHE D 294 -23.33 44.13 15.93
C PHE D 294 -24.81 44.41 15.82
N MET D 295 -25.15 45.65 15.57
CA MET D 295 -26.56 45.99 15.48
C MET D 295 -27.19 45.30 14.29
N ALA D 296 -26.44 45.15 13.22
CA ALA D 296 -26.95 44.47 12.05
C ALA D 296 -27.29 43.03 12.38
N VAL D 297 -26.40 42.37 13.09
CA VAL D 297 -26.68 40.98 13.43
C VAL D 297 -27.89 40.90 14.34
N ARG D 298 -28.00 41.83 15.28
CA ARG D 298 -29.12 41.86 16.20
C ARG D 298 -30.46 42.12 15.51
N ARG D 299 -30.53 43.09 14.61
CA ARG D 299 -31.77 43.35 13.91
C ARG D 299 -31.96 42.38 12.76
N GLU D 300 -30.93 41.60 12.49
CA GLU D 300 -30.93 40.65 11.38
C GLU D 300 -31.24 41.32 10.05
N GLN D 301 -30.66 42.51 9.89
CA GLN D 301 -30.84 43.29 8.68
C GLN D 301 -29.58 44.06 8.33
N ARG D 302 -29.37 44.23 7.04
CA ARG D 302 -28.17 44.90 6.58
C ARG D 302 -28.09 46.39 6.89
N TYR D 303 -29.22 47.01 7.22
CA TYR D 303 -29.29 48.47 7.28
C TYR D 303 -28.24 49.20 8.15
N PRO D 304 -27.95 48.71 9.36
CA PRO D 304 -26.95 49.47 10.11
C PRO D 304 -25.59 49.51 9.43
N ILE D 305 -25.27 48.51 8.63
CA ILE D 305 -23.99 48.53 7.91
C ILE D 305 -24.15 49.37 6.66
N SER D 306 -25.27 49.18 5.98
CA SER D 306 -25.63 49.97 4.81
C SER D 306 -25.54 51.46 5.10
N GLU D 307 -26.00 51.85 6.28
CA GLU D 307 -26.06 53.26 6.65
C GLU D 307 -24.68 53.88 6.75
N ILE D 308 -23.81 53.32 7.57
CA ILE D 308 -22.49 53.92 7.72
C ILE D 308 -21.72 53.86 6.44
N MET D 309 -22.00 52.89 5.60
CA MET D 309 -21.30 52.85 4.32
C MET D 309 -21.72 53.98 3.39
N ALA D 310 -22.97 54.42 3.49
CA ALA D 310 -23.51 55.43 2.59
C ALA D 310 -23.23 56.83 3.10
N GLN D 311 -23.01 56.97 4.40
CA GLN D 311 -22.72 58.28 4.94
C GLN D 311 -21.22 58.42 5.12
N THR D 312 -20.45 57.45 4.63
CA THR D 312 -19.00 57.61 4.69
C THR D 312 -18.55 58.39 3.47
N PRO D 313 -17.91 59.55 3.70
CA PRO D 313 -17.51 60.42 2.60
C PRO D 313 -16.42 59.80 1.77
N LYS D 314 -16.33 60.11 0.48
CA LYS D 314 -15.23 59.55 -0.26
C LYS D 314 -13.98 60.35 0.10
N ILE D 315 -12.85 59.66 0.09
CA ILE D 315 -11.59 60.16 0.62
C ILE D 315 -10.53 60.30 -0.47
N PRO D 316 -9.42 60.99 -0.16
CA PRO D 316 -8.36 61.17 -1.16
C PRO D 316 -7.87 59.86 -1.72
N GLU D 317 -7.42 59.87 -2.97
CA GLU D 317 -7.09 58.66 -3.69
C GLU D 317 -6.06 57.79 -3.00
N ASN D 318 -5.10 58.42 -2.33
CA ASN D 318 -4.04 57.65 -1.73
C ASN D 318 -4.23 57.45 -0.27
N CYS D 319 -5.42 57.74 0.23
CA CYS D 319 -5.66 57.50 1.64
C CYS D 319 -6.42 56.20 1.84
N GLN D 320 -6.41 55.71 3.06
CA GLN D 320 -7.04 54.43 3.39
C GLN D 320 -7.69 54.43 4.75
N TRP D 321 -8.85 53.79 4.82
CA TRP D 321 -9.50 53.50 6.09
C TRP D 321 -8.87 52.30 6.75
N GLY D 322 -8.66 52.38 8.05
CA GLY D 322 -8.30 51.22 8.82
C GLY D 322 -9.58 50.72 9.48
N ILE D 323 -9.80 49.41 9.49
CA ILE D 323 -10.95 48.87 10.21
C ILE D 323 -10.46 47.77 11.14
N PHE D 324 -11.12 47.62 12.28
CA PHE D 324 -10.80 46.54 13.20
C PHE D 324 -12.03 46.11 13.95
N LEU D 325 -12.02 44.87 14.44
CA LEU D 325 -13.20 44.36 15.11
C LEU D 325 -13.14 44.58 16.60
N ARG D 326 -13.22 45.84 17.01
CA ARG D 326 -13.32 46.19 18.41
C ARG D 326 -14.29 47.34 18.59
N ASN D 327 -14.86 47.49 19.77
CA ASN D 327 -15.84 48.55 20.01
C ASN D 327 -15.24 49.77 20.64
N HIS D 328 -14.00 49.69 21.10
CA HIS D 328 -13.44 50.85 21.79
C HIS D 328 -12.09 51.26 21.29
N ASP D 329 -11.80 52.56 21.40
CA ASP D 329 -10.48 53.09 21.16
C ASP D 329 -9.63 52.58 22.31
N GLU D 330 -8.35 52.36 22.13
CA GLU D 330 -7.59 51.82 23.24
C GLU D 330 -7.00 52.87 24.15
N LEU D 331 -6.90 54.11 23.68
CA LEU D 331 -6.27 55.16 24.47
C LEU D 331 -7.16 55.85 25.45
N THR D 332 -8.43 55.92 25.15
CA THR D 332 -9.41 56.60 25.98
C THR D 332 -10.47 55.59 26.29
N LEU D 333 -10.25 54.41 25.71
CA LEU D 333 -11.24 53.38 25.71
C LEU D 333 -12.37 54.12 24.93
N GLU D 334 -13.63 54.10 25.32
CA GLU D 334 -14.75 54.75 24.58
C GLU D 334 -15.10 54.24 23.21
N MET D 335 -16.41 54.18 22.99
CA MET D 335 -16.99 53.92 21.69
C MET D 335 -17.23 55.20 20.92
N VAL D 336 -16.83 55.26 19.66
CA VAL D 336 -17.07 56.49 18.93
C VAL D 336 -18.51 56.59 18.55
N THR D 337 -19.23 57.53 19.15
CA THR D 337 -20.63 57.73 18.85
C THR D 337 -20.97 59.20 19.11
N ASP D 338 -22.15 59.65 18.69
CA ASP D 338 -22.66 60.98 19.06
C ASP D 338 -24.12 61.02 18.59
N GLU D 339 -25.00 61.64 19.37
CA GLU D 339 -26.47 61.56 19.14
C GLU D 339 -26.89 62.21 17.85
N GLU D 340 -26.03 63.04 17.32
CA GLU D 340 -26.37 63.81 16.15
C GLU D 340 -26.11 63.09 14.84
N ARG D 341 -25.18 62.13 14.83
CA ARG D 341 -24.88 61.45 13.57
C ARG D 341 -25.09 59.95 13.61
N ASP D 342 -25.24 59.38 14.80
CA ASP D 342 -25.48 57.95 14.89
C ASP D 342 -26.94 57.67 15.23
N TYR D 343 -27.71 57.26 14.25
CA TYR D 343 -29.10 56.98 14.45
C TYR D 343 -29.30 55.82 15.43
N MET D 344 -28.21 55.07 15.69
CA MET D 344 -28.26 53.93 16.58
C MET D 344 -27.77 54.25 17.99
N TYR D 345 -27.37 55.50 18.22
CA TYR D 345 -26.76 55.96 19.47
C TYR D 345 -27.34 55.38 20.75
N ALA D 346 -28.66 55.40 20.88
CA ALA D 346 -29.29 54.97 22.11
C ALA D 346 -29.55 53.48 22.11
N GLU D 347 -29.40 52.87 20.95
CA GLU D 347 -29.83 51.51 20.73
C GLU D 347 -28.78 50.47 21.13
N TYR D 348 -27.51 50.87 21.16
CA TYR D 348 -26.47 49.93 21.53
C TYR D 348 -26.55 49.33 22.92
N ALA D 349 -26.97 50.11 23.90
CA ALA D 349 -26.83 49.63 25.27
C ALA D 349 -27.82 48.52 25.65
N LYS D 350 -27.67 47.35 25.02
CA LYS D 350 -28.50 46.15 25.28
C LYS D 350 -27.85 44.81 24.87
N ASP D 351 -27.51 43.90 25.79
CA ASP D 351 -27.32 44.11 27.22
C ASP D 351 -25.89 43.97 27.71
N PRO D 352 -24.97 43.53 26.84
CA PRO D 352 -23.62 44.10 26.96
C PRO D 352 -23.59 45.61 26.67
N ARG D 353 -24.44 46.25 27.47
CA ARG D 353 -24.24 47.48 28.19
C ARG D 353 -23.21 47.14 29.26
N MET D 354 -23.14 45.85 29.62
CA MET D 354 -22.20 45.35 30.63
C MET D 354 -20.79 45.75 30.20
N LYS D 355 -20.46 45.42 28.97
CA LYS D 355 -19.28 45.97 28.39
C LYS D 355 -19.92 47.20 27.77
N ALA D 356 -19.28 48.34 27.90
CA ALA D 356 -17.98 48.43 28.48
C ALA D 356 -17.96 49.85 28.94
N ASN D 357 -18.69 50.62 28.13
CA ASN D 357 -19.07 52.02 28.30
C ASN D 357 -18.11 53.02 28.99
N ILE D 358 -16.91 52.99 28.45
CA ILE D 358 -15.92 54.06 28.43
C ILE D 358 -14.61 53.48 27.91
N GLY D 359 -14.21 52.21 28.14
CA GLY D 359 -14.89 51.11 28.81
C GLY D 359 -13.96 49.91 28.89
N ILE D 360 -14.47 48.73 28.56
CA ILE D 360 -13.72 47.46 28.63
C ILE D 360 -13.43 46.93 27.23
N ARG D 361 -12.15 46.66 26.97
CA ARG D 361 -11.72 46.03 25.75
C ARG D 361 -12.00 44.56 25.84
N ARG D 362 -12.60 44.01 24.81
CA ARG D 362 -12.81 42.57 24.78
C ARG D 362 -12.29 42.00 23.46
N ARG D 363 -11.83 40.77 23.48
CA ARG D 363 -11.38 40.14 22.27
C ARG D 363 -12.57 39.60 21.50
N LEU D 364 -12.33 39.22 20.27
CA LEU D 364 -13.41 38.95 19.35
C LEU D 364 -14.32 37.82 19.77
N ALA D 365 -13.75 36.70 20.19
CA ALA D 365 -14.58 35.56 20.53
C ALA D 365 -15.46 35.78 21.75
N PRO D 366 -14.91 36.31 22.85
CA PRO D 366 -15.82 36.68 23.94
C PRO D 366 -16.89 37.68 23.54
N LEU D 367 -16.53 38.60 22.66
CA LEU D 367 -17.50 39.59 22.22
C LEU D 367 -18.67 38.94 21.50
N LEU D 368 -18.42 37.77 20.93
CA LEU D 368 -19.44 37.07 20.18
C LEU D 368 -19.87 35.76 20.85
N ASP D 369 -19.65 35.68 22.14
CA ASP D 369 -19.94 34.48 22.95
C ASP D 369 -19.43 33.19 22.32
N ASN D 370 -18.25 33.26 21.72
CA ASN D 370 -17.57 32.11 21.17
C ASN D 370 -18.35 31.37 20.10
N ASP D 371 -19.15 32.08 19.33
CA ASP D 371 -19.92 31.51 18.23
C ASP D 371 -19.06 31.47 16.97
N ARG D 372 -18.70 30.28 16.54
CA ARG D 372 -17.81 30.15 15.41
C ARG D 372 -18.39 30.77 14.13
N ASN D 373 -19.68 30.59 13.87
CA ASN D 373 -20.26 31.18 12.68
C ASN D 373 -20.15 32.69 12.71
N GLN D 374 -20.38 33.30 13.85
CA GLN D 374 -20.30 34.73 13.89
C GLN D 374 -18.87 35.23 13.78
N LEU D 375 -17.90 34.47 14.28
CA LEU D 375 -16.51 34.86 14.19
C LEU D 375 -16.11 34.90 12.74
N GLU D 376 -16.62 33.94 11.99
CA GLU D 376 -16.32 33.86 10.58
C GLU D 376 -17.00 34.99 9.83
N LEU D 377 -18.24 35.29 10.18
CA LEU D 377 -18.97 36.38 9.58
C LEU D 377 -18.30 37.72 9.77
N PHE D 378 -17.97 38.03 11.03
CA PHE D 378 -17.38 39.31 11.37
C PHE D 378 -16.02 39.44 10.73
N THR D 379 -15.25 38.37 10.75
CA THR D 379 -13.91 38.43 10.24
C THR D 379 -13.96 38.53 8.71
N ALA D 380 -14.97 37.90 8.13
CA ALA D 380 -15.19 37.99 6.70
C ALA D 380 -15.47 39.43 6.31
N LEU D 381 -16.30 40.11 7.09
CA LEU D 381 -16.61 41.50 6.82
C LEU D 381 -15.40 42.38 7.01
N LEU D 382 -14.62 42.10 8.04
CA LEU D 382 -13.40 42.85 8.29
C LEU D 382 -12.43 42.82 7.12
N LEU D 383 -12.40 41.70 6.43
CA LEU D 383 -11.40 41.49 5.41
C LEU D 383 -11.92 41.87 4.03
N SER D 384 -13.22 42.14 3.95
CA SER D 384 -13.85 42.40 2.66
C SER D 384 -14.44 43.79 2.52
N LEU D 385 -14.65 44.49 3.63
CA LEU D 385 -15.12 45.85 3.55
C LEU D 385 -14.01 46.74 2.98
N PRO D 386 -14.38 47.92 2.49
CA PRO D 386 -13.35 48.76 1.89
C PRO D 386 -12.48 49.37 2.94
N GLY D 387 -11.24 48.90 3.04
CA GLY D 387 -10.27 49.43 3.98
C GLY D 387 -9.08 48.51 4.12
N SER D 388 -8.23 48.78 5.10
CA SER D 388 -7.15 47.88 5.41
C SER D 388 -7.36 47.38 6.82
N PRO D 389 -7.48 46.05 6.97
CA PRO D 389 -7.87 45.44 8.24
C PRO D 389 -6.71 45.28 9.22
N VAL D 390 -7.05 45.40 10.50
CA VAL D 390 -6.11 45.18 11.59
C VAL D 390 -6.56 44.05 12.51
N LEU D 391 -5.73 43.02 12.63
CA LEU D 391 -5.99 41.92 13.55
C LEU D 391 -5.31 42.19 14.85
N TYR D 392 -5.95 41.83 15.96
CA TYR D 392 -5.33 41.93 17.29
C TYR D 392 -4.80 40.56 17.72
N TYR D 393 -3.61 40.50 18.30
CA TYR D 393 -3.00 39.20 18.58
C TYR D 393 -3.86 38.35 19.47
N GLY D 394 -4.03 37.10 19.10
CA GLY D 394 -4.84 36.18 19.88
C GLY D 394 -6.20 35.94 19.29
N ASP D 395 -6.69 36.90 18.52
CA ASP D 395 -7.99 36.77 17.91
C ASP D 395 -7.96 35.63 16.92
N GLU D 396 -6.78 35.35 16.38
CA GLU D 396 -6.68 34.39 15.29
C GLU D 396 -6.83 32.95 15.76
N ILE D 397 -6.76 32.75 17.07
CA ILE D 397 -6.93 31.43 17.65
C ILE D 397 -8.09 31.38 18.61
N GLY D 398 -8.78 32.49 18.75
CA GLY D 398 -10.00 32.54 19.53
C GLY D 398 -9.75 32.79 20.98
N MET D 399 -8.70 33.54 21.30
CA MET D 399 -8.40 33.87 22.69
C MET D 399 -9.51 34.66 23.37
N GLY D 400 -9.51 34.65 24.70
CA GLY D 400 -10.49 35.35 25.49
C GLY D 400 -9.93 36.59 26.15
N ASP D 401 -10.46 36.91 27.33
CA ASP D 401 -10.03 38.06 28.11
C ASP D 401 -9.98 37.66 29.55
N ASN D 402 -9.68 38.65 30.37
CA ASN D 402 -9.78 38.56 31.82
C ASN D 402 -10.16 39.94 32.32
N ILE D 403 -11.46 40.24 32.30
CA ILE D 403 -11.94 41.57 32.66
C ILE D 403 -11.53 41.99 34.06
N TRP D 404 -11.30 41.03 34.90
CA TRP D 404 -10.93 41.31 36.26
C TRP D 404 -9.52 41.90 36.40
N LEU D 405 -8.79 42.01 35.30
CA LEU D 405 -7.44 42.53 35.39
C LEU D 405 -7.41 44.00 35.02
N GLY D 406 -8.59 44.60 34.90
CA GLY D 406 -8.77 45.98 34.44
C GLY D 406 -9.42 46.13 33.08
N ASP D 407 -9.73 47.37 32.70
CA ASP D 407 -10.50 47.65 31.49
C ASP D 407 -9.67 47.63 30.24
N ARG D 408 -8.35 47.65 30.39
CA ARG D 408 -7.48 47.54 29.26
C ARG D 408 -6.64 46.27 29.38
N ASP D 409 -6.20 45.96 30.60
CA ASP D 409 -5.39 44.77 30.82
C ASP D 409 -6.16 43.48 30.48
N SER D 410 -7.47 43.51 30.69
CA SER D 410 -8.39 42.50 30.20
C SER D 410 -7.91 41.75 29.00
N VAL D 411 -7.35 42.50 28.07
CA VAL D 411 -7.08 42.00 26.76
C VAL D 411 -5.58 41.91 26.44
N ARG D 412 -4.75 42.02 27.48
CA ARG D 412 -3.30 42.01 27.33
C ARG D 412 -2.59 40.80 27.95
N THR D 413 -3.34 39.73 28.15
CA THR D 413 -2.83 38.43 28.58
C THR D 413 -1.80 37.78 27.66
N PRO D 414 -0.89 36.97 28.19
CA PRO D 414 0.09 36.26 27.36
C PRO D 414 -0.49 35.42 26.23
N MET D 415 0.14 35.51 25.07
CA MET D 415 -0.21 34.72 23.90
C MET D 415 -0.09 33.26 24.20
N GLN D 416 -1.05 32.47 23.75
CA GLN D 416 -1.14 31.09 24.17
C GLN D 416 -0.62 30.21 23.06
N TRP D 417 0.63 29.78 23.17
CA TRP D 417 1.35 29.12 22.07
C TRP D 417 1.17 27.62 22.06
N THR D 418 1.41 26.98 23.19
CA THR D 418 1.39 25.52 23.31
C THR D 418 0.60 25.10 24.55
N PRO D 419 0.37 23.80 24.74
CA PRO D 419 -0.26 23.44 26.02
C PRO D 419 0.77 23.22 27.14
N ASP D 420 2.00 23.70 27.00
CA ASP D 420 3.04 23.54 28.02
C ASP D 420 2.94 24.55 29.14
N ARG D 421 4.03 24.72 29.85
CA ARG D 421 4.11 25.62 30.99
C ARG D 421 3.86 27.03 30.55
N ASN D 422 2.99 27.74 31.26
CA ASN D 422 2.66 29.12 30.90
C ASN D 422 2.27 29.26 29.46
N ALA D 423 1.64 28.24 28.91
CA ALA D 423 1.21 28.24 27.53
C ALA D 423 2.34 28.38 26.53
N GLY D 424 3.59 28.23 26.98
CA GLY D 424 4.74 28.31 26.12
C GLY D 424 5.24 29.73 25.99
N PHE D 425 4.63 30.62 26.77
CA PHE D 425 4.95 32.03 26.70
C PHE D 425 6.29 32.28 27.34
N SER D 426 6.56 31.57 28.41
CA SER D 426 7.79 31.71 29.15
C SER D 426 8.00 30.42 29.90
N ARG D 427 9.24 30.11 30.23
CA ARG D 427 9.52 28.86 30.95
C ARG D 427 9.67 29.17 32.43
N CYS D 428 9.31 30.40 32.78
CA CYS D 428 9.44 30.94 34.12
C CYS D 428 8.45 30.37 35.10
N ASP D 429 8.59 30.80 36.35
CA ASP D 429 7.64 30.41 37.37
C ASP D 429 6.40 31.27 37.23
N PRO D 430 5.20 30.69 37.40
CA PRO D 430 3.98 31.45 37.17
C PRO D 430 3.89 32.75 37.97
N ALA D 431 4.49 32.79 39.14
CA ALA D 431 4.38 33.98 39.96
C ALA D 431 5.14 35.16 39.37
N ARG D 432 6.07 34.87 38.47
CA ARG D 432 6.95 35.90 37.96
C ARG D 432 6.40 36.48 36.65
N LEU D 433 5.26 35.97 36.22
CA LEU D 433 4.59 36.45 35.03
C LEU D 433 4.02 37.84 35.22
N TYR D 434 4.15 38.68 34.21
CA TYR D 434 3.65 40.03 34.30
C TYR D 434 2.11 40.03 34.45
N LEU D 435 1.44 39.11 33.77
CA LEU D 435 0.00 38.91 33.87
C LEU D 435 -0.26 37.42 33.71
N PRO D 436 -1.32 36.90 34.35
CA PRO D 436 -1.49 35.45 34.27
C PRO D 436 -2.04 34.95 32.93
N VAL D 437 -1.68 33.75 32.55
CA VAL D 437 -2.24 33.16 31.36
C VAL D 437 -3.66 32.70 31.67
N ILE D 438 -4.57 32.91 30.73
CA ILE D 438 -5.95 32.52 30.91
C ILE D 438 -6.07 31.00 31.04
N MET D 439 -6.75 30.54 32.07
CA MET D 439 -6.84 29.10 32.42
C MET D 439 -8.30 28.63 32.44
N ASP D 440 -9.18 29.54 32.07
CA ASP D 440 -10.61 29.38 31.83
C ASP D 440 -10.99 28.07 31.12
N PRO D 441 -12.09 27.43 31.55
CA PRO D 441 -12.52 26.20 30.86
C PRO D 441 -13.01 26.43 29.45
N ILE D 442 -13.19 27.67 29.03
CA ILE D 442 -13.58 27.90 27.66
C ILE D 442 -12.43 28.49 26.84
N TYR D 443 -11.75 29.51 27.35
CA TYR D 443 -10.68 30.08 26.57
C TYR D 443 -9.27 29.78 27.10
N GLY D 444 -9.18 29.04 28.19
CA GLY D 444 -7.88 28.73 28.79
C GLY D 444 -6.93 27.94 27.92
N TYR D 445 -5.65 28.06 28.19
CA TYR D 445 -4.67 27.58 27.24
C TYR D 445 -4.70 26.07 27.05
N GLN D 446 -5.30 25.33 27.97
CA GLN D 446 -5.35 23.90 27.78
C GLN D 446 -6.28 23.49 26.64
N ALA D 447 -7.15 24.40 26.21
CA ALA D 447 -8.07 24.14 25.10
C ALA D 447 -7.82 25.03 23.89
N VAL D 448 -7.36 26.24 24.13
CA VAL D 448 -7.10 27.21 23.09
C VAL D 448 -5.63 27.59 23.02
N ASN D 449 -4.91 27.05 22.05
CA ASN D 449 -3.51 27.40 21.83
C ASN D 449 -3.09 27.18 20.37
N VAL D 450 -2.04 27.86 19.91
CA VAL D 450 -1.66 27.87 18.50
C VAL D 450 -1.37 26.44 18.02
N GLU D 451 -0.75 25.64 18.87
CA GLU D 451 -0.41 24.29 18.44
C GLU D 451 -1.63 23.43 18.20
N ALA D 452 -2.59 23.41 19.12
CA ALA D 452 -3.84 22.69 18.87
C ALA D 452 -4.54 23.25 17.66
N GLN D 453 -4.55 24.57 17.56
CA GLN D 453 -5.13 25.22 16.43
C GLN D 453 -4.48 24.78 15.15
N GLN D 454 -3.15 24.72 15.16
CA GLN D 454 -2.46 24.36 13.93
C GLN D 454 -2.68 22.92 13.55
N ARG D 455 -2.70 22.02 14.52
CA ARG D 455 -2.80 20.62 14.15
C ARG D 455 -4.15 20.25 13.65
N ASN D 456 -5.12 21.09 13.91
CA ASN D 456 -6.48 20.80 13.52
C ASN D 456 -6.89 21.56 12.28
N PRO D 457 -7.09 20.83 11.20
CA PRO D 457 -7.35 21.49 9.91
C PRO D 457 -8.66 22.26 9.91
N GLY D 458 -9.56 21.93 10.82
CA GLY D 458 -10.84 22.63 10.88
C GLY D 458 -10.88 23.80 11.83
N SER D 459 -9.74 24.19 12.36
CA SER D 459 -9.66 25.22 13.39
C SER D 459 -9.87 26.63 12.88
N LEU D 460 -10.18 27.52 13.80
CA LEU D 460 -10.39 28.92 13.47
C LEU D 460 -9.11 29.55 12.91
N LEU D 461 -7.97 29.10 13.41
CA LEU D 461 -6.70 29.59 12.95
C LEU D 461 -6.46 29.28 11.50
N ASN D 462 -6.64 28.02 11.13
CA ASN D 462 -6.37 27.62 9.76
C ASN D 462 -7.31 28.26 8.76
N TRP D 463 -8.53 28.53 9.19
CA TRP D 463 -9.52 29.26 8.39
C TRP D 463 -9.07 30.71 8.19
N THR D 464 -8.58 31.34 9.24
CA THR D 464 -8.11 32.72 9.13
C THR D 464 -6.91 32.79 8.19
N ARG D 465 -6.02 31.82 8.28
CA ARG D 465 -4.86 31.82 7.43
C ARG D 465 -5.29 31.74 5.98
N LYS D 466 -6.23 30.85 5.71
CA LYS D 466 -6.78 30.67 4.38
C LYS D 466 -7.44 31.92 3.88
N MET D 467 -8.17 32.55 4.78
CA MET D 467 -8.88 33.76 4.48
C MET D 467 -7.92 34.88 4.11
N ILE D 468 -6.88 35.01 4.90
CA ILE D 468 -5.90 36.05 4.67
C ILE D 468 -5.20 35.80 3.34
N GLU D 469 -5.03 34.54 3.01
CA GLU D 469 -4.31 34.18 1.82
C GLU D 469 -5.16 34.49 0.58
N ILE D 470 -6.45 34.20 0.66
CA ILE D 470 -7.36 34.50 -0.42
C ILE D 470 -7.43 36.00 -0.66
N ARG D 471 -7.38 36.77 0.41
CA ARG D 471 -7.42 38.20 0.27
C ARG D 471 -6.16 38.72 -0.40
N LYS D 472 -5.03 38.14 -0.07
CA LYS D 472 -3.77 38.59 -0.66
C LYS D 472 -3.73 38.35 -2.15
N ARG D 473 -4.34 37.29 -2.63
CA ARG D 473 -4.30 37.03 -4.07
C ARG D 473 -5.31 37.91 -4.76
N HIS D 474 -6.02 38.74 -4.01
CA HIS D 474 -7.00 39.65 -4.60
C HIS D 474 -6.85 41.05 -4.06
N PRO D 475 -5.98 41.85 -4.69
CA PRO D 475 -5.71 43.23 -4.29
C PRO D 475 -6.94 44.10 -4.35
N VAL D 476 -8.00 43.58 -4.92
CA VAL D 476 -9.21 44.36 -5.05
C VAL D 476 -9.78 44.73 -3.68
N PHE D 477 -9.60 43.87 -2.70
CA PHE D 477 -10.20 44.12 -1.40
C PHE D 477 -9.65 45.39 -0.76
N GLY D 478 -8.41 45.73 -1.07
CA GLY D 478 -7.83 46.92 -0.52
C GLY D 478 -7.90 48.12 -1.43
N LEU D 479 -8.01 47.91 -2.74
CA LEU D 479 -7.90 49.01 -3.69
C LEU D 479 -9.20 49.32 -4.42
N GLY D 480 -10.12 48.36 -4.47
CA GLY D 480 -11.26 48.49 -5.35
C GLY D 480 -12.47 49.28 -4.91
N SER D 481 -13.45 49.38 -5.80
CA SER D 481 -14.65 50.12 -5.49
C SER D 481 -15.58 49.31 -4.59
N TYR D 482 -16.62 49.95 -4.07
CA TYR D 482 -17.59 49.26 -3.25
C TYR D 482 -18.99 49.63 -3.71
N VAL D 483 -19.72 48.65 -4.20
CA VAL D 483 -21.09 48.86 -4.64
C VAL D 483 -22.01 47.86 -3.95
N GLU D 484 -22.98 48.34 -3.21
CA GLU D 484 -23.87 47.45 -2.51
C GLU D 484 -24.97 47.03 -3.48
N LEU D 485 -25.36 45.76 -3.44
CA LEU D 485 -26.33 45.28 -4.39
C LEU D 485 -27.71 45.31 -3.79
N PRO D 486 -28.66 45.85 -4.52
CA PRO D 486 -30.04 45.83 -4.03
C PRO D 486 -30.61 44.42 -3.97
N ALA D 487 -31.43 44.17 -2.95
CA ALA D 487 -32.06 42.88 -2.80
C ALA D 487 -33.32 42.94 -1.95
N SER D 488 -34.33 42.21 -2.40
CA SER D 488 -35.62 42.18 -1.73
C SER D 488 -35.50 41.64 -0.31
N ASN D 489 -34.44 40.87 -0.05
CA ASN D 489 -34.22 40.36 1.28
C ASN D 489 -33.32 41.30 2.07
N PRO D 490 -33.85 41.95 3.10
CA PRO D 490 -33.08 42.86 3.93
C PRO D 490 -32.11 42.11 4.83
N SER D 491 -32.24 40.80 4.91
CA SER D 491 -31.47 40.04 5.87
C SER D 491 -30.06 39.81 5.40
N VAL D 492 -29.81 40.04 4.13
CA VAL D 492 -28.52 39.77 3.52
C VAL D 492 -27.79 41.02 3.08
N LEU D 493 -26.50 41.08 3.36
CA LEU D 493 -25.71 42.20 2.85
C LEU D 493 -24.88 41.71 1.68
N ALA D 494 -25.16 42.22 0.49
CA ALA D 494 -24.47 41.76 -0.70
C ALA D 494 -23.75 42.89 -1.40
N PHE D 495 -22.45 42.75 -1.63
CA PHE D 495 -21.76 43.77 -2.37
C PHE D 495 -20.72 43.25 -3.36
N VAL D 496 -20.25 44.16 -4.20
CA VAL D 496 -19.27 43.87 -5.22
C VAL D 496 -18.10 44.77 -5.00
N ARG D 497 -16.89 44.26 -5.19
CA ARG D 497 -15.69 45.08 -5.13
C ARG D 497 -14.98 44.96 -6.47
N GLU D 498 -14.59 46.07 -7.06
CA GLU D 498 -14.01 46.03 -8.40
C GLU D 498 -12.75 46.81 -8.50
N TYR D 499 -11.74 46.19 -9.09
CA TYR D 499 -10.50 46.86 -9.40
C TYR D 499 -9.94 46.36 -10.71
N GLY D 500 -10.59 46.76 -11.81
CA GLY D 500 -10.11 46.46 -13.13
C GLY D 500 -9.81 45.02 -13.40
N ASP D 501 -10.83 44.21 -13.67
CA ASP D 501 -10.69 42.78 -13.99
C ASP D 501 -10.53 41.91 -12.74
N ASP D 502 -10.18 42.51 -11.60
CA ASP D 502 -10.18 41.79 -10.33
C ASP D 502 -11.49 42.14 -9.61
N ARG D 503 -12.47 41.27 -9.76
CA ARG D 503 -13.81 41.54 -9.28
C ARG D 503 -14.28 40.43 -8.36
N VAL D 504 -14.72 40.77 -7.16
CA VAL D 504 -15.24 39.76 -6.27
C VAL D 504 -16.63 40.15 -5.84
N LEU D 505 -17.47 39.15 -5.62
CA LEU D 505 -18.81 39.36 -5.11
C LEU D 505 -18.85 38.84 -3.69
N CYS D 506 -19.30 39.65 -2.74
CA CYS D 506 -19.36 39.24 -1.34
C CYS D 506 -20.79 39.25 -0.81
N VAL D 507 -21.20 38.16 -0.18
CA VAL D 507 -22.56 38.05 0.31
C VAL D 507 -22.57 37.61 1.78
N ASN D 508 -23.29 38.32 2.63
CA ASN D 508 -23.27 38.08 4.06
C ASN D 508 -24.67 38.00 4.66
N ASN D 509 -24.93 36.95 5.44
CA ASN D 509 -26.26 36.77 6.02
C ASN D 509 -26.25 37.22 7.46
N LEU D 510 -27.11 38.16 7.80
CA LEU D 510 -27.13 38.71 9.13
C LEU D 510 -28.13 38.00 10.01
N SER D 511 -28.99 37.21 9.41
CA SER D 511 -29.97 36.44 10.16
C SER D 511 -29.39 35.13 10.67
N ARG D 512 -29.95 34.59 11.74
CA ARG D 512 -29.44 33.34 12.26
C ARG D 512 -30.11 32.19 11.56
N PHE D 513 -31.06 32.49 10.68
CA PHE D 513 -31.73 31.45 9.92
C PHE D 513 -31.22 31.43 8.49
N PRO D 514 -31.36 30.27 7.82
CA PRO D 514 -30.99 30.27 6.41
C PRO D 514 -31.80 31.29 5.64
N GLN D 515 -31.17 31.95 4.66
CA GLN D 515 -31.80 33.02 3.90
C GLN D 515 -31.52 32.90 2.41
N PRO D 516 -32.53 33.18 1.58
CA PRO D 516 -32.39 33.31 0.14
C PRO D 516 -32.07 34.74 -0.24
N VAL D 517 -31.24 34.91 -1.25
CA VAL D 517 -31.05 36.24 -1.80
C VAL D 517 -31.08 36.18 -3.34
N GLU D 518 -31.85 37.07 -3.93
CA GLU D 518 -31.92 37.17 -5.37
C GLU D 518 -31.23 38.42 -5.85
N LEU D 519 -30.19 38.24 -6.64
CA LEU D 519 -29.34 39.32 -7.08
C LEU D 519 -29.45 39.56 -8.58
N ASP D 520 -29.50 40.82 -8.96
CA ASP D 520 -29.43 41.19 -10.37
C ASP D 520 -27.99 41.39 -10.74
N LEU D 521 -27.41 40.40 -11.38
CA LEU D 521 -26.00 40.46 -11.72
C LEU D 521 -25.77 40.69 -13.19
N ARG D 522 -26.68 41.39 -13.83
CA ARG D 522 -26.63 41.51 -15.28
C ARG D 522 -25.41 42.26 -15.79
N ARG D 523 -24.79 43.11 -14.98
CA ARG D 523 -23.52 43.70 -15.36
C ARG D 523 -22.47 42.64 -15.60
N PHE D 524 -22.64 41.47 -14.99
CA PHE D 524 -21.61 40.47 -15.09
C PHE D 524 -22.09 39.28 -15.89
N GLU D 525 -23.03 39.53 -16.79
CA GLU D 525 -23.59 38.47 -17.61
C GLU D 525 -22.50 37.75 -18.35
N GLY D 526 -22.54 36.43 -18.30
CA GLY D 526 -21.53 35.60 -18.91
C GLY D 526 -20.48 35.09 -17.94
N CYS D 527 -20.27 35.76 -16.81
CA CYS D 527 -19.28 35.29 -15.83
C CYS D 527 -19.71 34.01 -15.12
N THR D 528 -18.70 33.20 -14.83
CA THR D 528 -18.83 31.98 -14.09
C THR D 528 -18.16 32.21 -12.76
N PRO D 529 -18.95 32.50 -11.72
CA PRO D 529 -18.37 32.81 -10.42
C PRO D 529 -17.61 31.64 -9.85
N VAL D 530 -16.47 31.94 -9.29
CA VAL D 530 -15.69 30.92 -8.64
C VAL D 530 -15.66 31.22 -7.17
N GLU D 531 -16.17 30.29 -6.37
CA GLU D 531 -16.18 30.49 -4.92
C GLU D 531 -14.76 30.37 -4.40
N CYS D 532 -14.36 31.29 -3.53
CA CYS D 532 -12.96 31.39 -3.16
C CYS D 532 -12.44 30.26 -2.31
N MET D 533 -13.23 29.77 -1.37
CA MET D 533 -12.73 28.76 -0.45
C MET D 533 -12.39 27.49 -1.17
N GLY D 534 -13.24 27.09 -2.10
CA GLY D 534 -13.06 25.79 -2.74
C GLY D 534 -12.79 25.75 -4.23
N GLY D 535 -12.88 26.89 -4.89
CA GLY D 535 -12.56 26.93 -6.30
C GLY D 535 -13.58 26.26 -7.20
N VAL D 536 -14.77 26.00 -6.71
CA VAL D 536 -15.79 25.38 -7.55
C VAL D 536 -16.47 26.43 -8.41
N GLN D 537 -16.69 26.10 -9.67
CA GLN D 537 -17.34 27.01 -10.57
C GLN D 537 -18.85 26.92 -10.42
N PHE D 538 -19.49 28.07 -10.22
CA PHE D 538 -20.93 28.14 -10.06
C PHE D 538 -21.53 28.39 -11.43
N PRO D 539 -22.84 28.21 -11.60
CA PRO D 539 -23.44 28.40 -12.92
C PRO D 539 -23.24 29.78 -13.49
N ALA D 540 -23.19 29.85 -14.81
CA ALA D 540 -22.99 31.13 -15.49
C ALA D 540 -24.09 32.09 -15.13
N ILE D 541 -23.73 33.36 -15.03
CA ILE D 541 -24.68 34.40 -14.75
C ILE D 541 -25.51 34.73 -15.98
N GLY D 542 -26.82 34.49 -15.90
CA GLY D 542 -27.70 34.87 -16.99
C GLY D 542 -28.36 36.19 -16.66
N GLU D 543 -29.50 36.49 -17.30
CA GLU D 543 -30.14 37.78 -17.07
C GLU D 543 -31.27 37.62 -16.08
N LEU D 544 -31.45 36.40 -15.60
CA LEU D 544 -32.48 36.16 -14.64
C LEU D 544 -31.82 36.42 -13.31
N PRO D 545 -32.59 36.78 -12.27
CA PRO D 545 -31.97 36.96 -10.95
C PRO D 545 -31.20 35.73 -10.52
N TYR D 546 -30.02 35.91 -9.95
CA TYR D 546 -29.16 34.82 -9.53
C TYR D 546 -29.47 34.45 -8.09
N LEU D 547 -29.76 33.18 -7.83
CA LEU D 547 -30.13 32.79 -6.47
C LEU D 547 -29.00 32.13 -5.71
N LEU D 548 -28.55 32.82 -4.67
CA LEU D 548 -27.60 32.31 -3.72
C LEU D 548 -28.35 32.02 -2.42
N THR D 549 -28.04 30.90 -1.79
CA THR D 549 -28.65 30.54 -0.51
C THR D 549 -27.63 30.52 0.60
N LEU D 550 -27.87 31.22 1.70
CA LEU D 550 -26.91 31.18 2.81
C LEU D 550 -27.47 30.57 4.09
N PRO D 551 -26.61 29.88 4.85
CA PRO D 551 -26.97 29.39 6.17
C PRO D 551 -26.96 30.49 7.20
N GLY D 552 -27.39 30.21 8.42
CA GLY D 552 -27.38 31.21 9.46
C GLY D 552 -26.01 31.80 9.65
N HIS D 553 -25.92 33.11 9.51
CA HIS D 553 -24.68 33.85 9.63
C HIS D 553 -23.59 33.41 8.68
N GLY D 554 -24.00 32.96 7.50
CA GLY D 554 -23.07 32.52 6.50
C GLY D 554 -22.58 33.66 5.64
N PHE D 555 -21.61 33.37 4.80
CA PHE D 555 -21.10 34.32 3.83
C PHE D 555 -20.44 33.56 2.69
N TYR D 556 -20.43 34.17 1.51
CA TYR D 556 -19.64 33.66 0.43
C TYR D 556 -18.80 34.75 -0.19
N TRP D 557 -17.62 34.37 -0.66
CA TRP D 557 -16.83 35.23 -1.52
C TRP D 557 -16.76 34.54 -2.85
N PHE D 558 -17.10 35.25 -3.93
CA PHE D 558 -17.01 34.73 -5.28
C PHE D 558 -16.06 35.56 -6.12
N VAL D 559 -15.18 34.91 -6.87
CA VAL D 559 -14.41 35.61 -7.89
C VAL D 559 -15.26 35.65 -9.14
N LEU D 560 -15.19 36.73 -9.89
CA LEU D 560 -15.89 36.79 -11.18
C LEU D 560 -14.90 36.85 -12.35
N PRO E 17 19.47 -31.62 -87.91
CA PRO E 17 19.11 -32.16 -86.60
C PRO E 17 19.58 -33.60 -86.38
N ARG E 18 18.73 -34.35 -85.68
CA ARG E 18 18.94 -35.76 -85.32
C ARG E 18 20.18 -35.98 -84.44
N ASP E 19 19.95 -36.56 -83.26
CA ASP E 19 20.98 -36.80 -82.27
C ASP E 19 20.80 -38.17 -81.59
N PRO E 20 21.34 -39.22 -82.21
CA PRO E 20 21.07 -40.60 -81.78
C PRO E 20 21.57 -40.92 -80.39
N TYR E 21 22.60 -40.22 -79.93
CA TYR E 21 23.19 -40.55 -78.64
C TYR E 21 23.22 -39.38 -77.65
N TRP E 22 22.15 -38.61 -77.63
CA TRP E 22 22.06 -37.39 -76.82
C TRP E 22 22.31 -37.67 -75.34
N TYR E 23 21.96 -38.86 -74.89
CA TYR E 23 22.07 -39.21 -73.48
C TYR E 23 23.51 -39.19 -73.01
N LYS E 24 24.47 -39.13 -73.93
CA LYS E 24 25.86 -39.10 -73.51
C LYS E 24 26.28 -37.73 -72.98
N HIS E 25 25.61 -36.67 -73.41
CA HIS E 25 25.91 -35.33 -72.91
C HIS E 25 24.75 -34.76 -72.12
N ALA E 26 23.93 -35.65 -71.57
CA ALA E 26 22.75 -35.25 -70.83
C ALA E 26 22.96 -35.14 -69.30
N VAL E 27 22.28 -34.20 -68.68
CA VAL E 27 22.13 -34.24 -67.24
C VAL E 27 20.66 -34.52 -66.96
N PHE E 28 20.35 -35.59 -66.24
CA PHE E 28 18.95 -35.95 -65.98
C PHE E 28 18.47 -35.42 -64.64
N TYR E 29 17.18 -35.17 -64.52
CA TYR E 29 16.60 -34.66 -63.27
C TYR E 29 15.47 -35.59 -62.90
N GLU E 30 15.63 -36.36 -61.82
CA GLU E 30 14.61 -37.30 -61.41
C GLU E 30 13.57 -36.54 -60.59
N VAL E 31 12.29 -36.64 -60.97
CA VAL E 31 11.23 -35.91 -60.28
C VAL E 31 10.03 -36.79 -59.94
N LEU E 32 9.55 -36.66 -58.70
CA LEU E 32 8.31 -37.27 -58.27
C LEU E 32 7.15 -36.36 -58.59
N VAL E 33 6.35 -36.69 -59.58
CA VAL E 33 5.25 -35.85 -59.98
C VAL E 33 4.33 -35.50 -58.81
N ARG E 34 4.04 -36.48 -57.97
CA ARG E 34 3.19 -36.32 -56.81
C ARG E 34 3.72 -35.22 -55.90
N GLY E 35 5.01 -34.96 -56.00
CA GLY E 35 5.65 -34.07 -55.09
C GLY E 35 6.29 -32.84 -55.65
N PHE E 36 6.08 -32.51 -56.91
CA PHE E 36 6.79 -31.36 -57.47
C PHE E 36 5.93 -30.11 -57.44
N SER E 37 4.75 -30.15 -58.04
CA SER E 37 3.93 -28.97 -57.98
C SER E 37 2.44 -29.27 -58.09
N ASP E 38 1.66 -28.60 -57.27
CA ASP E 38 0.21 -28.81 -57.21
C ASP E 38 -0.53 -27.61 -57.82
N SER E 39 -1.20 -27.85 -58.94
CA SER E 39 -1.97 -26.81 -59.58
C SER E 39 -3.43 -26.86 -59.18
N ASN E 40 -4.04 -28.05 -59.19
CA ASN E 40 -5.45 -28.23 -58.80
C ASN E 40 -5.74 -27.85 -57.34
N ASP E 41 -4.69 -27.73 -56.53
CA ASP E 41 -4.77 -27.39 -55.10
C ASP E 41 -5.50 -28.38 -54.23
N ASP E 42 -5.35 -29.66 -54.58
CA ASP E 42 -5.97 -30.75 -53.84
C ASP E 42 -4.99 -31.48 -52.92
N GLY E 43 -3.76 -30.99 -52.84
CA GLY E 43 -2.76 -31.58 -51.96
C GLY E 43 -1.87 -32.57 -52.67
N THR E 44 -2.15 -32.80 -53.94
CA THR E 44 -1.33 -33.69 -54.73
C THR E 44 -0.89 -33.07 -56.02
N GLY E 45 0.42 -33.18 -56.24
CA GLY E 45 1.09 -32.67 -57.42
C GLY E 45 0.68 -33.42 -58.67
N ASP E 46 0.72 -32.74 -59.79
CA ASP E 46 0.13 -33.25 -61.00
C ASP E 46 0.97 -32.83 -62.18
N LEU E 47 0.70 -33.44 -63.33
CA LEU E 47 1.44 -33.12 -64.54
C LEU E 47 1.30 -31.66 -64.90
N ARG E 48 0.14 -31.08 -64.68
CA ARG E 48 -0.04 -29.67 -65.00
C ARG E 48 0.94 -28.85 -64.21
N GLY E 49 1.07 -29.17 -62.92
CA GLY E 49 2.03 -28.49 -62.07
C GLY E 49 3.44 -28.62 -62.57
N LEU E 50 3.83 -29.82 -62.97
CA LEU E 50 5.12 -30.00 -63.56
C LEU E 50 5.24 -29.18 -64.84
N ILE E 51 4.20 -29.17 -65.65
CA ILE E 51 4.21 -28.35 -66.86
C ILE E 51 4.46 -26.88 -66.51
N ASN E 52 3.83 -26.42 -65.44
CA ASN E 52 3.97 -25.04 -65.01
C ASN E 52 5.39 -24.71 -64.53
N ARG E 53 6.16 -25.74 -64.19
CA ARG E 53 7.50 -25.50 -63.67
C ARG E 53 8.59 -25.77 -64.69
N LEU E 54 8.24 -26.04 -65.93
CA LEU E 54 9.25 -26.30 -66.95
C LEU E 54 10.21 -25.13 -67.09
N ASP E 55 9.76 -23.92 -66.76
CA ASP E 55 10.61 -22.76 -66.92
C ASP E 55 11.78 -22.83 -65.95
N TYR E 56 11.54 -23.42 -64.79
CA TYR E 56 12.61 -23.54 -63.82
C TYR E 56 13.61 -24.56 -64.28
N LEU E 57 13.14 -25.72 -64.72
CA LEU E 57 14.03 -26.77 -65.14
C LEU E 57 14.93 -26.27 -66.26
N GLN E 58 14.42 -25.38 -67.07
CA GLN E 58 15.24 -24.82 -68.12
C GLN E 58 16.28 -23.89 -67.53
N TRP E 59 15.88 -23.12 -66.53
CA TRP E 59 16.76 -22.17 -65.89
C TRP E 59 17.89 -22.92 -65.21
N LEU E 60 17.56 -24.07 -64.65
CA LEU E 60 18.53 -24.90 -63.98
C LEU E 60 19.51 -25.44 -64.98
N GLY E 61 18.98 -25.89 -66.12
CA GLY E 61 19.81 -26.31 -67.22
C GLY E 61 19.83 -27.79 -67.51
N ILE E 62 18.91 -28.54 -66.92
CA ILE E 62 18.91 -29.97 -67.12
C ILE E 62 18.41 -30.28 -68.52
N ASP E 63 18.72 -31.49 -69.00
CA ASP E 63 18.50 -31.86 -70.40
C ASP E 63 17.36 -32.88 -70.55
N CYS E 64 17.03 -33.57 -69.46
CA CYS E 64 16.00 -34.59 -69.53
C CYS E 64 15.33 -34.81 -68.19
N ILE E 65 14.01 -34.81 -68.21
CA ILE E 65 13.21 -35.10 -67.04
C ILE E 65 13.01 -36.60 -66.93
N TRP E 66 13.22 -37.15 -65.75
CA TRP E 66 13.01 -38.57 -65.52
C TRP E 66 11.84 -38.71 -64.56
N LEU E 67 10.73 -39.24 -65.03
CA LEU E 67 9.55 -39.36 -64.20
C LEU E 67 9.54 -40.65 -63.43
N LEU E 68 9.34 -40.54 -62.14
CA LEU E 68 9.04 -41.70 -61.33
C LEU E 68 7.66 -42.17 -61.81
N PRO E 69 7.34 -43.45 -61.63
CA PRO E 69 6.10 -44.06 -62.14
C PRO E 69 4.82 -43.30 -61.80
N ILE E 70 3.99 -43.06 -62.80
CA ILE E 70 2.71 -42.40 -62.60
C ILE E 70 1.56 -43.31 -63.03
N TYR E 71 1.88 -44.55 -63.34
CA TYR E 71 0.88 -45.46 -63.86
C TYR E 71 -0.16 -45.81 -62.81
N GLN E 72 -1.32 -46.31 -63.25
CA GLN E 72 -2.34 -46.81 -62.32
C GLN E 72 -1.79 -47.88 -61.43
N SER E 73 -2.09 -47.76 -60.15
CA SER E 73 -1.47 -48.59 -59.14
C SER E 73 -2.24 -48.54 -57.84
N PRO E 74 -2.24 -49.65 -57.11
CA PRO E 74 -2.79 -49.66 -55.76
C PRO E 74 -1.88 -48.91 -54.82
N LEU E 75 -0.72 -48.50 -55.32
CA LEU E 75 0.29 -47.79 -54.53
C LEU E 75 0.71 -48.61 -53.32
N ARG E 76 0.95 -49.91 -53.50
CA ARG E 76 1.37 -50.74 -52.37
C ARG E 76 2.88 -50.89 -52.25
N ASP E 77 3.60 -50.42 -53.27
CA ASP E 77 5.05 -50.46 -53.24
C ASP E 77 5.63 -49.30 -54.04
N GLY E 78 5.28 -48.09 -53.64
CA GLY E 78 5.82 -46.88 -54.22
C GLY E 78 5.35 -46.61 -55.63
N GLY E 79 4.37 -47.38 -56.10
CA GLY E 79 3.86 -47.20 -57.44
C GLY E 79 4.64 -48.00 -58.46
N TYR E 80 5.53 -48.84 -57.96
CA TYR E 80 6.30 -49.74 -58.80
C TYR E 80 5.54 -51.03 -58.98
N ASP E 81 4.34 -51.07 -58.42
CA ASP E 81 3.37 -52.17 -58.58
C ASP E 81 2.26 -51.72 -59.52
N ILE E 82 2.47 -51.93 -60.82
CA ILE E 82 1.63 -51.32 -61.85
C ILE E 82 0.37 -52.15 -62.18
N SER E 83 -0.77 -51.45 -62.29
CA SER E 83 -2.06 -52.08 -62.55
C SER E 83 -2.58 -51.87 -63.93
N ASP E 84 -2.03 -50.88 -64.62
CA ASP E 84 -2.36 -50.63 -66.01
C ASP E 84 -1.26 -49.77 -66.61
N TYR E 85 -0.53 -50.35 -67.55
CA TYR E 85 0.61 -49.68 -68.16
C TYR E 85 0.21 -48.52 -69.05
N THR E 86 -1.07 -48.43 -69.40
CA THR E 86 -1.48 -47.42 -70.39
C THR E 86 -2.45 -46.39 -69.82
N LYS E 87 -2.68 -46.47 -68.51
CA LYS E 87 -3.51 -45.48 -67.84
C LYS E 87 -2.68 -44.67 -66.83
N ILE E 88 -2.83 -43.35 -66.87
CA ILE E 88 -2.23 -42.48 -65.87
C ILE E 88 -3.15 -42.31 -64.67
N LEU E 89 -2.63 -42.58 -63.49
CA LEU E 89 -3.35 -42.39 -62.24
C LEU E 89 -4.03 -41.03 -62.13
N PRO E 90 -5.32 -41.01 -61.83
CA PRO E 90 -6.21 -39.84 -61.81
C PRO E 90 -5.68 -38.70 -60.96
N GLU E 91 -4.98 -39.03 -59.88
CA GLU E 91 -4.35 -38.05 -59.02
C GLU E 91 -3.45 -37.10 -59.80
N PHE E 92 -2.84 -37.60 -60.88
CA PHE E 92 -1.80 -36.87 -61.61
C PHE E 92 -2.28 -36.20 -62.89
N GLY E 93 -3.52 -36.45 -63.30
CA GLY E 93 -4.04 -35.90 -64.55
C GLY E 93 -4.43 -36.97 -65.55
N ASP E 94 -4.49 -36.59 -66.83
CA ASP E 94 -4.83 -37.55 -67.89
C ASP E 94 -3.76 -37.61 -68.97
N LEU E 95 -3.95 -38.48 -69.96
CA LEU E 95 -3.00 -38.64 -71.03
C LEU E 95 -2.85 -37.39 -71.90
N GLY E 96 -3.85 -36.51 -71.84
CA GLY E 96 -3.75 -35.27 -72.58
C GLY E 96 -2.70 -34.38 -71.95
N ASP E 97 -2.68 -34.36 -70.62
CA ASP E 97 -1.69 -33.60 -69.88
C ASP E 97 -0.29 -34.09 -70.22
N PHE E 98 -0.11 -35.39 -70.24
CA PHE E 98 1.18 -35.98 -70.50
C PHE E 98 1.70 -35.56 -71.86
N VAL E 99 0.81 -35.55 -72.85
CA VAL E 99 1.21 -35.19 -74.19
C VAL E 99 1.68 -33.75 -74.21
N GLU E 100 0.98 -32.89 -73.48
CA GLU E 100 1.39 -31.49 -73.41
C GLU E 100 2.74 -31.32 -72.72
N LEU E 101 3.00 -32.16 -71.73
CA LEU E 101 4.27 -32.11 -71.03
C LEU E 101 5.42 -32.43 -71.98
N VAL E 102 5.30 -33.53 -72.69
CA VAL E 102 6.35 -33.93 -73.60
C VAL E 102 6.57 -32.86 -74.64
N ASP E 103 5.49 -32.23 -75.05
CA ASP E 103 5.59 -31.25 -76.11
C ASP E 103 6.24 -29.96 -75.61
N GLU E 104 5.80 -29.45 -74.47
CA GLU E 104 6.37 -28.21 -73.96
C GLU E 104 7.80 -28.40 -73.44
N ALA E 105 8.14 -29.59 -73.01
CA ALA E 105 9.51 -29.86 -72.65
C ALA E 105 10.39 -29.82 -73.90
N HIS E 106 9.95 -30.51 -74.95
CA HIS E 106 10.71 -30.53 -76.19
C HIS E 106 10.95 -29.12 -76.70
N ARG E 107 9.90 -28.30 -76.70
CA ARG E 107 10.03 -26.91 -77.10
C ARG E 107 11.08 -26.16 -76.29
N ARG E 108 11.39 -26.67 -75.10
CA ARG E 108 12.42 -26.06 -74.27
C ARG E 108 13.76 -26.80 -74.33
N GLY E 109 13.86 -27.81 -75.19
CA GLY E 109 15.13 -28.49 -75.40
C GLY E 109 15.37 -29.54 -74.35
N ILE E 110 14.28 -29.94 -73.69
CA ILE E 110 14.31 -30.90 -72.61
C ILE E 110 13.63 -32.19 -73.00
N ARG E 111 14.27 -33.32 -72.75
CA ARG E 111 13.63 -34.58 -73.08
C ARG E 111 12.91 -35.19 -71.89
N VAL E 112 12.18 -36.28 -72.11
CA VAL E 112 11.41 -36.94 -71.06
C VAL E 112 11.59 -38.45 -71.14
N ILE E 113 11.92 -39.08 -70.02
CA ILE E 113 11.92 -40.55 -69.94
C ILE E 113 11.17 -40.96 -68.69
N ALA E 114 10.83 -42.25 -68.56
CA ALA E 114 10.10 -42.70 -67.39
C ALA E 114 10.51 -44.07 -66.91
N ASP E 115 10.33 -44.30 -65.62
CA ASP E 115 10.50 -45.62 -65.06
C ASP E 115 9.42 -46.49 -65.65
N LEU E 116 9.73 -47.74 -65.93
CA LEU E 116 8.69 -48.68 -66.30
C LEU E 116 9.10 -50.06 -65.87
N VAL E 117 8.27 -50.71 -65.07
CA VAL E 117 8.59 -52.02 -64.53
C VAL E 117 8.28 -53.14 -65.52
N MET E 118 9.33 -53.77 -66.02
CA MET E 118 9.19 -54.80 -67.02
C MET E 118 8.91 -56.17 -66.44
N ASN E 119 9.41 -56.43 -65.25
CA ASN E 119 9.40 -57.79 -64.72
C ASN E 119 8.06 -58.26 -64.19
N HIS E 120 7.36 -57.38 -63.48
CA HIS E 120 6.15 -57.79 -62.79
C HIS E 120 5.09 -56.71 -62.81
N THR E 121 3.86 -57.10 -62.50
CA THR E 121 2.74 -56.16 -62.39
C THR E 121 2.14 -56.40 -61.04
N SER E 122 1.19 -55.57 -60.63
CA SER E 122 0.48 -55.88 -59.40
C SER E 122 -0.42 -57.07 -59.62
N ASP E 123 -0.82 -57.70 -58.52
CA ASP E 123 -1.84 -58.72 -58.59
C ASP E 123 -3.19 -58.12 -58.98
N GLN E 124 -3.30 -56.79 -58.90
CA GLN E 124 -4.55 -56.12 -59.21
C GLN E 124 -4.60 -55.77 -60.69
N HIS E 125 -3.58 -56.19 -61.44
CA HIS E 125 -3.57 -56.01 -62.89
C HIS E 125 -4.56 -56.97 -63.51
N PRO E 126 -5.43 -56.47 -64.40
CA PRO E 126 -6.40 -57.35 -65.04
C PRO E 126 -5.83 -58.64 -65.63
N TRP E 127 -4.65 -58.60 -66.24
CA TRP E 127 -4.04 -59.82 -66.76
C TRP E 127 -3.87 -60.87 -65.69
N PHE E 128 -3.50 -60.45 -64.49
CA PHE E 128 -3.29 -61.40 -63.42
C PHE E 128 -4.63 -62.05 -63.13
N GLN E 129 -5.58 -61.18 -62.86
CA GLN E 129 -6.91 -61.63 -62.55
C GLN E 129 -7.52 -62.52 -63.59
N ALA E 130 -7.15 -62.29 -64.84
CA ALA E 130 -7.58 -63.11 -65.93
C ALA E 130 -6.63 -64.26 -66.17
N SER E 131 -5.54 -64.34 -65.42
CA SER E 131 -4.73 -65.52 -65.55
C SER E 131 -5.16 -66.53 -64.50
N ARG E 132 -6.19 -66.22 -63.72
CA ARG E 132 -6.62 -67.22 -62.75
C ARG E 132 -8.06 -67.76 -62.75
N THR E 133 -9.02 -67.03 -63.28
CA THR E 133 -10.37 -67.58 -63.38
C THR E 133 -10.33 -68.57 -64.59
N ASP E 134 -9.59 -68.23 -65.65
CA ASP E 134 -9.35 -69.24 -66.70
C ASP E 134 -7.91 -69.38 -67.26
N PRO E 135 -7.20 -70.42 -66.83
CA PRO E 135 -5.89 -70.87 -67.35
C PRO E 135 -5.92 -71.20 -68.84
N ASP E 136 -7.11 -71.38 -69.41
CA ASP E 136 -7.21 -71.67 -70.84
C ASP E 136 -7.07 -70.41 -71.67
N GLY E 137 -7.28 -69.25 -71.04
CA GLY E 137 -7.61 -68.05 -71.77
C GLY E 137 -6.34 -67.45 -72.34
N PRO E 138 -6.45 -66.33 -73.08
CA PRO E 138 -5.23 -65.87 -73.75
C PRO E 138 -4.23 -65.32 -72.74
N TYR E 139 -4.75 -65.00 -71.56
CA TYR E 139 -3.93 -64.43 -70.50
C TYR E 139 -3.55 -65.52 -69.52
N GLY E 140 -4.15 -66.70 -69.68
CA GLY E 140 -3.94 -67.81 -68.78
C GLY E 140 -2.52 -68.16 -68.37
N ASP E 141 -1.59 -68.06 -69.31
CA ASP E 141 -0.18 -68.31 -69.02
C ASP E 141 0.71 -67.09 -69.19
N PHE E 142 0.22 -65.95 -68.71
CA PHE E 142 0.98 -64.69 -68.69
C PHE E 142 1.94 -64.61 -67.50
N TYR E 143 1.70 -65.43 -66.49
CA TYR E 143 2.55 -65.42 -65.33
C TYR E 143 3.15 -66.78 -65.13
N MET E 144 4.16 -66.87 -64.26
CA MET E 144 4.92 -68.10 -64.09
C MET E 144 4.31 -69.00 -63.04
N TRP E 145 3.67 -70.09 -63.48
CA TRP E 145 3.01 -70.99 -62.55
C TRP E 145 3.70 -72.38 -62.42
N SER E 146 3.55 -73.01 -61.27
CA SER E 146 4.13 -74.33 -60.99
C SER E 146 3.35 -74.99 -59.87
N ASP E 147 3.26 -76.31 -59.91
CA ASP E 147 2.49 -77.01 -58.89
C ASP E 147 3.29 -77.08 -57.61
N THR E 148 4.60 -76.98 -57.74
CA THR E 148 5.48 -77.05 -56.59
C THR E 148 6.21 -75.72 -56.36
N ASP E 149 6.61 -75.49 -55.12
CA ASP E 149 7.42 -74.34 -54.76
C ASP E 149 8.91 -74.67 -54.68
N ASP E 150 9.33 -75.73 -55.38
CA ASP E 150 10.71 -76.19 -55.29
C ASP E 150 11.53 -75.74 -56.47
N LYS E 151 10.85 -75.29 -57.53
CA LYS E 151 11.53 -74.90 -58.75
C LYS E 151 12.34 -73.61 -58.54
N TYR E 152 13.41 -73.46 -59.32
CA TYR E 152 14.33 -72.32 -59.23
C TYR E 152 14.88 -72.07 -57.81
N PRO E 153 15.51 -73.08 -57.20
CA PRO E 153 15.91 -72.97 -55.80
C PRO E 153 17.16 -72.15 -55.52
N ASP E 154 17.92 -71.76 -56.55
CA ASP E 154 19.17 -71.05 -56.27
C ASP E 154 18.96 -69.57 -56.47
N ALA E 155 17.70 -69.17 -56.61
CA ALA E 155 17.40 -67.77 -56.65
C ALA E 155 17.15 -67.30 -55.23
N ARG E 156 17.98 -66.35 -54.81
CA ARG E 156 17.86 -65.68 -53.53
C ARG E 156 16.51 -64.99 -53.32
N ILE E 157 16.13 -64.83 -52.07
CA ILE E 157 14.99 -63.98 -51.75
C ILE E 157 15.43 -62.54 -51.58
N ILE E 158 14.86 -61.64 -52.37
CA ILE E 158 15.25 -60.24 -52.30
C ILE E 158 14.79 -59.59 -50.99
N PHE E 159 13.51 -59.68 -50.71
CA PHE E 159 12.97 -59.11 -49.50
C PHE E 159 12.95 -60.12 -48.38
N VAL E 160 14.15 -60.52 -47.96
CA VAL E 160 14.33 -61.59 -46.99
C VAL E 160 13.65 -61.29 -45.68
N ASP E 161 13.31 -60.03 -45.47
CA ASP E 161 12.79 -59.65 -44.18
C ASP E 161 11.30 -59.80 -44.14
N THR E 162 10.66 -59.80 -45.31
CA THR E 162 9.20 -59.90 -45.38
C THR E 162 8.71 -61.13 -46.12
N GLU E 163 9.51 -61.64 -47.05
CA GLU E 163 9.01 -62.74 -47.86
C GLU E 163 9.78 -64.04 -47.61
N VAL E 164 9.05 -65.05 -47.14
CA VAL E 164 9.59 -66.37 -46.84
C VAL E 164 9.61 -67.11 -48.17
N SER E 165 8.73 -66.61 -49.03
CA SER E 165 8.49 -67.01 -50.42
C SER E 165 9.60 -66.82 -51.45
N ASN E 166 9.44 -67.46 -52.60
CA ASN E 166 9.50 -66.81 -53.91
C ASN E 166 8.45 -67.41 -54.79
N TRP E 167 7.81 -68.43 -54.24
CA TRP E 167 6.63 -69.02 -54.82
C TRP E 167 5.60 -68.88 -53.70
N THR E 168 4.41 -68.45 -54.03
CA THR E 168 3.34 -68.47 -53.06
C THR E 168 2.17 -69.04 -53.78
N TYR E 169 1.30 -69.65 -53.01
CA TYR E 169 0.21 -70.37 -53.59
C TYR E 169 -1.02 -69.49 -53.62
N ASP E 170 -1.65 -69.45 -54.79
CA ASP E 170 -2.90 -68.73 -55.01
C ASP E 170 -4.01 -69.75 -55.06
N PRO E 171 -4.99 -69.61 -54.16
CA PRO E 171 -6.11 -70.54 -54.08
C PRO E 171 -7.09 -70.53 -55.25
N VAL E 172 -7.45 -69.35 -55.78
CA VAL E 172 -8.48 -69.26 -56.80
C VAL E 172 -7.99 -70.00 -58.04
N ARG E 173 -6.68 -70.08 -58.20
CA ARG E 173 -6.12 -70.85 -59.29
C ARG E 173 -5.84 -72.24 -58.80
N GLY E 174 -5.41 -72.35 -57.54
CA GLY E 174 -5.06 -73.63 -56.98
C GLY E 174 -3.63 -74.02 -57.31
N GLN E 175 -2.80 -73.02 -57.56
CA GLN E 175 -1.40 -73.30 -57.81
C GLN E 175 -0.46 -72.17 -57.33
N TYR E 176 0.84 -72.46 -57.28
CA TYR E 176 1.84 -71.48 -56.87
C TYR E 176 2.20 -70.54 -58.01
N TYR E 177 2.42 -69.25 -57.72
CA TYR E 177 3.03 -68.40 -58.75
C TYR E 177 4.38 -67.84 -58.30
N TRP E 178 5.11 -67.29 -59.27
CA TRP E 178 6.50 -66.85 -59.10
C TRP E 178 6.58 -65.35 -58.94
N HIS E 179 7.42 -64.90 -58.01
CA HIS E 179 7.61 -63.46 -57.83
C HIS E 179 8.97 -63.20 -57.20
N ARG E 180 9.80 -62.36 -57.82
CA ARG E 180 11.09 -62.07 -57.21
C ARG E 180 10.95 -60.91 -56.24
N PHE E 181 9.85 -60.17 -56.39
CA PHE E 181 9.54 -59.03 -55.51
C PHE E 181 8.47 -59.41 -54.52
N PHE E 182 7.56 -58.50 -54.22
CA PHE E 182 6.53 -58.81 -53.23
C PHE E 182 5.42 -59.71 -53.78
N SER E 183 4.73 -60.41 -52.89
CA SER E 183 3.69 -61.37 -53.26
C SER E 183 2.55 -60.71 -54.03
N HIS E 184 2.48 -59.39 -54.01
CA HIS E 184 1.42 -58.70 -54.74
C HIS E 184 2.01 -58.19 -56.05
N GLN E 185 3.21 -58.63 -56.35
CA GLN E 185 3.87 -58.26 -57.61
C GLN E 185 4.30 -59.52 -58.35
N PRO E 186 3.34 -60.26 -58.92
CA PRO E 186 3.71 -61.50 -59.59
C PRO E 186 4.50 -61.27 -60.86
N ASP E 187 5.54 -62.06 -61.04
CA ASP E 187 6.38 -61.97 -62.22
C ASP E 187 5.62 -62.33 -63.45
N LEU E 188 6.07 -61.82 -64.59
CA LEU E 188 5.46 -62.11 -65.88
C LEU E 188 6.14 -63.28 -66.56
N ASN E 189 5.37 -64.11 -67.24
CA ASN E 189 6.00 -65.24 -67.89
C ASN E 189 6.75 -64.73 -69.10
N TYR E 190 8.07 -64.61 -69.08
CA TYR E 190 8.61 -64.09 -70.32
C TYR E 190 8.94 -65.17 -71.34
N ASP E 191 8.69 -66.44 -71.02
CA ASP E 191 8.83 -67.46 -72.06
C ASP E 191 7.62 -67.43 -72.97
N ASN E 192 6.53 -66.85 -72.49
CA ASN E 192 5.32 -66.70 -73.28
C ASN E 192 5.44 -65.56 -74.27
N PRO E 193 5.37 -65.90 -75.56
CA PRO E 193 5.49 -64.91 -76.63
C PRO E 193 4.41 -63.85 -76.59
N ALA E 194 3.27 -64.14 -75.97
CA ALA E 194 2.19 -63.16 -75.94
C ALA E 194 2.54 -62.07 -74.96
N VAL E 195 3.32 -62.44 -73.94
CA VAL E 195 3.80 -61.48 -72.96
C VAL E 195 4.88 -60.62 -73.60
N GLN E 196 5.79 -61.24 -74.31
CA GLN E 196 6.82 -60.53 -75.05
C GLN E 196 6.19 -59.56 -76.02
N GLU E 197 5.01 -59.89 -76.52
CA GLU E 197 4.34 -58.98 -77.44
C GLU E 197 3.44 -57.91 -76.79
N ALA E 198 2.81 -58.26 -75.68
CA ALA E 198 1.99 -57.30 -74.97
C ALA E 198 2.82 -56.21 -74.33
N MET E 199 3.95 -56.61 -73.78
CA MET E 199 4.84 -55.69 -73.10
C MET E 199 5.54 -54.78 -74.07
N LEU E 200 5.88 -55.33 -75.21
CA LEU E 200 6.46 -54.56 -76.27
C LEU E 200 5.38 -53.59 -76.80
N GLU E 201 4.11 -53.95 -76.73
CA GLU E 201 3.04 -53.02 -77.12
C GLU E 201 3.04 -51.81 -76.19
N VAL E 202 3.19 -52.07 -74.91
CA VAL E 202 3.18 -51.04 -73.88
C VAL E 202 4.23 -49.98 -74.16
N LEU E 203 5.44 -50.42 -74.50
CA LEU E 203 6.52 -49.52 -74.85
C LEU E 203 6.13 -48.66 -76.01
N ARG E 204 5.46 -49.25 -77.00
CA ARG E 204 5.03 -48.49 -78.17
C ARG E 204 3.97 -47.46 -77.81
N PHE E 205 3.10 -47.81 -76.87
CA PHE E 205 2.07 -46.89 -76.44
C PHE E 205 2.66 -45.55 -76.09
N TRP E 206 3.66 -45.58 -75.21
CA TRP E 206 4.28 -44.38 -74.68
C TRP E 206 5.20 -43.71 -75.69
N LEU E 207 5.89 -44.52 -76.50
CA LEU E 207 6.72 -43.99 -77.57
C LEU E 207 5.89 -43.24 -78.60
N ASP E 208 4.64 -43.66 -78.78
CA ASP E 208 3.77 -42.98 -79.72
C ASP E 208 3.35 -41.63 -79.19
N LEU E 209 3.30 -41.51 -77.88
CA LEU E 209 2.94 -40.24 -77.27
C LEU E 209 4.11 -39.25 -77.28
N GLY E 210 5.31 -39.74 -77.59
CA GLY E 210 6.45 -38.87 -77.77
C GLY E 210 7.50 -38.96 -76.68
N ILE E 211 7.33 -39.89 -75.75
CA ILE E 211 8.30 -40.05 -74.69
C ILE E 211 9.62 -40.44 -75.32
N ASP E 212 10.72 -39.97 -74.74
CA ASP E 212 12.00 -40.14 -75.37
C ASP E 212 12.68 -41.41 -74.91
N GLY E 213 12.06 -42.12 -73.98
CA GLY E 213 12.67 -43.35 -73.51
C GLY E 213 12.21 -43.84 -72.17
N PHE E 214 12.87 -44.88 -71.67
CA PHE E 214 12.49 -45.49 -70.41
C PHE E 214 13.66 -45.92 -69.56
N ARG E 215 13.41 -46.07 -68.27
CA ARG E 215 14.28 -46.92 -67.46
C ARG E 215 13.58 -48.25 -67.20
N LEU E 216 14.04 -49.30 -67.85
CA LEU E 216 13.44 -50.61 -67.70
C LEU E 216 13.78 -51.20 -66.34
N ASP E 217 12.77 -51.35 -65.50
CA ASP E 217 13.00 -51.74 -64.13
C ASP E 217 12.94 -53.24 -63.88
N ALA E 218 13.89 -53.71 -63.08
CA ALA E 218 13.97 -55.11 -62.67
C ALA E 218 14.20 -56.08 -63.83
N VAL E 219 14.84 -55.63 -64.89
CA VAL E 219 15.11 -56.53 -66.02
C VAL E 219 16.09 -57.67 -65.71
N PRO E 220 16.87 -57.59 -64.61
CA PRO E 220 17.63 -58.83 -64.39
C PRO E 220 16.76 -60.04 -64.09
N TYR E 221 15.50 -59.87 -63.77
CA TYR E 221 14.73 -61.01 -63.32
C TYR E 221 13.66 -61.46 -64.30
N LEU E 222 13.77 -61.07 -65.57
CA LEU E 222 12.75 -61.40 -66.57
C LEU E 222 12.59 -62.89 -66.79
N TYR E 223 13.70 -63.56 -67.10
CA TYR E 223 13.66 -65.00 -67.34
C TYR E 223 14.22 -65.83 -66.20
N ALA E 224 13.63 -66.99 -66.00
CA ALA E 224 14.11 -67.93 -65.01
C ALA E 224 14.31 -69.28 -65.67
N ARG E 225 15.39 -69.95 -65.29
CA ARG E 225 15.68 -71.28 -65.78
C ARG E 225 16.08 -72.17 -64.62
N GLU E 226 15.74 -73.44 -64.69
CA GLU E 226 16.12 -74.36 -63.64
C GLU E 226 17.62 -74.50 -63.69
N GLY E 227 18.28 -74.52 -62.54
CA GLY E 227 19.71 -74.80 -62.56
C GLY E 227 20.56 -73.56 -62.46
N THR E 228 19.94 -72.40 -62.60
CA THR E 228 20.72 -71.17 -62.65
C THR E 228 20.40 -70.22 -61.50
N ASN E 229 20.69 -68.95 -61.71
CA ASN E 229 20.57 -67.96 -60.68
C ASN E 229 19.28 -67.18 -60.82
N CYS E 230 18.77 -67.19 -62.05
CA CYS E 230 17.50 -66.62 -62.46
C CYS E 230 17.63 -65.11 -62.50
N GLU E 231 18.86 -64.66 -62.67
CA GLU E 231 19.13 -63.28 -63.00
C GLU E 231 20.21 -63.22 -64.06
N ASN E 232 20.14 -62.19 -64.88
CA ASN E 232 21.14 -61.95 -65.92
C ASN E 232 21.21 -63.06 -66.95
N LEU E 233 20.13 -63.83 -67.12
CA LEU E 233 20.19 -64.98 -68.02
C LEU E 233 20.34 -64.56 -69.46
N PRO E 234 21.09 -65.36 -70.24
CA PRO E 234 21.27 -65.01 -71.65
C PRO E 234 19.94 -64.90 -72.40
N GLU E 235 18.91 -65.60 -71.96
CA GLU E 235 17.62 -65.44 -72.61
C GLU E 235 17.12 -64.04 -72.35
N THR E 236 17.46 -63.49 -71.19
CA THR E 236 17.03 -62.13 -70.84
C THR E 236 17.66 -61.11 -71.76
N HIS E 237 18.97 -61.18 -71.91
CA HIS E 237 19.70 -60.27 -72.76
C HIS E 237 19.24 -60.37 -74.19
N ALA E 238 18.81 -61.56 -74.59
CA ALA E 238 18.29 -61.75 -75.92
C ALA E 238 17.02 -60.92 -76.09
N TYR E 239 16.16 -60.92 -75.10
CA TYR E 239 14.92 -60.18 -75.20
C TYR E 239 15.13 -58.69 -75.32
N LEU E 240 16.10 -58.17 -74.57
CA LEU E 240 16.36 -56.74 -74.58
C LEU E 240 16.90 -56.31 -75.95
N LYS E 241 17.74 -57.14 -76.56
CA LYS E 241 18.21 -56.84 -77.91
C LYS E 241 17.02 -56.74 -78.86
N ARG E 242 16.02 -57.58 -78.62
CA ARG E 242 14.79 -57.53 -79.41
C ARG E 242 14.15 -56.17 -79.25
N VAL E 243 14.11 -55.69 -78.02
CA VAL E 243 13.49 -54.41 -77.69
C VAL E 243 14.26 -53.25 -78.30
N ARG E 244 15.58 -53.30 -78.26
CA ARG E 244 16.36 -52.23 -78.88
C ARG E 244 16.10 -52.15 -80.36
N ALA E 245 16.01 -53.30 -81.01
CA ALA E 245 15.78 -53.35 -82.45
C ALA E 245 14.47 -52.69 -82.88
N GLU E 246 13.40 -53.02 -82.16
CA GLU E 246 12.08 -52.53 -82.56
C GLU E 246 11.96 -51.03 -82.33
N VAL E 247 12.48 -50.58 -81.20
CA VAL E 247 12.41 -49.17 -80.86
C VAL E 247 13.22 -48.33 -81.85
N ASP E 248 14.42 -48.79 -82.15
CA ASP E 248 15.28 -48.14 -83.12
C ASP E 248 14.57 -48.06 -84.45
N ARG E 249 13.79 -49.09 -84.76
CA ARG E 249 13.04 -49.17 -86.01
C ARG E 249 11.97 -48.08 -86.18
N LEU E 250 11.10 -48.01 -85.18
CA LEU E 250 9.88 -47.23 -85.30
C LEU E 250 10.06 -45.80 -84.81
N TYR E 251 11.04 -45.59 -83.95
CA TYR E 251 11.24 -44.27 -83.35
C TYR E 251 12.70 -43.87 -83.34
N PRO E 252 13.02 -42.68 -83.83
CA PRO E 252 14.38 -42.17 -83.80
C PRO E 252 14.81 -41.59 -82.43
N ASP E 253 16.08 -41.74 -82.12
CA ASP E 253 16.71 -41.03 -81.01
C ASP E 253 16.06 -41.31 -79.67
N ARG E 254 15.69 -42.55 -79.41
CA ARG E 254 15.11 -42.89 -78.13
C ARG E 254 16.15 -43.60 -77.27
N VAL E 255 15.90 -43.70 -75.97
CA VAL E 255 16.87 -44.29 -75.06
C VAL E 255 16.28 -45.35 -74.13
N LEU E 256 17.02 -46.44 -73.96
CA LEU E 256 16.69 -47.45 -72.96
C LEU E 256 17.75 -47.51 -71.87
N LEU E 257 17.33 -47.30 -70.63
CA LEU E 257 18.21 -47.41 -69.47
C LEU E 257 17.87 -48.67 -68.66
N ALA E 258 18.86 -49.41 -68.17
CA ALA E 258 18.57 -50.58 -67.34
C ALA E 258 18.80 -50.34 -65.85
N GLU E 259 17.82 -50.64 -65.00
CA GLU E 259 18.16 -50.64 -63.58
C GLU E 259 18.56 -52.06 -63.20
N ALA E 260 19.85 -52.26 -62.98
CA ALA E 260 20.33 -53.57 -62.59
C ALA E 260 21.10 -53.45 -61.31
N ASN E 261 20.50 -53.94 -60.24
CA ASN E 261 21.09 -53.88 -58.92
C ASN E 261 22.20 -54.90 -58.72
N GLN E 262 23.21 -54.80 -59.57
CA GLN E 262 24.29 -55.79 -59.62
C GLN E 262 25.64 -55.11 -59.74
N TRP E 263 26.72 -55.85 -59.55
CA TRP E 263 28.05 -55.27 -59.65
C TRP E 263 28.32 -54.85 -61.09
N PRO E 264 28.91 -53.67 -61.30
CA PRO E 264 29.16 -53.22 -62.66
C PRO E 264 30.19 -54.07 -63.38
N ALA E 265 29.75 -55.23 -63.84
CA ALA E 265 30.62 -56.23 -64.47
C ALA E 265 29.67 -57.32 -64.93
N ASP E 266 28.63 -57.51 -64.14
CA ASP E 266 27.51 -58.32 -64.56
C ASP E 266 26.60 -57.39 -65.34
N VAL E 267 26.75 -56.10 -65.06
CA VAL E 267 25.91 -55.07 -65.65
C VAL E 267 26.40 -54.74 -67.03
N VAL E 268 27.70 -54.80 -67.23
CA VAL E 268 28.25 -54.46 -68.54
C VAL E 268 27.63 -55.29 -69.65
N GLU E 269 27.09 -56.45 -69.29
CA GLU E 269 26.47 -57.29 -70.28
C GLU E 269 25.13 -56.76 -70.79
N TYR E 270 24.50 -55.85 -70.07
CA TYR E 270 23.21 -55.31 -70.51
C TYR E 270 23.39 -54.30 -71.62
N PHE E 271 24.63 -54.03 -71.97
CA PHE E 271 24.93 -53.13 -73.07
C PHE E 271 24.97 -53.87 -74.40
N GLY E 272 25.01 -55.19 -74.34
CA GLY E 272 24.98 -56.00 -75.54
C GLY E 272 26.36 -56.24 -76.12
N ASP E 273 26.40 -56.46 -77.43
CA ASP E 273 27.66 -56.75 -78.10
C ASP E 273 28.42 -55.50 -78.45
N PRO E 274 29.63 -55.34 -77.88
CA PRO E 274 30.46 -54.16 -78.09
C PRO E 274 30.86 -53.95 -79.56
N ALA E 275 30.80 -54.99 -80.36
CA ALA E 275 31.20 -54.89 -81.76
C ALA E 275 30.28 -53.95 -82.52
N THR E 276 29.00 -53.91 -82.17
CA THR E 276 28.09 -53.01 -82.83
C THR E 276 28.11 -51.59 -82.24
N GLY E 277 28.84 -51.40 -81.15
CA GLY E 277 28.79 -50.15 -80.43
C GLY E 277 27.69 -50.12 -79.38
N GLY E 278 26.90 -51.18 -79.34
CA GLY E 278 25.80 -51.29 -78.41
C GLY E 278 24.51 -51.58 -79.13
N ASP E 279 23.92 -52.74 -78.83
CA ASP E 279 22.69 -53.16 -79.47
C ASP E 279 21.69 -53.64 -78.45
N GLU E 280 21.89 -53.25 -77.20
CA GLU E 280 20.95 -53.60 -76.15
C GLU E 280 20.52 -52.34 -75.41
N CYS E 281 20.87 -52.22 -74.13
CA CYS E 281 20.53 -51.00 -73.39
C CYS E 281 21.56 -49.89 -73.60
N HIS E 282 21.09 -48.65 -73.74
CA HIS E 282 21.99 -47.53 -73.93
C HIS E 282 22.74 -47.22 -72.66
N MET E 283 22.02 -47.21 -71.55
CA MET E 283 22.60 -46.87 -70.26
C MET E 283 22.25 -47.90 -69.21
N ALA E 284 23.09 -48.00 -68.21
CA ALA E 284 22.77 -48.76 -67.02
C ALA E 284 23.43 -48.01 -65.92
N PHE E 285 23.10 -48.29 -64.68
CA PHE E 285 23.67 -47.48 -63.62
C PHE E 285 24.83 -48.11 -62.89
N HIS E 286 25.83 -47.28 -62.62
CA HIS E 286 27.01 -47.64 -61.88
C HIS E 286 26.82 -47.36 -60.40
N PHE E 287 26.14 -48.28 -59.72
CA PHE E 287 25.73 -48.08 -58.35
C PHE E 287 26.83 -47.92 -57.30
N PRO E 288 27.99 -48.55 -57.49
CA PRO E 288 28.96 -48.32 -56.42
C PRO E 288 29.64 -46.96 -56.39
N VAL E 289 29.34 -46.04 -57.30
CA VAL E 289 30.06 -44.78 -57.27
C VAL E 289 29.90 -44.02 -55.96
N MET E 290 28.67 -43.79 -55.54
CA MET E 290 28.45 -43.00 -54.34
C MET E 290 29.03 -43.69 -53.10
N PRO E 291 28.78 -44.99 -52.92
CA PRO E 291 29.45 -45.61 -51.75
C PRO E 291 30.98 -45.56 -51.80
N ARG E 292 31.60 -45.67 -52.96
CA ARG E 292 33.05 -45.61 -52.96
C ARG E 292 33.55 -44.19 -52.68
N ILE E 293 32.85 -43.17 -53.18
CA ILE E 293 33.19 -41.78 -52.87
C ILE E 293 33.03 -41.49 -51.39
N PHE E 294 31.96 -42.00 -50.83
CA PHE E 294 31.67 -41.84 -49.42
C PHE E 294 32.85 -42.36 -48.62
N MET E 295 33.31 -43.50 -49.06
CA MET E 295 34.38 -44.21 -48.44
C MET E 295 35.69 -43.48 -48.53
N ALA E 296 35.93 -42.85 -49.66
CA ALA E 296 37.12 -42.09 -49.91
C ALA E 296 37.21 -40.90 -48.99
N VAL E 297 36.10 -40.21 -48.79
CA VAL E 297 36.11 -39.05 -47.93
C VAL E 297 36.37 -39.42 -46.48
N ARG E 298 35.81 -40.53 -46.03
CA ARG E 298 36.00 -40.99 -44.65
C ARG E 298 37.46 -41.37 -44.36
N ARG E 299 38.06 -42.14 -45.26
CA ARG E 299 39.45 -42.52 -45.09
C ARG E 299 40.41 -41.48 -45.66
N GLU E 300 39.88 -40.43 -46.27
CA GLU E 300 40.69 -39.38 -46.86
C GLU E 300 41.74 -39.90 -47.83
N GLN E 301 41.33 -40.83 -48.69
CA GLN E 301 42.22 -41.34 -49.70
C GLN E 301 41.47 -41.63 -51.01
N ARG E 302 42.13 -41.41 -52.12
CA ARG E 302 41.51 -41.54 -53.41
C ARG E 302 41.26 -42.95 -53.83
N TYR E 303 41.93 -43.92 -53.22
CA TYR E 303 41.90 -45.29 -53.77
C TYR E 303 40.51 -45.92 -53.95
N PRO E 304 39.58 -45.73 -52.99
CA PRO E 304 38.29 -46.39 -53.24
C PRO E 304 37.61 -45.94 -54.52
N ILE E 305 37.89 -44.72 -54.95
CA ILE E 305 37.37 -44.20 -56.20
C ILE E 305 38.24 -44.68 -57.34
N SER E 306 39.54 -44.63 -57.12
CA SER E 306 40.49 -45.12 -58.11
C SER E 306 40.21 -46.55 -58.53
N GLU E 307 39.91 -47.42 -57.57
CA GLU E 307 39.75 -48.83 -57.87
C GLU E 307 38.57 -49.12 -58.80
N ILE E 308 37.38 -48.65 -58.47
CA ILE E 308 36.24 -48.93 -59.35
C ILE E 308 36.45 -48.30 -60.71
N MET E 309 37.19 -47.20 -60.77
CA MET E 309 37.40 -46.56 -62.05
C MET E 309 38.21 -47.45 -62.93
N ALA E 310 39.12 -48.18 -62.30
CA ALA E 310 40.04 -49.01 -63.02
C ALA E 310 39.51 -50.43 -63.20
N GLN E 311 38.67 -50.89 -62.30
CA GLN E 311 38.27 -52.28 -62.35
C GLN E 311 36.93 -52.45 -63.07
N THR E 312 36.42 -51.36 -63.61
CA THR E 312 35.21 -51.37 -64.41
C THR E 312 35.55 -51.71 -65.84
N PRO E 313 34.92 -52.75 -66.40
CA PRO E 313 35.22 -53.15 -67.78
C PRO E 313 34.82 -52.07 -68.75
N LYS E 314 35.43 -52.05 -69.92
CA LYS E 314 35.05 -51.07 -70.93
C LYS E 314 33.70 -51.46 -71.52
N ILE E 315 32.92 -50.46 -71.92
CA ILE E 315 31.58 -50.70 -72.41
C ILE E 315 31.55 -50.24 -73.87
N PRO E 316 30.55 -50.66 -74.64
CA PRO E 316 30.48 -50.28 -76.06
C PRO E 316 30.49 -48.77 -76.29
N GLU E 317 31.01 -48.31 -77.42
CA GLU E 317 31.21 -46.87 -77.64
C GLU E 317 29.99 -46.00 -77.45
N ASN E 318 28.83 -46.53 -77.81
CA ASN E 318 27.64 -45.70 -77.80
C ASN E 318 26.82 -45.84 -76.53
N CYS E 319 27.38 -46.52 -75.53
CA CYS E 319 26.71 -46.67 -74.26
C CYS E 319 27.23 -45.70 -73.22
N GLN E 320 26.50 -45.59 -72.11
CA GLN E 320 26.86 -44.68 -71.04
C GLN E 320 26.57 -45.25 -69.67
N TRP E 321 27.47 -45.01 -68.72
CA TRP E 321 27.17 -45.25 -67.33
C TRP E 321 26.31 -44.12 -66.79
N GLY E 322 25.29 -44.45 -66.01
CA GLY E 322 24.56 -43.43 -65.28
C GLY E 322 25.09 -43.36 -63.86
N ILE E 323 25.25 -42.14 -63.35
CA ILE E 323 25.68 -41.96 -61.98
C ILE E 323 24.77 -41.03 -61.24
N PHE E 324 24.57 -41.30 -59.96
CA PHE E 324 23.80 -40.44 -59.10
C PHE E 324 24.35 -40.56 -57.69
N LEU E 325 24.10 -39.56 -56.85
CA LEU E 325 24.64 -39.57 -55.51
C LEU E 325 23.70 -40.19 -54.51
N ARG E 326 23.44 -41.48 -54.65
CA ARG E 326 22.64 -42.20 -53.68
C ARG E 326 23.22 -43.58 -53.39
N ASN E 327 22.94 -44.13 -52.22
CA ASN E 327 23.55 -45.39 -51.87
C ASN E 327 22.67 -46.58 -52.16
N HIS E 328 21.42 -46.37 -52.53
CA HIS E 328 20.50 -47.47 -52.74
C HIS E 328 19.78 -47.33 -54.06
N ASP E 329 19.40 -48.44 -54.71
CA ASP E 329 18.46 -48.25 -55.80
C ASP E 329 17.07 -48.20 -55.18
N GLU E 330 16.14 -47.61 -55.90
CA GLU E 330 14.84 -47.34 -55.35
C GLU E 330 13.80 -48.46 -55.42
N LEU E 331 13.99 -49.44 -56.28
CA LEU E 331 13.03 -50.53 -56.35
C LEU E 331 13.38 -51.59 -55.37
N THR E 332 14.48 -51.39 -54.69
CA THR E 332 14.98 -52.39 -53.79
C THR E 332 15.79 -51.62 -52.81
N LEU E 333 15.27 -51.33 -51.63
CA LEU E 333 16.05 -50.42 -50.83
C LEU E 333 17.34 -51.08 -50.31
N GLU E 334 18.21 -51.43 -51.26
CA GLU E 334 19.47 -52.12 -51.01
C GLU E 334 20.65 -51.37 -51.56
N MET E 335 21.79 -51.45 -50.89
CA MET E 335 23.01 -50.96 -51.49
C MET E 335 23.58 -52.04 -52.39
N VAL E 336 23.91 -51.68 -53.62
CA VAL E 336 24.44 -52.66 -54.54
C VAL E 336 25.89 -52.95 -54.22
N THR E 337 26.14 -54.15 -53.72
CA THR E 337 27.50 -54.54 -53.40
C THR E 337 27.59 -56.04 -53.60
N ASP E 338 28.77 -56.60 -53.40
CA ASP E 338 29.07 -57.96 -53.80
C ASP E 338 30.24 -58.47 -52.96
N GLU E 339 30.01 -59.57 -52.24
CA GLU E 339 30.97 -60.02 -51.23
C GLU E 339 32.28 -60.45 -51.86
N GLU E 340 32.24 -60.89 -53.10
CA GLU E 340 33.44 -61.34 -53.76
C GLU E 340 34.13 -60.34 -54.69
N ARG E 341 33.45 -59.32 -55.18
CA ARG E 341 34.17 -58.42 -56.07
C ARG E 341 34.34 -57.02 -55.50
N ASP E 342 33.71 -56.73 -54.36
CA ASP E 342 33.87 -55.43 -53.73
C ASP E 342 34.82 -55.51 -52.56
N TYR E 343 36.04 -55.03 -52.72
CA TYR E 343 36.99 -55.12 -51.62
C TYR E 343 36.55 -54.30 -50.41
N MET E 344 35.63 -53.37 -50.58
CA MET E 344 35.19 -52.55 -49.46
C MET E 344 33.95 -53.12 -48.84
N TYR E 345 33.50 -54.26 -49.36
CA TYR E 345 32.26 -54.91 -48.97
C TYR E 345 31.95 -54.86 -47.50
N ALA E 346 32.93 -55.25 -46.69
CA ALA E 346 32.70 -55.38 -45.27
C ALA E 346 32.97 -54.09 -44.55
N GLU E 347 33.50 -53.12 -45.26
CA GLU E 347 33.97 -51.92 -44.59
C GLU E 347 32.87 -50.92 -44.44
N TYR E 348 31.87 -50.99 -45.32
CA TYR E 348 30.82 -50.01 -45.28
C TYR E 348 30.08 -49.99 -43.96
N ALA E 349 29.83 -51.16 -43.40
CA ALA E 349 29.06 -51.22 -42.16
C ALA E 349 29.87 -50.87 -40.92
N LYS E 350 31.14 -50.50 -41.10
CA LYS E 350 31.97 -50.11 -39.98
C LYS E 350 32.04 -48.61 -39.89
N ASP E 351 31.16 -47.95 -40.63
CA ASP E 351 30.89 -46.53 -40.48
C ASP E 351 29.55 -46.39 -39.84
N PRO E 352 29.50 -45.98 -38.58
CA PRO E 352 28.18 -45.98 -37.97
C PRO E 352 27.24 -44.93 -38.59
N ARG E 353 27.78 -44.12 -39.50
CA ARG E 353 26.97 -43.17 -40.22
C ARG E 353 26.18 -43.96 -41.24
N MET E 354 26.95 -44.69 -42.02
CA MET E 354 26.54 -45.55 -43.11
C MET E 354 25.58 -46.66 -42.70
N LYS E 355 25.88 -47.30 -41.58
CA LYS E 355 25.08 -48.40 -41.07
C LYS E 355 23.77 -48.00 -40.43
N ALA E 356 23.52 -46.70 -40.28
CA ALA E 356 22.26 -46.33 -39.66
C ALA E 356 21.21 -46.13 -40.73
N ASN E 357 21.65 -45.71 -41.91
CA ASN E 357 20.78 -45.56 -43.07
C ASN E 357 20.76 -46.74 -43.99
N ILE E 358 20.69 -47.97 -43.50
CA ILE E 358 20.95 -49.09 -44.39
C ILE E 358 19.86 -49.28 -45.42
N GLY E 359 18.63 -49.16 -45.01
CA GLY E 359 17.57 -49.72 -45.83
C GLY E 359 16.81 -48.50 -46.28
N ILE E 360 17.35 -47.36 -45.89
CA ILE E 360 16.70 -46.10 -46.05
C ILE E 360 17.33 -45.22 -47.09
N ARG E 361 16.50 -44.69 -47.95
CA ARG E 361 16.88 -43.68 -48.89
C ARG E 361 17.05 -42.31 -48.24
N ARG E 362 18.20 -41.66 -48.44
CA ARG E 362 18.41 -40.34 -47.86
C ARG E 362 18.80 -39.33 -48.92
N ARG E 363 18.43 -38.06 -48.73
CA ARG E 363 18.79 -37.05 -49.72
C ARG E 363 20.23 -36.59 -49.43
N LEU E 364 20.84 -35.89 -50.36
CA LEU E 364 22.28 -35.68 -50.30
C LEU E 364 22.76 -34.84 -49.11
N ALA E 365 22.11 -33.74 -48.83
CA ALA E 365 22.57 -32.90 -47.75
C ALA E 365 22.49 -33.65 -46.42
N PRO E 366 21.39 -34.35 -46.13
CA PRO E 366 21.45 -35.18 -44.93
C PRO E 366 22.55 -36.25 -44.92
N LEU E 367 22.85 -36.87 -46.04
CA LEU E 367 23.89 -37.90 -46.06
C LEU E 367 25.25 -37.34 -45.70
N LEU E 368 25.40 -36.03 -45.87
CA LEU E 368 26.65 -35.32 -45.65
C LEU E 368 26.60 -34.31 -44.50
N ASP E 369 25.71 -34.53 -43.54
CA ASP E 369 25.53 -33.64 -42.39
C ASP E 369 25.40 -32.18 -42.78
N ASN E 370 24.78 -31.89 -43.91
CA ASN E 370 24.58 -30.51 -44.37
C ASN E 370 25.88 -29.71 -44.50
N ASP E 371 26.97 -30.38 -44.84
CA ASP E 371 28.26 -29.74 -45.04
C ASP E 371 28.36 -29.20 -46.45
N ARG E 372 28.35 -27.88 -46.57
CA ARG E 372 28.37 -27.27 -47.88
C ARG E 372 29.60 -27.64 -48.68
N ASN E 373 30.75 -27.66 -48.04
CA ASN E 373 31.95 -27.99 -48.76
C ASN E 373 31.85 -29.40 -49.29
N GLN E 374 31.30 -30.31 -48.50
CA GLN E 374 31.22 -31.69 -48.94
C GLN E 374 30.17 -31.83 -50.02
N LEU E 375 29.14 -31.00 -49.97
CA LEU E 375 28.11 -31.00 -50.98
C LEU E 375 28.62 -30.62 -52.33
N GLU E 376 29.52 -29.65 -52.33
CA GLU E 376 30.14 -29.20 -53.54
C GLU E 376 31.09 -30.28 -54.04
N LEU E 377 31.84 -30.89 -53.14
CA LEU E 377 32.79 -31.93 -53.51
C LEU E 377 32.08 -33.09 -54.17
N PHE E 378 31.01 -33.59 -53.56
CA PHE E 378 30.31 -34.73 -54.10
C PHE E 378 29.63 -34.39 -55.44
N THR E 379 29.04 -33.21 -55.54
CA THR E 379 28.34 -32.85 -56.75
C THR E 379 29.34 -32.56 -57.86
N ALA E 380 30.49 -32.01 -57.51
CA ALA E 380 31.55 -31.77 -58.50
C ALA E 380 31.98 -33.09 -59.09
N LEU E 381 32.22 -34.08 -58.25
CA LEU E 381 32.62 -35.40 -58.73
C LEU E 381 31.49 -36.02 -59.56
N LEU E 382 30.26 -35.87 -59.12
CA LEU E 382 29.15 -36.39 -59.89
C LEU E 382 29.08 -35.84 -61.30
N LEU E 383 29.45 -34.59 -61.48
CA LEU E 383 29.27 -33.94 -62.77
C LEU E 383 30.49 -34.12 -63.64
N SER E 384 31.56 -34.66 -63.10
CA SER E 384 32.80 -34.76 -63.87
C SER E 384 33.29 -36.16 -64.14
N LEU E 385 32.82 -37.15 -63.39
CA LEU E 385 33.24 -38.52 -63.64
C LEU E 385 32.66 -38.99 -64.96
N PRO E 386 33.22 -40.06 -65.54
CA PRO E 386 32.76 -40.51 -66.85
C PRO E 386 31.39 -41.12 -66.80
N GLY E 387 30.39 -40.42 -67.29
CA GLY E 387 29.04 -40.94 -67.33
C GLY E 387 28.04 -39.85 -67.56
N SER E 388 26.77 -40.18 -67.41
CA SER E 388 25.73 -39.17 -67.47
C SER E 388 25.06 -39.13 -66.11
N PRO E 389 25.06 -37.95 -65.47
CA PRO E 389 24.61 -37.74 -64.09
C PRO E 389 23.12 -37.54 -63.96
N VAL E 390 22.59 -38.00 -62.83
CA VAL E 390 21.20 -37.83 -62.43
C VAL E 390 21.08 -37.04 -61.14
N LEU E 391 20.40 -35.91 -61.18
CA LEU E 391 20.09 -35.15 -59.97
C LEU E 391 18.70 -35.57 -59.47
N TYR E 392 18.53 -35.70 -58.16
CA TYR E 392 17.23 -36.02 -57.58
C TYR E 392 16.59 -34.74 -57.12
N TYR E 393 15.31 -34.56 -57.37
CA TYR E 393 14.69 -33.28 -57.11
C TYR E 393 14.88 -32.87 -55.66
N GLY E 394 15.25 -31.62 -55.45
CA GLY E 394 15.45 -31.12 -54.10
C GLY E 394 16.90 -31.02 -53.66
N ASP E 395 17.74 -31.86 -54.22
CA ASP E 395 19.15 -31.85 -53.87
C ASP E 395 19.84 -30.58 -54.28
N GLU E 396 19.31 -29.89 -55.30
CA GLU E 396 19.98 -28.72 -55.81
C GLU E 396 19.83 -27.54 -54.87
N ILE E 397 18.93 -27.64 -53.89
CA ILE E 397 18.78 -26.59 -52.90
C ILE E 397 19.08 -27.07 -51.49
N GLY E 398 19.43 -28.34 -51.36
CA GLY E 398 19.84 -28.84 -50.07
C GLY E 398 18.69 -29.32 -49.24
N MET E 399 17.66 -29.80 -49.91
CA MET E 399 16.51 -30.33 -49.19
C MET E 399 16.96 -31.45 -48.30
N GLY E 400 16.18 -31.72 -47.28
CA GLY E 400 16.51 -32.78 -46.36
C GLY E 400 15.61 -33.95 -46.65
N ASP E 401 15.31 -34.70 -45.64
CA ASP E 401 14.42 -35.81 -45.79
C ASP E 401 13.60 -35.94 -44.55
N ASN E 402 12.79 -36.97 -44.51
CA ASN E 402 11.96 -37.21 -43.37
C ASN E 402 11.80 -38.68 -43.22
N ILE E 403 12.66 -39.35 -42.48
CA ILE E 403 12.46 -40.76 -42.19
C ILE E 403 11.12 -40.82 -41.44
N TRP E 404 10.91 -41.74 -40.54
CA TRP E 404 9.62 -41.77 -39.81
C TRP E 404 8.38 -41.90 -40.68
N LEU E 405 8.40 -41.36 -41.89
CA LEU E 405 7.28 -41.53 -42.80
C LEU E 405 7.86 -41.43 -44.17
N GLY E 406 7.62 -42.44 -44.99
CA GLY E 406 6.95 -43.66 -44.57
C GLY E 406 7.63 -44.54 -43.54
N ASP E 407 8.83 -45.04 -43.80
CA ASP E 407 9.63 -44.54 -44.88
C ASP E 407 10.45 -45.65 -45.49
N ARG E 408 11.75 -45.49 -45.32
CA ARG E 408 12.75 -46.22 -46.06
C ARG E 408 12.63 -45.80 -47.53
N ASP E 409 11.53 -45.15 -47.89
CA ASP E 409 11.31 -44.71 -49.28
C ASP E 409 10.72 -43.28 -49.36
N SER E 410 10.87 -42.46 -48.34
CA SER E 410 10.49 -41.05 -48.48
C SER E 410 11.53 -40.00 -48.06
N VAL E 411 11.40 -38.86 -48.72
CA VAL E 411 12.46 -38.21 -49.45
C VAL E 411 11.62 -37.86 -50.69
N ARG E 412 10.33 -38.06 -50.49
CA ARG E 412 9.26 -37.83 -51.45
C ARG E 412 8.36 -36.74 -50.89
N THR E 413 8.91 -35.98 -49.95
CA THR E 413 8.31 -34.76 -49.43
C THR E 413 8.15 -33.74 -50.55
N PRO E 414 7.16 -32.84 -50.44
CA PRO E 414 6.93 -31.78 -51.41
C PRO E 414 8.13 -30.89 -51.68
N MET E 415 8.39 -30.58 -52.94
CA MET E 415 9.43 -29.67 -53.32
C MET E 415 9.22 -28.32 -52.65
N GLN E 416 10.29 -27.71 -52.17
CA GLN E 416 10.15 -26.52 -51.38
C GLN E 416 10.45 -25.27 -52.19
N TRP E 417 9.41 -24.58 -52.66
CA TRP E 417 9.56 -23.49 -53.61
C TRP E 417 9.70 -22.10 -53.02
N THR E 418 8.79 -21.71 -52.15
CA THR E 418 8.81 -20.35 -51.61
C THR E 418 8.63 -20.39 -50.11
N PRO E 419 8.79 -19.24 -49.42
CA PRO E 419 8.46 -19.37 -48.00
C PRO E 419 6.99 -19.20 -47.69
N ASP E 420 6.12 -19.32 -48.67
CA ASP E 420 4.71 -19.17 -48.39
C ASP E 420 4.16 -20.48 -47.84
N ARG E 421 2.84 -20.59 -47.81
CA ARG E 421 2.19 -21.73 -47.22
C ARG E 421 2.54 -22.97 -48.00
N ASN E 422 2.73 -24.07 -47.29
CA ASN E 422 3.10 -25.34 -47.88
C ASN E 422 4.32 -25.21 -48.78
N ALA E 423 5.21 -24.29 -48.44
CA ALA E 423 6.40 -24.03 -49.23
C ALA E 423 6.08 -23.63 -50.68
N GLY E 424 4.83 -23.29 -50.97
CA GLY E 424 4.47 -22.83 -52.30
C GLY E 424 4.12 -23.99 -53.23
N PHE E 425 4.04 -25.17 -52.66
CA PHE E 425 3.76 -26.38 -53.39
C PHE E 425 2.30 -26.49 -53.78
N SER E 426 1.45 -26.03 -52.87
CA SER E 426 0.00 -26.15 -52.94
C SER E 426 -0.62 -25.04 -52.12
N ARG E 427 -1.83 -24.63 -52.43
CA ARG E 427 -2.42 -23.59 -51.64
C ARG E 427 -3.43 -24.22 -50.72
N CYS E 428 -3.44 -25.54 -50.70
CA CYS E 428 -4.43 -26.30 -49.98
C CYS E 428 -4.25 -26.22 -48.49
N ASP E 429 -5.16 -26.83 -47.77
CA ASP E 429 -5.00 -26.90 -46.34
C ASP E 429 -3.95 -27.97 -46.06
N PRO E 430 -3.06 -27.73 -45.10
CA PRO E 430 -1.97 -28.69 -44.86
C PRO E 430 -2.47 -30.13 -44.66
N ALA E 431 -3.69 -30.25 -44.14
CA ALA E 431 -4.27 -31.55 -43.82
C ALA E 431 -4.53 -32.38 -45.06
N ARG E 432 -4.57 -31.71 -46.20
CA ARG E 432 -4.89 -32.33 -47.48
C ARG E 432 -3.63 -32.76 -48.21
N LEU E 433 -2.45 -32.44 -47.64
CA LEU E 433 -1.20 -32.80 -48.28
C LEU E 433 -0.90 -34.29 -48.19
N TYR E 434 -0.45 -34.86 -49.30
CA TYR E 434 -0.17 -36.29 -49.37
C TYR E 434 0.94 -36.64 -48.42
N LEU E 435 1.91 -35.76 -48.31
CA LEU E 435 2.99 -35.90 -47.34
C LEU E 435 3.27 -34.49 -46.85
N PRO E 436 3.67 -34.34 -45.60
CA PRO E 436 3.87 -33.02 -45.04
C PRO E 436 5.13 -32.36 -45.55
N VAL E 437 5.15 -31.04 -45.59
CA VAL E 437 6.36 -30.30 -45.91
C VAL E 437 7.28 -30.32 -44.71
N ILE E 438 8.55 -30.50 -44.96
CA ILE E 438 9.54 -30.53 -43.90
C ILE E 438 9.64 -29.16 -43.25
N MET E 439 9.57 -29.11 -41.91
CA MET E 439 9.56 -27.84 -41.14
C MET E 439 10.68 -27.79 -40.12
N ASP E 440 11.49 -28.80 -40.19
CA ASP E 440 12.76 -28.94 -39.53
C ASP E 440 13.52 -27.60 -39.38
N PRO E 441 14.17 -27.36 -38.25
CA PRO E 441 14.92 -26.10 -38.14
C PRO E 441 16.17 -26.02 -39.01
N ILE E 442 16.58 -27.09 -39.65
CA ILE E 442 17.72 -27.03 -40.55
C ILE E 442 17.34 -27.18 -42.00
N TYR E 443 16.51 -28.15 -42.33
CA TYR E 443 16.15 -28.33 -43.74
C TYR E 443 14.72 -27.84 -44.04
N GLY E 444 14.05 -27.32 -43.03
CA GLY E 444 12.69 -26.86 -43.21
C GLY E 444 12.58 -25.72 -44.21
N TYR E 445 11.39 -25.56 -44.79
CA TYR E 445 11.22 -24.63 -45.89
C TYR E 445 11.35 -23.19 -45.50
N GLN E 446 11.18 -22.87 -44.23
CA GLN E 446 11.30 -21.47 -43.86
C GLN E 446 12.75 -21.04 -43.96
N ALA E 447 13.66 -22.00 -44.05
CA ALA E 447 15.06 -21.72 -44.24
C ALA E 447 15.57 -22.20 -45.62
N VAL E 448 15.10 -23.36 -46.05
CA VAL E 448 15.54 -23.91 -47.30
C VAL E 448 14.42 -23.94 -48.31
N ASN E 449 14.46 -23.06 -49.31
CA ASN E 449 13.49 -23.09 -50.40
C ASN E 449 14.05 -22.41 -51.66
N VAL E 450 13.52 -22.74 -52.85
CA VAL E 450 14.13 -22.28 -54.12
C VAL E 450 14.19 -20.77 -54.29
N GLU E 451 13.19 -20.05 -53.83
CA GLU E 451 13.19 -18.60 -53.98
C GLU E 451 14.29 -17.90 -53.18
N ALA E 452 14.43 -18.26 -51.91
CA ALA E 452 15.51 -17.76 -51.09
C ALA E 452 16.83 -18.12 -51.73
N GLN E 453 16.95 -19.35 -52.17
CA GLN E 453 18.15 -19.81 -52.84
C GLN E 453 18.50 -19.00 -54.06
N GLN E 454 17.50 -18.73 -54.90
CA GLN E 454 17.71 -17.98 -56.13
C GLN E 454 18.16 -16.57 -55.84
N ARG E 455 17.59 -15.94 -54.83
CA ARG E 455 17.92 -14.55 -54.60
C ARG E 455 19.26 -14.34 -53.95
N ASN E 456 19.83 -15.41 -53.42
CA ASN E 456 21.11 -15.29 -52.76
C ASN E 456 22.20 -15.81 -53.68
N PRO E 457 23.08 -14.93 -54.12
CA PRO E 457 24.03 -15.34 -55.16
C PRO E 457 25.00 -16.41 -54.67
N GLY E 458 25.18 -16.54 -53.36
CA GLY E 458 26.09 -17.50 -52.80
C GLY E 458 25.50 -18.84 -52.43
N SER E 459 24.28 -19.10 -52.86
CA SER E 459 23.57 -20.30 -52.48
C SER E 459 24.05 -21.54 -53.18
N LEU E 460 23.69 -22.69 -52.63
CA LEU E 460 23.98 -23.96 -53.25
C LEU E 460 23.28 -24.09 -54.61
N LEU E 461 22.07 -23.55 -54.74
CA LEU E 461 21.37 -23.60 -56.03
C LEU E 461 22.09 -22.86 -57.15
N ASN E 462 22.49 -21.62 -56.87
CA ASN E 462 23.17 -20.81 -57.84
C ASN E 462 24.51 -21.40 -58.19
N TRP E 463 25.16 -22.04 -57.22
CA TRP E 463 26.41 -22.72 -57.48
C TRP E 463 26.17 -23.89 -58.41
N THR E 464 25.15 -24.67 -58.13
CA THR E 464 24.85 -25.85 -58.92
C THR E 464 24.51 -25.46 -60.35
N ARG E 465 23.77 -24.39 -60.50
CA ARG E 465 23.39 -23.93 -61.84
C ARG E 465 24.63 -23.57 -62.62
N LYS E 466 25.55 -22.86 -61.98
CA LYS E 466 26.76 -22.46 -62.66
C LYS E 466 27.55 -23.68 -63.08
N MET E 467 27.58 -24.68 -62.21
CA MET E 467 28.29 -25.90 -62.50
C MET E 467 27.63 -26.63 -63.67
N ILE E 468 26.30 -26.69 -63.67
CA ILE E 468 25.62 -27.37 -64.74
C ILE E 468 25.92 -26.65 -66.04
N GLU E 469 26.08 -25.34 -65.95
CA GLU E 469 26.31 -24.55 -67.14
C GLU E 469 27.73 -24.75 -67.65
N ILE E 470 28.69 -24.85 -66.74
CA ILE E 470 30.07 -25.11 -67.13
C ILE E 470 30.17 -26.45 -67.83
N ARG E 471 29.44 -27.42 -67.33
CA ARG E 471 29.48 -28.75 -67.90
C ARG E 471 28.88 -28.78 -69.30
N LYS E 472 27.83 -28.00 -69.54
CA LYS E 472 27.19 -27.99 -70.87
C LYS E 472 28.12 -27.43 -71.92
N ARG E 473 28.98 -26.48 -71.54
CA ARG E 473 29.88 -25.88 -72.51
C ARG E 473 31.06 -26.78 -72.77
N HIS E 474 31.09 -27.94 -72.12
CA HIS E 474 32.18 -28.86 -72.31
C HIS E 474 31.71 -30.30 -72.48
N PRO E 475 31.45 -30.71 -73.73
CA PRO E 475 30.96 -32.06 -74.03
C PRO E 475 31.93 -33.14 -73.64
N VAL E 476 33.15 -32.76 -73.30
CA VAL E 476 34.13 -33.73 -72.90
C VAL E 476 33.65 -34.46 -71.64
N PHE E 477 32.88 -33.78 -70.81
CA PHE E 477 32.45 -34.39 -69.56
C PHE E 477 31.58 -35.63 -69.78
N GLY E 478 30.83 -35.67 -70.88
CA GLY E 478 30.04 -36.86 -71.14
C GLY E 478 30.68 -37.78 -72.16
N LEU E 479 31.53 -37.24 -73.01
CA LEU E 479 32.01 -37.96 -74.18
C LEU E 479 33.47 -38.37 -74.09
N GLY E 480 34.24 -37.67 -73.27
CA GLY E 480 35.68 -37.78 -73.29
C GLY E 480 36.32 -38.93 -72.55
N SER E 481 37.64 -38.99 -72.63
CA SER E 481 38.38 -40.03 -71.95
C SER E 481 38.54 -39.69 -70.49
N TYR E 482 39.05 -40.64 -69.73
CA TYR E 482 39.37 -40.41 -68.34
C TYR E 482 40.72 -40.99 -68.03
N VAL E 483 41.70 -40.15 -67.71
CA VAL E 483 42.98 -40.70 -67.28
C VAL E 483 43.33 -40.03 -65.97
N GLU E 484 43.57 -40.86 -64.98
CA GLU E 484 43.89 -40.40 -63.65
C GLU E 484 45.36 -40.07 -63.52
N LEU E 485 45.67 -39.01 -62.80
CA LEU E 485 47.04 -38.54 -62.68
C LEU E 485 47.72 -39.14 -61.46
N PRO E 486 48.96 -39.60 -61.63
CA PRO E 486 49.65 -40.05 -60.42
C PRO E 486 49.95 -38.82 -59.57
N ALA E 487 49.87 -38.96 -58.27
CA ALA E 487 50.20 -37.84 -57.41
C ALA E 487 50.64 -38.36 -56.07
N SER E 488 51.69 -37.73 -55.55
CA SER E 488 52.28 -38.17 -54.29
C SER E 488 51.29 -38.13 -53.14
N ASN E 489 50.27 -37.30 -53.26
CA ASN E 489 49.32 -37.13 -52.18
C ASN E 489 48.11 -38.04 -52.31
N PRO E 490 47.97 -38.99 -51.38
CA PRO E 490 46.85 -39.93 -51.43
C PRO E 490 45.52 -39.27 -51.14
N SER E 491 45.54 -38.04 -50.65
CA SER E 491 44.28 -37.40 -50.31
C SER E 491 43.63 -36.74 -51.50
N VAL E 492 44.38 -36.55 -52.58
CA VAL E 492 43.86 -35.82 -53.72
C VAL E 492 43.63 -36.70 -54.91
N LEU E 493 42.48 -36.56 -55.54
CA LEU E 493 42.16 -37.26 -56.79
C LEU E 493 42.17 -36.29 -57.94
N ALA E 494 43.11 -36.47 -58.86
CA ALA E 494 43.24 -35.58 -60.01
C ALA E 494 43.18 -36.39 -61.27
N PHE E 495 42.34 -35.98 -62.20
CA PHE E 495 42.24 -36.66 -63.47
C PHE E 495 42.05 -35.68 -64.60
N VAL E 496 42.18 -36.15 -65.83
CA VAL E 496 42.00 -35.32 -67.00
C VAL E 496 40.92 -35.88 -67.92
N ARG E 497 40.13 -35.02 -68.53
CA ARG E 497 39.16 -35.47 -69.50
C ARG E 497 39.45 -34.83 -70.83
N GLU E 498 39.52 -35.64 -71.87
CA GLU E 498 39.85 -35.14 -73.18
C GLU E 498 38.85 -35.65 -74.21
N TYR E 499 38.33 -34.74 -75.01
CA TYR E 499 37.45 -35.12 -76.11
C TYR E 499 37.89 -34.24 -77.24
N GLY E 500 39.03 -34.59 -77.80
CA GLY E 500 39.54 -33.93 -78.96
C GLY E 500 39.62 -32.44 -78.84
N ASP E 501 40.70 -31.91 -78.28
CA ASP E 501 40.92 -30.46 -78.23
C ASP E 501 40.14 -29.78 -77.12
N ASP E 502 39.13 -30.48 -76.59
CA ASP E 502 38.40 -30.03 -75.42
C ASP E 502 38.88 -30.78 -74.20
N ARG E 503 39.78 -30.18 -73.44
CA ARG E 503 40.44 -30.87 -72.33
C ARG E 503 40.30 -30.14 -70.99
N VAL E 504 39.90 -30.85 -69.95
CA VAL E 504 39.82 -30.24 -68.65
C VAL E 504 40.62 -31.00 -67.63
N LEU E 505 41.11 -30.30 -66.62
CA LEU E 505 41.80 -30.92 -65.52
C LEU E 505 40.93 -30.82 -64.26
N CYS E 506 40.65 -31.93 -63.61
CA CYS E 506 39.80 -31.90 -62.44
C CYS E 506 40.53 -32.39 -61.22
N VAL E 507 40.51 -31.59 -60.16
CA VAL E 507 41.31 -31.90 -58.99
C VAL E 507 40.43 -31.88 -57.77
N ASN E 508 40.49 -32.92 -56.95
CA ASN E 508 39.56 -33.08 -55.86
C ASN E 508 40.19 -33.47 -54.54
N ASN E 509 39.88 -32.74 -53.48
CA ASN E 509 40.48 -33.01 -52.19
C ASN E 509 39.55 -33.77 -51.25
N LEU E 510 39.96 -34.97 -50.88
CA LEU E 510 39.16 -35.83 -50.06
C LEU E 510 39.44 -35.61 -48.60
N SER E 511 40.51 -34.90 -48.29
CA SER E 511 40.84 -34.58 -46.91
C SER E 511 40.08 -33.39 -46.43
N ARG E 512 39.86 -33.31 -45.13
CA ARG E 512 39.17 -32.17 -44.56
C ARG E 512 40.19 -31.09 -44.26
N PHE E 513 41.46 -31.38 -44.50
CA PHE E 513 42.50 -30.39 -44.35
C PHE E 513 42.97 -29.89 -45.72
N PRO E 514 43.54 -28.67 -45.75
CA PRO E 514 44.17 -28.14 -46.95
C PRO E 514 45.29 -29.05 -47.39
N GLN E 515 45.44 -29.25 -48.68
CA GLN E 515 46.42 -30.21 -49.19
C GLN E 515 47.13 -29.68 -50.41
N PRO E 516 48.43 -29.97 -50.53
CA PRO E 516 49.16 -29.73 -51.76
C PRO E 516 49.06 -30.94 -52.66
N VAL E 517 49.03 -30.69 -53.95
CA VAL E 517 49.14 -31.78 -54.89
C VAL E 517 50.10 -31.31 -55.97
N GLU E 518 51.07 -32.15 -56.30
CA GLU E 518 52.06 -31.84 -57.33
C GLU E 518 51.82 -32.72 -58.55
N LEU E 519 51.48 -32.09 -59.64
CA LEU E 519 51.08 -32.82 -60.81
C LEU E 519 52.14 -32.73 -61.90
N ASP E 520 52.39 -33.86 -62.54
CA ASP E 520 53.25 -33.88 -63.69
C ASP E 520 52.38 -33.60 -64.89
N LEU E 521 52.35 -32.35 -65.28
CA LEU E 521 51.47 -31.94 -66.33
C LEU E 521 52.26 -31.71 -67.60
N ARG E 522 53.36 -32.44 -67.75
CA ARG E 522 54.25 -32.18 -68.89
C ARG E 522 53.61 -32.45 -70.21
N ARG E 523 52.61 -33.31 -70.23
CA ARG E 523 51.89 -33.56 -71.47
C ARG E 523 51.26 -32.28 -72.01
N PHE E 524 51.01 -31.33 -71.11
CA PHE E 524 50.32 -30.09 -71.44
C PHE E 524 51.22 -28.88 -71.33
N GLU E 525 52.51 -29.10 -71.52
CA GLU E 525 53.48 -28.02 -71.41
C GLU E 525 53.15 -26.91 -72.38
N GLY E 526 53.16 -25.67 -71.90
CA GLY E 526 52.84 -24.53 -72.72
C GLY E 526 51.42 -24.03 -72.51
N CYS E 527 50.54 -24.90 -72.05
CA CYS E 527 49.16 -24.50 -71.81
C CYS E 527 49.00 -23.59 -70.62
N THR E 528 48.04 -22.68 -70.74
CA THR E 528 47.66 -21.76 -69.70
C THR E 528 46.29 -22.14 -69.14
N PRO E 529 46.26 -22.81 -67.99
CA PRO E 529 44.99 -23.27 -67.43
C PRO E 529 44.06 -22.13 -67.13
N VAL E 530 42.80 -22.30 -67.48
CA VAL E 530 41.79 -21.33 -67.16
C VAL E 530 40.80 -21.96 -66.19
N GLU E 531 40.66 -21.38 -65.02
CA GLU E 531 39.78 -21.90 -64.01
C GLU E 531 38.32 -21.65 -64.39
N CYS E 532 37.48 -22.65 -64.23
CA CYS E 532 36.13 -22.60 -64.77
C CYS E 532 35.16 -21.64 -64.08
N MET E 533 35.21 -21.58 -62.76
CA MET E 533 34.24 -20.77 -62.03
C MET E 533 34.43 -19.32 -62.34
N GLY E 534 35.68 -18.86 -62.41
CA GLY E 534 35.94 -17.44 -62.56
C GLY E 534 36.64 -16.96 -63.81
N GLY E 535 37.09 -17.86 -64.66
CA GLY E 535 37.73 -17.51 -65.92
C GLY E 535 39.14 -16.94 -65.81
N VAL E 536 39.75 -17.11 -64.66
CA VAL E 536 41.08 -16.61 -64.40
C VAL E 536 42.19 -17.49 -64.97
N GLN E 537 43.19 -16.86 -65.57
CA GLN E 537 44.33 -17.57 -66.15
C GLN E 537 45.43 -17.87 -65.14
N PHE E 538 45.78 -19.14 -65.02
CA PHE E 538 46.80 -19.58 -64.09
C PHE E 538 48.14 -19.63 -64.78
N PRO E 539 49.23 -19.73 -64.01
CA PRO E 539 50.51 -19.77 -64.72
C PRO E 539 50.60 -20.92 -65.71
N ALA E 540 51.33 -20.69 -66.79
CA ALA E 540 51.50 -21.69 -67.83
C ALA E 540 52.20 -22.92 -67.31
N ILE E 541 51.82 -24.07 -67.83
CA ILE E 541 52.40 -25.32 -67.41
C ILE E 541 53.78 -25.50 -67.98
N GLY E 542 54.76 -25.61 -67.08
CA GLY E 542 56.13 -25.89 -67.47
C GLY E 542 56.48 -27.36 -67.27
N GLU E 543 57.76 -27.67 -67.11
CA GLU E 543 58.12 -29.07 -67.00
C GLU E 543 58.39 -29.48 -65.57
N LEU E 544 58.35 -28.54 -64.64
CA LEU E 544 58.53 -28.98 -63.26
C LEU E 544 57.14 -29.20 -62.72
N PRO E 545 57.02 -30.01 -61.66
CA PRO E 545 55.69 -30.28 -61.09
C PRO E 545 54.91 -29.03 -60.79
N TYR E 546 53.62 -29.07 -61.08
CA TYR E 546 52.69 -27.97 -60.89
C TYR E 546 52.03 -28.09 -59.52
N LEU E 547 52.07 -27.04 -58.73
CA LEU E 547 51.52 -27.13 -57.39
C LEU E 547 50.12 -26.54 -57.37
N LEU E 548 49.12 -27.34 -57.04
CA LEU E 548 47.79 -26.83 -56.78
C LEU E 548 47.52 -26.92 -55.28
N THR E 549 46.88 -25.90 -54.73
CA THR E 549 46.54 -25.98 -53.32
C THR E 549 45.04 -25.99 -53.16
N LEU E 550 44.54 -27.01 -52.46
CA LEU E 550 43.12 -27.07 -52.22
C LEU E 550 42.81 -26.96 -50.75
N PRO E 551 41.71 -26.31 -50.43
CA PRO E 551 41.25 -26.30 -49.05
C PRO E 551 40.55 -27.60 -48.74
N GLY E 552 40.13 -27.80 -47.51
CA GLY E 552 39.43 -28.99 -47.13
C GLY E 552 38.22 -29.27 -48.01
N HIS E 553 38.19 -30.47 -48.57
CA HIS E 553 37.10 -30.93 -49.43
C HIS E 553 36.90 -29.99 -50.60
N GLY E 554 38.00 -29.39 -51.07
CA GLY E 554 37.93 -28.47 -52.19
C GLY E 554 38.05 -29.18 -53.50
N PHE E 555 37.83 -28.45 -54.58
CA PHE E 555 38.02 -28.96 -55.92
C PHE E 555 38.23 -27.79 -56.83
N TYR E 556 38.96 -28.00 -57.92
CA TYR E 556 39.03 -27.00 -58.98
C TYR E 556 38.78 -27.67 -60.32
N TRP E 557 38.19 -26.93 -61.24
CA TRP E 557 38.11 -27.35 -62.62
C TRP E 557 38.90 -26.40 -63.49
N PHE E 558 39.81 -26.94 -64.29
CA PHE E 558 40.59 -26.10 -65.17
C PHE E 558 40.37 -26.50 -66.60
N VAL E 559 40.22 -25.52 -67.48
CA VAL E 559 40.30 -25.80 -68.90
C VAL E 559 41.74 -25.67 -69.33
N LEU E 560 42.17 -26.54 -70.25
CA LEU E 560 43.50 -26.48 -70.81
C LEU E 560 43.45 -26.14 -72.30
N PRO F 17 -27.74 39.61 83.15
CA PRO F 17 -26.43 38.96 83.03
C PRO F 17 -25.44 39.86 82.28
N ARG F 18 -24.70 40.71 83.00
CA ARG F 18 -23.83 41.66 82.29
C ARG F 18 -22.38 41.20 82.18
N ASP F 19 -21.74 41.58 81.08
CA ASP F 19 -20.36 41.19 80.82
C ASP F 19 -19.63 42.32 80.12
N PRO F 20 -19.17 43.30 80.89
CA PRO F 20 -18.60 44.51 80.33
C PRO F 20 -17.35 44.24 79.52
N TYR F 21 -16.67 43.15 79.83
CA TYR F 21 -15.37 42.92 79.21
C TYR F 21 -15.30 41.63 78.42
N TRP F 22 -16.35 41.31 77.69
CA TRP F 22 -16.44 40.06 76.94
C TRP F 22 -15.32 39.86 75.95
N TYR F 23 -14.82 40.96 75.38
CA TYR F 23 -13.80 40.93 74.34
C TYR F 23 -12.46 40.35 74.79
N LYS F 24 -12.27 40.19 76.08
CA LYS F 24 -11.02 39.65 76.58
C LYS F 24 -10.97 38.16 76.32
N HIS F 25 -12.12 37.50 76.18
CA HIS F 25 -12.11 36.08 75.84
C HIS F 25 -12.74 35.79 74.47
N ALA F 26 -12.73 36.77 73.57
CA ALA F 26 -13.33 36.56 72.26
C ALA F 26 -12.32 36.14 71.19
N VAL F 27 -12.76 35.30 70.28
CA VAL F 27 -12.01 35.09 69.07
C VAL F 27 -12.80 35.76 67.97
N PHE F 28 -12.17 36.68 67.25
CA PHE F 28 -12.85 37.42 66.20
C PHE F 28 -12.68 36.78 64.82
N TYR F 29 -13.66 36.98 63.95
CA TYR F 29 -13.64 36.46 62.59
C TYR F 29 -13.94 37.61 61.65
N GLU F 30 -12.93 38.06 60.90
CA GLU F 30 -13.12 39.16 59.97
C GLU F 30 -13.64 38.69 58.62
N VAL F 31 -14.76 39.24 58.17
CA VAL F 31 -15.39 38.76 56.93
C VAL F 31 -15.70 39.91 55.99
N LEU F 32 -15.40 39.71 54.72
CA LEU F 32 -15.80 40.62 53.66
C LEU F 32 -17.17 40.20 53.22
N VAL F 33 -18.19 40.97 53.57
CA VAL F 33 -19.55 40.61 53.24
C VAL F 33 -19.69 40.33 51.75
N ARG F 34 -19.05 41.17 50.95
CA ARG F 34 -19.06 41.08 49.51
C ARG F 34 -18.62 39.71 49.01
N GLY F 35 -17.79 39.04 49.81
CA GLY F 35 -17.14 37.82 49.39
C GLY F 35 -17.43 36.55 50.16
N PHE F 36 -18.42 36.59 51.04
CA PHE F 36 -18.72 35.45 51.90
C PHE F 36 -19.84 34.56 51.35
N SER F 37 -21.02 35.10 51.08
CA SER F 37 -22.07 34.26 50.48
C SER F 37 -23.09 35.05 49.66
N ASP F 38 -23.50 34.49 48.52
CA ASP F 38 -24.39 35.19 47.58
C ASP F 38 -25.78 34.54 47.57
N SER F 39 -26.81 35.22 48.06
CA SER F 39 -28.17 34.68 48.03
C SER F 39 -28.98 35.16 46.81
N ASN F 40 -28.89 36.45 46.52
CA ASN F 40 -29.51 37.09 45.37
C ASN F 40 -29.07 36.50 44.03
N ASP F 41 -27.91 35.84 44.06
CA ASP F 41 -27.25 35.23 42.90
C ASP F 41 -26.89 36.22 41.80
N ASP F 42 -26.55 37.44 42.17
CA ASP F 42 -26.15 38.44 41.20
C ASP F 42 -24.65 38.59 41.14
N GLY F 43 -23.94 37.73 41.87
CA GLY F 43 -22.50 37.70 41.82
C GLY F 43 -21.81 38.47 42.90
N THR F 44 -22.60 39.10 43.76
CA THR F 44 -22.08 39.85 44.89
C THR F 44 -22.70 39.34 46.19
N GLY F 45 -21.84 39.04 47.14
CA GLY F 45 -22.24 38.57 48.45
C GLY F 45 -22.94 39.63 49.27
N ASP F 46 -23.80 39.20 50.18
CA ASP F 46 -24.67 40.09 50.92
C ASP F 46 -24.98 39.66 52.34
N LEU F 47 -25.59 40.57 53.11
CA LEU F 47 -25.94 40.32 54.48
C LEU F 47 -26.81 39.10 54.63
N ARG F 48 -27.75 38.90 53.71
CA ARG F 48 -28.62 37.73 53.76
C ARG F 48 -27.79 36.48 53.63
N GLY F 49 -26.85 36.50 52.69
CA GLY F 49 -25.93 35.40 52.54
C GLY F 49 -25.18 35.19 53.85
N LEU F 50 -24.71 36.27 54.44
CA LEU F 50 -24.00 36.17 55.70
C LEU F 50 -24.89 35.56 56.77
N ILE F 51 -26.14 36.01 56.83
CA ILE F 51 -27.09 35.45 57.77
C ILE F 51 -27.24 33.95 57.56
N ASN F 52 -27.31 33.50 56.31
CA ASN F 52 -27.51 32.07 56.03
C ASN F 52 -26.38 31.18 56.48
N ARG F 53 -25.19 31.74 56.64
CA ARG F 53 -24.03 30.94 56.98
C ARG F 53 -23.67 31.08 58.44
N LEU F 54 -24.50 31.76 59.23
CA LEU F 54 -24.18 31.90 60.64
C LEU F 54 -24.03 30.59 61.39
N ASP F 55 -24.77 29.56 61.01
CA ASP F 55 -24.64 28.30 61.73
C ASP F 55 -23.27 27.67 61.46
N TYR F 56 -22.63 28.03 60.36
CA TYR F 56 -21.26 27.57 60.16
C TYR F 56 -20.34 28.25 61.17
N LEU F 57 -20.46 29.57 61.29
CA LEU F 57 -19.62 30.30 62.22
C LEU F 57 -19.79 29.80 63.64
N GLN F 58 -20.99 29.33 63.94
CA GLN F 58 -21.26 28.75 65.23
C GLN F 58 -20.51 27.42 65.36
N TRP F 59 -20.57 26.63 64.30
CA TRP F 59 -19.92 25.33 64.28
C TRP F 59 -18.41 25.52 64.44
N LEU F 60 -17.90 26.57 63.83
CA LEU F 60 -16.48 26.88 63.87
C LEU F 60 -16.08 27.23 65.28
N GLY F 61 -16.92 27.99 65.95
CA GLY F 61 -16.71 28.26 67.36
C GLY F 61 -16.30 29.66 67.71
N ILE F 62 -16.40 30.57 66.77
CA ILE F 62 -15.96 31.95 66.99
C ILE F 62 -16.97 32.76 67.82
N ASP F 63 -16.52 33.90 68.35
CA ASP F 63 -17.32 34.69 69.31
C ASP F 63 -17.81 36.05 68.85
N CYS F 64 -17.19 36.60 67.81
CA CYS F 64 -17.54 37.93 67.33
C CYS F 64 -17.21 38.06 65.84
N ILE F 65 -18.16 38.54 65.07
CA ILE F 65 -17.93 38.85 63.67
C ILE F 65 -17.41 40.25 63.51
N TRP F 66 -16.34 40.40 62.74
CA TRP F 66 -15.82 41.73 62.43
C TRP F 66 -16.10 41.97 60.97
N LEU F 67 -16.97 42.93 60.70
CA LEU F 67 -17.37 43.28 59.34
C LEU F 67 -16.51 44.37 58.74
N LEU F 68 -15.97 44.09 57.57
CA LEU F 68 -15.31 45.10 56.77
C LEU F 68 -16.38 46.09 56.29
N PRO F 69 -15.98 47.32 55.94
CA PRO F 69 -16.95 48.35 55.58
C PRO F 69 -18.01 47.91 54.57
N ILE F 70 -19.29 48.14 54.90
CA ILE F 70 -20.40 47.87 54.00
C ILE F 70 -21.14 49.17 53.71
N TYR F 71 -20.54 50.27 54.15
CA TYR F 71 -21.12 51.59 53.99
C TYR F 71 -21.20 52.04 52.55
N GLN F 72 -22.01 53.07 52.32
CA GLN F 72 -22.05 53.75 51.03
C GLN F 72 -20.66 54.28 50.64
N SER F 73 -20.25 54.03 49.41
CA SER F 73 -18.89 54.36 48.99
C SER F 73 -18.74 54.31 47.48
N PRO F 74 -17.91 55.19 46.92
CA PRO F 74 -17.59 55.11 45.49
C PRO F 74 -16.70 53.92 45.18
N LEU F 75 -16.21 53.26 46.22
CA LEU F 75 -15.30 52.12 46.12
C LEU F 75 -14.00 52.43 45.40
N ARG F 76 -13.37 53.54 45.74
CA ARG F 76 -12.09 53.85 45.13
C ARG F 76 -10.92 53.51 46.06
N ASP F 77 -11.25 53.11 47.29
CA ASP F 77 -10.21 52.69 48.24
C ASP F 77 -10.75 51.61 49.17
N GLY F 78 -11.27 50.53 48.59
CA GLY F 78 -11.74 49.39 49.36
C GLY F 78 -12.99 49.63 50.18
N GLY F 79 -13.66 50.76 49.96
CA GLY F 79 -14.85 51.04 50.74
C GLY F 79 -14.49 51.72 52.04
N TYR F 80 -13.21 52.07 52.19
CA TYR F 80 -12.73 52.85 53.32
C TYR F 80 -12.87 54.33 53.01
N ASP F 81 -13.37 54.59 51.81
CA ASP F 81 -13.70 55.94 51.38
C ASP F 81 -15.21 56.02 51.51
N ILE F 82 -15.64 56.47 52.68
CA ILE F 82 -17.06 56.40 53.04
C ILE F 82 -17.83 57.60 52.54
N SER F 83 -18.97 57.32 51.91
CA SER F 83 -19.80 58.38 51.36
C SER F 83 -21.04 58.60 52.18
N ASP F 84 -21.40 57.63 53.00
CA ASP F 84 -22.50 57.90 53.91
C ASP F 84 -22.50 56.91 55.06
N TYR F 85 -22.27 57.44 56.25
CA TYR F 85 -22.10 56.61 57.40
C TYR F 85 -23.38 55.86 57.77
N THR F 86 -24.51 56.25 57.20
CA THR F 86 -25.76 55.66 57.66
C THR F 86 -26.50 54.84 56.63
N LYS F 87 -25.93 54.68 55.44
CA LYS F 87 -26.53 53.84 54.41
C LYS F 87 -25.64 52.65 54.05
N ILE F 88 -26.28 51.48 54.02
CA ILE F 88 -25.64 50.27 53.56
C ILE F 88 -25.79 50.23 52.06
N LEU F 89 -24.65 50.15 51.39
CA LEU F 89 -24.55 50.08 49.95
C LEU F 89 -25.46 48.97 49.47
N PRO F 90 -26.37 49.27 48.55
CA PRO F 90 -27.50 48.40 48.17
C PRO F 90 -27.16 47.00 47.72
N GLU F 91 -26.01 46.79 47.08
CA GLU F 91 -25.55 45.45 46.74
C GLU F 91 -25.56 44.51 47.93
N PHE F 92 -25.42 45.03 49.15
CA PHE F 92 -25.29 44.19 50.34
C PHE F 92 -26.59 44.02 51.13
N GLY F 93 -27.63 44.77 50.77
CA GLY F 93 -28.89 44.70 51.48
C GLY F 93 -29.37 46.01 52.06
N ASP F 94 -30.26 45.95 53.03
CA ASP F 94 -30.77 47.15 53.67
C ASP F 94 -30.56 47.10 55.17
N LEU F 95 -30.91 48.16 55.87
CA LEU F 95 -30.70 48.21 57.32
C LEU F 95 -31.57 47.15 58.00
N GLY F 96 -32.61 46.70 57.31
CA GLY F 96 -33.45 45.66 57.85
C GLY F 96 -32.72 44.34 57.90
N ASP F 97 -31.96 44.07 56.86
CA ASP F 97 -31.14 42.88 56.78
C ASP F 97 -30.11 42.88 57.90
N PHE F 98 -29.49 44.03 58.10
CA PHE F 98 -28.48 44.18 59.13
C PHE F 98 -29.04 43.91 60.50
N VAL F 99 -30.24 44.38 60.76
CA VAL F 99 -30.83 44.18 62.06
C VAL F 99 -31.02 42.71 62.32
N GLU F 100 -31.44 41.98 61.30
CA GLU F 100 -31.61 40.55 61.47
C GLU F 100 -30.25 39.87 61.67
N LEU F 101 -29.20 40.40 61.06
CA LEU F 101 -27.89 39.82 61.26
C LEU F 101 -27.47 39.89 62.71
N VAL F 102 -27.52 41.08 63.30
CA VAL F 102 -27.12 41.20 64.70
C VAL F 102 -28.07 40.40 65.57
N ASP F 103 -29.36 40.32 65.23
CA ASP F 103 -30.30 39.57 66.05
C ASP F 103 -30.04 38.09 65.93
N GLU F 104 -29.86 37.60 64.71
CA GLU F 104 -29.59 36.18 64.56
C GLU F 104 -28.19 35.79 65.03
N ALA F 105 -27.26 36.74 65.00
CA ALA F 105 -25.95 36.47 65.53
C ALA F 105 -26.06 36.31 67.03
N HIS F 106 -26.69 37.27 67.68
CA HIS F 106 -26.85 37.27 69.14
C HIS F 106 -27.52 36.02 69.66
N ARG F 107 -28.52 35.55 68.93
CA ARG F 107 -29.22 34.33 69.26
C ARG F 107 -28.27 33.16 69.38
N ARG F 108 -27.18 33.21 68.63
CA ARG F 108 -26.26 32.08 68.56
C ARG F 108 -25.03 32.31 69.42
N GLY F 109 -25.02 33.40 70.17
CA GLY F 109 -23.92 33.65 71.08
C GLY F 109 -22.76 34.33 70.41
N ILE F 110 -23.03 34.92 69.25
CA ILE F 110 -22.04 35.62 68.46
C ILE F 110 -22.32 37.12 68.39
N ARG F 111 -21.32 37.94 68.64
CA ARG F 111 -21.49 39.37 68.55
C ARG F 111 -21.07 39.89 67.17
N VAL F 112 -21.30 41.17 66.92
CA VAL F 112 -20.97 41.79 65.63
C VAL F 112 -20.35 43.17 65.84
N ILE F 113 -19.19 43.43 65.23
CA ILE F 113 -18.59 44.75 65.19
C ILE F 113 -18.27 45.07 63.76
N ALA F 114 -17.98 46.34 63.49
CA ALA F 114 -17.70 46.77 62.13
C ALA F 114 -16.63 47.84 62.09
N ASP F 115 -15.92 47.93 60.98
CA ASP F 115 -15.03 49.05 60.75
C ASP F 115 -15.82 50.35 60.65
N LEU F 116 -15.22 51.43 61.12
CA LEU F 116 -15.76 52.75 60.86
C LEU F 116 -14.60 53.71 60.79
N VAL F 117 -14.47 54.38 59.65
CA VAL F 117 -13.36 55.29 59.45
C VAL F 117 -13.76 56.62 60.07
N MET F 118 -13.09 56.98 61.15
CA MET F 118 -13.48 58.17 61.89
C MET F 118 -12.90 59.43 61.31
N ASN F 119 -11.75 59.32 60.69
CA ASN F 119 -11.06 60.52 60.30
C ASN F 119 -11.60 61.12 59.03
N HIS F 120 -11.92 60.33 58.03
CA HIS F 120 -12.04 61.05 56.80
C HIS F 120 -13.11 60.46 55.91
N THR F 121 -13.59 61.21 54.94
CA THR F 121 -14.70 60.72 54.15
C THR F 121 -14.32 60.72 52.70
N SER F 122 -15.16 60.13 51.86
CA SER F 122 -14.91 60.23 50.43
C SER F 122 -15.09 61.68 50.05
N ASP F 123 -14.55 62.09 48.91
CA ASP F 123 -14.83 63.42 48.41
C ASP F 123 -16.30 63.49 47.96
N GLN F 124 -16.89 62.32 47.75
CA GLN F 124 -18.26 62.18 47.27
C GLN F 124 -19.30 62.15 48.39
N HIS F 125 -18.85 62.41 49.60
CA HIS F 125 -19.74 62.50 50.75
C HIS F 125 -20.67 63.71 50.65
N PRO F 126 -21.99 63.51 50.81
CA PRO F 126 -22.99 64.58 50.84
C PRO F 126 -22.56 65.74 51.73
N TRP F 127 -21.90 65.48 52.86
CA TRP F 127 -21.18 66.55 53.58
C TRP F 127 -20.14 67.04 52.59
N PHE F 128 -19.02 67.53 53.10
CA PHE F 128 -17.96 68.06 52.23
C PHE F 128 -18.75 68.91 51.25
N GLN F 129 -18.43 68.91 49.95
CA GLN F 129 -19.22 69.66 48.94
C GLN F 129 -19.93 70.89 49.55
N ALA F 130 -19.22 71.44 50.53
CA ALA F 130 -19.52 72.60 51.33
C ALA F 130 -18.21 72.72 52.10
N SER F 131 -17.16 73.28 51.51
CA SER F 131 -17.13 74.18 50.35
C SER F 131 -18.03 74.04 49.10
N ARG F 132 -19.19 74.69 49.22
CA ARG F 132 -19.87 75.45 48.17
C ARG F 132 -20.63 76.56 48.88
N THR F 133 -21.61 76.15 49.68
CA THR F 133 -22.57 77.07 50.30
C THR F 133 -22.06 78.36 50.93
N ASP F 134 -21.03 78.39 51.77
CA ASP F 134 -20.52 77.33 52.57
C ASP F 134 -20.37 77.80 54.04
N PRO F 135 -21.04 78.91 54.44
CA PRO F 135 -20.77 79.25 55.83
C PRO F 135 -21.35 78.25 56.87
N ASP F 136 -22.66 78.27 57.09
CA ASP F 136 -23.36 77.37 58.01
C ASP F 136 -22.66 75.99 58.16
N GLY F 137 -22.36 75.28 57.08
CA GLY F 137 -22.89 75.47 55.73
C GLY F 137 -24.29 74.92 55.43
N PRO F 138 -24.95 74.14 56.33
CA PRO F 138 -24.77 73.58 57.69
C PRO F 138 -23.73 72.45 57.76
N TYR F 139 -22.56 72.76 57.22
CA TYR F 139 -21.42 71.88 57.12
C TYR F 139 -20.22 72.82 57.13
N GLY F 140 -19.79 73.24 55.94
CA GLY F 140 -18.69 74.16 55.79
C GLY F 140 -17.36 73.83 56.42
N ASP F 141 -17.04 74.50 57.52
CA ASP F 141 -15.79 74.27 58.26
C ASP F 141 -15.74 72.87 58.92
N PHE F 142 -16.23 71.86 58.22
CA PHE F 142 -16.12 70.50 58.75
C PHE F 142 -14.86 69.81 58.30
N TYR F 143 -14.26 70.31 57.22
CA TYR F 143 -13.05 69.69 56.78
C TYR F 143 -11.97 70.74 56.91
N MET F 144 -10.73 70.29 56.99
CA MET F 144 -9.65 71.20 57.28
C MET F 144 -9.33 72.02 56.05
N TRP F 145 -9.65 73.31 56.11
CA TRP F 145 -9.38 74.19 54.99
C TRP F 145 -8.23 75.16 55.24
N SER F 146 -7.65 75.62 54.14
CA SER F 146 -6.48 76.48 54.21
C SER F 146 -6.21 77.43 53.06
N ASP F 147 -5.69 78.59 53.41
CA ASP F 147 -5.28 79.57 52.42
C ASP F 147 -3.83 79.31 52.02
N THR F 148 -2.98 79.20 53.04
CA THR F 148 -1.54 79.12 52.83
C THR F 148 -1.02 77.84 52.20
N ASP F 149 0.14 77.99 51.55
CA ASP F 149 0.92 76.95 50.89
C ASP F 149 0.90 75.66 51.69
N ASP F 150 2.05 75.44 52.28
CA ASP F 150 2.28 74.94 53.63
C ASP F 150 1.09 74.89 54.60
N LYS F 151 1.43 74.43 55.82
CA LYS F 151 0.60 74.28 57.02
C LYS F 151 1.06 73.03 57.75
N TYR F 152 1.95 73.29 58.71
CA TYR F 152 2.57 72.24 59.52
C TYR F 152 3.09 71.03 58.72
N PRO F 153 4.06 71.27 57.82
CA PRO F 153 4.56 70.41 56.76
C PRO F 153 5.49 69.31 57.27
N ASP F 154 5.58 69.20 58.60
CA ASP F 154 6.51 68.31 59.23
C ASP F 154 5.70 67.06 59.59
N ALA F 155 4.54 66.98 58.96
CA ALA F 155 3.64 65.84 59.00
C ALA F 155 3.98 64.85 57.90
N ARG F 156 4.08 63.57 58.27
CA ARG F 156 4.35 62.49 57.35
C ARG F 156 3.39 62.45 56.14
N ILE F 157 3.90 62.05 54.99
CA ILE F 157 3.01 61.70 53.90
C ILE F 157 2.86 60.20 53.92
N ILE F 158 1.65 59.69 54.09
CA ILE F 158 1.50 58.25 54.13
C ILE F 158 1.72 57.64 52.76
N PHE F 159 0.99 58.13 51.76
CA PHE F 159 1.13 57.56 50.42
C PHE F 159 2.13 58.25 49.50
N VAL F 160 3.39 58.20 49.91
CA VAL F 160 4.50 58.89 49.25
C VAL F 160 4.77 58.38 47.82
N ASP F 161 3.80 57.70 47.22
CA ASP F 161 3.97 57.14 45.87
C ASP F 161 2.94 57.67 44.90
N THR F 162 1.79 58.07 45.44
CA THR F 162 0.67 58.53 44.64
C THR F 162 0.42 59.98 44.99
N GLU F 163 0.80 60.35 46.20
CA GLU F 163 0.50 61.69 46.61
C GLU F 163 1.80 62.47 46.82
N VAL F 164 1.99 63.52 46.02
CA VAL F 164 3.12 64.41 46.20
C VAL F 164 2.60 65.41 47.19
N SER F 165 1.28 65.55 47.14
CA SER F 165 0.55 66.46 47.98
C SER F 165 0.20 65.98 49.38
N ASN F 166 -0.14 66.93 50.23
CA ASN F 166 -0.75 66.61 51.51
C ASN F 166 -1.66 67.83 51.72
N TRP F 167 -1.53 68.76 50.78
CA TRP F 167 -2.44 69.88 50.57
C TRP F 167 -2.83 69.87 49.10
N THR F 168 -4.10 70.06 48.78
CA THR F 168 -4.48 70.00 47.37
C THR F 168 -5.38 71.05 46.81
N TYR F 169 -5.93 70.66 45.67
CA TYR F 169 -6.72 71.54 44.81
C TYR F 169 -8.18 71.12 44.71
N ASP F 170 -9.03 72.12 44.81
CA ASP F 170 -10.45 72.00 44.91
C ASP F 170 -11.05 73.13 44.10
N PRO F 171 -11.72 72.83 43.00
CA PRO F 171 -12.14 73.99 42.22
C PRO F 171 -13.23 74.85 42.88
N VAL F 172 -14.39 74.24 43.10
CA VAL F 172 -15.59 74.96 43.56
C VAL F 172 -15.43 75.45 45.00
N ARG F 173 -14.28 76.05 45.32
CA ARG F 173 -14.02 76.51 46.70
C ARG F 173 -12.86 77.51 46.80
N GLY F 174 -11.78 77.22 46.07
CA GLY F 174 -10.59 78.04 45.94
C GLY F 174 -9.47 78.13 46.97
N GLN F 175 -9.34 77.16 47.87
CA GLN F 175 -8.24 77.18 48.85
C GLN F 175 -7.77 75.76 49.19
N TYR F 176 -6.67 75.61 49.92
CA TYR F 176 -6.13 74.26 50.19
C TYR F 176 -6.91 73.42 51.21
N TYR F 177 -7.07 72.11 50.95
CA TYR F 177 -7.55 71.22 52.02
C TYR F 177 -6.57 70.09 52.35
N TRP F 178 -6.82 69.47 53.51
CA TRP F 178 -5.92 68.51 54.16
C TRP F 178 -6.33 67.06 53.96
N HIS F 179 -5.34 66.20 53.72
CA HIS F 179 -5.59 64.78 53.58
C HIS F 179 -4.34 63.98 53.92
N ARG F 180 -4.43 63.12 54.92
CA ARG F 180 -3.31 62.28 55.30
C ARG F 180 -3.35 60.99 54.53
N PHE F 181 -4.50 60.70 53.96
CA PHE F 181 -4.67 59.54 53.10
C PHE F 181 -4.69 60.03 51.68
N PHE F 182 -5.52 59.42 50.84
CA PHE F 182 -5.55 59.83 49.46
C PHE F 182 -6.35 61.13 49.38
N SER F 183 -6.10 61.92 48.34
CA SER F 183 -6.74 63.22 48.19
C SER F 183 -8.25 63.12 48.03
N HIS F 184 -8.74 61.93 47.75
CA HIS F 184 -10.17 61.78 47.57
C HIS F 184 -10.74 61.44 48.93
N GLN F 185 -9.87 61.52 49.94
CA GLN F 185 -10.23 61.31 51.33
C GLN F 185 -9.78 62.47 52.21
N PRO F 186 -10.50 63.60 52.14
CA PRO F 186 -10.24 64.81 52.93
C PRO F 186 -10.58 64.57 54.39
N ASP F 187 -9.77 65.08 55.30
CA ASP F 187 -9.97 64.83 56.73
C ASP F 187 -11.24 65.47 57.31
N LEU F 188 -11.27 65.66 58.62
CA LEU F 188 -12.38 66.35 59.27
C LEU F 188 -11.78 67.21 60.36
N ASN F 189 -12.24 68.45 60.50
CA ASN F 189 -11.66 69.29 61.53
C ASN F 189 -12.26 69.00 62.90
N TYR F 190 -11.53 68.24 63.71
CA TYR F 190 -12.04 67.76 65.01
C TYR F 190 -11.84 68.80 66.10
N ASP F 191 -11.36 69.97 65.71
CA ASP F 191 -11.32 71.12 66.59
C ASP F 191 -12.69 71.80 66.63
N ASN F 192 -13.50 71.53 65.62
CA ASN F 192 -14.88 72.03 65.59
C ASN F 192 -15.85 71.14 66.39
N PRO F 193 -16.49 71.68 67.45
CA PRO F 193 -17.38 70.84 68.27
C PRO F 193 -18.50 70.20 67.48
N ALA F 194 -18.87 70.77 66.35
CA ALA F 194 -19.95 70.20 65.55
C ALA F 194 -19.52 68.93 64.82
N VAL F 195 -18.24 68.79 64.50
CA VAL F 195 -17.83 67.53 63.89
C VAL F 195 -17.82 66.46 64.99
N GLN F 196 -17.34 66.83 66.18
CA GLN F 196 -17.30 65.93 67.33
C GLN F 196 -18.67 65.39 67.65
N GLU F 197 -19.70 66.20 67.39
CA GLU F 197 -21.06 65.79 67.68
C GLU F 197 -21.62 65.02 66.50
N ALA F 198 -21.13 65.34 65.31
CA ALA F 198 -21.57 64.62 64.12
C ALA F 198 -21.11 63.17 64.09
N MET F 199 -19.87 62.94 64.49
CA MET F 199 -19.31 61.60 64.49
C MET F 199 -19.87 60.77 65.62
N LEU F 200 -20.09 61.43 66.74
CA LEU F 200 -20.70 60.79 67.88
C LEU F 200 -22.11 60.39 67.52
N GLU F 201 -22.75 61.16 66.65
CA GLU F 201 -24.08 60.82 66.19
C GLU F 201 -24.02 59.52 65.42
N VAL F 202 -23.03 59.44 64.53
CA VAL F 202 -22.82 58.29 63.67
C VAL F 202 -22.69 57.00 64.47
N LEU F 203 -21.88 57.02 65.52
CA LEU F 203 -21.77 55.87 66.40
C LEU F 203 -23.12 55.52 67.03
N ARG F 204 -23.90 56.52 67.43
CA ARG F 204 -25.20 56.22 68.01
C ARG F 204 -26.11 55.56 66.98
N PHE F 205 -26.03 55.98 65.73
CA PHE F 205 -26.86 55.39 64.68
C PHE F 205 -26.73 53.89 64.68
N TRP F 206 -25.49 53.42 64.62
CA TRP F 206 -25.22 51.98 64.53
C TRP F 206 -25.35 51.24 65.85
N LEU F 207 -24.93 51.86 66.93
CA LEU F 207 -25.09 51.26 68.24
C LEU F 207 -26.56 51.06 68.54
N ASP F 208 -27.41 51.95 68.02
CA ASP F 208 -28.84 51.85 68.25
C ASP F 208 -29.44 50.65 67.53
N LEU F 209 -28.82 50.25 66.41
CA LEU F 209 -29.28 49.09 65.67
C LEU F 209 -28.83 47.78 66.30
N GLY F 210 -27.93 47.88 67.27
CA GLY F 210 -27.55 46.71 68.05
C GLY F 210 -26.14 46.20 67.82
N ILE F 211 -25.35 46.91 67.03
CA ILE F 211 -23.98 46.49 66.81
C ILE F 211 -23.22 46.58 68.14
N ASP F 212 -22.29 45.68 68.39
CA ASP F 212 -21.63 45.63 69.69
C ASP F 212 -20.38 46.49 69.78
N GLY F 213 -20.01 47.13 68.68
CA GLY F 213 -18.86 47.99 68.73
C GLY F 213 -18.24 48.30 67.38
N PHE F 214 -17.09 48.96 67.41
CA PHE F 214 -16.45 49.39 66.20
C PHE F 214 -14.96 49.23 66.28
N ARG F 215 -14.33 49.13 65.11
CA ARG F 215 -12.90 49.40 65.03
C ARG F 215 -12.74 50.79 64.44
N LEU F 216 -12.38 51.73 65.29
CA LEU F 216 -12.24 53.10 64.84
C LEU F 216 -10.99 53.24 63.99
N ASP F 217 -11.18 53.55 62.72
CA ASP F 217 -10.08 53.52 61.77
C ASP F 217 -9.38 54.87 61.65
N ALA F 218 -8.05 54.82 61.55
CA ALA F 218 -7.19 55.97 61.31
C ALA F 218 -7.24 57.02 62.43
N VAL F 219 -7.52 56.60 63.65
CA VAL F 219 -7.61 57.53 64.77
C VAL F 219 -6.31 58.23 65.18
N PRO F 220 -5.12 57.74 64.79
CA PRO F 220 -4.01 58.61 65.18
C PRO F 220 -4.03 59.98 64.48
N TYR F 221 -4.82 60.12 63.42
CA TYR F 221 -4.70 61.28 62.55
C TYR F 221 -5.88 62.26 62.66
N LEU F 222 -6.63 62.15 63.76
CA LEU F 222 -7.79 63.01 63.98
C LEU F 222 -7.44 64.49 64.13
N TYR F 223 -6.51 64.77 65.04
CA TYR F 223 -6.12 66.15 65.31
C TYR F 223 -4.78 66.54 64.70
N ALA F 224 -4.67 67.80 64.31
CA ALA F 224 -3.42 68.31 63.77
C ALA F 224 -2.90 69.53 64.51
N ARG F 225 -1.63 69.41 64.86
CA ARG F 225 -0.76 70.39 65.51
C ARG F 225 0.63 69.82 65.16
N GLU F 226 1.54 69.60 66.10
CA GLU F 226 2.93 69.39 65.71
C GLU F 226 3.83 68.67 66.69
N GLY F 227 5.00 69.29 66.88
CA GLY F 227 5.95 68.91 67.90
C GLY F 227 7.28 68.59 67.23
N THR F 228 7.25 67.43 66.57
CA THR F 228 8.36 66.81 65.85
C THR F 228 7.71 65.92 64.77
N ASN F 229 6.42 65.62 64.98
CA ASN F 229 5.59 64.83 64.06
C ASN F 229 4.24 65.56 63.91
N CYS F 230 3.16 64.82 63.61
CA CYS F 230 1.83 65.43 63.64
C CYS F 230 0.69 64.42 63.87
N GLU F 231 0.96 63.31 64.56
CA GLU F 231 -0.15 62.43 64.90
C GLU F 231 -0.06 61.96 66.35
N ASN F 232 -1.06 61.20 66.80
CA ASN F 232 -1.11 60.73 68.17
C ASN F 232 -1.21 61.89 69.14
N LEU F 233 -1.81 62.98 68.70
CA LEU F 233 -1.90 64.20 69.50
C LEU F 233 -2.80 64.02 70.72
N PRO F 234 -2.45 64.68 71.84
CA PRO F 234 -3.20 64.54 73.08
C PRO F 234 -4.67 64.89 72.94
N GLU F 235 -4.96 65.80 72.01
CA GLU F 235 -6.31 66.21 71.77
C GLU F 235 -7.10 65.05 71.22
N THR F 236 -6.42 64.21 70.45
CA THR F 236 -7.04 63.01 69.90
C THR F 236 -7.45 62.05 71.01
N HIS F 237 -6.53 61.77 71.92
CA HIS F 237 -6.82 60.86 73.02
C HIS F 237 -7.99 61.36 73.84
N ALA F 238 -8.07 62.68 74.02
CA ALA F 238 -9.15 63.28 74.79
C ALA F 238 -10.48 63.03 74.13
N TYR F 239 -10.53 63.16 72.81
CA TYR F 239 -11.78 62.97 72.11
C TYR F 239 -12.30 61.55 72.24
N LEU F 240 -11.40 60.59 72.17
CA LEU F 240 -11.80 59.21 72.27
C LEU F 240 -12.34 58.90 73.65
N LYS F 241 -11.69 59.45 74.69
CA LYS F 241 -12.17 59.28 76.06
C LYS F 241 -13.58 59.82 76.19
N ARG F 242 -13.81 60.93 75.52
CA ARG F 242 -15.12 61.55 75.46
C ARG F 242 -16.07 60.59 74.76
N VAL F 243 -15.58 59.94 73.69
CA VAL F 243 -16.39 59.01 72.95
C VAL F 243 -16.75 57.80 73.78
N ARG F 244 -15.78 57.27 74.51
CA ARG F 244 -16.06 56.06 75.30
C ARG F 244 -17.03 56.30 76.44
N ALA F 245 -16.86 57.41 77.14
CA ALA F 245 -17.71 57.75 78.27
C ALA F 245 -19.14 57.81 77.79
N GLU F 246 -19.35 58.42 76.62
CA GLU F 246 -20.67 58.58 76.06
C GLU F 246 -21.24 57.22 75.66
N VAL F 247 -20.43 56.39 75.00
CA VAL F 247 -20.88 55.07 74.60
C VAL F 247 -21.18 54.23 75.83
N ASP F 248 -20.25 54.25 76.79
CA ASP F 248 -20.45 53.53 78.04
C ASP F 248 -21.72 54.02 78.72
N ARG F 249 -22.00 55.31 78.62
CA ARG F 249 -23.20 55.90 79.20
C ARG F 249 -24.49 55.39 78.57
N LEU F 250 -24.58 55.39 77.25
CA LEU F 250 -25.84 55.10 76.59
C LEU F 250 -26.06 53.63 76.27
N TYR F 251 -24.98 52.86 76.18
CA TYR F 251 -25.08 51.46 75.78
C TYR F 251 -24.27 50.50 76.63
N PRO F 252 -24.89 49.41 77.10
CA PRO F 252 -24.11 48.47 77.88
C PRO F 252 -23.26 47.54 77.00
N ASP F 253 -22.07 47.21 77.49
CA ASP F 253 -21.25 46.16 76.90
C ASP F 253 -20.81 46.32 75.44
N ARG F 254 -20.43 47.53 75.05
CA ARG F 254 -19.93 47.75 73.69
C ARG F 254 -18.41 47.90 73.70
N VAL F 255 -17.78 47.78 72.54
CA VAL F 255 -16.32 47.83 72.48
C VAL F 255 -15.77 48.78 71.42
N LEU F 256 -14.75 49.54 71.77
CA LEU F 256 -14.08 50.34 70.77
C LEU F 256 -12.67 49.84 70.57
N LEU F 257 -12.36 49.44 69.35
CA LEU F 257 -11.03 49.03 68.99
C LEU F 257 -10.38 50.11 68.16
N ALA F 258 -9.12 50.38 68.43
CA ALA F 258 -8.39 51.39 67.69
C ALA F 258 -7.53 50.74 66.63
N GLU F 259 -7.66 51.22 65.40
CA GLU F 259 -6.73 50.89 64.36
C GLU F 259 -5.65 51.93 64.44
N ALA F 260 -4.51 51.55 65.01
CA ALA F 260 -3.41 52.46 65.12
C ALA F 260 -2.19 51.80 64.54
N ASN F 261 -1.81 52.23 63.35
CA ASN F 261 -0.64 51.68 62.70
C ASN F 261 0.61 52.25 63.31
N GLN F 262 0.81 51.99 64.60
CA GLN F 262 1.90 52.62 65.33
C GLN F 262 2.67 51.62 66.13
N TRP F 263 3.84 51.98 66.62
CA TRP F 263 4.63 51.08 67.44
C TRP F 263 3.94 50.90 68.78
N PRO F 264 3.88 49.66 69.25
CA PRO F 264 3.24 49.33 70.53
C PRO F 264 3.99 49.93 71.71
N ALA F 265 3.76 51.20 71.95
CA ALA F 265 4.45 51.98 72.98
C ALA F 265 3.84 53.34 72.80
N ASP F 266 3.62 53.67 71.53
CA ASP F 266 2.83 54.81 71.14
C ASP F 266 1.35 54.41 71.19
N VAL F 267 1.10 53.12 71.12
CA VAL F 267 -0.27 52.65 71.04
C VAL F 267 -0.89 52.58 72.42
N VAL F 268 -0.08 52.30 73.43
CA VAL F 268 -0.58 52.12 74.80
C VAL F 268 -1.35 53.34 75.26
N GLU F 269 -1.05 54.50 74.69
CA GLU F 269 -1.75 55.69 75.12
C GLU F 269 -3.22 55.67 74.67
N TYR F 270 -3.57 54.79 73.74
CA TYR F 270 -4.96 54.67 73.31
C TYR F 270 -5.82 53.87 74.30
N PHE F 271 -5.18 53.30 75.31
CA PHE F 271 -5.90 52.58 76.36
C PHE F 271 -6.31 53.52 77.49
N GLY F 272 -5.73 54.71 77.48
CA GLY F 272 -6.06 55.76 78.44
C GLY F 272 -5.25 55.67 79.71
N ASP F 273 -5.82 56.19 80.80
CA ASP F 273 -5.16 56.23 82.10
C ASP F 273 -5.31 54.90 82.82
N PRO F 274 -4.19 54.22 83.08
CA PRO F 274 -4.23 52.88 83.68
C PRO F 274 -4.92 52.84 85.03
N ALA F 275 -4.99 53.97 85.72
CA ALA F 275 -5.58 54.00 87.05
C ALA F 275 -7.06 53.63 87.02
N THR F 276 -7.75 54.01 85.97
CA THR F 276 -9.19 53.76 85.87
C THR F 276 -9.48 52.34 85.40
N GLY F 277 -8.45 51.59 85.03
CA GLY F 277 -8.66 50.29 84.43
C GLY F 277 -8.85 50.37 82.93
N GLY F 278 -8.91 51.59 82.41
CA GLY F 278 -9.08 51.80 80.98
C GLY F 278 -10.26 52.70 80.73
N ASP F 279 -10.01 53.85 80.13
CA ASP F 279 -11.06 54.83 79.86
C ASP F 279 -11.04 55.38 78.46
N GLU F 280 -10.39 54.67 77.55
CA GLU F 280 -10.36 55.10 76.17
C GLU F 280 -10.78 53.94 75.28
N CYS F 281 -9.87 53.38 74.50
CA CYS F 281 -10.23 52.20 73.71
C CYS F 281 -10.02 50.91 74.48
N HIS F 282 -10.92 49.97 74.27
CA HIS F 282 -10.82 48.69 74.93
C HIS F 282 -9.66 47.88 74.38
N MET F 283 -9.57 47.84 73.05
CA MET F 283 -8.56 47.08 72.34
C MET F 283 -7.85 47.94 71.35
N ALA F 284 -6.61 47.57 71.06
CA ALA F 284 -5.86 48.16 69.97
C ALA F 284 -5.02 47.04 69.46
N PHE F 285 -4.45 47.17 68.28
CA PHE F 285 -3.74 46.04 67.71
C PHE F 285 -2.22 46.13 67.85
N HIS F 286 -1.64 44.99 68.18
CA HIS F 286 -0.21 44.79 68.32
C HIS F 286 0.33 44.31 66.97
N PHE F 287 0.55 45.21 66.05
CA PHE F 287 0.90 44.80 64.70
C PHE F 287 2.18 44.03 64.51
N PRO F 288 3.21 44.33 65.30
CA PRO F 288 4.43 43.58 64.98
C PRO F 288 4.46 42.11 65.40
N VAL F 289 3.42 41.57 65.99
CA VAL F 289 3.49 40.19 66.43
C VAL F 289 3.73 39.28 65.26
N MET F 290 2.97 39.42 64.19
CA MET F 290 3.16 38.51 63.08
C MET F 290 4.54 38.66 62.40
N PRO F 291 4.98 39.91 62.10
CA PRO F 291 6.32 40.02 61.55
C PRO F 291 7.40 39.43 62.44
N ARG F 292 7.25 39.55 63.75
CA ARG F 292 8.26 38.96 64.63
C ARG F 292 8.19 37.43 64.68
N ILE F 293 6.99 36.85 64.64
CA ILE F 293 6.91 35.40 64.59
C ILE F 293 7.52 34.92 63.30
N PHE F 294 7.22 35.62 62.21
CA PHE F 294 7.77 35.24 60.92
C PHE F 294 9.27 35.15 60.91
N MET F 295 9.92 36.20 61.40
CA MET F 295 11.35 36.24 61.40
C MET F 295 11.94 35.20 62.36
N ALA F 296 11.26 34.97 63.47
CA ALA F 296 11.69 33.98 64.45
C ALA F 296 11.69 32.59 63.85
N VAL F 297 10.65 32.25 63.09
CA VAL F 297 10.61 30.96 62.44
C VAL F 297 11.73 30.88 61.39
N ARG F 298 11.97 31.98 60.69
CA ARG F 298 13.04 31.98 59.71
C ARG F 298 14.42 31.80 60.39
N ARG F 299 14.72 32.56 61.44
CA ARG F 299 16.04 32.46 62.07
C ARG F 299 16.17 31.28 63.04
N GLU F 300 15.06 30.59 63.21
CA GLU F 300 14.95 29.47 64.13
C GLU F 300 15.36 29.87 65.54
N GLN F 301 14.91 31.04 65.95
CA GLN F 301 15.19 31.54 67.28
C GLN F 301 13.99 32.22 67.92
N ARG F 302 13.79 32.03 69.22
CA ARG F 302 12.64 32.62 69.88
C ARG F 302 12.80 34.11 70.12
N TYR F 303 14.03 34.60 70.10
CA TYR F 303 14.30 35.95 70.59
C TYR F 303 13.42 37.04 69.97
N PRO F 304 13.19 36.98 68.65
CA PRO F 304 12.34 38.06 68.12
C PRO F 304 10.97 38.10 68.75
N ILE F 305 10.50 36.97 69.26
CA ILE F 305 9.21 36.95 69.92
C ILE F 305 9.37 37.38 71.34
N SER F 306 10.40 36.87 72.00
CA SER F 306 10.69 37.23 73.36
C SER F 306 10.80 38.74 73.55
N GLU F 307 11.45 39.40 72.60
CA GLU F 307 11.71 40.83 72.73
C GLU F 307 10.42 41.67 72.74
N ILE F 308 9.53 41.52 71.77
CA ILE F 308 8.31 42.34 71.80
C ILE F 308 7.44 42.02 72.99
N MET F 309 7.47 40.77 73.44
CA MET F 309 6.68 40.38 74.58
C MET F 309 7.18 41.08 75.83
N ALA F 310 8.48 41.32 75.92
CA ALA F 310 9.06 41.93 77.10
C ALA F 310 9.14 43.44 77.02
N GLN F 311 9.21 43.98 75.81
CA GLN F 311 9.42 45.41 75.64
C GLN F 311 8.11 46.12 75.40
N THR F 312 7.03 45.37 75.46
CA THR F 312 5.70 45.94 75.31
C THR F 312 5.21 46.40 76.65
N PRO F 313 4.84 47.67 76.76
CA PRO F 313 4.42 48.19 78.07
C PRO F 313 3.17 47.52 78.57
N LYS F 314 3.01 47.49 79.89
CA LYS F 314 1.82 46.90 80.50
C LYS F 314 0.64 47.84 80.25
N ILE F 315 -0.53 47.26 80.08
CA ILE F 315 -1.68 48.05 79.70
C ILE F 315 -2.75 47.90 80.77
N PRO F 316 -3.75 48.79 80.76
CA PRO F 316 -4.80 48.77 81.79
C PRO F 316 -5.51 47.44 81.94
N GLU F 317 -6.00 47.19 83.15
CA GLU F 317 -6.52 45.88 83.55
C GLU F 317 -7.63 45.39 82.65
N ASN F 318 -8.46 46.30 82.14
CA ASN F 318 -9.60 45.88 81.34
C ASN F 318 -9.40 45.98 79.85
N CYS F 319 -8.19 46.28 79.43
CA CYS F 319 -7.89 46.42 78.02
C CYS F 319 -7.25 45.17 77.42
N GLN F 320 -7.23 45.09 76.09
CA GLN F 320 -6.70 43.94 75.38
C GLN F 320 -5.96 44.32 74.11
N TRP F 321 -4.82 43.68 73.86
CA TRP F 321 -4.17 43.77 72.55
C TRP F 321 -4.92 42.87 71.60
N GLY F 322 -5.13 43.32 70.37
CA GLY F 322 -5.65 42.45 69.33
C GLY F 322 -4.48 41.92 68.54
N ILE F 323 -4.50 40.64 68.21
CA ILE F 323 -3.46 40.07 67.39
C ILE F 323 -4.01 39.32 66.19
N PHE F 324 -3.30 39.39 65.07
CA PHE F 324 -3.65 38.66 63.86
C PHE F 324 -2.42 38.29 63.03
N LEU F 325 -2.54 37.31 62.16
CA LEU F 325 -1.37 36.85 61.42
C LEU F 325 -1.22 37.57 60.09
N ARG F 326 -0.96 38.86 60.15
CA ARG F 326 -0.69 39.61 58.94
C ARG F 326 0.44 40.60 59.14
N ASN F 327 1.09 40.95 58.05
CA ASN F 327 2.24 41.80 58.13
C ASN F 327 1.90 43.27 57.82
N HIS F 328 0.68 43.52 57.35
CA HIS F 328 0.26 44.87 56.94
C HIS F 328 -1.11 45.24 57.53
N ASP F 329 -1.36 46.50 57.86
CA ASP F 329 -2.73 46.85 58.21
C ASP F 329 -3.46 47.10 56.92
N GLU F 330 -4.78 47.02 56.96
CA GLU F 330 -5.56 46.98 55.76
C GLU F 330 -5.85 48.36 55.16
N LEU F 331 -5.72 49.44 55.93
CA LEU F 331 -5.93 50.77 55.38
C LEU F 331 -4.72 51.36 54.68
N THR F 332 -3.53 51.04 55.18
CA THR F 332 -2.29 51.55 54.60
C THR F 332 -1.47 50.35 54.37
N LEU F 333 -1.36 49.84 53.17
CA LEU F 333 -0.63 48.59 53.06
C LEU F 333 0.84 48.77 53.50
N GLU F 334 0.99 49.01 54.80
CA GLU F 334 2.29 49.24 55.41
C GLU F 334 2.51 48.29 56.56
N MET F 335 3.75 47.84 56.72
CA MET F 335 4.11 47.10 57.92
C MET F 335 4.47 48.07 59.04
N VAL F 336 3.90 47.85 60.21
CA VAL F 336 4.17 48.73 61.31
C VAL F 336 5.55 48.48 61.88
N THR F 337 6.41 49.47 61.78
CA THR F 337 7.76 49.39 62.30
C THR F 337 8.21 50.77 62.75
N ASP F 338 9.42 50.86 63.25
CA ASP F 338 9.90 52.07 63.90
C ASP F 338 11.43 52.04 63.91
N GLU F 339 12.10 53.06 63.35
CA GLU F 339 13.56 52.96 63.13
C GLU F 339 14.38 52.90 64.40
N GLU F 340 13.86 53.50 65.46
CA GLU F 340 14.62 53.59 66.70
C GLU F 340 14.25 52.54 67.73
N ARG F 341 13.05 52.00 67.70
CA ARG F 341 12.65 51.09 68.74
C ARG F 341 12.44 49.66 68.30
N ASP F 342 12.47 49.44 66.99
CA ASP F 342 12.35 48.11 66.45
C ASP F 342 13.72 47.58 66.12
N TYR F 343 14.16 46.63 66.91
CA TYR F 343 15.44 46.00 66.78
C TYR F 343 15.67 45.36 65.41
N MET F 344 14.57 45.00 64.76
CA MET F 344 14.61 44.28 63.49
C MET F 344 14.35 45.18 62.30
N TYR F 345 14.22 46.47 62.53
CA TYR F 345 13.84 47.44 61.51
C TYR F 345 14.43 47.19 60.13
N ALA F 346 15.73 47.02 60.09
CA ALA F 346 16.47 46.85 58.87
C ALA F 346 16.60 45.37 58.49
N GLU F 347 16.11 44.48 59.35
CA GLU F 347 16.37 43.06 59.14
C GLU F 347 15.36 42.36 58.23
N TYR F 348 14.13 42.87 58.18
CA TYR F 348 13.08 42.26 57.37
C TYR F 348 13.41 42.25 55.88
N ALA F 349 14.08 43.28 55.41
CA ALA F 349 14.35 43.36 53.98
C ALA F 349 15.46 42.41 53.59
N LYS F 350 16.02 41.69 54.56
CA LYS F 350 17.04 40.71 54.25
C LYS F 350 16.39 39.33 54.26
N ASP F 351 15.07 39.30 54.27
CA ASP F 351 14.37 38.06 54.08
C ASP F 351 13.67 38.09 52.73
N PRO F 352 14.08 37.21 51.81
CA PRO F 352 13.56 37.33 50.45
C PRO F 352 12.04 37.10 50.36
N ARG F 353 11.49 36.24 51.20
CA ARG F 353 10.04 36.05 51.21
C ARG F 353 9.34 37.28 51.78
N MET F 354 9.91 37.80 52.83
CA MET F 354 9.37 39.00 53.45
C MET F 354 9.40 40.22 52.51
N LYS F 355 10.50 40.41 51.80
CA LYS F 355 10.67 41.55 50.93
C LYS F 355 9.80 41.51 49.69
N ALA F 356 9.26 40.37 49.37
CA ALA F 356 8.56 40.31 48.11
C ALA F 356 7.10 40.68 48.30
N ASN F 357 6.58 40.42 49.49
CA ASN F 357 5.21 40.80 49.80
C ASN F 357 5.11 42.14 50.51
N ILE F 358 5.84 43.14 50.07
CA ILE F 358 5.97 44.35 50.87
C ILE F 358 4.72 45.21 50.99
N GLY F 359 3.96 45.38 49.93
CA GLY F 359 2.82 46.26 50.07
C GLY F 359 1.57 45.47 49.84
N ILE F 360 1.70 44.15 49.96
CA ILE F 360 0.65 43.22 49.61
C ILE F 360 0.06 42.49 50.80
N ARG F 361 -1.25 42.47 50.88
CA ARG F 361 -1.92 41.60 51.81
C ARG F 361 -1.94 40.19 51.29
N ARG F 362 -1.50 39.27 52.11
CA ARG F 362 -1.50 37.86 51.79
C ARG F 362 -2.22 37.08 52.83
N ARG F 363 -2.81 35.97 52.43
CA ARG F 363 -3.50 35.14 53.38
C ARG F 363 -2.43 34.23 54.01
N LEU F 364 -2.77 33.54 55.10
CA LEU F 364 -1.73 32.90 55.89
C LEU F 364 -1.00 31.80 55.15
N ALA F 365 -1.73 30.96 54.46
CA ALA F 365 -1.12 29.82 53.79
C ALA F 365 -0.12 30.23 52.70
N PRO F 366 -0.47 31.20 51.85
CA PRO F 366 0.60 31.63 50.95
C PRO F 366 1.83 32.20 51.67
N LEU F 367 1.65 32.98 52.72
CA LEU F 367 2.79 33.54 53.42
C LEU F 367 3.69 32.46 54.00
N LEU F 368 3.15 31.27 54.21
CA LEU F 368 3.91 30.18 54.79
C LEU F 368 4.14 29.03 53.81
N ASP F 369 4.12 29.31 52.51
CA ASP F 369 4.27 28.30 51.46
C ASP F 369 3.39 27.07 51.63
N ASN F 370 2.17 27.23 52.11
CA ASN F 370 1.24 26.12 52.25
C ASN F 370 1.80 24.96 53.08
N ASP F 371 2.63 25.30 54.05
CA ASP F 371 3.23 24.34 54.95
C ASP F 371 2.27 24.03 56.09
N ARG F 372 1.70 22.84 56.11
CA ARG F 372 0.71 22.52 57.11
C ARG F 372 1.24 22.65 58.52
N ASN F 373 2.46 22.20 58.73
CA ASN F 373 3.07 22.26 60.04
C ASN F 373 3.23 23.70 60.50
N GLN F 374 3.60 24.59 59.61
CA GLN F 374 3.77 25.98 59.98
C GLN F 374 2.42 26.67 60.16
N LEU F 375 1.43 26.24 59.41
CA LEU F 375 0.10 26.79 59.56
C LEU F 375 -0.40 26.49 60.95
N GLU F 376 -0.05 25.32 61.46
CA GLU F 376 -0.44 24.95 62.81
C GLU F 376 0.35 25.72 63.85
N LEU F 377 1.65 25.84 63.65
CA LEU F 377 2.46 26.61 64.57
C LEU F 377 2.02 28.06 64.65
N PHE F 378 1.80 28.71 63.51
CA PHE F 378 1.47 30.12 63.56
C PHE F 378 0.13 30.34 64.18
N THR F 379 -0.82 29.48 63.85
CA THR F 379 -2.18 29.61 64.38
C THR F 379 -2.23 29.23 65.87
N ALA F 380 -1.41 28.27 66.28
CA ALA F 380 -1.33 27.93 67.69
C ALA F 380 -0.86 29.13 68.51
N LEU F 381 0.14 29.85 68.02
CA LEU F 381 0.68 31.03 68.69
C LEU F 381 -0.34 32.11 68.73
N LEU F 382 -1.05 32.30 67.62
CA LEU F 382 -2.12 33.30 67.56
C LEU F 382 -3.17 33.07 68.61
N LEU F 383 -3.42 31.82 68.95
CA LEU F 383 -4.49 31.51 69.88
C LEU F 383 -3.99 31.43 71.32
N SER F 384 -2.68 31.44 71.54
CA SER F 384 -2.19 31.25 72.89
C SER F 384 -1.41 32.43 73.42
N LEU F 385 -0.92 33.31 72.56
CA LEU F 385 -0.25 34.50 73.05
C LEU F 385 -1.23 35.45 73.77
N PRO F 386 -0.71 36.39 74.59
CA PRO F 386 -1.60 37.23 75.38
C PRO F 386 -2.37 38.25 74.58
N GLY F 387 -3.66 38.01 74.33
CA GLY F 387 -4.47 38.95 73.60
C GLY F 387 -5.74 38.29 73.12
N SER F 388 -6.46 38.97 72.23
CA SER F 388 -7.62 38.38 71.59
C SER F 388 -7.37 38.27 70.11
N PRO F 389 -7.44 37.05 69.56
CA PRO F 389 -7.06 36.82 68.17
C PRO F 389 -8.15 37.14 67.16
N VAL F 390 -7.74 37.56 65.97
CA VAL F 390 -8.65 37.77 64.85
C VAL F 390 -8.30 36.82 63.73
N LEU F 391 -9.24 35.98 63.32
CA LEU F 391 -9.03 35.11 62.16
C LEU F 391 -9.50 35.82 60.92
N TYR F 392 -8.80 35.65 59.81
CA TYR F 392 -9.29 36.23 58.58
C TYR F 392 -10.05 35.17 57.80
N TYR F 393 -11.21 35.53 57.22
CA TYR F 393 -12.06 34.54 56.58
C TYR F 393 -11.26 33.86 55.51
N GLY F 394 -11.33 32.54 55.49
CA GLY F 394 -10.64 31.74 54.51
C GLY F 394 -9.37 31.09 55.02
N ASP F 395 -8.70 31.69 56.00
CA ASP F 395 -7.46 31.12 56.50
C ASP F 395 -7.66 29.76 57.15
N GLU F 396 -8.87 29.51 57.65
CA GLU F 396 -9.14 28.30 58.40
C GLU F 396 -9.23 27.06 57.50
N ILE F 397 -9.29 27.24 56.19
CA ILE F 397 -9.23 26.10 55.27
C ILE F 397 -8.00 26.20 54.38
N GLY F 398 -7.25 27.27 54.53
CA GLY F 398 -6.00 27.38 53.81
C GLY F 398 -6.19 28.03 52.48
N MET F 399 -7.12 28.96 52.40
CA MET F 399 -7.35 29.67 51.16
C MET F 399 -6.11 30.44 50.76
N GLY F 400 -5.98 30.73 49.49
CA GLY F 400 -4.83 31.42 49.00
C GLY F 400 -5.14 32.87 48.73
N ASP F 401 -4.48 33.43 47.75
CA ASP F 401 -4.72 34.80 47.35
C ASP F 401 -4.56 34.90 45.84
N ASN F 402 -4.71 36.10 45.30
CA ASN F 402 -4.54 36.32 43.88
C ASN F 402 -3.95 37.69 43.63
N ILE F 403 -2.64 37.81 43.71
CA ILE F 403 -1.99 39.12 43.71
C ILE F 403 -2.35 40.03 42.56
N TRP F 404 -2.68 39.44 41.43
CA TRP F 404 -3.01 40.20 40.24
C TRP F 404 -4.28 41.01 40.32
N LEU F 405 -5.00 40.91 41.42
CA LEU F 405 -6.24 41.64 41.54
C LEU F 405 -6.01 42.90 42.36
N GLY F 406 -4.73 43.17 42.62
CA GLY F 406 -4.30 44.26 43.48
C GLY F 406 -3.71 43.87 44.83
N ASP F 407 -3.27 44.88 45.58
CA ASP F 407 -2.61 44.68 46.86
C ASP F 407 -3.60 44.44 47.98
N ARG F 408 -4.70 45.18 47.95
CA ARG F 408 -5.86 44.85 48.75
C ARG F 408 -6.64 44.23 47.64
N ASP F 409 -7.70 43.48 47.94
CA ASP F 409 -8.40 42.69 46.91
C ASP F 409 -7.49 41.52 46.77
N SER F 410 -7.99 40.37 46.39
CA SER F 410 -7.13 39.21 46.19
C SER F 410 -6.73 38.62 47.50
N VAL F 411 -7.29 39.13 48.58
CA VAL F 411 -7.35 38.36 49.77
C VAL F 411 -8.84 38.56 50.03
N ARG F 412 -9.47 39.13 49.01
CA ARG F 412 -10.89 39.49 48.98
C ARG F 412 -11.65 38.72 47.92
N THR F 413 -11.05 37.63 47.47
CA THR F 413 -11.64 36.59 46.64
C THR F 413 -12.79 35.83 47.33
N PRO F 414 -13.77 35.30 46.59
CA PRO F 414 -14.89 34.57 47.15
C PRO F 414 -14.53 33.40 48.05
N MET F 415 -15.24 33.27 49.16
CA MET F 415 -15.07 32.17 50.08
C MET F 415 -15.39 30.85 49.41
N GLN F 416 -14.59 29.82 49.66
CA GLN F 416 -14.71 28.57 48.94
C GLN F 416 -15.44 27.52 49.78
N TRP F 417 -16.71 27.33 49.50
CA TRP F 417 -17.58 26.51 50.35
C TRP F 417 -17.67 25.06 49.93
N THR F 418 -17.95 24.82 48.67
CA THR F 418 -18.15 23.47 48.14
C THR F 418 -17.36 23.29 46.85
N PRO F 419 -17.28 22.06 46.32
CA PRO F 419 -16.66 21.94 45.01
C PRO F 419 -17.63 22.19 43.86
N ASP F 420 -18.76 22.81 44.14
CA ASP F 420 -19.74 23.05 43.11
C ASP F 420 -19.39 24.29 42.33
N ARG F 421 -20.40 24.80 41.65
CA ARG F 421 -20.32 25.95 40.80
C ARG F 421 -19.86 27.14 41.64
N ASN F 422 -18.89 27.89 41.16
CA ASN F 422 -18.40 29.04 41.89
C ASN F 422 -18.05 28.77 43.34
N ALA F 423 -17.54 27.59 43.59
CA ALA F 423 -17.15 27.16 44.93
C ALA F 423 -18.30 27.18 45.91
N GLY F 424 -19.52 27.33 45.43
CA GLY F 424 -20.66 27.33 46.30
C GLY F 424 -20.98 28.72 46.80
N PHE F 425 -20.26 29.70 46.29
CA PHE F 425 -20.47 31.07 46.71
C PHE F 425 -21.73 31.67 46.11
N SER F 426 -21.99 31.30 44.87
CA SER F 426 -23.11 31.86 44.11
C SER F 426 -23.57 30.89 43.05
N ARG F 427 -24.81 30.99 42.64
CA ARG F 427 -25.27 30.05 41.64
C ARG F 427 -25.25 30.73 40.29
N CYS F 428 -24.68 31.94 40.27
CA CYS F 428 -24.67 32.77 39.08
C CYS F 428 -23.74 32.27 37.99
N ASP F 429 -23.74 33.00 36.88
CA ASP F 429 -22.80 32.77 35.82
C ASP F 429 -21.47 33.39 36.22
N PRO F 430 -20.36 32.69 35.98
CA PRO F 430 -19.04 33.15 36.44
C PRO F 430 -18.68 34.57 36.02
N ALA F 431 -19.19 35.03 34.89
CA ALA F 431 -18.87 36.38 34.41
C ALA F 431 -19.40 37.48 35.29
N ARG F 432 -20.38 37.16 36.12
CA ARG F 432 -21.06 38.19 36.88
C ARG F 432 -20.44 38.37 38.27
N LEU F 433 -19.41 37.58 38.57
CA LEU F 433 -18.74 37.62 39.86
C LEU F 433 -17.96 38.89 40.09
N TYR F 434 -18.05 39.43 41.31
CA TYR F 434 -17.38 40.67 41.65
C TYR F 434 -15.88 40.44 41.54
N LEU F 435 -15.45 39.25 41.93
CA LEU F 435 -14.06 38.85 41.79
C LEU F 435 -14.05 37.37 41.51
N PRO F 436 -13.06 36.90 40.77
CA PRO F 436 -13.07 35.50 40.38
C PRO F 436 -12.70 34.55 41.50
N VAL F 437 -13.24 33.34 41.46
CA VAL F 437 -12.87 32.31 42.42
C VAL F 437 -11.50 31.73 42.09
N ILE F 438 -10.67 31.53 43.11
CA ILE F 438 -9.36 30.98 42.89
C ILE F 438 -9.43 29.55 42.36
N MET F 439 -8.70 29.29 41.27
CA MET F 439 -8.73 28.02 40.54
C MET F 439 -7.33 27.44 40.38
N ASP F 440 -6.39 28.10 41.01
CA ASP F 440 -5.01 27.64 41.18
C ASP F 440 -4.95 26.13 41.47
N PRO F 441 -3.97 25.43 40.91
CA PRO F 441 -3.90 24.00 41.22
C PRO F 441 -3.52 23.68 42.68
N ILE F 442 -3.14 24.66 43.48
CA ILE F 442 -2.86 24.38 44.89
C ILE F 442 -3.95 24.94 45.80
N TYR F 443 -4.35 26.19 45.61
CA TYR F 443 -5.34 26.78 46.48
C TYR F 443 -6.74 26.81 45.87
N GLY F 444 -6.90 26.26 44.68
CA GLY F 444 -8.17 26.25 43.98
C GLY F 444 -9.31 25.50 44.67
N TYR F 445 -10.53 25.88 44.35
CA TYR F 445 -11.67 25.37 45.09
C TYR F 445 -11.87 23.90 44.80
N GLN F 446 -11.33 23.40 43.71
CA GLN F 446 -11.48 21.99 43.44
C GLN F 446 -10.61 21.19 44.39
N ALA F 447 -9.68 21.84 45.07
CA ALA F 447 -8.88 21.14 46.06
C ALA F 447 -9.11 21.67 47.45
N VAL F 448 -9.30 22.97 47.56
CA VAL F 448 -9.47 23.62 48.86
C VAL F 448 -10.83 24.25 49.02
N ASN F 449 -11.72 23.64 49.79
CA ASN F 449 -13.04 24.22 50.05
C ASN F 449 -13.60 23.68 51.33
N VAL F 450 -14.51 24.40 51.99
CA VAL F 450 -14.96 24.03 53.34
C VAL F 450 -15.56 22.65 53.43
N GLU F 451 -16.31 22.26 52.43
CA GLU F 451 -16.97 20.97 52.50
C GLU F 451 -16.00 19.82 52.50
N ALA F 452 -15.01 19.84 51.62
CA ALA F 452 -14.00 18.79 51.59
C ALA F 452 -13.28 18.72 52.94
N GLN F 453 -12.99 19.88 53.48
CA GLN F 453 -12.35 19.99 54.78
C GLN F 453 -13.20 19.34 55.87
N GLN F 454 -14.51 19.56 55.84
CA GLN F 454 -15.35 19.01 56.88
C GLN F 454 -15.40 17.49 56.83
N ARG F 455 -15.45 16.91 55.64
CA ARG F 455 -15.50 15.45 55.54
C ARG F 455 -14.17 14.82 55.86
N ASN F 456 -13.12 15.63 55.95
CA ASN F 456 -11.79 15.09 56.21
C ASN F 456 -11.35 15.30 57.67
N PRO F 457 -11.26 14.21 58.42
CA PRO F 457 -10.97 14.39 59.85
C PRO F 457 -9.56 14.92 60.11
N GLY F 458 -8.64 14.77 59.16
CA GLY F 458 -7.29 15.27 59.38
C GLY F 458 -7.08 16.66 58.86
N SER F 459 -8.17 17.29 58.45
CA SER F 459 -8.07 18.55 57.76
C SER F 459 -7.70 19.69 58.66
N LEU F 460 -7.21 20.74 58.05
CA LEU F 460 -6.84 21.96 58.74
C LEU F 460 -8.05 22.65 59.37
N LEU F 461 -9.19 22.56 58.70
CA LEU F 461 -10.40 23.15 59.21
C LEU F 461 -10.80 22.53 60.52
N ASN F 462 -10.81 21.20 60.57
CA ASN F 462 -11.22 20.52 61.77
C ASN F 462 -10.24 20.72 62.90
N TRP F 463 -8.96 20.81 62.55
CA TRP F 463 -7.93 21.07 63.53
C TRP F 463 -8.17 22.44 64.13
N THR F 464 -8.44 23.42 63.28
CA THR F 464 -8.68 24.78 63.73
C THR F 464 -9.89 24.82 64.64
N ARG F 465 -10.90 24.02 64.31
CA ARG F 465 -12.10 23.98 65.13
C ARG F 465 -11.78 23.43 66.52
N LYS F 466 -10.99 22.37 66.55
CA LYS F 466 -10.66 21.76 67.83
C LYS F 466 -9.89 22.75 68.71
N MET F 467 -8.98 23.50 68.12
CA MET F 467 -8.18 24.46 68.85
C MET F 467 -9.05 25.55 69.44
N ILE F 468 -9.98 26.04 68.64
CA ILE F 468 -10.89 27.07 69.10
C ILE F 468 -11.75 26.57 70.24
N GLU F 469 -12.12 25.30 70.21
CA GLU F 469 -12.96 24.76 71.25
C GLU F 469 -12.13 24.57 72.51
N ILE F 470 -10.89 24.11 72.35
CA ILE F 470 -9.98 23.98 73.48
C ILE F 470 -9.71 25.33 74.11
N ARG F 471 -9.56 26.36 73.28
CA ARG F 471 -9.30 27.68 73.82
C ARG F 471 -10.50 28.20 74.55
N LYS F 472 -11.69 27.91 74.03
CA LYS F 472 -12.92 28.39 74.67
C LYS F 472 -13.12 27.79 76.04
N ARG F 473 -12.70 26.55 76.24
CA ARG F 473 -12.83 25.89 77.52
C ARG F 473 -11.77 26.33 78.51
N HIS F 474 -10.90 27.26 78.09
CA HIS F 474 -9.85 27.77 78.95
C HIS F 474 -9.72 29.25 78.87
N PRO F 475 -10.45 29.97 79.72
CA PRO F 475 -10.45 31.42 79.72
C PRO F 475 -9.09 32.01 80.02
N VAL F 476 -8.15 31.17 80.41
CA VAL F 476 -6.81 31.64 80.74
C VAL F 476 -6.13 32.29 79.53
N PHE F 477 -6.46 31.81 78.34
CA PHE F 477 -5.83 32.30 77.13
C PHE F 477 -6.13 33.75 76.86
N GLY F 478 -7.30 34.23 77.26
CA GLY F 478 -7.58 35.63 77.04
C GLY F 478 -7.33 36.46 78.28
N LEU F 479 -7.43 35.85 79.45
CA LEU F 479 -7.42 36.58 80.71
C LEU F 479 -6.16 36.39 81.53
N GLY F 480 -5.41 35.32 81.26
CA GLY F 480 -4.33 34.94 82.16
C GLY F 480 -3.00 35.68 82.06
N SER F 481 -2.08 35.31 82.93
CA SER F 481 -0.78 35.89 82.93
C SER F 481 0.02 35.29 81.80
N TYR F 482 1.21 35.83 81.55
CA TYR F 482 2.11 35.25 80.59
C TYR F 482 3.50 35.25 81.18
N VAL F 483 4.03 34.05 81.39
CA VAL F 483 5.39 33.93 81.85
C VAL F 483 6.15 33.03 80.91
N GLU F 484 7.22 33.58 80.34
CA GLU F 484 8.05 32.83 79.43
C GLU F 484 9.06 32.01 80.24
N LEU F 485 9.33 30.80 79.79
CA LEU F 485 10.23 29.88 80.50
C LEU F 485 11.62 29.92 79.96
N PRO F 486 12.60 29.98 80.86
CA PRO F 486 13.98 29.94 80.39
C PRO F 486 14.27 28.59 79.79
N ALA F 487 15.06 28.51 78.72
CA ALA F 487 15.40 27.23 78.14
C ALA F 487 16.69 27.34 77.37
N SER F 488 17.58 26.39 77.57
CA SER F 488 18.88 26.41 76.91
C SER F 488 18.75 26.35 75.40
N ASN F 489 17.62 25.86 74.90
CA ASN F 489 17.41 25.75 73.47
C ASN F 489 16.80 27.02 72.93
N PRO F 490 17.54 27.74 72.10
CA PRO F 490 17.05 28.99 71.53
C PRO F 490 15.95 28.79 70.51
N SER F 491 15.77 27.56 70.04
CA SER F 491 14.84 27.33 68.95
C SER F 491 13.42 27.20 69.44
N VAL F 492 13.26 27.03 70.74
CA VAL F 492 11.96 26.73 71.33
C VAL F 492 11.42 27.87 72.19
N LEU F 493 10.16 28.22 71.98
CA LEU F 493 9.49 29.21 72.81
C LEU F 493 8.52 28.50 73.70
N ALA F 494 8.75 28.55 75.01
CA ALA F 494 7.90 27.88 75.98
C ALA F 494 7.40 28.86 77.01
N PHE F 495 6.09 28.90 77.25
CA PHE F 495 5.56 29.76 78.28
C PHE F 495 4.38 29.15 79.05
N VAL F 496 4.04 29.79 80.17
CA VAL F 496 2.96 29.36 81.04
C VAL F 496 1.91 30.48 81.18
N ARG F 497 0.64 30.12 81.18
CA ARG F 497 -0.44 31.08 81.34
C ARG F 497 -1.27 30.71 82.53
N GLU F 498 -1.53 31.66 83.42
CA GLU F 498 -2.25 31.30 84.63
C GLU F 498 -3.39 32.24 84.92
N TYR F 499 -4.55 31.66 85.18
CA TYR F 499 -5.73 32.44 85.54
C TYR F 499 -6.45 31.69 86.65
N GLY F 500 -5.90 31.83 87.85
CA GLY F 500 -6.45 31.25 89.05
C GLY F 500 -6.75 29.79 88.95
N ASP F 501 -5.70 28.99 88.90
CA ASP F 501 -5.76 27.52 88.88
C ASP F 501 -6.32 26.99 87.55
N ASP F 502 -6.53 27.88 86.59
CA ASP F 502 -6.64 27.46 85.20
C ASP F 502 -5.26 27.73 84.58
N ARG F 503 -4.41 26.72 84.54
CA ARG F 503 -3.03 26.95 84.18
C ARG F 503 -2.65 26.08 83.01
N VAL F 504 -2.08 26.68 81.96
CA VAL F 504 -1.63 25.87 80.84
C VAL F 504 -0.19 26.13 80.45
N LEU F 505 0.43 25.07 79.94
CA LEU F 505 1.80 25.14 79.44
C LEU F 505 1.82 25.03 77.93
N CYS F 506 2.47 25.99 77.29
CA CYS F 506 2.57 26.05 75.83
C CYS F 506 4.00 25.97 75.36
N VAL F 507 4.26 25.06 74.43
CA VAL F 507 5.61 24.85 73.95
C VAL F 507 5.63 24.94 72.42
N ASN F 508 6.53 25.73 71.86
CA ASN F 508 6.53 25.94 70.42
C ASN F 508 7.90 25.79 69.77
N ASN F 509 8.01 24.94 68.78
CA ASN F 509 9.30 24.71 68.16
C ASN F 509 9.46 25.50 66.89
N LEU F 510 10.42 26.41 66.88
CA LEU F 510 10.57 27.35 65.78
C LEU F 510 11.50 26.84 64.73
N SER F 511 12.19 25.75 65.03
CA SER F 511 13.08 25.09 64.10
C SER F 511 12.35 24.11 63.18
N ARG F 512 12.91 23.85 62.02
CA ARG F 512 12.32 22.90 61.10
C ARG F 512 12.79 21.51 61.44
N PHE F 513 13.68 21.41 62.42
CA PHE F 513 14.15 20.11 62.88
C PHE F 513 13.53 19.75 64.22
N PRO F 514 13.48 18.45 64.54
CA PRO F 514 13.02 18.03 65.86
C PRO F 514 13.88 18.65 66.96
N GLN F 515 13.28 19.01 68.09
CA GLN F 515 14.05 19.67 69.15
C GLN F 515 13.74 19.14 70.52
N PRO F 516 14.77 19.01 71.36
CA PRO F 516 14.58 18.79 72.78
C PRO F 516 14.43 20.09 73.51
N VAL F 517 13.58 20.15 74.51
CA VAL F 517 13.57 21.30 75.36
C VAL F 517 13.50 20.80 76.78
N GLU F 518 14.36 21.32 77.65
CA GLU F 518 14.35 20.90 79.05
C GLU F 518 13.82 22.03 79.90
N LEU F 519 12.70 21.79 80.55
CA LEU F 519 12.05 22.85 81.29
C LEU F 519 12.07 22.59 82.78
N ASP F 520 12.29 23.66 83.53
CA ASP F 520 12.17 23.65 84.96
C ASP F 520 10.78 24.03 85.36
N LEU F 521 9.98 23.02 85.67
CA LEU F 521 8.58 23.19 85.99
C LEU F 521 8.29 22.97 87.48
N ARG F 522 9.25 23.30 88.34
CA ARG F 522 9.14 22.95 89.75
C ARG F 522 7.98 23.65 90.44
N ARG F 523 7.56 24.79 89.89
CA ARG F 523 6.35 25.46 90.34
C ARG F 523 5.15 24.54 90.22
N PHE F 524 5.23 23.56 89.33
CA PHE F 524 4.11 22.67 89.09
C PHE F 524 4.42 21.26 89.49
N GLU F 525 5.38 21.10 90.40
CA GLU F 525 5.80 19.79 90.83
C GLU F 525 4.62 19.03 91.43
N GLY F 526 4.43 17.80 90.98
CA GLY F 526 3.30 17.01 91.41
C GLY F 526 2.18 17.00 90.40
N CYS F 527 2.10 17.99 89.54
CA CYS F 527 1.06 18.02 88.53
C CYS F 527 1.24 17.02 87.40
N THR F 528 0.12 16.52 86.91
CA THR F 528 0.11 15.66 85.75
C THR F 528 -0.44 16.36 84.53
N PRO F 529 0.46 16.80 83.65
CA PRO F 529 0.09 17.55 82.46
C PRO F 529 -0.81 16.72 81.58
N VAL F 530 -1.90 17.32 81.11
CA VAL F 530 -2.79 16.65 80.19
C VAL F 530 -2.72 17.39 78.87
N GLU F 531 -2.35 16.68 77.82
CA GLU F 531 -2.21 17.28 76.51
C GLU F 531 -3.61 17.57 75.93
N CYS F 532 -3.78 18.71 75.32
CA CYS F 532 -5.11 19.15 74.93
C CYS F 532 -5.80 18.41 73.78
N MET F 533 -5.05 18.04 72.74
CA MET F 533 -5.67 17.39 71.58
C MET F 533 -6.30 16.06 71.92
N GLY F 534 -5.60 15.23 72.66
CA GLY F 534 -6.07 13.89 72.92
C GLY F 534 -6.36 13.59 74.39
N GLY F 535 -6.00 14.49 75.28
CA GLY F 535 -6.33 14.28 76.67
C GLY F 535 -5.50 13.24 77.39
N VAL F 536 -4.35 12.89 76.83
CA VAL F 536 -3.48 11.88 77.42
C VAL F 536 -2.72 12.48 78.58
N GLN F 537 -2.55 11.73 79.66
CA GLN F 537 -1.80 12.20 80.81
C GLN F 537 -0.33 11.94 80.61
N PHE F 538 0.48 12.98 80.79
CA PHE F 538 1.92 12.85 80.67
C PHE F 538 2.52 12.56 82.05
N PRO F 539 3.77 12.09 82.10
CA PRO F 539 4.34 11.76 83.41
C PRO F 539 4.34 12.96 84.33
N ALA F 540 4.21 12.71 85.62
CA ALA F 540 4.17 13.77 86.63
C ALA F 540 5.45 14.58 86.71
N ILE F 541 5.29 15.86 86.96
CA ILE F 541 6.41 16.80 87.07
C ILE F 541 7.18 16.63 88.36
N GLY F 542 8.43 16.23 88.25
CA GLY F 542 9.28 16.07 89.41
C GLY F 542 10.16 17.29 89.60
N GLU F 543 11.31 17.13 90.23
CA GLU F 543 12.16 18.28 90.47
C GLU F 543 13.24 18.33 89.45
N LEU F 544 13.29 17.32 88.62
CA LEU F 544 14.35 17.30 87.65
C LEU F 544 13.83 17.97 86.41
N PRO F 545 14.72 18.45 85.55
CA PRO F 545 14.26 19.04 84.30
C PRO F 545 13.35 18.11 83.51
N TYR F 546 12.28 18.66 82.95
CA TYR F 546 11.29 17.92 82.19
C TYR F 546 11.56 17.98 80.70
N LEU F 547 11.66 16.82 80.07
CA LEU F 547 12.05 16.75 78.69
C LEU F 547 10.88 16.63 77.72
N LEU F 548 10.66 17.68 76.92
CA LEU F 548 9.67 17.59 75.87
C LEU F 548 10.34 17.54 74.52
N THR F 549 9.87 16.66 73.64
CA THR F 549 10.43 16.55 72.31
C THR F 549 9.41 16.98 71.27
N LEU F 550 9.80 17.92 70.41
CA LEU F 550 8.91 18.38 69.37
C LEU F 550 9.43 18.09 67.99
N PRO F 551 8.52 17.80 67.06
CA PRO F 551 8.95 17.67 65.68
C PRO F 551 9.14 19.05 65.09
N GLY F 552 9.65 19.14 63.87
CA GLY F 552 9.83 20.41 63.23
C GLY F 552 8.56 21.21 63.18
N HIS F 553 8.62 22.43 63.65
CA HIS F 553 7.49 23.35 63.69
C HIS F 553 6.28 22.79 64.47
N GLY F 554 6.55 21.96 65.47
CA GLY F 554 5.50 21.39 66.30
C GLY F 554 5.18 22.28 67.48
N PHE F 555 4.11 21.94 68.19
CA PHE F 555 3.71 22.64 69.39
C PHE F 555 2.89 21.70 70.23
N TYR F 556 2.90 21.90 71.54
CA TYR F 556 1.98 21.17 72.39
C TYR F 556 1.32 22.14 73.32
N TRP F 557 0.07 21.87 73.66
CA TRP F 557 -0.61 22.56 74.76
C TRP F 557 -0.91 21.57 75.85
N PHE F 558 -0.48 21.89 77.08
CA PHE F 558 -0.78 21.04 78.23
C PHE F 558 -1.59 21.77 79.27
N VAL F 559 -2.62 21.12 79.77
CA VAL F 559 -3.31 21.60 80.96
C VAL F 559 -2.57 21.07 82.17
N LEU F 560 -2.53 21.86 83.22
CA LEU F 560 -1.93 21.45 84.47
C LEU F 560 -2.99 21.26 85.56
N PRO G 17 34.80 -4.96 45.19
CA PRO G 17 35.97 -5.83 45.35
C PRO G 17 36.14 -6.42 46.75
N ARG G 18 35.30 -7.37 47.14
CA ARG G 18 34.10 -7.79 46.40
C ARG G 18 33.01 -7.91 47.46
N ASP G 19 31.75 -7.78 47.07
CA ASP G 19 30.69 -7.72 48.09
C ASP G 19 29.50 -8.58 47.77
N PRO G 20 29.58 -9.85 48.14
CA PRO G 20 28.59 -10.86 47.80
C PRO G 20 27.22 -10.59 48.41
N TYR G 21 27.13 -9.80 49.46
CA TYR G 21 25.85 -9.62 50.14
C TYR G 21 25.36 -8.18 50.12
N TRP G 22 25.54 -7.52 48.98
CA TRP G 22 25.17 -6.12 48.84
C TRP G 22 23.71 -5.83 49.10
N TYR G 23 22.86 -6.81 48.82
CA TYR G 23 21.42 -6.65 48.96
C TYR G 23 20.95 -6.45 50.39
N LYS G 24 21.78 -6.74 51.38
CA LYS G 24 21.30 -6.57 52.73
C LYS G 24 21.25 -5.12 53.14
N HIS G 25 22.07 -4.30 52.52
CA HIS G 25 22.08 -2.88 52.85
C HIS G 25 21.60 -2.04 51.69
N ALA G 26 20.83 -2.65 50.81
CA ALA G 26 20.33 -1.98 49.61
C ALA G 26 18.94 -1.38 49.77
N VAL G 27 18.68 -0.25 49.12
CA VAL G 27 17.31 0.18 48.94
C VAL G 27 16.91 0.01 47.47
N PHE G 28 15.85 -0.73 47.23
CA PHE G 28 15.42 -1.04 45.87
C PHE G 28 14.39 -0.03 45.41
N TYR G 29 14.33 0.20 44.11
CA TYR G 29 13.36 1.11 43.50
C TYR G 29 12.69 0.37 42.36
N GLU G 30 11.43 0.01 42.53
CA GLU G 30 10.72 -0.74 41.51
C GLU G 30 10.17 0.21 40.46
N VAL G 31 10.51 0.00 39.20
CA VAL G 31 10.09 0.93 38.16
C VAL G 31 9.48 0.23 36.98
N LEU G 32 8.36 0.75 36.50
CA LEU G 32 7.74 0.29 35.28
C LEU G 32 8.38 1.02 34.11
N VAL G 33 9.19 0.32 33.33
CA VAL G 33 9.87 0.96 32.21
C VAL G 33 8.86 1.70 31.35
N ARG G 34 7.73 1.05 31.10
CA ARG G 34 6.66 1.61 30.28
C ARG G 34 6.14 2.94 30.80
N GLY G 35 6.31 3.19 32.08
CA GLY G 35 5.69 4.34 32.70
C GLY G 35 6.65 5.34 33.28
N PHE G 36 7.93 5.19 33.00
CA PHE G 36 8.87 6.10 33.63
C PHE G 36 9.24 7.25 32.71
N SER G 37 9.77 6.97 31.53
CA SER G 37 10.11 8.07 30.64
C SER G 37 10.10 7.69 29.17
N ASP G 38 9.65 8.63 28.34
CA ASP G 38 9.48 8.39 26.91
C ASP G 38 10.52 9.09 26.04
N SER G 39 11.36 8.35 25.32
CA SER G 39 12.35 9.02 24.49
C SER G 39 11.86 9.18 23.06
N ASN G 40 11.39 8.08 22.49
CA ASN G 40 10.88 8.03 21.12
C ASN G 40 9.69 8.96 20.88
N ASP G 41 9.06 9.38 21.97
CA ASP G 41 7.84 10.21 21.92
C ASP G 41 6.71 9.49 21.26
N ASP G 42 6.61 8.19 21.47
CA ASP G 42 5.53 7.41 20.91
C ASP G 42 4.42 7.15 21.90
N GLY G 43 4.56 7.72 23.10
CA GLY G 43 3.53 7.57 24.11
C GLY G 43 3.80 6.40 25.04
N THR G 44 4.91 5.71 24.81
CA THR G 44 5.30 4.59 25.63
C THR G 44 6.71 4.75 26.16
N GLY G 45 6.87 4.55 27.47
CA GLY G 45 8.17 4.61 28.10
C GLY G 45 9.10 3.48 27.68
N ASP G 46 10.39 3.78 27.69
CA ASP G 46 11.39 2.89 27.14
C ASP G 46 12.67 2.94 27.96
N LEU G 47 13.56 2.00 27.71
CA LEU G 47 14.83 1.91 28.41
C LEU G 47 15.70 3.15 28.21
N ARG G 48 15.65 3.75 27.03
CA ARG G 48 16.43 4.96 26.81
C ARG G 48 15.95 6.06 27.74
N GLY G 49 14.65 6.19 27.88
CA GLY G 49 14.09 7.16 28.80
C GLY G 49 14.63 6.93 30.21
N LEU G 50 14.68 5.65 30.60
CA LEU G 50 15.21 5.29 31.89
C LEU G 50 16.66 5.74 32.07
N ILE G 51 17.48 5.49 31.05
CA ILE G 51 18.86 5.90 31.12
C ILE G 51 19.00 7.40 31.34
N ASN G 52 18.21 8.18 30.64
CA ASN G 52 18.29 9.63 30.74
C ASN G 52 17.91 10.10 32.13
N ARG G 53 17.17 9.27 32.87
CA ARG G 53 16.68 9.67 34.18
C ARG G 53 17.50 9.06 35.28
N LEU G 54 18.59 8.37 34.92
CA LEU G 54 19.47 7.73 35.91
C LEU G 54 20.07 8.73 36.89
N ASP G 55 20.20 9.98 36.46
CA ASP G 55 20.76 11.00 37.32
C ASP G 55 19.83 11.29 38.48
N TYR G 56 18.53 11.18 38.24
CA TYR G 56 17.56 11.44 39.30
C TYR G 56 17.62 10.32 40.31
N LEU G 57 17.64 9.07 39.82
CA LEU G 57 17.71 7.95 40.72
C LEU G 57 18.94 8.01 41.57
N GLN G 58 20.01 8.58 41.04
CA GLN G 58 21.22 8.75 41.81
C GLN G 58 21.03 9.79 42.90
N TRP G 59 20.36 10.87 42.52
CA TRP G 59 20.10 12.00 43.39
C TRP G 59 19.22 11.56 44.55
N LEU G 60 18.34 10.63 44.26
CA LEU G 60 17.45 10.09 45.27
C LEU G 60 18.20 9.25 46.30
N GLY G 61 19.10 8.39 45.82
CA GLY G 61 19.96 7.63 46.73
C GLY G 61 19.67 6.13 46.80
N ILE G 62 18.89 5.64 45.86
CA ILE G 62 18.55 4.22 45.89
C ILE G 62 19.71 3.43 45.34
N ASP G 63 19.73 2.14 45.64
CA ASP G 63 20.91 1.31 45.39
C ASP G 63 20.72 0.33 44.25
N CYS G 64 19.49 0.00 43.96
CA CYS G 64 19.22 -1.03 42.97
C CYS G 64 17.91 -0.78 42.27
N ILE G 65 17.94 -0.82 40.95
CA ILE G 65 16.75 -0.73 40.14
C ILE G 65 16.11 -2.10 40.01
N TRP G 66 14.82 -2.17 40.28
CA TRP G 66 14.10 -3.42 40.09
C TRP G 66 13.10 -3.17 38.97
N LEU G 67 13.33 -3.84 37.85
CA LEU G 67 12.52 -3.64 36.66
C LEU G 67 11.35 -4.59 36.65
N LEU G 68 10.16 -4.07 36.47
CA LEU G 68 9.04 -4.93 36.14
C LEU G 68 9.30 -5.52 34.75
N PRO G 69 8.70 -6.68 34.43
CA PRO G 69 8.99 -7.41 33.20
C PRO G 69 8.97 -6.55 31.93
N ILE G 70 10.01 -6.71 31.12
CA ILE G 70 10.15 -5.98 29.87
C ILE G 70 10.17 -6.91 28.67
N TYR G 71 9.89 -8.18 28.92
CA TYR G 71 9.98 -9.20 27.88
C TYR G 71 8.92 -9.09 26.80
N GLN G 72 9.19 -9.73 25.67
CA GLN G 72 8.20 -9.88 24.63
C GLN G 72 7.01 -10.60 25.23
N SER G 73 5.83 -10.06 24.96
CA SER G 73 4.63 -10.50 25.64
C SER G 73 3.40 -10.01 24.91
N PRO G 74 2.32 -10.79 24.95
CA PRO G 74 1.05 -10.29 24.41
C PRO G 74 0.43 -9.21 25.31
N LEU G 75 1.05 -8.98 26.47
CA LEU G 75 0.58 -8.04 27.47
C LEU G 75 -0.87 -8.33 27.84
N ARG G 76 -1.16 -9.61 28.05
CA ARG G 76 -2.51 -10.01 28.39
C ARG G 76 -2.67 -10.21 29.89
N ASP G 77 -1.56 -10.16 30.61
CA ASP G 77 -1.55 -10.28 32.06
C ASP G 77 -0.41 -9.47 32.65
N GLY G 78 -0.40 -8.18 32.35
CA GLY G 78 0.56 -7.29 32.96
C GLY G 78 2.01 -7.52 32.55
N GLY G 79 2.22 -8.33 31.53
CA GLY G 79 3.55 -8.63 31.06
C GLY G 79 4.20 -9.76 31.82
N TYR G 80 3.42 -10.39 32.68
CA TYR G 80 3.89 -11.54 33.43
C TYR G 80 3.66 -12.80 32.62
N ASP G 81 3.12 -12.61 31.43
CA ASP G 81 2.92 -13.66 30.44
C ASP G 81 3.91 -13.53 29.29
N ILE G 82 5.04 -14.22 29.39
CA ILE G 82 6.16 -14.03 28.48
C ILE G 82 6.04 -14.82 27.16
N SER G 83 6.37 -14.15 26.05
CA SER G 83 6.30 -14.74 24.72
C SER G 83 7.68 -15.13 24.26
N ASP G 84 8.68 -14.59 24.93
CA ASP G 84 10.06 -14.93 24.65
C ASP G 84 10.93 -14.45 25.78
N TYR G 85 11.57 -15.36 26.51
CA TYR G 85 12.38 -14.95 27.65
C TYR G 85 13.61 -14.15 27.27
N THR G 86 13.96 -14.13 26.00
CA THR G 86 15.20 -13.49 25.57
C THR G 86 15.00 -12.30 24.65
N LYS G 87 13.76 -11.90 24.44
CA LYS G 87 13.45 -10.71 23.65
C LYS G 87 12.85 -9.58 24.50
N ILE G 88 13.38 -8.39 24.31
CA ILE G 88 12.79 -7.21 24.93
C ILE G 88 11.69 -6.71 24.01
N LEU G 89 10.49 -6.53 24.56
CA LEU G 89 9.37 -5.98 23.83
C LEU G 89 9.81 -4.73 23.10
N PRO G 90 9.61 -4.68 21.78
CA PRO G 90 10.21 -3.64 20.95
C PRO G 90 9.86 -2.23 21.42
N GLU G 91 8.67 -2.06 22.01
CA GLU G 91 8.23 -0.80 22.59
C GLU G 91 9.19 -0.19 23.61
N PHE G 92 9.93 -1.05 24.32
CA PHE G 92 10.78 -0.61 25.43
C PHE G 92 12.20 -0.38 24.99
N GLY G 93 12.50 -0.68 23.74
CA GLY G 93 13.85 -0.51 23.25
C GLY G 93 14.44 -1.84 22.84
N ASP G 94 15.75 -1.90 22.76
CA ASP G 94 16.39 -3.13 22.35
C ASP G 94 17.34 -3.65 23.40
N LEU G 95 17.89 -4.82 23.12
CA LEU G 95 18.76 -5.47 24.06
C LEU G 95 20.06 -4.67 24.25
N GLY G 96 20.38 -3.83 23.28
CA GLY G 96 21.56 -2.98 23.36
C GLY G 96 21.41 -1.88 24.36
N ASP G 97 20.21 -1.31 24.42
CA ASP G 97 19.85 -0.30 25.40
C ASP G 97 19.96 -0.86 26.82
N PHE G 98 19.54 -2.11 26.99
CA PHE G 98 19.58 -2.74 28.30
C PHE G 98 20.98 -2.81 28.87
N VAL G 99 21.92 -3.19 28.01
CA VAL G 99 23.31 -3.28 28.41
C VAL G 99 23.83 -1.90 28.75
N GLU G 100 23.44 -0.91 27.97
CA GLU G 100 23.88 0.44 28.25
C GLU G 100 23.28 0.89 29.56
N LEU G 101 22.06 0.42 29.86
CA LEU G 101 21.44 0.72 31.14
C LEU G 101 22.20 0.14 32.32
N VAL G 102 22.48 -1.14 32.27
CA VAL G 102 23.15 -1.82 33.37
C VAL G 102 24.53 -1.25 33.59
N ASP G 103 25.22 -0.94 32.49
CA ASP G 103 26.55 -0.40 32.59
C ASP G 103 26.48 1.02 33.13
N GLU G 104 25.56 1.83 32.63
CA GLU G 104 25.45 3.21 33.11
C GLU G 104 24.90 3.29 34.53
N ALA G 105 24.10 2.31 34.92
CA ALA G 105 23.62 2.19 36.29
C ALA G 105 24.80 1.86 37.18
N HIS G 106 25.59 0.89 36.72
CA HIS G 106 26.78 0.47 37.43
C HIS G 106 27.76 1.60 37.63
N ARG G 107 27.90 2.47 36.63
CA ARG G 107 28.76 3.63 36.79
C ARG G 107 28.36 4.48 37.99
N ARG G 108 27.08 4.43 38.35
CA ARG G 108 26.57 5.32 39.37
C ARG G 108 26.38 4.65 40.72
N GLY G 109 26.78 3.40 40.83
CA GLY G 109 26.70 2.71 42.10
C GLY G 109 25.31 2.14 42.27
N ILE G 110 24.60 2.01 41.17
CA ILE G 110 23.25 1.50 41.18
C ILE G 110 23.22 0.15 40.49
N ARG G 111 22.61 -0.85 41.13
CA ARG G 111 22.48 -2.16 40.52
C ARG G 111 21.14 -2.35 39.82
N VAL G 112 20.97 -3.47 39.14
CA VAL G 112 19.72 -3.72 38.42
C VAL G 112 19.23 -5.16 38.57
N ILE G 113 17.96 -5.35 38.89
CA ILE G 113 17.32 -6.67 38.83
C ILE G 113 16.01 -6.59 38.09
N ALA G 114 15.46 -7.74 37.71
CA ALA G 114 14.21 -7.75 36.99
C ALA G 114 13.37 -8.93 37.41
N ASP G 115 12.06 -8.78 37.36
CA ASP G 115 11.15 -9.88 37.57
C ASP G 115 11.36 -10.91 36.47
N LEU G 116 11.23 -12.19 36.79
CA LEU G 116 11.23 -13.20 35.76
C LEU G 116 10.34 -14.37 36.18
N VAL G 117 9.37 -14.70 35.34
CA VAL G 117 8.40 -15.72 35.67
C VAL G 117 8.94 -17.11 35.37
N MET G 118 9.17 -17.88 36.41
CA MET G 118 9.77 -19.19 36.26
C MET G 118 8.73 -20.27 35.98
N ASN G 119 7.52 -20.08 36.49
CA ASN G 119 6.51 -21.13 36.50
C ASN G 119 5.77 -21.38 35.19
N HIS G 120 5.39 -20.31 34.52
CA HIS G 120 4.56 -20.43 33.33
C HIS G 120 4.95 -19.42 32.27
N THR G 121 4.52 -19.64 31.03
CA THR G 121 4.76 -18.70 29.93
C THR G 121 3.42 -18.39 29.31
N SER G 122 3.42 -17.45 28.38
CA SER G 122 2.22 -17.12 27.60
C SER G 122 1.79 -18.24 26.68
N ASP G 123 0.56 -18.13 26.18
CA ASP G 123 0.07 -19.03 25.14
C ASP G 123 0.87 -18.87 23.89
N GLN G 124 1.42 -17.69 23.76
CA GLN G 124 2.03 -17.27 22.53
C GLN G 124 3.51 -17.56 22.47
N HIS G 125 4.02 -18.22 23.50
CA HIS G 125 5.41 -18.60 23.50
C HIS G 125 5.64 -19.72 22.50
N PRO G 126 6.64 -19.57 21.64
CA PRO G 126 7.01 -20.58 20.65
C PRO G 126 7.15 -21.98 21.22
N TRP G 127 7.66 -22.14 22.45
CA TRP G 127 7.69 -23.48 23.04
C TRP G 127 6.30 -24.09 23.14
N PHE G 128 5.32 -23.29 23.55
CA PHE G 128 3.93 -23.78 23.72
C PHE G 128 3.30 -24.12 22.38
N GLN G 129 3.33 -23.14 21.48
CA GLN G 129 2.80 -23.33 20.13
C GLN G 129 3.33 -24.56 19.42
N ALA G 130 4.56 -24.96 19.68
CA ALA G 130 5.02 -26.20 19.06
C ALA G 130 4.84 -27.41 19.96
N SER G 131 4.39 -27.20 21.19
CA SER G 131 4.18 -28.33 22.07
C SER G 131 2.76 -28.82 22.03
N ARG G 132 1.95 -28.19 21.20
CA ARG G 132 0.57 -28.63 21.07
C ARG G 132 0.35 -29.08 19.65
N THR G 133 1.22 -28.61 18.76
CA THR G 133 1.19 -29.09 17.39
C THR G 133 1.92 -30.40 17.33
N ASP G 134 3.01 -30.50 18.06
CA ASP G 134 3.85 -31.65 17.85
C ASP G 134 4.27 -32.38 19.11
N PRO G 135 3.40 -33.27 19.62
CA PRO G 135 3.76 -34.12 20.75
C PRO G 135 5.00 -34.98 20.48
N ASP G 136 5.40 -35.05 19.22
CA ASP G 136 6.59 -35.79 18.84
C ASP G 136 7.79 -35.09 19.43
N GLY G 137 7.89 -33.80 19.13
CA GLY G 137 9.17 -33.14 19.16
C GLY G 137 9.64 -32.74 20.52
N PRO G 138 10.63 -31.84 20.55
CA PRO G 138 11.48 -31.61 21.73
C PRO G 138 10.72 -30.86 22.80
N TYR G 139 9.67 -30.18 22.37
CA TYR G 139 8.94 -29.32 23.28
C TYR G 139 7.69 -30.05 23.73
N GLY G 140 7.43 -31.20 23.13
CA GLY G 140 6.25 -32.00 23.40
C GLY G 140 5.93 -32.12 24.88
N ASP G 141 6.97 -32.25 25.70
CA ASP G 141 6.81 -32.28 27.15
C ASP G 141 7.45 -31.10 27.87
N PHE G 142 7.33 -29.91 27.30
CA PHE G 142 7.78 -28.70 27.97
C PHE G 142 6.68 -28.24 28.89
N TYR G 143 5.47 -28.72 28.63
CA TYR G 143 4.33 -28.37 29.45
C TYR G 143 3.64 -29.59 30.04
N MET G 144 2.78 -29.34 31.01
CA MET G 144 2.15 -30.41 31.75
C MET G 144 0.86 -30.86 31.08
N TRP G 145 0.89 -32.03 30.46
CA TRP G 145 -0.28 -32.54 29.75
C TRP G 145 -0.93 -33.76 30.38
N SER G 146 -2.21 -33.94 30.07
CA SER G 146 -2.98 -35.09 30.52
C SER G 146 -4.17 -35.26 29.59
N ASP G 147 -4.62 -36.50 29.41
CA ASP G 147 -5.79 -36.76 28.57
C ASP G 147 -7.04 -36.50 29.38
N THR G 148 -6.83 -35.83 30.52
CA THR G 148 -7.84 -35.77 31.57
C THR G 148 -7.64 -34.64 32.58
N ASP G 149 -8.73 -34.17 33.19
CA ASP G 149 -8.62 -33.14 34.21
C ASP G 149 -8.71 -33.50 35.69
N ASP G 150 -8.73 -34.76 36.11
CA ASP G 150 -8.88 -34.90 37.56
C ASP G 150 -7.56 -35.22 38.25
N LYS G 151 -6.46 -34.81 37.65
CA LYS G 151 -5.16 -35.06 38.27
C LYS G 151 -4.83 -33.85 39.15
N TYR G 152 -4.03 -34.10 40.17
CA TYR G 152 -3.66 -33.06 41.14
C TYR G 152 -4.91 -32.38 41.67
N PRO G 153 -5.85 -33.15 42.23
CA PRO G 153 -7.14 -32.54 42.55
C PRO G 153 -7.18 -31.66 43.78
N ASP G 154 -6.10 -31.57 44.54
CA ASP G 154 -6.16 -30.87 45.82
C ASP G 154 -5.53 -29.48 45.79
N ALA G 155 -5.22 -29.00 44.61
CA ALA G 155 -4.72 -27.65 44.43
C ALA G 155 -5.85 -26.65 44.19
N ARG G 156 -5.94 -25.66 45.06
CA ARG G 156 -6.89 -24.55 44.91
C ARG G 156 -6.71 -23.82 43.59
N ILE G 157 -7.79 -23.21 43.11
CA ILE G 157 -7.71 -22.31 41.97
C ILE G 157 -7.40 -20.91 42.47
N ILE G 158 -6.30 -20.36 41.98
CA ILE G 158 -5.86 -19.05 42.44
C ILE G 158 -6.82 -17.97 41.99
N PHE G 159 -7.12 -17.92 40.70
CA PHE G 159 -8.06 -16.93 40.20
C PHE G 159 -9.45 -17.52 40.19
N VAL G 160 -9.94 -17.76 41.41
CA VAL G 160 -11.19 -18.49 41.65
C VAL G 160 -12.46 -17.84 41.05
N ASP G 161 -12.39 -16.57 40.72
CA ASP G 161 -13.53 -15.88 40.15
C ASP G 161 -13.50 -15.91 38.62
N THR G 162 -12.35 -16.26 38.06
CA THR G 162 -12.20 -16.19 36.62
C THR G 162 -11.98 -17.56 36.00
N GLU G 163 -11.40 -18.48 36.75
CA GLU G 163 -11.02 -19.79 36.23
C GLU G 163 -11.82 -20.91 36.86
N VAL G 164 -12.38 -21.76 36.01
CA VAL G 164 -13.23 -22.84 36.49
C VAL G 164 -12.45 -24.06 36.95
N SER G 165 -11.32 -24.31 36.32
CA SER G 165 -10.44 -25.41 36.69
C SER G 165 -8.99 -25.07 36.44
N ASN G 166 -8.08 -25.85 37.02
CA ASN G 166 -6.66 -25.66 36.76
C ASN G 166 -6.24 -26.43 35.51
N TRP G 167 -7.22 -27.05 34.87
CA TRP G 167 -6.98 -27.76 33.63
C TRP G 167 -7.86 -27.15 32.55
N THR G 168 -7.29 -26.96 31.37
CA THR G 168 -8.06 -26.41 30.26
C THR G 168 -7.74 -27.28 29.05
N TYR G 169 -8.68 -27.40 28.13
CA TYR G 169 -8.56 -28.33 27.02
C TYR G 169 -8.07 -27.58 25.80
N ASP G 170 -7.03 -28.12 25.16
CA ASP G 170 -6.50 -27.52 23.95
C ASP G 170 -7.06 -28.32 22.80
N PRO G 171 -7.81 -27.66 21.92
CA PRO G 171 -8.45 -28.31 20.77
C PRO G 171 -7.43 -28.87 19.80
N VAL G 172 -6.32 -28.16 19.60
CA VAL G 172 -5.33 -28.56 18.63
C VAL G 172 -4.56 -29.81 19.05
N ARG G 173 -4.30 -29.96 20.35
CA ARG G 173 -3.55 -31.11 20.82
C ARG G 173 -4.49 -32.22 21.23
N GLY G 174 -5.62 -31.85 21.81
CA GLY G 174 -6.59 -32.84 22.25
C GLY G 174 -6.28 -33.34 23.64
N GLN G 175 -5.64 -32.48 24.43
CA GLN G 175 -5.37 -32.81 25.82
C GLN G 175 -5.50 -31.58 26.72
N TYR G 176 -5.56 -31.84 28.02
CA TYR G 176 -5.61 -30.78 29.01
C TYR G 176 -4.22 -30.33 29.40
N TYR G 177 -4.03 -29.02 29.59
CA TYR G 177 -2.78 -28.56 30.16
C TYR G 177 -2.98 -27.88 31.50
N TRP G 178 -1.89 -27.75 32.25
CA TRP G 178 -1.96 -27.29 33.62
C TRP G 178 -1.62 -25.81 33.67
N HIS G 179 -2.38 -25.09 34.47
CA HIS G 179 -2.14 -23.69 34.65
C HIS G 179 -2.69 -23.34 36.02
N ARG G 180 -1.82 -22.86 36.88
CA ARG G 180 -2.27 -22.51 38.20
C ARG G 180 -2.71 -21.08 38.14
N PHE G 181 -2.33 -20.44 37.04
CA PHE G 181 -2.71 -19.07 36.77
C PHE G 181 -3.80 -19.00 35.69
N PHE G 182 -3.74 -18.01 34.80
CA PHE G 182 -4.78 -17.88 33.78
C PHE G 182 -4.57 -18.92 32.70
N SER G 183 -5.64 -19.23 31.97
CA SER G 183 -5.62 -20.25 30.94
C SER G 183 -4.62 -19.95 29.83
N HIS G 184 -4.13 -18.72 29.75
CA HIS G 184 -3.19 -18.39 28.69
C HIS G 184 -1.77 -18.39 29.26
N GLN G 185 -1.64 -18.87 30.50
CA GLN G 185 -0.34 -19.01 31.15
C GLN G 185 -0.16 -20.47 31.56
N PRO G 186 0.09 -21.34 30.57
CA PRO G 186 0.26 -22.76 30.86
C PRO G 186 1.55 -23.00 31.61
N ASP G 187 1.47 -23.83 32.64
CA ASP G 187 2.62 -24.15 33.45
C ASP G 187 3.66 -24.99 32.70
N LEU G 188 4.89 -24.88 33.16
CA LEU G 188 5.99 -25.63 32.58
C LEU G 188 6.26 -26.88 33.38
N ASN G 189 6.48 -27.99 32.69
CA ASN G 189 6.79 -29.25 33.34
C ASN G 189 8.23 -29.30 33.78
N TYR G 190 8.51 -29.13 35.07
CA TYR G 190 9.91 -29.08 35.50
C TYR G 190 10.50 -30.47 35.76
N ASP G 191 9.69 -31.50 35.49
CA ASP G 191 10.13 -32.89 35.57
C ASP G 191 10.92 -33.26 34.31
N ASN G 192 10.71 -32.48 33.26
CA ASN G 192 11.48 -32.56 32.05
C ASN G 192 12.81 -31.89 32.32
N PRO G 193 13.90 -32.63 32.20
CA PRO G 193 15.22 -32.03 32.43
C PRO G 193 15.57 -30.91 31.45
N ALA G 194 14.98 -30.92 30.26
CA ALA G 194 15.36 -29.92 29.27
C ALA G 194 14.87 -28.52 29.58
N VAL G 195 13.72 -28.42 30.26
CA VAL G 195 13.22 -27.13 30.67
C VAL G 195 14.08 -26.65 31.83
N GLN G 196 14.47 -27.59 32.69
CA GLN G 196 15.33 -27.25 33.81
C GLN G 196 16.61 -26.62 33.31
N GLU G 197 17.07 -27.04 32.13
CA GLU G 197 18.22 -26.39 31.51
C GLU G 197 17.81 -25.25 30.57
N ALA G 198 16.63 -25.32 29.98
CA ALA G 198 16.17 -24.23 29.11
C ALA G 198 15.96 -22.98 29.92
N MET G 199 15.48 -23.17 31.15
CA MET G 199 15.26 -22.08 32.06
C MET G 199 16.54 -21.54 32.64
N LEU G 200 17.51 -22.40 32.90
CA LEU G 200 18.81 -21.92 33.33
C LEU G 200 19.51 -21.12 32.27
N GLU G 201 19.23 -21.48 31.02
CA GLU G 201 19.81 -20.79 29.90
C GLU G 201 19.32 -19.35 29.96
N VAL G 202 18.02 -19.20 30.20
CA VAL G 202 17.40 -17.90 30.32
C VAL G 202 18.10 -17.06 31.42
N LEU G 203 18.35 -17.66 32.58
CA LEU G 203 19.06 -16.92 33.63
C LEU G 203 20.45 -16.47 33.24
N ARG G 204 21.24 -17.34 32.63
CA ARG G 204 22.59 -16.92 32.29
C ARG G 204 22.50 -15.88 31.19
N PHE G 205 21.54 -16.05 30.30
CA PHE G 205 21.34 -15.11 29.22
C PHE G 205 21.34 -13.69 29.74
N TRP G 206 20.53 -13.45 30.76
CA TRP G 206 20.41 -12.11 31.30
C TRP G 206 21.60 -11.77 32.16
N LEU G 207 22.09 -12.75 32.91
CA LEU G 207 23.29 -12.56 33.72
C LEU G 207 24.50 -12.25 32.86
N ASP G 208 24.51 -12.78 31.63
CA ASP G 208 25.61 -12.51 30.73
C ASP G 208 25.58 -11.05 30.27
N LEU G 209 24.40 -10.47 30.22
CA LEU G 209 24.28 -9.06 29.84
C LEU G 209 24.64 -8.11 30.97
N GLY G 210 24.79 -8.64 32.18
CA GLY G 210 25.27 -7.86 33.30
C GLY G 210 24.26 -7.58 34.40
N ILE G 211 23.06 -8.15 34.28
CA ILE G 211 22.02 -7.94 35.28
C ILE G 211 22.52 -8.48 36.62
N ASP G 212 22.13 -7.84 37.70
CA ASP G 212 22.68 -8.18 39.00
C ASP G 212 21.83 -9.20 39.73
N GLY G 213 20.71 -9.60 39.13
CA GLY G 213 19.89 -10.63 39.72
C GLY G 213 18.47 -10.66 39.22
N PHE G 214 17.64 -11.48 39.86
CA PHE G 214 16.25 -11.64 39.46
C PHE G 214 15.37 -11.76 40.66
N ARG G 215 14.11 -11.43 40.48
CA ARG G 215 13.11 -11.92 41.38
C ARG G 215 12.43 -13.06 40.67
N LEU G 216 12.71 -14.27 41.11
CA LEU G 216 12.13 -15.45 40.52
C LEU G 216 10.68 -15.50 40.92
N ASP G 217 9.78 -15.30 39.95
CA ASP G 217 8.37 -15.15 40.25
C ASP G 217 7.60 -16.45 40.19
N ALA G 218 6.64 -16.58 41.09
CA ALA G 218 5.71 -17.69 41.15
C ALA G 218 6.37 -19.03 41.40
N VAL G 219 7.48 -19.03 42.11
CA VAL G 219 8.19 -20.26 42.40
C VAL G 219 7.49 -21.25 43.32
N PRO G 220 6.44 -20.84 44.06
CA PRO G 220 5.87 -21.96 44.82
C PRO G 220 5.27 -23.08 43.96
N TYR G 221 5.05 -22.81 42.68
CA TYR G 221 4.28 -23.71 41.85
C TYR G 221 5.09 -24.38 40.77
N LEU G 222 6.41 -24.39 40.90
CA LEU G 222 7.25 -24.94 39.85
C LEU G 222 6.92 -26.40 39.63
N TYR G 223 6.98 -27.18 40.68
CA TYR G 223 6.64 -28.59 40.60
C TYR G 223 5.27 -28.84 41.21
N ALA G 224 4.57 -29.80 40.63
CA ALA G 224 3.30 -30.29 41.13
C ALA G 224 3.48 -31.79 41.26
N ARG G 225 3.03 -32.36 42.36
CA ARG G 225 3.20 -33.78 42.61
C ARG G 225 1.95 -34.48 43.08
N GLU G 226 1.89 -35.76 42.74
CA GLU G 226 1.45 -36.79 43.66
C GLU G 226 0.56 -36.27 44.78
N GLY G 227 -0.75 -36.49 44.72
CA GLY G 227 -1.64 -36.18 45.83
C GLY G 227 -1.23 -35.16 46.90
N THR G 228 -0.91 -33.93 46.46
CA THR G 228 -0.50 -32.88 47.37
C THR G 228 -1.27 -31.58 47.23
N ASN G 229 -0.59 -30.53 47.70
CA ASN G 229 -1.09 -29.18 47.78
C ASN G 229 -0.59 -28.41 46.59
N CYS G 230 0.48 -28.94 46.00
CA CYS G 230 1.10 -28.46 44.77
C CYS G 230 1.64 -27.08 45.02
N GLU G 231 1.95 -26.83 46.28
CA GLU G 231 2.62 -25.61 46.66
C GLU G 231 3.75 -25.98 47.59
N ASN G 232 4.87 -25.28 47.47
CA ASN G 232 6.01 -25.44 48.36
C ASN G 232 6.59 -26.85 48.37
N LEU G 233 6.43 -27.60 47.29
CA LEU G 233 6.90 -28.99 47.26
C LEU G 233 8.42 -29.05 47.34
N PRO G 234 8.96 -30.01 48.10
CA PRO G 234 10.41 -30.16 48.28
C PRO G 234 11.16 -30.33 46.97
N GLU G 235 10.44 -30.81 45.96
CA GLU G 235 10.99 -30.96 44.65
C GLU G 235 11.36 -29.59 44.06
N THR G 236 10.59 -28.56 44.41
CA THR G 236 10.86 -27.19 43.99
C THR G 236 12.14 -26.63 44.60
N HIS G 237 12.30 -26.84 45.91
CA HIS G 237 13.46 -26.35 46.62
C HIS G 237 14.73 -26.94 46.07
N ALA G 238 14.64 -28.19 45.65
CA ALA G 238 15.78 -28.85 45.06
C ALA G 238 16.15 -28.08 43.82
N TYR G 239 15.16 -27.69 43.03
CA TYR G 239 15.46 -26.99 41.81
C TYR G 239 16.11 -25.65 42.13
N LEU G 240 15.60 -24.95 43.13
CA LEU G 240 16.15 -23.63 43.45
C LEU G 240 17.58 -23.68 43.99
N LYS G 241 17.86 -24.61 44.90
CA LYS G 241 19.21 -24.75 45.41
C LYS G 241 20.16 -25.03 44.28
N ARG G 242 19.68 -25.85 43.36
CA ARG G 242 20.43 -26.22 42.18
C ARG G 242 20.70 -24.94 41.37
N VAL G 243 19.68 -24.08 41.28
CA VAL G 243 19.83 -22.81 40.57
C VAL G 243 20.80 -21.88 41.29
N ARG G 244 20.71 -21.82 42.62
CA ARG G 244 21.63 -20.98 43.39
C ARG G 244 23.04 -21.43 43.19
N ALA G 245 23.21 -22.76 43.23
CA ALA G 245 24.53 -23.35 43.10
C ALA G 245 25.18 -22.95 41.79
N GLU G 246 24.43 -23.06 40.70
CA GLU G 246 25.04 -22.74 39.41
C GLU G 246 25.25 -21.24 39.22
N VAL G 247 24.30 -20.42 39.66
CA VAL G 247 24.44 -18.98 39.47
C VAL G 247 25.68 -18.45 40.19
N ASP G 248 25.87 -18.90 41.43
CA ASP G 248 27.06 -18.57 42.20
C ASP G 248 28.34 -19.01 41.54
N ARG G 249 28.32 -20.14 40.86
CA ARG G 249 29.52 -20.66 40.23
C ARG G 249 30.04 -19.71 39.15
N LEU G 250 29.19 -19.34 38.19
CA LEU G 250 29.66 -18.62 37.01
C LEU G 250 29.60 -17.10 37.11
N TYR G 251 28.76 -16.61 38.01
CA TYR G 251 28.57 -15.18 38.14
C TYR G 251 28.68 -14.76 39.59
N PRO G 252 29.58 -13.81 39.88
CA PRO G 252 29.84 -13.25 41.21
C PRO G 252 28.82 -12.18 41.62
N ASP G 253 28.50 -12.12 42.91
CA ASP G 253 27.73 -11.03 43.52
C ASP G 253 26.34 -10.83 42.92
N ARG G 254 25.64 -11.90 42.58
CA ARG G 254 24.32 -11.80 42.02
C ARG G 254 23.27 -12.19 43.06
N VAL G 255 22.01 -11.81 42.86
CA VAL G 255 21.02 -12.06 43.90
C VAL G 255 19.77 -12.71 43.34
N LEU G 256 19.26 -13.69 44.05
CA LEU G 256 17.99 -14.28 43.68
C LEU G 256 16.93 -13.96 44.72
N LEU G 257 15.87 -13.29 44.30
CA LEU G 257 14.74 -13.02 45.20
C LEU G 257 13.59 -13.93 44.86
N ALA G 258 12.93 -14.42 45.88
CA ALA G 258 11.77 -15.27 45.66
C ALA G 258 10.47 -14.49 45.77
N GLU G 259 9.59 -14.64 44.80
CA GLU G 259 8.25 -14.11 44.93
C GLU G 259 7.45 -15.20 45.58
N ALA G 260 7.14 -15.08 46.86
CA ALA G 260 6.43 -16.18 47.48
C ALA G 260 5.16 -15.76 48.16
N ASN G 261 4.07 -16.10 47.47
CA ASN G 261 2.67 -15.92 47.84
C ASN G 261 2.23 -16.20 49.28
N GLN G 262 3.15 -16.36 50.22
CA GLN G 262 2.78 -17.08 51.46
C GLN G 262 3.19 -16.54 52.82
N TRP G 263 2.65 -17.18 53.86
CA TRP G 263 2.91 -16.79 55.23
C TRP G 263 4.38 -16.93 55.57
N PRO G 264 4.94 -15.91 56.23
CA PRO G 264 6.35 -15.85 56.60
C PRO G 264 6.77 -16.90 57.62
N ALA G 265 6.98 -18.10 57.13
CA ALA G 265 7.29 -19.27 57.94
C ALA G 265 7.23 -20.42 56.98
N ASP G 266 6.31 -20.33 56.03
CA ASP G 266 6.33 -21.26 54.93
C ASP G 266 7.32 -20.70 53.95
N VAL G 267 7.59 -19.42 54.07
CA VAL G 267 8.47 -18.77 53.13
C VAL G 267 9.89 -19.05 53.56
N VAL G 268 10.08 -19.18 54.86
CA VAL G 268 11.40 -19.36 55.42
C VAL G 268 12.13 -20.56 54.83
N GLU G 269 11.38 -21.53 54.37
CA GLU G 269 12.02 -22.73 53.84
C GLU G 269 12.71 -22.42 52.51
N TYR G 270 12.37 -21.30 51.88
CA TYR G 270 12.99 -20.90 50.61
C TYR G 270 14.37 -20.31 50.77
N PHE G 271 14.80 -20.17 52.01
CA PHE G 271 16.14 -19.67 52.29
C PHE G 271 17.19 -20.76 52.33
N GLY G 272 16.73 -22.01 52.35
CA GLY G 272 17.60 -23.16 52.33
C GLY G 272 18.06 -23.66 53.69
N ASP G 273 19.22 -24.28 53.70
CA ASP G 273 19.78 -24.86 54.91
C ASP G 273 20.49 -23.77 55.71
N PRO G 274 19.97 -23.49 56.92
CA PRO G 274 20.51 -22.43 57.77
C PRO G 274 21.97 -22.67 58.16
N ALA G 275 22.43 -23.91 58.10
CA ALA G 275 23.81 -24.20 58.46
C ALA G 275 24.80 -23.56 57.51
N THR G 276 24.43 -23.47 56.24
CA THR G 276 25.35 -22.93 55.24
C THR G 276 25.28 -21.39 55.24
N GLY G 277 24.35 -20.84 56.02
CA GLY G 277 24.12 -19.42 55.98
C GLY G 277 23.15 -19.04 54.88
N GLY G 278 22.76 -20.02 54.09
CA GLY G 278 21.84 -19.81 52.99
C GLY G 278 22.33 -20.30 51.64
N ASP G 279 21.59 -21.24 51.07
CA ASP G 279 21.97 -21.81 49.77
C ASP G 279 20.80 -21.89 48.80
N GLU G 280 19.76 -21.09 49.04
CA GLU G 280 18.62 -21.07 48.14
C GLU G 280 18.33 -19.64 47.73
N CYS G 281 17.24 -19.05 48.18
CA CYS G 281 17.01 -17.67 47.82
C CYS G 281 17.65 -16.69 48.80
N HIS G 282 18.24 -15.59 48.29
CA HIS G 282 18.81 -14.57 49.16
C HIS G 282 17.72 -13.78 49.88
N MET G 283 16.71 -13.37 49.13
CA MET G 283 15.64 -12.56 49.67
C MET G 283 14.30 -13.16 49.34
N ALA G 284 13.36 -12.89 50.24
CA ALA G 284 11.97 -13.22 50.01
C ALA G 284 11.17 -12.13 50.70
N PHE G 285 9.91 -12.00 50.35
CA PHE G 285 9.18 -10.87 50.85
C PHE G 285 8.31 -11.23 52.03
N HIS G 286 8.35 -10.37 53.02
CA HIS G 286 7.55 -10.51 54.20
C HIS G 286 6.26 -9.75 53.95
N PHE G 287 5.34 -10.41 53.28
CA PHE G 287 4.13 -9.77 52.83
C PHE G 287 3.19 -9.20 53.88
N PRO G 288 3.09 -9.82 55.06
CA PRO G 288 2.16 -9.24 56.02
C PRO G 288 2.60 -7.97 56.73
N VAL G 289 3.80 -7.45 56.43
CA VAL G 289 4.28 -6.28 57.13
C VAL G 289 3.37 -5.07 56.96
N MET G 290 2.98 -4.75 55.74
CA MET G 290 2.14 -3.58 55.48
C MET G 290 0.73 -3.74 56.06
N PRO G 291 0.09 -4.90 55.86
CA PRO G 291 -1.21 -5.06 56.52
C PRO G 291 -1.14 -4.89 58.01
N ARG G 292 -0.07 -5.38 58.61
CA ARG G 292 0.06 -5.30 60.04
C ARG G 292 0.29 -3.88 60.55
N ILE G 293 1.08 -3.10 59.84
CA ILE G 293 1.27 -1.70 60.21
C ILE G 293 -0.04 -0.95 60.07
N PHE G 294 -0.70 -1.18 58.95
CA PHE G 294 -1.98 -0.56 58.66
C PHE G 294 -2.97 -0.81 59.80
N MET G 295 -3.08 -2.07 60.19
CA MET G 295 -4.00 -2.46 61.24
C MET G 295 -3.57 -1.88 62.58
N ALA G 296 -2.26 -1.79 62.77
CA ALA G 296 -1.72 -1.21 63.97
C ALA G 296 -2.12 0.25 64.09
N VAL G 297 -2.03 0.98 62.98
CA VAL G 297 -2.40 2.40 62.95
C VAL G 297 -3.89 2.60 63.13
N ARG G 298 -4.67 1.71 62.55
CA ARG G 298 -6.10 1.85 62.66
C ARG G 298 -6.53 1.63 64.11
N ARG G 299 -6.03 0.60 64.76
CA ARG G 299 -6.34 0.32 66.16
C ARG G 299 -5.51 1.09 67.17
N GLU G 300 -4.54 1.84 66.65
CA GLU G 300 -3.65 2.68 67.44
C GLU G 300 -2.91 1.94 68.52
N GLN G 301 -2.42 0.75 68.19
CA GLN G 301 -1.65 -0.07 69.12
C GLN G 301 -0.56 -0.82 68.35
N ARG G 302 0.58 -1.03 68.99
CA ARG G 302 1.72 -1.67 68.36
C ARG G 302 1.58 -3.16 68.11
N TYR G 303 0.65 -3.79 68.80
CA TYR G 303 0.61 -5.25 68.85
C TYR G 303 0.64 -5.95 67.48
N PRO G 304 -0.15 -5.48 66.50
CA PRO G 304 -0.05 -6.21 65.23
C PRO G 304 1.35 -6.20 64.60
N ILE G 305 2.16 -5.18 64.89
CA ILE G 305 3.51 -5.12 64.34
C ILE G 305 4.42 -5.94 65.22
N SER G 306 4.27 -5.79 66.54
CA SER G 306 5.03 -6.60 67.46
C SER G 306 4.90 -8.10 67.16
N GLU G 307 3.71 -8.56 66.84
CA GLU G 307 3.50 -9.98 66.67
C GLU G 307 4.30 -10.57 65.52
N ILE G 308 4.23 -10.00 64.33
CA ILE G 308 5.03 -10.56 63.25
C ILE G 308 6.51 -10.44 63.59
N MET G 309 6.87 -9.42 64.37
CA MET G 309 8.26 -9.27 64.76
C MET G 309 8.72 -10.40 65.67
N ALA G 310 7.82 -10.90 66.50
CA ALA G 310 8.18 -11.94 67.45
C ALA G 310 7.87 -13.37 66.96
N GLN G 311 6.87 -13.51 66.10
CA GLN G 311 6.46 -14.84 65.68
C GLN G 311 7.01 -15.23 64.34
N THR G 312 7.85 -14.37 63.77
CA THR G 312 8.52 -14.68 62.53
C THR G 312 9.79 -15.45 62.81
N PRO G 313 9.92 -16.64 62.24
CA PRO G 313 11.08 -17.47 62.55
C PRO G 313 12.39 -16.87 62.08
N LYS G 314 13.49 -17.26 62.72
CA LYS G 314 14.79 -16.78 62.30
C LYS G 314 15.21 -17.42 60.99
N ILE G 315 15.97 -16.68 60.20
CA ILE G 315 16.35 -17.12 58.86
C ILE G 315 17.86 -17.19 58.75
N PRO G 316 18.37 -17.85 57.71
CA PRO G 316 19.81 -17.96 57.54
C PRO G 316 20.57 -16.63 57.58
N GLU G 317 21.83 -16.70 57.98
CA GLU G 317 22.62 -15.54 58.33
C GLU G 317 22.72 -14.55 57.16
N ASN G 318 22.80 -15.07 55.95
CA ASN G 318 23.05 -14.18 54.80
C ASN G 318 21.81 -13.83 54.02
N CYS G 319 20.65 -14.21 54.54
CA CYS G 319 19.42 -13.98 53.82
C CYS G 319 18.72 -12.77 54.36
N GLN G 320 17.78 -12.22 53.62
CA GLN G 320 17.07 -11.09 54.19
C GLN G 320 15.64 -11.04 53.72
N TRP G 321 14.77 -10.55 54.60
CA TRP G 321 13.40 -10.27 54.24
C TRP G 321 13.39 -9.03 53.37
N GLY G 322 12.56 -9.06 52.33
CA GLY G 322 12.27 -7.88 51.57
C GLY G 322 10.98 -7.32 52.13
N ILE G 323 10.92 -6.02 52.30
CA ILE G 323 9.70 -5.41 52.78
C ILE G 323 9.34 -4.28 51.84
N PHE G 324 8.04 -4.08 51.66
CA PHE G 324 7.50 -3.01 50.85
C PHE G 324 6.17 -2.58 51.42
N LEU G 325 5.74 -1.37 51.14
CA LEU G 325 4.49 -0.93 51.73
C LEU G 325 3.31 -1.15 50.82
N ARG G 326 2.96 -2.41 50.59
CA ARG G 326 1.79 -2.73 49.80
C ARG G 326 1.05 -3.90 50.44
N ASN G 327 -0.24 -4.02 50.16
CA ASN G 327 -1.06 -5.03 50.80
C ASN G 327 -1.23 -6.28 49.98
N HIS G 328 -0.83 -6.20 48.72
CA HIS G 328 -1.00 -7.30 47.77
C HIS G 328 0.29 -7.50 47.05
N ASP G 329 0.61 -8.72 46.63
CA ASP G 329 1.65 -8.85 45.62
C ASP G 329 1.03 -8.64 44.26
N GLU G 330 1.87 -8.30 43.31
CA GLU G 330 1.44 -7.85 42.02
C GLU G 330 1.13 -8.96 41.02
N LEU G 331 1.58 -10.17 41.32
CA LEU G 331 1.29 -11.30 40.44
C LEU G 331 -0.08 -11.87 40.70
N THR G 332 -0.60 -11.70 41.90
CA THR G 332 -1.88 -12.29 42.22
C THR G 332 -2.90 -11.32 42.83
N LEU G 333 -4.11 -11.81 43.03
CA LEU G 333 -5.10 -10.92 43.64
C LEU G 333 -4.74 -10.63 45.11
N GLU G 334 -3.93 -11.51 45.66
CA GLU G 334 -4.04 -11.83 47.04
C GLU G 334 -3.25 -10.99 48.04
N MET G 335 -3.90 -10.80 49.18
CA MET G 335 -3.24 -10.34 50.38
C MET G 335 -2.74 -11.64 50.99
N VAL G 336 -1.49 -11.66 51.42
CA VAL G 336 -0.93 -12.86 52.01
C VAL G 336 -1.41 -13.05 53.44
N THR G 337 -2.13 -14.13 53.65
CA THR G 337 -2.63 -14.42 54.98
C THR G 337 -2.71 -15.93 55.20
N ASP G 338 -3.18 -16.33 56.38
CA ASP G 338 -3.19 -17.72 56.81
C ASP G 338 -4.18 -17.90 57.97
N GLU G 339 -5.15 -18.80 57.84
CA GLU G 339 -6.22 -18.85 58.85
C GLU G 339 -5.73 -19.35 60.18
N GLU G 340 -4.70 -20.20 60.19
CA GLU G 340 -4.27 -20.78 61.46
C GLU G 340 -3.16 -20.01 62.16
N ARG G 341 -2.42 -19.21 61.43
CA ARG G 341 -1.26 -18.54 62.03
C ARG G 341 -1.34 -17.02 62.06
N ASP G 342 -2.33 -16.46 61.40
CA ASP G 342 -2.50 -15.01 61.42
C ASP G 342 -3.61 -14.67 62.39
N TYR G 343 -3.26 -14.15 63.55
CA TYR G 343 -4.29 -13.82 64.51
C TYR G 343 -5.24 -12.75 63.98
N MET G 344 -4.82 -12.06 62.93
CA MET G 344 -5.58 -10.95 62.39
C MET G 344 -6.46 -11.35 61.23
N TYR G 345 -6.37 -12.63 60.87
CA TYR G 345 -7.07 -13.18 59.71
C TYR G 345 -8.49 -12.66 59.51
N ALA G 346 -9.29 -12.68 60.57
CA ALA G 346 -10.70 -12.31 60.48
C ALA G 346 -10.92 -10.83 60.71
N GLU G 347 -9.86 -10.14 61.14
CA GLU G 347 -9.96 -8.78 61.61
C GLU G 347 -9.82 -7.75 60.48
N TYR G 348 -9.13 -8.11 59.42
CA TYR G 348 -8.95 -7.20 58.29
C TYR G 348 -10.26 -6.82 57.64
N ALA G 349 -11.19 -7.76 57.62
CA ALA G 349 -12.44 -7.52 56.93
C ALA G 349 -13.44 -6.64 57.71
N LYS G 350 -13.10 -6.20 58.92
CA LYS G 350 -14.02 -5.34 59.63
C LYS G 350 -13.48 -3.94 59.53
N ASP G 351 -12.53 -3.77 58.62
CA ASP G 351 -11.92 -2.48 58.44
C ASP G 351 -12.38 -1.91 57.11
N PRO G 352 -13.42 -1.08 57.14
CA PRO G 352 -14.15 -0.98 55.88
C PRO G 352 -13.31 -0.38 54.75
N ARG G 353 -12.28 0.38 55.10
CA ARG G 353 -11.39 0.90 54.07
C ARG G 353 -10.50 -0.21 53.55
N MET G 354 -10.08 -1.09 54.44
CA MET G 354 -9.28 -2.24 54.07
C MET G 354 -10.07 -3.12 53.12
N LYS G 355 -11.36 -3.28 53.40
CA LYS G 355 -12.23 -4.14 52.62
C LYS G 355 -12.51 -3.62 51.22
N ALA G 356 -12.28 -2.33 51.00
CA ALA G 356 -12.75 -1.74 49.77
C ALA G 356 -11.71 -1.90 48.70
N ASN G 357 -10.46 -1.93 49.11
CA ASN G 357 -9.39 -2.22 48.18
C ASN G 357 -8.92 -3.65 48.20
N ILE G 358 -9.82 -4.62 48.27
CA ILE G 358 -9.35 -5.96 48.54
C ILE G 358 -8.57 -6.56 47.37
N GLY G 359 -8.93 -6.27 46.14
CA GLY G 359 -8.26 -6.95 45.05
C GLY G 359 -7.39 -6.01 44.26
N ILE G 360 -7.31 -4.78 44.74
CA ILE G 360 -6.70 -3.71 43.97
C ILE G 360 -5.37 -3.24 44.52
N ARG G 361 -4.39 -3.09 43.65
CA ARG G 361 -3.19 -2.43 44.08
C ARG G 361 -3.41 -0.93 44.11
N ARG G 362 -3.02 -0.33 45.22
CA ARG G 362 -3.09 1.10 45.41
C ARG G 362 -1.73 1.62 45.82
N ARG G 363 -1.44 2.88 45.51
CA ARG G 363 -0.15 3.45 45.89
C ARG G 363 -0.32 3.98 47.30
N LEU G 364 0.78 4.33 47.95
CA LEU G 364 0.77 4.60 49.39
C LEU G 364 -0.13 5.76 49.81
N ALA G 365 -0.07 6.87 49.08
CA ALA G 365 -0.83 8.05 49.46
C ALA G 365 -2.34 7.82 49.43
N PRO G 366 -2.86 7.18 48.38
CA PRO G 366 -4.28 6.83 48.50
C PRO G 366 -4.61 5.89 49.67
N LEU G 367 -3.75 4.93 49.97
CA LEU G 367 -4.00 4.01 51.07
C LEU G 367 -4.07 4.69 52.41
N LEU G 368 -3.47 5.86 52.47
CA LEU G 368 -3.44 6.64 53.66
C LEU G 368 -4.19 7.98 53.53
N ASP G 369 -5.14 8.08 52.60
CA ASP G 369 -5.89 9.32 52.38
C ASP G 369 -5.03 10.58 52.28
N ASN G 370 -3.85 10.44 51.69
CA ASN G 370 -2.95 11.56 51.46
C ASN G 370 -2.53 12.30 52.72
N ASP G 371 -2.47 11.59 53.84
CA ASP G 371 -2.08 12.18 55.10
C ASP G 371 -0.56 12.24 55.22
N ARG G 372 0.01 13.44 55.14
CA ARG G 372 1.45 13.57 55.11
C ARG G 372 2.10 12.95 56.33
N ASN G 373 1.48 13.12 57.49
CA ASN G 373 2.02 12.57 58.71
C ASN G 373 2.12 11.06 58.69
N GLN G 374 1.10 10.39 58.18
CA GLN G 374 1.09 8.95 58.16
C GLN G 374 2.03 8.44 57.08
N LEU G 375 2.20 9.21 56.01
CA LEU G 375 3.08 8.82 54.92
C LEU G 375 4.49 8.70 55.44
N GLU G 376 4.84 9.63 56.30
CA GLU G 376 6.11 9.66 56.95
C GLU G 376 6.20 8.51 57.93
N LEU G 377 5.12 8.26 58.67
CA LEU G 377 5.13 7.17 59.63
C LEU G 377 5.37 5.83 58.98
N PHE G 378 4.63 5.57 57.92
CA PHE G 378 4.71 4.31 57.19
C PHE G 378 6.07 4.18 56.50
N THR G 379 6.59 5.25 55.92
CA THR G 379 7.86 5.17 55.21
C THR G 379 9.03 5.04 56.18
N ALA G 380 8.89 5.66 57.34
CA ALA G 380 9.90 5.51 58.39
C ALA G 380 10.02 4.08 58.83
N LEU G 381 8.89 3.42 59.04
CA LEU G 381 8.91 2.04 59.45
C LEU G 381 9.51 1.17 58.37
N LEU G 382 9.17 1.45 57.11
CA LEU G 382 9.70 0.71 55.97
C LEU G 382 11.22 0.74 55.96
N LEU G 383 11.78 1.87 56.37
CA LEU G 383 13.21 2.07 56.26
C LEU G 383 13.92 1.65 57.53
N SER G 384 13.19 1.36 58.60
CA SER G 384 13.85 1.06 59.85
C SER G 384 13.61 -0.36 60.35
N LEU G 385 12.59 -1.03 59.86
CA LEU G 385 12.34 -2.42 60.24
C LEU G 385 13.44 -3.34 59.67
N PRO G 386 13.61 -4.54 60.24
CA PRO G 386 14.69 -5.41 59.79
C PRO G 386 14.44 -6.04 58.44
N GLY G 387 15.12 -5.54 57.42
CA GLY G 387 14.97 -6.09 56.09
C GLY G 387 15.52 -5.14 55.06
N SER G 388 15.25 -5.40 53.81
CA SER G 388 15.64 -4.47 52.76
C SER G 388 14.42 -3.94 52.06
N PRO G 389 14.26 -2.62 52.08
CA PRO G 389 13.04 -1.96 51.62
C PRO G 389 12.96 -1.75 50.11
N VAL G 390 11.74 -1.85 49.59
CA VAL G 390 11.50 -1.56 48.20
C VAL G 390 10.55 -0.39 48.07
N LEU G 391 11.04 0.66 47.41
CA LEU G 391 10.20 1.80 47.09
C LEU G 391 9.58 1.56 45.73
N TYR G 392 8.31 1.92 45.59
CA TYR G 392 7.62 1.81 44.32
C TYR G 392 7.62 3.18 43.67
N TYR G 393 7.93 3.24 42.38
CA TYR G 393 8.09 4.54 41.72
C TYR G 393 6.85 5.41 41.87
N GLY G 394 7.06 6.68 42.18
CA GLY G 394 5.97 7.62 42.31
C GLY G 394 5.61 7.91 43.74
N ASP G 395 5.84 6.94 44.60
CA ASP G 395 5.51 7.13 45.99
C ASP G 395 6.33 8.20 46.65
N GLU G 396 7.51 8.47 46.11
CA GLU G 396 8.42 9.37 46.75
C GLU G 396 7.93 10.79 46.61
N ILE G 397 6.93 11.00 45.75
CA ILE G 397 6.32 12.32 45.61
C ILE G 397 4.85 12.33 45.95
N GLY G 398 4.30 11.19 46.32
CA GLY G 398 2.94 11.15 46.78
C GLY G 398 1.95 11.00 45.65
N MET G 399 2.35 10.32 44.60
CA MET G 399 1.48 10.04 43.48
C MET G 399 0.27 9.26 43.91
N GLY G 400 -0.80 9.34 43.12
CA GLY G 400 -2.01 8.62 43.45
C GLY G 400 -2.16 7.43 42.56
N ASP G 401 -3.39 7.05 42.30
CA ASP G 401 -3.65 5.94 41.40
C ASP G 401 -4.91 6.21 40.60
N ASN G 402 -5.29 5.26 39.78
CA ASN G 402 -6.50 5.36 38.98
C ASN G 402 -7.14 4.02 38.91
N ILE G 403 -7.95 3.70 39.92
CA ILE G 403 -8.55 2.39 40.09
C ILE G 403 -9.38 1.96 38.92
N TRP G 404 -9.91 2.92 38.19
CA TRP G 404 -10.73 2.63 37.03
C TRP G 404 -9.98 2.04 35.82
N LEU G 405 -8.66 1.94 35.90
CA LEU G 405 -7.89 1.44 34.78
C LEU G 405 -7.60 -0.02 34.99
N GLY G 406 -8.25 -0.61 35.99
CA GLY G 406 -7.93 -1.96 36.44
C GLY G 406 -7.27 -2.09 37.81
N ASP G 407 -7.51 -3.23 38.43
CA ASP G 407 -6.64 -3.77 39.45
C ASP G 407 -5.32 -3.94 38.75
N ARG G 408 -4.23 -3.53 39.40
CA ARG G 408 -2.92 -3.57 38.76
C ARG G 408 -2.98 -2.91 37.40
N ASP G 409 -2.72 -1.62 37.40
CA ASP G 409 -2.69 -0.66 36.27
C ASP G 409 -3.08 0.63 36.88
N SER G 410 -4.10 0.56 37.73
CA SER G 410 -4.36 1.56 38.73
C SER G 410 -3.10 2.29 39.13
N VAL G 411 -2.01 1.54 39.18
CA VAL G 411 -0.78 1.99 39.75
C VAL G 411 0.37 2.09 38.74
N ARG G 412 0.05 1.97 37.46
CA ARG G 412 1.07 1.97 36.40
C ARG G 412 0.97 3.19 35.47
N THR G 413 0.34 4.24 35.98
CA THR G 413 0.24 5.55 35.36
C THR G 413 1.62 6.19 35.15
N PRO G 414 1.77 7.06 34.15
CA PRO G 414 3.04 7.76 33.90
C PRO G 414 3.61 8.57 35.07
N MET G 415 4.92 8.44 35.28
CA MET G 415 5.62 9.17 36.33
C MET G 415 5.46 10.67 36.09
N GLN G 416 5.22 11.43 37.15
CA GLN G 416 4.84 12.81 36.96
C GLN G 416 5.99 13.72 37.23
N TRP G 417 6.66 14.14 36.17
CA TRP G 417 7.95 14.81 36.26
C TRP G 417 7.86 16.33 36.37
N THR G 418 7.12 16.93 35.45
CA THR G 418 7.05 18.38 35.39
C THR G 418 5.59 18.80 35.26
N PRO G 419 5.29 20.10 35.37
CA PRO G 419 3.93 20.50 35.09
C PRO G 419 3.71 20.79 33.61
N ASP G 420 4.60 20.32 32.73
CA ASP G 420 4.43 20.57 31.31
C ASP G 420 3.43 19.59 30.73
N ARG G 421 3.42 19.46 29.42
CA ARG G 421 2.49 18.59 28.75
C ARG G 421 2.76 17.14 29.13
N ASN G 422 1.71 16.36 29.34
CA ASN G 422 1.87 14.96 29.70
C ASN G 422 2.79 14.74 30.91
N ALA G 423 2.78 15.70 31.83
CA ALA G 423 3.57 15.64 33.05
C ALA G 423 5.07 15.53 32.82
N GLY G 424 5.51 15.73 31.59
CA GLY G 424 6.92 15.70 31.30
C GLY G 424 7.39 14.31 30.97
N PHE G 425 6.43 13.39 30.89
CA PHE G 425 6.71 11.98 30.63
C PHE G 425 7.03 11.77 29.19
N SER G 426 6.31 12.51 28.35
CA SER G 426 6.39 12.38 26.92
C SER G 426 5.96 13.68 26.31
N ARG G 427 6.44 13.92 25.11
CA ARG G 427 6.12 15.14 24.40
C ARG G 427 5.06 14.85 23.34
N CYS G 428 4.52 13.65 23.39
CA CYS G 428 3.55 13.18 22.42
C CYS G 428 2.18 13.79 22.57
N ASP G 429 1.27 13.38 21.68
CA ASP G 429 -0.13 13.71 21.77
C ASP G 429 -0.75 12.85 22.85
N PRO G 430 -1.62 13.43 23.69
CA PRO G 430 -2.21 12.67 24.80
C PRO G 430 -2.93 11.41 24.34
N ALA G 431 -3.49 11.41 23.14
CA ALA G 431 -4.21 10.23 22.69
C ALA G 431 -3.30 9.02 22.44
N ARG G 432 -2.00 9.24 22.30
CA ARG G 432 -1.09 8.15 21.98
C ARG G 432 -0.51 7.53 23.25
N LEU G 433 -0.91 8.05 24.41
CA LEU G 433 -0.41 7.56 25.68
C LEU G 433 -0.91 6.16 26.00
N TYR G 434 -0.02 5.32 26.50
CA TYR G 434 -0.37 3.95 26.83
C TYR G 434 -1.39 3.92 27.95
N LEU G 435 -1.24 4.86 28.87
CA LEU G 435 -2.19 5.10 29.94
C LEU G 435 -2.17 6.58 30.25
N PRO G 436 -3.30 7.15 30.68
CA PRO G 436 -3.38 8.59 30.90
C PRO G 436 -2.69 9.08 32.16
N VAL G 437 -2.22 10.32 32.10
CA VAL G 437 -1.64 10.91 33.27
C VAL G 437 -2.74 11.31 34.23
N ILE G 438 -2.52 11.06 35.50
CA ILE G 438 -3.48 11.42 36.51
C ILE G 438 -3.63 12.95 36.55
N MET G 439 -4.88 13.41 36.47
CA MET G 439 -5.19 14.85 36.40
C MET G 439 -6.15 15.23 37.51
N ASP G 440 -6.43 14.26 38.36
CA ASP G 440 -7.15 14.37 39.63
C ASP G 440 -6.78 15.65 40.39
N PRO G 441 -7.75 16.35 40.96
CA PRO G 441 -7.46 17.58 41.70
C PRO G 441 -6.65 17.40 42.98
N ILE G 442 -6.39 16.16 43.40
CA ILE G 442 -5.56 15.94 44.58
C ILE G 442 -4.18 15.40 44.19
N TYR G 443 -4.13 14.39 43.34
CA TYR G 443 -2.87 13.77 42.95
C TYR G 443 -2.43 14.09 41.52
N GLY G 444 -3.20 14.89 40.80
CA GLY G 444 -2.90 15.23 39.42
C GLY G 444 -1.58 15.94 39.24
N TYR G 445 -1.02 15.86 38.03
CA TYR G 445 0.35 16.30 37.82
C TYR G 445 0.54 17.81 37.96
N GLN G 446 -0.53 18.58 37.85
CA GLN G 446 -0.40 19.99 38.02
C GLN G 446 -0.18 20.33 39.50
N ALA G 447 -0.43 19.36 40.36
CA ALA G 447 -0.25 19.58 41.78
C ALA G 447 0.91 18.75 42.33
N VAL G 448 1.03 17.54 41.82
CA VAL G 448 2.05 16.60 42.27
C VAL G 448 2.97 16.22 41.13
N ASN G 449 4.19 16.75 41.11
CA ASN G 449 5.21 16.40 40.11
C ASN G 449 6.59 16.63 40.67
N VAL G 450 7.60 15.93 40.15
CA VAL G 450 8.94 15.93 40.76
C VAL G 450 9.55 17.32 40.78
N GLU G 451 9.34 18.09 39.73
CA GLU G 451 9.96 19.40 39.66
C GLU G 451 9.47 20.29 40.78
N ALA G 452 8.17 20.38 40.99
CA ALA G 452 7.63 21.15 42.10
C ALA G 452 8.13 20.63 43.43
N GLN G 453 8.10 19.31 43.60
CA GLN G 453 8.57 18.64 44.79
C GLN G 453 10.04 18.94 45.09
N GLN G 454 10.89 18.92 44.07
CA GLN G 454 12.29 19.21 44.27
C GLN G 454 12.48 20.64 44.73
N ARG G 455 11.69 21.55 44.19
CA ARG G 455 11.87 22.98 44.43
C ARG G 455 11.41 23.43 45.81
N ASN G 456 10.60 22.59 46.44
CA ASN G 456 10.04 22.88 47.76
C ASN G 456 10.76 22.08 48.83
N PRO G 457 11.46 22.81 49.70
CA PRO G 457 12.32 22.19 50.71
C PRO G 457 11.53 21.37 51.69
N GLY G 458 10.25 21.65 51.80
CA GLY G 458 9.38 20.93 52.71
C GLY G 458 8.64 19.75 52.13
N SER G 459 8.98 19.39 50.92
CA SER G 459 8.25 18.36 50.19
C SER G 459 8.51 16.96 50.67
N LEU G 460 7.60 16.06 50.34
CA LEU G 460 7.74 14.66 50.70
C LEU G 460 8.96 14.08 50.04
N LEU G 461 9.26 14.55 48.82
CA LEU G 461 10.42 14.07 48.08
C LEU G 461 11.73 14.43 48.77
N ASN G 462 11.88 15.70 49.14
CA ASN G 462 13.12 16.12 49.77
C ASN G 462 13.26 15.40 51.11
N TRP G 463 12.15 15.15 51.77
CA TRP G 463 12.15 14.40 53.03
C TRP G 463 12.59 12.97 52.82
N THR G 464 12.02 12.34 51.81
CA THR G 464 12.32 10.97 51.47
C THR G 464 13.77 10.83 51.08
N ARG G 465 14.29 11.80 50.36
CA ARG G 465 15.70 11.77 49.99
C ARG G 465 16.56 11.80 51.25
N LYS G 466 16.22 12.67 52.18
CA LYS G 466 16.94 12.82 53.43
C LYS G 466 16.88 11.57 54.28
N MET G 467 15.72 10.94 54.30
CA MET G 467 15.55 9.69 55.02
C MET G 467 16.46 8.63 54.46
N ILE G 468 16.50 8.56 53.14
CA ILE G 468 17.34 7.60 52.46
C ILE G 468 18.82 7.90 52.74
N GLU G 469 19.19 9.16 52.89
CA GLU G 469 20.58 9.51 53.11
C GLU G 469 21.03 9.08 54.49
N ILE G 470 20.17 9.31 55.47
CA ILE G 470 20.47 8.90 56.82
C ILE G 470 20.60 7.41 56.95
N ARG G 471 19.74 6.69 56.26
CA ARG G 471 19.76 5.25 56.37
C ARG G 471 21.06 4.69 55.79
N LYS G 472 21.56 5.32 54.74
CA LYS G 472 22.76 4.87 54.07
C LYS G 472 23.99 5.01 54.96
N ARG G 473 24.01 6.04 55.80
CA ARG G 473 25.14 6.34 56.69
C ARG G 473 25.19 5.42 57.86
N HIS G 474 24.20 4.54 57.86
CA HIS G 474 23.88 3.64 58.95
C HIS G 474 23.58 2.24 58.47
N PRO G 475 24.63 1.45 58.22
CA PRO G 475 24.41 0.08 57.72
C PRO G 475 23.67 -0.80 58.72
N VAL G 476 23.49 -0.31 59.92
CA VAL G 476 22.79 -1.06 60.93
C VAL G 476 21.36 -1.36 60.53
N PHE G 477 20.74 -0.49 59.74
CA PHE G 477 19.32 -0.67 59.40
C PHE G 477 19.09 -1.92 58.57
N GLY G 478 20.07 -2.32 57.80
CA GLY G 478 19.92 -3.53 57.02
C GLY G 478 20.61 -4.73 57.66
N LEU G 479 21.62 -4.49 58.47
CA LEU G 479 22.48 -5.56 58.95
C LEU G 479 22.28 -5.90 60.42
N GLY G 480 21.74 -4.96 61.18
CA GLY G 480 21.72 -5.06 62.62
C GLY G 480 20.63 -5.90 63.21
N SER G 481 20.66 -6.00 64.53
CA SER G 481 19.68 -6.76 65.27
C SER G 481 18.39 -5.97 65.42
N TYR G 482 17.35 -6.59 65.98
CA TYR G 482 16.12 -5.87 66.26
C TYR G 482 15.68 -6.20 67.65
N VAL G 483 15.67 -5.21 68.51
CA VAL G 483 15.23 -5.45 69.87
C VAL G 483 14.14 -4.48 70.19
N GLU G 484 12.97 -5.00 70.55
CA GLU G 484 11.86 -4.14 70.89
C GLU G 484 11.94 -3.71 72.36
N LEU G 485 11.63 -2.45 72.62
CA LEU G 485 11.75 -1.89 73.96
C LEU G 485 10.39 -1.96 74.64
N PRO G 486 10.37 -2.41 75.89
CA PRO G 486 9.14 -2.44 76.65
C PRO G 486 8.70 -1.03 76.97
N ALA G 487 7.40 -0.76 76.94
CA ALA G 487 6.86 0.56 77.28
C ALA G 487 5.41 0.43 77.69
N SER G 488 5.02 1.13 78.74
CA SER G 488 3.64 1.04 79.24
C SER G 488 2.58 1.53 78.27
N ASN G 489 2.98 2.39 77.36
CA ASN G 489 2.07 2.96 76.38
C ASN G 489 2.02 2.06 75.15
N PRO G 490 0.85 1.46 74.89
CA PRO G 490 0.63 0.55 73.77
C PRO G 490 0.60 1.21 72.41
N SER G 491 0.51 2.54 72.41
CA SER G 491 0.37 3.32 71.20
C SER G 491 1.70 3.60 70.53
N VAL G 492 2.78 3.42 71.27
CA VAL G 492 4.08 3.72 70.78
C VAL G 492 4.85 2.42 70.56
N LEU G 493 5.49 2.30 69.42
CA LEU G 493 6.37 1.19 69.14
C LEU G 493 7.82 1.66 69.17
N ALA G 494 8.59 1.18 70.13
CA ALA G 494 9.98 1.61 70.27
C ALA G 494 10.94 0.43 70.17
N PHE G 495 11.92 0.53 69.30
CA PHE G 495 12.90 -0.54 69.19
C PHE G 495 14.30 -0.03 68.97
N VAL G 496 15.27 -0.92 69.12
CA VAL G 496 16.65 -0.55 68.92
C VAL G 496 17.27 -1.45 67.88
N ARG G 497 18.11 -0.88 67.04
CA ARG G 497 18.83 -1.64 66.05
C ARG G 497 20.33 -1.45 66.31
N GLU G 498 21.03 -2.58 66.38
CA GLU G 498 22.42 -2.56 66.77
C GLU G 498 23.24 -3.39 65.82
N TYR G 499 24.32 -2.81 65.33
CA TYR G 499 25.28 -3.56 64.54
C TYR G 499 26.62 -3.04 64.95
N GLY G 500 27.03 -3.38 66.17
CA GLY G 500 28.33 -3.04 66.70
C GLY G 500 28.72 -1.59 66.56
N ASP G 501 28.60 -0.81 67.62
CA ASP G 501 28.99 0.60 67.62
C ASP G 501 27.99 1.44 66.85
N ASP G 502 27.33 0.84 65.87
CA ASP G 502 26.31 1.52 65.12
C ASP G 502 24.95 1.13 65.64
N ARG G 503 24.40 1.98 66.50
CA ARG G 503 23.19 1.67 67.23
C ARG G 503 22.14 2.78 67.04
N VAL G 504 20.92 2.44 66.65
CA VAL G 504 19.92 3.51 66.57
C VAL G 504 18.69 3.19 67.36
N LEU G 505 18.06 4.23 67.89
CA LEU G 505 16.81 4.11 68.61
C LEU G 505 15.69 4.68 67.76
N CYS G 506 14.65 3.89 67.55
CA CYS G 506 13.52 4.29 66.72
C CYS G 506 12.23 4.26 67.49
N VAL G 507 11.49 5.34 67.47
CA VAL G 507 10.26 5.45 68.25
C VAL G 507 9.11 5.92 67.36
N ASN G 508 8.00 5.22 67.42
CA ASN G 508 6.91 5.46 66.48
C ASN G 508 5.57 5.57 67.15
N ASN G 509 4.83 6.63 66.85
CA ASN G 509 3.53 6.81 67.47
C ASN G 509 2.41 6.38 66.56
N LEU G 510 1.64 5.42 67.01
CA LEU G 510 0.62 4.89 66.15
C LEU G 510 -0.70 5.62 66.36
N SER G 511 -0.76 6.40 67.43
CA SER G 511 -1.95 7.17 67.74
C SER G 511 -2.00 8.47 66.97
N ARG G 512 -3.20 8.99 66.73
CA ARG G 512 -3.33 10.23 65.99
C ARG G 512 -3.27 11.41 66.93
N PHE G 513 -3.16 11.12 68.22
CA PHE G 513 -3.02 12.16 69.23
C PHE G 513 -1.59 12.17 69.70
N PRO G 514 -1.12 13.29 70.24
CA PRO G 514 0.21 13.26 70.84
C PRO G 514 0.31 12.23 71.96
N GLN G 515 1.44 11.54 72.08
CA GLN G 515 1.63 10.49 73.09
C GLN G 515 2.99 10.58 73.77
N PRO G 516 3.03 10.35 75.09
CA PRO G 516 4.30 10.17 75.80
C PRO G 516 4.75 8.72 75.77
N VAL G 517 6.04 8.47 75.71
CA VAL G 517 6.54 7.13 75.90
C VAL G 517 7.71 7.26 76.85
N GLU G 518 7.77 6.36 77.82
CA GLU G 518 8.86 6.31 78.78
C GLU G 518 9.73 5.09 78.58
N LEU G 519 11.00 5.30 78.28
CA LEU G 519 11.87 4.18 77.95
C LEU G 519 12.92 3.94 79.01
N ASP G 520 13.19 2.68 79.31
CA ASP G 520 14.31 2.33 80.15
C ASP G 520 15.48 2.11 79.22
N LEU G 521 16.36 3.08 79.12
CA LEU G 521 17.47 2.99 78.19
C LEU G 521 18.79 2.77 78.92
N ARG G 522 18.73 2.10 80.07
CA ARG G 522 19.92 2.06 80.92
C ARG G 522 21.05 1.29 80.28
N ARG G 523 20.71 0.38 79.39
CA ARG G 523 21.73 -0.32 78.65
C ARG G 523 22.60 0.66 77.87
N PHE G 524 22.07 1.86 77.64
CA PHE G 524 22.75 2.92 76.92
C PHE G 524 23.05 4.08 77.85
N GLU G 525 23.18 3.83 79.14
CA GLU G 525 23.42 4.92 80.10
C GLU G 525 24.67 5.73 79.79
N GLY G 526 24.54 7.05 79.82
CA GLY G 526 25.67 7.92 79.54
C GLY G 526 25.70 8.43 78.13
N CYS G 527 25.03 7.70 77.23
CA CYS G 527 24.97 8.06 75.82
C CYS G 527 24.18 9.33 75.62
N THR G 528 24.60 10.08 74.61
CA THR G 528 23.95 11.30 74.16
C THR G 528 23.26 11.02 72.85
N PRO G 529 21.94 10.85 72.88
CA PRO G 529 21.21 10.55 71.66
C PRO G 529 21.33 11.70 70.67
N VAL G 530 21.56 11.40 69.42
CA VAL G 530 21.61 12.45 68.40
C VAL G 530 20.46 12.26 67.44
N GLU G 531 19.61 13.26 67.30
CA GLU G 531 18.48 13.12 66.40
C GLU G 531 18.94 13.25 64.96
N CYS G 532 18.49 12.34 64.10
CA CYS G 532 19.03 12.20 62.74
C CYS G 532 18.66 13.32 61.78
N MET G 533 17.42 13.76 61.80
CA MET G 533 16.97 14.75 60.84
C MET G 533 17.75 16.04 60.98
N GLY G 534 17.99 16.46 62.20
CA GLY G 534 18.62 17.74 62.42
C GLY G 534 19.96 17.73 63.10
N GLY G 535 20.39 16.58 63.58
CA GLY G 535 21.68 16.48 64.20
C GLY G 535 21.76 17.12 65.58
N VAL G 536 20.63 17.40 66.18
CA VAL G 536 20.65 17.94 67.54
C VAL G 536 20.86 16.86 68.57
N GLN G 537 21.76 17.12 69.50
CA GLN G 537 22.03 16.17 70.56
C GLN G 537 21.07 16.34 71.73
N PHE G 538 20.43 15.24 72.10
CA PHE G 538 19.45 15.24 73.17
C PHE G 538 20.12 15.00 74.52
N PRO G 539 19.40 15.25 75.61
CA PRO G 539 20.05 15.03 76.91
C PRO G 539 20.56 13.62 77.14
N ALA G 540 21.62 13.53 77.92
CA ALA G 540 22.24 12.26 78.22
C ALA G 540 21.27 11.31 78.92
N ILE G 541 21.36 10.03 78.60
CA ILE G 541 20.54 9.01 79.19
C ILE G 541 21.01 8.71 80.59
N GLY G 542 20.11 8.88 81.55
CA GLY G 542 20.34 8.58 82.95
C GLY G 542 19.79 7.26 83.47
N GLU G 543 19.48 7.25 84.76
CA GLU G 543 19.05 6.03 85.45
C GLU G 543 17.56 5.92 85.34
N LEU G 544 16.90 7.07 85.33
CA LEU G 544 15.46 7.11 85.33
C LEU G 544 14.97 7.00 83.90
N PRO G 545 13.72 6.54 83.73
CA PRO G 545 13.14 6.40 82.40
C PRO G 545 13.23 7.66 81.59
N TYR G 546 13.54 7.48 80.32
CA TYR G 546 13.72 8.59 79.40
C TYR G 546 12.38 8.89 78.73
N LEU G 547 11.99 10.15 78.78
CA LEU G 547 10.71 10.58 78.24
C LEU G 547 10.81 11.16 76.83
N LEU G 548 10.24 10.47 75.85
CA LEU G 548 10.12 11.03 74.53
C LEU G 548 8.66 11.36 74.25
N THR G 549 8.40 12.54 73.70
CA THR G 549 7.06 12.94 73.35
C THR G 549 6.90 13.04 71.87
N LEU G 550 5.89 12.37 71.34
CA LEU G 550 5.66 12.38 69.92
C LEU G 550 4.34 13.04 69.52
N PRO G 551 4.32 13.68 68.37
CA PRO G 551 3.04 14.18 67.90
C PRO G 551 2.23 13.05 67.30
N GLY G 552 0.99 13.32 66.93
CA GLY G 552 0.16 12.32 66.32
C GLY G 552 0.74 11.73 65.07
N HIS G 553 0.88 10.41 65.07
CA HIS G 553 1.50 9.65 63.98
C HIS G 553 2.94 10.05 63.73
N GLY G 554 3.64 10.54 64.75
CA GLY G 554 5.03 10.97 64.61
C GLY G 554 6.07 9.88 64.79
N PHE G 555 7.32 10.21 64.54
CA PHE G 555 8.37 9.21 64.71
C PHE G 555 9.70 9.91 64.95
N TYR G 556 10.63 9.26 65.62
CA TYR G 556 12.00 9.79 65.70
C TYR G 556 13.05 8.74 65.42
N TRP G 557 14.16 9.16 64.83
CA TRP G 557 15.31 8.29 64.79
C TRP G 557 16.39 8.92 65.62
N PHE G 558 16.94 8.14 66.55
CA PHE G 558 18.08 8.62 67.32
C PHE G 558 19.28 7.74 67.11
N VAL G 559 20.41 8.36 66.87
CA VAL G 559 21.66 7.62 66.94
C VAL G 559 22.15 7.62 68.38
N LEU G 560 22.77 6.53 68.79
CA LEU G 560 23.37 6.47 70.10
C LEU G 560 24.87 6.43 69.92
N PRO H 17 -9.14 -53.00 4.24
CA PRO H 17 -10.42 -52.73 3.56
C PRO H 17 -10.46 -53.42 2.19
N ARG H 18 -11.57 -54.06 1.83
CA ARG H 18 -11.66 -54.71 0.51
C ARG H 18 -12.71 -54.07 -0.41
N ASP H 19 -12.46 -54.13 -1.72
CA ASP H 19 -13.35 -53.50 -2.68
C ASP H 19 -13.42 -54.21 -4.02
N PRO H 20 -14.31 -55.20 -4.15
CA PRO H 20 -14.42 -56.08 -5.33
C PRO H 20 -14.91 -55.39 -6.60
N TYR H 21 -15.63 -54.28 -6.46
CA TYR H 21 -16.22 -53.62 -7.62
C TYR H 21 -15.69 -52.19 -7.76
N TRP H 22 -14.39 -52.03 -7.53
CA TRP H 22 -13.71 -50.74 -7.57
C TRP H 22 -13.82 -50.07 -8.94
N TYR H 23 -13.85 -50.89 -9.98
CA TYR H 23 -13.89 -50.38 -11.35
C TYR H 23 -15.16 -49.60 -11.67
N LYS H 24 -16.15 -49.69 -10.80
CA LYS H 24 -17.39 -49.00 -11.10
C LYS H 24 -17.26 -47.50 -10.85
N HIS H 25 -16.33 -47.10 -10.00
CA HIS H 25 -16.10 -45.67 -9.77
C HIS H 25 -14.72 -45.27 -10.25
N ALA H 26 -14.16 -46.04 -11.17
CA ALA H 26 -12.81 -45.77 -11.63
C ALA H 26 -12.80 -44.84 -12.83
N VAL H 27 -11.76 -44.00 -12.89
CA VAL H 27 -11.43 -43.30 -14.12
C VAL H 27 -10.13 -43.90 -14.59
N PHE H 28 -10.11 -44.45 -15.79
CA PHE H 28 -8.92 -45.12 -16.28
C PHE H 28 -8.08 -44.13 -17.10
N TYR H 29 -6.79 -44.40 -17.17
CA TYR H 29 -5.89 -43.57 -17.94
C TYR H 29 -5.10 -44.47 -18.85
N GLU H 30 -5.37 -44.43 -20.14
CA GLU H 30 -4.67 -45.29 -21.07
C GLU H 30 -3.33 -44.70 -21.54
N VAL H 31 -2.24 -45.43 -21.37
CA VAL H 31 -0.94 -44.88 -21.68
C VAL H 31 -0.10 -45.79 -22.55
N LEU H 32 0.55 -45.22 -23.55
CA LEU H 32 1.55 -45.91 -24.32
C LEU H 32 2.87 -45.74 -23.60
N VAL H 33 3.34 -46.81 -22.96
CA VAL H 33 4.61 -46.76 -22.24
C VAL H 33 5.72 -46.24 -23.13
N ARG H 34 5.73 -46.73 -24.37
CA ARG H 34 6.72 -46.35 -25.37
C ARG H 34 6.82 -44.84 -25.54
N GLY H 35 5.73 -44.14 -25.24
CA GLY H 35 5.64 -42.72 -25.50
C GLY H 35 5.36 -41.78 -24.34
N PHE H 36 5.41 -42.26 -23.10
CA PHE H 36 5.06 -41.43 -21.97
C PHE H 36 6.28 -40.74 -21.37
N SER H 37 7.31 -41.51 -21.00
CA SER H 37 8.54 -40.89 -20.52
C SER H 37 9.78 -41.73 -20.70
N ASP H 38 10.85 -41.11 -21.15
CA ASP H 38 12.11 -41.80 -21.41
C ASP H 38 13.07 -41.42 -20.31
N SER H 39 13.40 -42.38 -19.46
CA SER H 39 14.29 -42.12 -18.35
C SER H 39 15.72 -42.43 -18.76
N ASN H 40 15.86 -43.55 -19.44
CA ASN H 40 17.13 -44.04 -19.96
C ASN H 40 17.79 -43.17 -21.05
N ASP H 41 17.02 -42.29 -21.68
CA ASP H 41 17.47 -41.45 -22.82
C ASP H 41 17.82 -42.14 -24.17
N ASP H 42 17.13 -43.22 -24.53
CA ASP H 42 17.39 -43.89 -25.82
C ASP H 42 16.37 -43.56 -26.90
N GLY H 43 15.42 -42.69 -26.60
CA GLY H 43 14.44 -42.29 -27.59
C GLY H 43 13.16 -43.11 -27.53
N THR H 44 13.10 -44.06 -26.61
CA THR H 44 11.92 -44.87 -26.39
C THR H 44 11.55 -44.79 -24.92
N GLY H 45 10.28 -44.56 -24.63
CA GLY H 45 9.79 -44.48 -23.26
C GLY H 45 9.86 -45.80 -22.51
N ASP H 46 9.93 -45.77 -21.18
CA ASP H 46 10.21 -46.99 -20.43
C ASP H 46 9.31 -47.07 -19.24
N LEU H 47 9.24 -48.27 -18.65
CA LEU H 47 8.49 -48.45 -17.42
C LEU H 47 9.06 -47.57 -16.32
N ARG H 48 10.38 -47.37 -16.33
CA ARG H 48 11.00 -46.52 -15.31
C ARG H 48 10.46 -45.11 -15.36
N GLY H 49 10.38 -44.58 -16.57
CA GLY H 49 9.84 -43.25 -16.80
C GLY H 49 8.41 -43.14 -16.29
N LEU H 50 7.61 -44.16 -16.57
CA LEU H 50 6.22 -44.18 -16.11
C LEU H 50 6.15 -44.11 -14.60
N ILE H 51 6.99 -44.90 -13.93
CA ILE H 51 7.07 -44.85 -12.49
C ILE H 51 7.41 -43.46 -12.02
N ASN H 52 8.35 -42.83 -12.71
CA ASN H 52 8.81 -41.49 -12.35
C ASN H 52 7.73 -40.44 -12.55
N ARG H 53 6.71 -40.78 -13.35
CA ARG H 53 5.65 -39.83 -13.68
C ARG H 53 4.38 -40.10 -12.89
N LEU H 54 4.43 -41.07 -11.99
CA LEU H 54 3.30 -41.45 -11.18
C LEU H 54 2.78 -40.31 -10.34
N ASP H 55 3.67 -39.39 -10.01
CA ASP H 55 3.25 -38.26 -9.19
C ASP H 55 2.27 -37.40 -9.96
N TYR H 56 2.40 -37.36 -11.28
CA TYR H 56 1.51 -36.56 -12.11
C TYR H 56 0.15 -37.22 -12.19
N LEU H 57 0.15 -38.51 -12.49
CA LEU H 57 -1.10 -39.26 -12.61
C LEU H 57 -1.88 -39.18 -11.32
N GLN H 58 -1.18 -39.09 -10.20
CA GLN H 58 -1.84 -38.94 -8.90
C GLN H 58 -2.47 -37.57 -8.81
N TRP H 59 -1.74 -36.59 -9.31
CA TRP H 59 -2.22 -35.23 -9.27
C TRP H 59 -3.45 -35.07 -10.13
N LEU H 60 -3.48 -35.77 -11.25
CA LEU H 60 -4.59 -35.70 -12.20
C LEU H 60 -5.85 -36.29 -11.57
N GLY H 61 -5.69 -37.40 -10.86
CA GLY H 61 -6.79 -37.96 -10.10
C GLY H 61 -7.33 -39.26 -10.67
N ILE H 62 -6.61 -39.85 -11.61
CA ILE H 62 -7.11 -41.06 -12.20
C ILE H 62 -6.95 -42.19 -11.19
N ASP H 63 -7.67 -43.29 -11.41
CA ASP H 63 -7.75 -44.37 -10.43
C ASP H 63 -7.03 -45.62 -10.92
N CYS H 64 -6.83 -45.71 -12.23
CA CYS H 64 -6.25 -46.91 -12.79
C CYS H 64 -5.48 -46.64 -14.07
N ILE H 65 -4.23 -47.08 -14.12
CA ILE H 65 -3.42 -46.99 -15.31
C ILE H 65 -3.68 -48.18 -16.18
N TRP H 66 -3.92 -47.94 -17.45
CA TRP H 66 -4.15 -49.02 -18.38
C TRP H 66 -3.03 -49.01 -19.42
N LEU H 67 -2.23 -50.06 -19.42
CA LEU H 67 -1.08 -50.11 -20.31
C LEU H 67 -1.40 -50.70 -21.66
N LEU H 68 -1.01 -50.00 -22.71
CA LEU H 68 -1.03 -50.60 -24.01
C LEU H 68 -0.02 -51.72 -23.99
N PRO H 69 -0.20 -52.72 -24.87
CA PRO H 69 0.65 -53.92 -24.89
C PRO H 69 2.13 -53.64 -24.84
N ILE H 70 2.82 -54.25 -23.90
CA ILE H 70 4.27 -54.10 -23.79
C ILE H 70 5.05 -55.40 -23.93
N TYR H 71 4.35 -56.49 -24.28
CA TYR H 71 4.98 -57.80 -24.37
C TYR H 71 5.96 -57.77 -25.53
N GLN H 72 6.96 -58.65 -25.51
CA GLN H 72 7.83 -58.74 -26.68
C GLN H 72 7.00 -59.16 -27.87
N SER H 73 7.30 -58.52 -28.99
CA SER H 73 6.51 -58.56 -30.20
C SER H 73 7.38 -58.19 -31.38
N PRO H 74 7.09 -58.76 -32.55
CA PRO H 74 7.80 -58.32 -33.75
C PRO H 74 7.37 -56.91 -34.14
N LEU H 75 6.37 -56.40 -33.43
CA LEU H 75 5.83 -55.08 -33.68
C LEU H 75 5.39 -54.92 -35.12
N ARG H 76 4.66 -55.89 -35.65
CA ARG H 76 4.16 -55.77 -37.00
C ARG H 76 2.72 -55.29 -37.02
N ASP H 77 2.10 -55.23 -35.85
CA ASP H 77 0.76 -54.69 -35.76
C ASP H 77 0.54 -54.03 -34.40
N GLY H 78 1.37 -53.04 -34.13
CA GLY H 78 1.23 -52.24 -32.93
C GLY H 78 1.55 -52.95 -31.64
N GLY H 79 2.12 -54.15 -31.74
CA GLY H 79 2.43 -54.89 -30.54
C GLY H 79 1.26 -55.70 -30.06
N TYR H 80 0.21 -55.77 -30.88
CA TYR H 80 -0.94 -56.61 -30.57
C TYR H 80 -0.68 -58.00 -31.12
N ASP H 81 0.50 -58.14 -31.71
CA ASP H 81 0.99 -59.41 -32.21
C ASP H 81 2.08 -59.92 -31.28
N ILE H 82 1.66 -60.68 -30.28
CA ILE H 82 2.56 -61.04 -29.21
C ILE H 82 3.34 -62.26 -29.59
N SER H 83 4.63 -62.18 -29.41
CA SER H 83 5.46 -63.32 -29.73
C SER H 83 5.81 -64.02 -28.44
N ASP H 84 5.67 -63.35 -27.29
CA ASP H 84 5.85 -64.08 -26.04
C ASP H 84 5.22 -63.36 -24.82
N TYR H 85 4.19 -64.00 -24.25
CA TYR H 85 3.30 -63.43 -23.21
C TYR H 85 3.90 -63.09 -21.86
N THR H 86 5.07 -63.63 -21.55
CA THR H 86 5.64 -63.39 -20.23
C THR H 86 6.98 -62.71 -20.27
N LYS H 87 7.41 -62.29 -21.45
CA LYS H 87 8.64 -61.53 -21.52
C LYS H 87 8.32 -60.12 -21.97
N ILE H 88 8.90 -59.13 -21.28
CA ILE H 88 8.72 -57.72 -21.62
C ILE H 88 9.71 -57.26 -22.68
N LEU H 89 9.19 -56.58 -23.70
CA LEU H 89 10.01 -56.01 -24.75
C LEU H 89 11.15 -55.22 -24.11
N PRO H 90 12.38 -55.56 -24.48
CA PRO H 90 13.59 -55.11 -23.78
C PRO H 90 13.70 -53.60 -23.64
N GLU H 91 13.25 -52.88 -24.65
CA GLU H 91 13.19 -51.42 -24.65
C GLU H 91 12.39 -50.78 -23.52
N PHE H 92 11.45 -51.50 -22.94
CA PHE H 92 10.58 -50.89 -21.94
C PHE H 92 11.07 -51.16 -20.55
N GLY H 93 12.07 -52.03 -20.45
CA GLY H 93 12.60 -52.41 -19.16
C GLY H 93 12.44 -53.89 -18.92
N ASP H 94 12.49 -54.27 -17.66
CA ASP H 94 12.33 -55.66 -17.30
C ASP H 94 11.18 -55.82 -16.33
N LEU H 95 10.94 -57.06 -15.99
CA LEU H 95 9.85 -57.49 -15.15
C LEU H 95 10.03 -56.97 -13.73
N GLY H 96 11.27 -56.66 -13.38
CA GLY H 96 11.53 -56.08 -12.08
C GLY H 96 10.95 -54.68 -12.07
N ASP H 97 11.13 -53.97 -13.18
CA ASP H 97 10.54 -52.65 -13.37
C ASP H 97 9.01 -52.70 -13.31
N PHE H 98 8.41 -53.69 -13.96
CA PHE H 98 6.96 -53.81 -13.98
C PHE H 98 6.40 -53.95 -12.57
N VAL H 99 7.06 -54.78 -11.76
CA VAL H 99 6.64 -55.02 -10.40
C VAL H 99 6.74 -53.77 -9.54
N GLU H 100 7.81 -53.01 -9.72
CA GLU H 100 7.98 -51.79 -8.95
C GLU H 100 6.85 -50.82 -9.31
N LEU H 101 6.49 -50.81 -10.59
CA LEU H 101 5.43 -49.95 -11.09
C LEU H 101 4.12 -50.27 -10.43
N VAL H 102 3.79 -51.56 -10.41
CA VAL H 102 2.53 -51.95 -9.84
C VAL H 102 2.50 -51.55 -8.39
N ASP H 103 3.64 -51.69 -7.72
CA ASP H 103 3.69 -51.39 -6.30
C ASP H 103 3.58 -49.93 -5.92
N GLU H 104 4.34 -49.07 -6.58
CA GLU H 104 4.31 -47.68 -6.18
C GLU H 104 3.02 -47.02 -6.72
N ALA H 105 2.47 -47.56 -7.79
CA ALA H 105 1.17 -47.08 -8.24
C ALA H 105 0.20 -47.44 -7.13
N HIS H 106 0.27 -48.68 -6.66
CA HIS H 106 -0.57 -49.14 -5.57
C HIS H 106 -0.38 -48.25 -4.35
N ARG H 107 0.88 -47.94 -4.05
CA ARG H 107 1.16 -47.06 -2.94
C ARG H 107 0.44 -45.72 -3.11
N ARG H 108 0.14 -45.31 -4.35
CA ARG H 108 -0.50 -44.01 -4.55
C ARG H 108 -1.99 -44.13 -4.77
N GLY H 109 -2.53 -45.34 -4.65
CA GLY H 109 -3.97 -45.54 -4.78
C GLY H 109 -4.42 -45.73 -6.21
N ILE H 110 -3.46 -46.04 -7.07
CA ILE H 110 -3.69 -46.22 -8.50
C ILE H 110 -3.46 -47.65 -8.88
N ARG H 111 -4.40 -48.26 -9.58
CA ARG H 111 -4.25 -49.65 -9.99
C ARG H 111 -3.65 -49.75 -11.39
N VAL H 112 -3.39 -50.96 -11.85
CA VAL H 112 -2.82 -51.18 -13.17
C VAL H 112 -3.50 -52.34 -13.89
N ILE H 113 -3.93 -52.13 -15.12
CA ILE H 113 -4.40 -53.21 -15.97
C ILE H 113 -3.67 -53.12 -17.28
N ALA H 114 -3.76 -54.17 -18.09
CA ALA H 114 -3.07 -54.20 -19.36
C ALA H 114 -3.89 -54.90 -20.42
N ASP H 115 -3.65 -54.51 -21.67
CA ASP H 115 -4.21 -55.22 -22.82
C ASP H 115 -3.56 -56.58 -22.86
N LEU H 116 -4.32 -57.57 -23.30
CA LEU H 116 -3.75 -58.88 -23.56
C LEU H 116 -4.52 -59.52 -24.71
N VAL H 117 -3.83 -59.93 -25.77
CA VAL H 117 -4.52 -60.52 -26.90
C VAL H 117 -4.79 -62.00 -26.66
N MET H 118 -6.05 -62.35 -26.41
CA MET H 118 -6.42 -63.71 -26.03
C MET H 118 -6.60 -64.64 -27.19
N ASN H 119 -7.09 -64.08 -28.30
CA ASN H 119 -7.56 -64.87 -29.44
C ASN H 119 -6.48 -65.38 -30.36
N HIS H 120 -5.44 -64.59 -30.59
CA HIS H 120 -4.44 -65.01 -31.55
C HIS H 120 -3.07 -64.71 -30.98
N THR H 121 -2.06 -65.21 -31.64
CA THR H 121 -0.70 -64.99 -31.22
C THR H 121 0.11 -64.50 -32.43
N SER H 122 1.31 -63.95 -32.25
CA SER H 122 2.13 -63.66 -33.42
C SER H 122 2.62 -64.95 -34.00
N ASP H 123 2.94 -64.98 -35.28
CA ASP H 123 3.53 -66.17 -35.84
C ASP H 123 4.98 -66.39 -35.36
N GLN H 124 5.60 -65.37 -34.75
CA GLN H 124 6.98 -65.51 -34.30
C GLN H 124 7.07 -66.07 -32.87
N HIS H 125 5.90 -66.39 -32.33
CA HIS H 125 5.76 -67.07 -31.06
C HIS H 125 6.14 -68.53 -31.16
N PRO H 126 6.94 -69.01 -30.22
CA PRO H 126 7.38 -70.40 -30.24
C PRO H 126 6.24 -71.37 -30.46
N TRP H 127 5.10 -71.16 -29.81
CA TRP H 127 3.99 -72.09 -29.93
C TRP H 127 3.58 -72.28 -31.37
N PHE H 128 3.63 -71.21 -32.16
CA PHE H 128 3.26 -71.38 -33.55
C PHE H 128 4.21 -72.23 -34.37
N GLN H 129 5.41 -71.71 -34.65
CA GLN H 129 6.41 -72.45 -35.41
C GLN H 129 6.83 -73.76 -34.76
N ALA H 130 6.78 -73.83 -33.44
CA ALA H 130 7.07 -75.10 -32.80
C ALA H 130 5.76 -75.87 -32.70
N SER H 131 5.08 -75.93 -33.84
CA SER H 131 3.86 -76.72 -34.01
C SER H 131 3.58 -76.97 -35.48
N ARG H 132 4.54 -76.61 -36.35
CA ARG H 132 4.81 -77.48 -37.49
C ARG H 132 6.27 -77.91 -37.36
N THR H 133 6.87 -77.60 -36.22
CA THR H 133 8.18 -78.14 -35.93
C THR H 133 7.83 -79.57 -35.54
N ASP H 134 6.70 -79.68 -34.85
CA ASP H 134 6.13 -80.95 -34.43
C ASP H 134 4.65 -80.95 -34.75
N PRO H 135 4.29 -81.21 -36.02
CA PRO H 135 2.85 -81.23 -36.36
C PRO H 135 2.05 -82.24 -35.52
N ASP H 136 2.74 -83.20 -34.93
CA ASP H 136 2.14 -84.19 -34.04
C ASP H 136 2.48 -83.88 -32.57
N GLY H 137 3.43 -82.97 -32.33
CA GLY H 137 4.05 -82.88 -31.02
C GLY H 137 3.12 -82.18 -30.04
N PRO H 138 3.66 -81.60 -28.94
CA PRO H 138 2.70 -81.10 -27.92
C PRO H 138 1.89 -79.82 -28.26
N TYR H 139 2.48 -78.95 -29.08
CA TYR H 139 1.87 -77.68 -29.42
C TYR H 139 1.25 -77.78 -30.79
N GLY H 140 1.54 -78.91 -31.40
CA GLY H 140 1.14 -79.25 -32.75
C GLY H 140 -0.31 -78.96 -33.10
N ASP H 141 -1.19 -79.10 -32.12
CA ASP H 141 -2.60 -78.81 -32.32
C ASP H 141 -3.06 -77.65 -31.39
N PHE H 142 -2.23 -76.63 -31.22
CA PHE H 142 -2.63 -75.48 -30.41
C PHE H 142 -3.33 -74.44 -31.26
N TYR H 143 -3.17 -74.54 -32.56
CA TYR H 143 -3.79 -73.63 -33.49
C TYR H 143 -4.73 -74.40 -34.39
N MET H 144 -5.53 -73.64 -35.12
CA MET H 144 -6.59 -74.18 -35.94
C MET H 144 -6.11 -74.52 -37.34
N TRP H 145 -5.96 -75.79 -37.69
CA TRP H 145 -5.59 -76.16 -39.08
C TRP H 145 -6.69 -76.98 -39.79
N SER H 146 -6.67 -76.98 -41.13
CA SER H 146 -7.63 -77.75 -41.97
C SER H 146 -7.02 -78.06 -43.33
N ASP H 147 -7.44 -79.18 -43.92
CA ASP H 147 -6.89 -79.57 -45.19
C ASP H 147 -7.49 -78.67 -46.23
N THR H 148 -8.81 -78.52 -46.20
CA THR H 148 -9.47 -77.67 -47.17
C THR H 148 -9.18 -76.27 -46.72
N ASP H 149 -9.15 -75.32 -47.64
CA ASP H 149 -9.02 -73.95 -47.20
C ASP H 149 -10.39 -73.31 -47.20
N ASP H 150 -11.40 -74.11 -47.49
CA ASP H 150 -12.78 -73.68 -47.27
C ASP H 150 -13.36 -74.46 -46.13
N LYS H 151 -13.66 -73.75 -45.07
CA LYS H 151 -14.21 -74.31 -43.86
C LYS H 151 -14.71 -73.09 -43.12
N TYR H 152 -15.68 -73.26 -42.24
CA TYR H 152 -16.31 -72.11 -41.59
C TYR H 152 -16.79 -71.13 -42.66
N PRO H 153 -17.65 -71.62 -43.59
CA PRO H 153 -18.14 -70.97 -44.82
C PRO H 153 -17.87 -69.49 -44.80
N ASP H 154 -18.85 -68.66 -44.51
CA ASP H 154 -18.52 -67.26 -44.54
C ASP H 154 -18.36 -66.70 -43.13
N ALA H 155 -17.13 -66.75 -42.64
CA ALA H 155 -16.76 -65.91 -41.53
C ALA H 155 -16.34 -64.67 -42.27
N ARG H 156 -16.97 -63.54 -41.99
CA ARG H 156 -16.55 -62.33 -42.66
C ARG H 156 -15.08 -62.05 -42.38
N ILE H 157 -14.43 -61.41 -43.35
CA ILE H 157 -13.08 -60.92 -43.20
C ILE H 157 -13.04 -59.49 -42.68
N ILE H 158 -12.37 -59.30 -41.56
CA ILE H 158 -12.29 -57.98 -40.95
C ILE H 158 -11.44 -57.02 -41.80
N PHE H 159 -10.23 -57.42 -42.16
CA PHE H 159 -9.34 -56.57 -42.95
C PHE H 159 -9.46 -56.88 -44.45
N VAL H 160 -10.63 -56.61 -45.02
CA VAL H 160 -10.94 -57.01 -46.39
C VAL H 160 -10.04 -56.37 -47.46
N ASP H 161 -9.35 -55.30 -47.09
CA ASP H 161 -8.52 -54.58 -48.04
C ASP H 161 -7.11 -55.14 -48.05
N THR H 162 -6.79 -55.94 -47.05
CA THR H 162 -5.45 -56.46 -46.90
C THR H 162 -5.39 -57.95 -47.15
N GLU H 163 -6.46 -58.62 -46.76
CA GLU H 163 -6.52 -60.08 -46.83
C GLU H 163 -7.81 -60.62 -47.46
N VAL H 164 -7.64 -61.50 -48.44
CA VAL H 164 -8.75 -62.04 -49.20
C VAL H 164 -9.49 -63.19 -48.52
N SER H 165 -8.78 -63.99 -47.72
CA SER H 165 -9.40 -65.08 -46.97
C SER H 165 -9.08 -65.07 -45.48
N ASN H 166 -9.74 -65.94 -44.74
CA ASN H 166 -9.41 -66.18 -43.34
C ASN H 166 -8.57 -67.46 -43.22
N TRP H 167 -8.20 -68.03 -44.36
CA TRP H 167 -7.31 -69.19 -44.40
C TRP H 167 -6.06 -68.90 -45.22
N THR H 168 -4.92 -69.38 -44.74
CA THR H 168 -3.66 -69.20 -45.45
C THR H 168 -2.81 -70.48 -45.48
N TYR H 177 -3.98 -71.97 -42.19
CA TYR H 177 -4.03 -71.58 -40.79
C TYR H 177 -5.45 -71.46 -40.33
N TRP H 178 -5.85 -70.19 -40.26
CA TRP H 178 -7.09 -69.62 -39.75
C TRP H 178 -6.61 -68.40 -39.00
N HIS H 179 -7.13 -67.27 -39.42
CA HIS H 179 -6.76 -66.00 -38.86
C HIS H 179 -7.89 -65.02 -39.08
N ARG H 180 -8.44 -64.49 -38.01
CA ARG H 180 -9.48 -63.52 -38.22
C ARG H 180 -8.83 -62.17 -38.38
N PHE H 181 -7.57 -62.08 -37.97
CA PHE H 181 -6.81 -60.85 -38.11
C PHE H 181 -5.81 -61.02 -39.24
N PHE H 182 -4.62 -60.44 -39.11
CA PHE H 182 -3.63 -60.49 -40.19
C PHE H 182 -2.88 -61.83 -40.26
N SER H 183 -2.38 -62.17 -41.45
CA SER H 183 -1.66 -63.43 -41.68
C SER H 183 -0.32 -63.57 -40.98
N HIS H 184 -0.26 -63.18 -39.72
CA HIS H 184 0.94 -63.33 -38.94
C HIS H 184 0.42 -63.35 -37.53
N GLN H 185 -0.90 -63.41 -37.46
CA GLN H 185 -1.62 -63.51 -36.21
C GLN H 185 -2.59 -64.68 -36.28
N PRO H 186 -2.08 -65.91 -36.25
CA PRO H 186 -2.95 -67.08 -36.35
C PRO H 186 -3.80 -67.27 -35.11
N ASP H 187 -5.07 -67.56 -35.31
CA ASP H 187 -5.95 -67.79 -34.19
C ASP H 187 -5.57 -69.08 -33.52
N LEU H 188 -5.92 -69.18 -32.24
CA LEU H 188 -5.65 -70.36 -31.42
C LEU H 188 -6.85 -71.30 -31.36
N ASN H 189 -6.58 -72.61 -31.41
CA ASN H 189 -7.64 -73.61 -31.33
C ASN H 189 -8.19 -73.73 -29.94
N TYR H 190 -9.33 -73.09 -29.68
CA TYR H 190 -9.88 -73.08 -28.33
C TYR H 190 -10.79 -74.26 -27.97
N ASP H 191 -10.94 -75.23 -28.86
CA ASP H 191 -11.63 -76.47 -28.51
C ASP H 191 -10.67 -77.35 -27.74
N ASN H 192 -9.40 -77.03 -27.87
CA ASN H 192 -8.34 -77.75 -27.22
C ASN H 192 -8.24 -77.43 -25.72
N PRO H 193 -8.39 -78.42 -24.85
CA PRO H 193 -8.17 -78.13 -23.43
C PRO H 193 -6.74 -77.67 -23.19
N ALA H 194 -5.82 -78.00 -24.09
CA ALA H 194 -4.40 -77.64 -23.98
C ALA H 194 -4.14 -76.14 -24.27
N VAL H 195 -5.07 -75.45 -24.92
CA VAL H 195 -4.91 -74.01 -25.06
C VAL H 195 -5.54 -73.33 -23.83
N GLN H 196 -6.72 -73.80 -23.41
CA GLN H 196 -7.45 -73.26 -22.27
C GLN H 196 -6.54 -73.37 -21.07
N GLU H 197 -5.80 -74.48 -21.07
CA GLU H 197 -4.41 -74.61 -20.63
C GLU H 197 -3.61 -73.39 -21.10
N ALA H 198 -2.53 -73.59 -21.86
CA ALA H 198 -1.63 -72.56 -22.40
C ALA H 198 -2.02 -71.05 -22.39
N MET H 199 -3.28 -70.67 -22.65
CA MET H 199 -3.67 -69.25 -22.50
C MET H 199 -3.74 -69.14 -20.98
N LEU H 200 -3.40 -70.29 -20.45
CA LEU H 200 -2.58 -70.43 -19.29
C LEU H 200 -3.61 -70.10 -18.28
N GLU H 201 -3.94 -68.82 -18.03
CA GLU H 201 -3.83 -68.36 -16.68
C GLU H 201 -2.66 -67.46 -17.00
N VAL H 202 -2.56 -66.92 -18.22
CA VAL H 202 -1.31 -66.20 -18.55
C VAL H 202 -1.08 -65.18 -17.51
N LEU H 203 -2.21 -64.57 -17.34
CA LEU H 203 -2.81 -64.18 -16.10
C LEU H 203 -2.02 -64.61 -14.87
N ARG H 204 -1.46 -65.83 -14.82
CA ARG H 204 -0.70 -66.22 -13.64
C ARG H 204 0.37 -65.22 -13.47
N PHE H 205 1.22 -65.22 -14.49
CA PHE H 205 2.43 -64.48 -14.43
C PHE H 205 2.12 -63.05 -14.04
N TRP H 206 1.23 -62.42 -14.77
CA TRP H 206 0.98 -61.02 -14.53
C TRP H 206 0.14 -60.82 -13.27
N LEU H 207 -0.88 -61.64 -13.06
CA LEU H 207 -1.67 -61.52 -11.83
C LEU H 207 -0.77 -61.84 -10.65
N ASP H 208 0.24 -62.67 -10.87
CA ASP H 208 1.16 -63.00 -9.79
C ASP H 208 2.02 -61.79 -9.45
N LEU H 209 2.31 -60.96 -10.45
CA LEU H 209 3.15 -59.77 -10.23
C LEU H 209 2.37 -58.62 -9.60
N GLY H 210 1.05 -58.77 -9.56
CA GLY H 210 0.21 -57.81 -8.87
C GLY H 210 -0.71 -56.98 -9.75
N ILE H 211 -0.74 -57.29 -11.05
CA ILE H 211 -1.61 -56.55 -11.98
C ILE H 211 -3.05 -56.71 -11.56
N ASP H 212 -3.85 -55.68 -11.78
CA ASP H 212 -5.20 -55.70 -11.27
C ASP H 212 -6.20 -56.23 -12.29
N GLY H 213 -5.74 -56.57 -13.48
CA GLY H 213 -6.66 -57.12 -14.45
C GLY H 213 -6.20 -57.03 -15.88
N PHE H 214 -7.12 -57.32 -16.79
CA PHE H 214 -6.82 -57.28 -18.21
C PHE H 214 -7.94 -56.73 -19.04
N ARG H 215 -7.59 -56.20 -20.19
CA ARG H 215 -8.58 -56.05 -21.22
C ARG H 215 -8.32 -57.18 -22.16
N LEU H 216 -9.19 -58.17 -22.11
CA LEU H 216 -9.04 -59.33 -22.95
C LEU H 216 -9.42 -58.95 -24.37
N ASP H 217 -8.42 -58.96 -25.25
CA ASP H 217 -8.58 -58.46 -26.61
C ASP H 217 -9.03 -59.53 -27.58
N ALA H 218 -9.89 -59.14 -28.51
CA ALA H 218 -10.34 -60.02 -29.58
C ALA H 218 -11.12 -61.23 -29.07
N VAL H 219 -11.77 -61.10 -27.92
CA VAL H 219 -12.53 -62.22 -27.37
C VAL H 219 -13.80 -62.66 -28.12
N PRO H 220 -14.39 -61.83 -29.02
CA PRO H 220 -15.52 -62.44 -29.72
C PRO H 220 -15.17 -63.61 -30.65
N TYR H 221 -13.89 -63.79 -30.96
CA TYR H 221 -13.50 -64.71 -32.02
C TYR H 221 -12.79 -65.94 -31.50
N LEU H 222 -12.92 -66.19 -30.20
CA LEU H 222 -12.19 -67.27 -29.55
C LEU H 222 -12.53 -68.62 -30.17
N TYR H 223 -13.82 -68.92 -30.21
CA TYR H 223 -14.32 -70.18 -30.76
C TYR H 223 -14.90 -69.98 -32.15
N ALA H 224 -14.80 -71.00 -32.99
CA ALA H 224 -15.42 -70.93 -34.32
C ALA H 224 -16.32 -72.12 -34.63
N ARG H 225 -17.49 -71.79 -35.19
CA ARG H 225 -18.47 -72.76 -35.69
C ARG H 225 -19.57 -71.97 -36.40
N GLU H 226 -20.19 -72.51 -37.44
CA GLU H 226 -19.74 -73.58 -38.34
C GLU H 226 -20.76 -73.49 -39.44
N GLY H 227 -22.02 -73.54 -39.01
CA GLY H 227 -23.18 -73.26 -39.81
C GLY H 227 -23.52 -71.85 -39.44
N THR H 228 -22.71 -71.32 -38.52
CA THR H 228 -22.97 -70.01 -37.96
C THR H 228 -21.80 -69.07 -38.27
N ASN H 229 -21.81 -67.88 -37.69
CA ASN H 229 -20.83 -66.85 -38.05
C ASN H 229 -19.64 -66.70 -37.14
N CYS H 230 -18.96 -67.82 -36.90
CA CYS H 230 -17.68 -67.92 -36.20
C CYS H 230 -17.21 -66.77 -35.28
N GLU H 231 -18.14 -66.00 -34.75
CA GLU H 231 -17.87 -65.04 -33.69
C GLU H 231 -18.99 -65.05 -32.67
N ASN H 232 -18.69 -64.68 -31.43
CA ASN H 232 -19.72 -64.49 -30.40
C ASN H 232 -20.54 -65.71 -30.01
N LEU H 233 -19.91 -66.86 -30.16
CA LEU H 233 -20.50 -68.14 -29.88
C LEU H 233 -20.73 -68.31 -28.39
N PRO H 234 -21.80 -69.01 -28.01
CA PRO H 234 -22.05 -69.31 -26.59
C PRO H 234 -20.86 -70.06 -25.93
N GLU H 235 -20.05 -70.74 -26.75
CA GLU H 235 -18.86 -71.44 -26.25
C GLU H 235 -17.84 -70.48 -25.69
N THR H 236 -17.72 -69.33 -26.33
CA THR H 236 -16.80 -68.30 -25.88
C THR H 236 -17.27 -67.78 -24.54
N HIS H 237 -18.55 -67.47 -24.47
CA HIS H 237 -19.15 -66.97 -23.25
C HIS H 237 -18.97 -67.95 -22.08
N ALA H 238 -19.05 -69.24 -22.36
CA ALA H 238 -18.85 -70.24 -21.30
C ALA H 238 -17.40 -70.24 -20.81
N TYR H 239 -16.45 -70.14 -21.73
CA TYR H 239 -15.03 -70.13 -21.36
C TYR H 239 -14.66 -68.94 -20.49
N LEU H 240 -15.20 -67.78 -20.83
CA LEU H 240 -14.88 -66.58 -20.09
C LEU H 240 -15.40 -66.72 -18.67
N LYS H 241 -16.58 -67.30 -18.52
CA LYS H 241 -17.15 -67.57 -17.20
C LYS H 241 -16.20 -68.44 -16.37
N ARG H 242 -15.54 -69.38 -17.02
CA ARG H 242 -14.54 -70.17 -16.34
C ARG H 242 -13.37 -69.29 -15.90
N VAL H 243 -12.96 -68.41 -16.79
CA VAL H 243 -11.83 -67.54 -16.50
C VAL H 243 -12.15 -66.64 -15.31
N ARG H 244 -13.36 -66.10 -15.31
CA ARG H 244 -13.80 -65.27 -14.20
C ARG H 244 -13.86 -66.03 -12.90
N ALA H 245 -14.40 -67.23 -12.98
CA ALA H 245 -14.58 -68.11 -11.83
C ALA H 245 -13.25 -68.41 -11.18
N GLU H 246 -12.27 -68.71 -12.03
CA GLU H 246 -10.96 -69.10 -11.58
C GLU H 246 -10.27 -67.94 -10.91
N VAL H 247 -10.29 -66.78 -11.57
CA VAL H 247 -9.65 -65.58 -11.07
C VAL H 247 -10.27 -65.08 -9.78
N ASP H 248 -11.60 -65.00 -9.75
CA ASP H 248 -12.31 -64.57 -8.57
C ASP H 248 -11.96 -65.48 -7.39
N ARG H 249 -11.83 -66.76 -7.69
CA ARG H 249 -11.43 -67.77 -6.72
C ARG H 249 -9.98 -67.60 -6.26
N LEU H 250 -9.09 -67.43 -7.21
CA LEU H 250 -7.65 -67.48 -6.93
C LEU H 250 -7.03 -66.09 -6.60
N TYR H 251 -7.63 -64.99 -7.06
CA TYR H 251 -7.14 -63.62 -6.79
C TYR H 251 -8.22 -62.62 -6.41
N PRO H 252 -8.00 -61.87 -5.33
CA PRO H 252 -9.01 -60.89 -4.90
C PRO H 252 -9.04 -59.60 -5.73
N ASP H 253 -10.26 -59.06 -5.91
CA ASP H 253 -10.45 -57.71 -6.44
C ASP H 253 -9.80 -57.43 -7.79
N ARG H 254 -9.84 -58.37 -8.71
CA ARG H 254 -9.28 -58.14 -10.03
C ARG H 254 -10.43 -57.87 -10.98
N VAL H 255 -10.11 -57.34 -12.16
CA VAL H 255 -11.14 -57.00 -13.12
C VAL H 255 -10.82 -57.58 -14.47
N LEU H 256 -11.84 -58.14 -15.11
CA LEU H 256 -11.75 -58.55 -16.50
C LEU H 256 -12.69 -57.70 -17.35
N LEU H 257 -12.09 -57.02 -18.33
CA LEU H 257 -12.79 -56.21 -19.31
C LEU H 257 -12.77 -56.88 -20.67
N ALA H 258 -13.89 -56.84 -21.38
CA ALA H 258 -13.94 -57.43 -22.70
C ALA H 258 -13.77 -56.36 -23.77
N GLU H 259 -12.82 -56.58 -24.68
CA GLU H 259 -12.74 -55.74 -25.85
C GLU H 259 -13.54 -56.41 -26.96
N ALA H 260 -14.76 -55.95 -27.15
CA ALA H 260 -15.63 -56.53 -28.16
C ALA H 260 -16.16 -55.44 -29.05
N ASN H 261 -15.70 -55.45 -30.30
CA ASN H 261 -16.09 -54.46 -31.29
C ASN H 261 -17.49 -54.75 -31.84
N GLN H 262 -18.48 -54.73 -30.96
CA GLN H 262 -19.80 -55.17 -31.33
C GLN H 262 -20.90 -54.24 -30.88
N TRP H 263 -22.07 -54.43 -31.45
CA TRP H 263 -23.21 -53.60 -31.10
C TRP H 263 -23.65 -53.88 -29.67
N PRO H 264 -23.91 -52.84 -28.89
CA PRO H 264 -24.31 -52.95 -27.49
C PRO H 264 -25.67 -53.64 -27.40
N ALA H 265 -25.64 -54.95 -27.46
CA ALA H 265 -26.81 -55.78 -27.47
C ALA H 265 -26.26 -57.16 -27.60
N ASP H 266 -25.27 -57.23 -28.49
CA ASP H 266 -24.49 -58.42 -28.67
C ASP H 266 -23.44 -58.43 -27.60
N VAL H 267 -23.14 -57.24 -27.09
CA VAL H 267 -22.08 -57.09 -26.12
C VAL H 267 -22.60 -57.46 -24.75
N VAL H 268 -23.88 -57.21 -24.51
CA VAL H 268 -24.44 -57.38 -23.17
C VAL H 268 -24.23 -58.80 -22.62
N GLU H 269 -24.13 -59.79 -23.48
CA GLU H 269 -23.99 -61.12 -22.94
C GLU H 269 -22.57 -61.41 -22.42
N TYR H 270 -21.59 -60.58 -22.73
CA TYR H 270 -20.26 -60.84 -22.19
C TYR H 270 -20.26 -60.50 -20.72
N PHE H 271 -21.40 -60.03 -20.22
CA PHE H 271 -21.54 -59.75 -18.81
C PHE H 271 -22.02 -60.96 -18.00
N GLY H 272 -22.52 -61.99 -18.70
CA GLY H 272 -22.97 -63.23 -18.08
C GLY H 272 -24.44 -63.27 -17.64
N ASP H 273 -24.72 -64.07 -16.61
CA ASP H 273 -26.07 -64.24 -16.10
C ASP H 273 -26.45 -63.13 -15.13
N PRO H 274 -27.48 -62.34 -15.47
CA PRO H 274 -27.91 -61.21 -14.64
C PRO H 274 -28.36 -61.63 -13.25
N ALA H 275 -28.75 -62.90 -13.12
CA ALA H 275 -29.20 -63.41 -11.83
C ALA H 275 -28.10 -63.46 -10.78
N THR H 276 -26.87 -63.76 -11.19
CA THR H 276 -25.78 -63.86 -10.23
C THR H 276 -25.18 -62.51 -9.91
N GLY H 277 -25.62 -61.48 -10.62
CA GLY H 277 -25.01 -60.17 -10.51
C GLY H 277 -23.84 -59.98 -11.45
N GLY H 278 -23.47 -61.04 -12.15
CA GLY H 278 -22.39 -60.96 -13.09
C GLY H 278 -21.34 -62.02 -12.84
N ASP H 279 -21.16 -62.91 -13.80
CA ASP H 279 -20.20 -64.00 -13.68
C ASP H 279 -19.37 -64.16 -14.95
N GLU H 280 -19.30 -63.10 -15.75
CA GLU H 280 -18.45 -63.14 -16.93
C GLU H 280 -17.53 -61.93 -16.94
N CYS H 281 -17.63 -61.06 -17.93
CA CYS H 281 -16.75 -59.91 -17.91
C CYS H 281 -17.34 -58.83 -17.02
N HIS H 282 -16.47 -58.15 -16.29
CA HIS H 282 -16.91 -57.06 -15.43
C HIS H 282 -17.30 -55.87 -16.27
N MET H 283 -16.49 -55.57 -17.26
CA MET H 283 -16.71 -54.42 -18.10
C MET H 283 -16.67 -54.73 -19.57
N ALA H 284 -17.38 -53.95 -20.35
CA ALA H 284 -17.23 -53.96 -21.79
C ALA H 284 -17.49 -52.56 -22.31
N PHE H 285 -17.04 -52.30 -23.53
CA PHE H 285 -17.09 -50.95 -24.03
C PHE H 285 -18.25 -50.71 -24.95
N HIS H 286 -18.86 -49.57 -24.72
CA HIS H 286 -19.99 -49.07 -25.45
C HIS H 286 -19.49 -48.17 -26.57
N PHE H 287 -19.08 -48.75 -27.67
CA PHE H 287 -18.47 -48.00 -28.74
C PHE H 287 -19.36 -46.97 -29.41
N PRO H 288 -20.66 -47.20 -29.49
CA PRO H 288 -21.40 -46.16 -30.21
C PRO H 288 -21.63 -44.84 -29.45
N VAL H 289 -21.14 -44.71 -28.22
CA VAL H 289 -21.37 -43.46 -27.50
C VAL H 289 -20.77 -42.28 -28.25
N MET H 290 -19.50 -42.37 -28.60
CA MET H 290 -18.80 -41.23 -29.17
C MET H 290 -19.38 -40.76 -30.51
N PRO H 291 -19.62 -41.69 -31.46
CA PRO H 291 -20.30 -41.28 -32.70
C PRO H 291 -21.68 -40.65 -32.54
N ARG H 292 -22.46 -41.12 -31.58
CA ARG H 292 -23.80 -40.59 -31.38
C ARG H 292 -23.78 -39.19 -30.81
N ILE H 293 -22.79 -38.88 -29.98
CA ILE H 293 -22.66 -37.52 -29.51
C ILE H 293 -22.29 -36.62 -30.70
N PHE H 294 -21.39 -37.10 -31.56
CA PHE H 294 -20.99 -36.32 -32.74
C PHE H 294 -22.23 -35.95 -33.51
N MET H 295 -23.09 -36.94 -33.71
CA MET H 295 -24.34 -36.75 -34.42
C MET H 295 -25.29 -35.85 -33.67
N ALA H 296 -25.34 -35.96 -32.35
CA ALA H 296 -26.21 -35.10 -31.57
C ALA H 296 -25.81 -33.65 -31.74
N VAL H 297 -24.51 -33.40 -31.70
CA VAL H 297 -23.99 -32.06 -31.89
C VAL H 297 -24.23 -31.54 -33.31
N ARG H 298 -24.05 -32.41 -34.30
CA ARG H 298 -24.26 -32.03 -35.69
C ARG H 298 -25.71 -31.68 -35.97
N ARG H 299 -26.65 -32.52 -35.51
CA ARG H 299 -28.07 -32.25 -35.72
C ARG H 299 -28.61 -31.25 -34.68
N GLU H 300 -27.79 -30.95 -33.67
CA GLU H 300 -28.19 -30.09 -32.56
C GLU H 300 -29.44 -30.57 -31.86
N GLN H 301 -29.52 -31.87 -31.60
CA GLN H 301 -30.65 -32.51 -30.90
C GLN H 301 -30.21 -33.66 -30.05
N ARG H 302 -30.89 -33.90 -28.94
CA ARG H 302 -30.53 -34.96 -27.99
C ARG H 302 -30.84 -36.36 -28.53
N TYR H 303 -31.62 -36.44 -29.59
CA TYR H 303 -32.16 -37.70 -30.04
C TYR H 303 -31.12 -38.81 -30.27
N PRO H 304 -30.02 -38.51 -30.97
CA PRO H 304 -29.09 -39.62 -31.14
C PRO H 304 -28.51 -40.16 -29.85
N ILE H 305 -28.45 -39.35 -28.80
CA ILE H 305 -27.94 -39.84 -27.54
C ILE H 305 -29.03 -40.58 -26.80
N SER H 306 -30.23 -40.02 -26.79
CA SER H 306 -31.35 -40.69 -26.16
C SER H 306 -31.56 -42.08 -26.72
N GLU H 307 -31.44 -42.23 -28.02
CA GLU H 307 -31.72 -43.49 -28.68
C GLU H 307 -30.76 -44.59 -28.23
N ILE H 308 -29.45 -44.37 -28.27
CA ILE H 308 -28.56 -45.46 -27.85
C ILE H 308 -28.71 -45.75 -26.38
N MET H 309 -29.06 -44.75 -25.60
CA MET H 309 -29.26 -44.97 -24.17
C MET H 309 -30.45 -45.84 -23.92
N ALA H 310 -31.46 -45.73 -24.78
CA ALA H 310 -32.71 -46.43 -24.60
C ALA H 310 -32.68 -47.80 -25.28
N GLN H 311 -31.84 -48.00 -26.30
CA GLN H 311 -31.79 -49.31 -26.94
C GLN H 311 -30.72 -50.12 -26.26
N THR H 312 -30.08 -49.56 -25.24
CA THR H 312 -29.08 -50.31 -24.50
C THR H 312 -29.72 -51.12 -23.38
N PRO H 313 -29.58 -52.45 -23.43
CA PRO H 313 -30.22 -53.33 -22.46
C PRO H 313 -29.62 -53.20 -21.08
N LYS H 314 -30.36 -53.58 -20.05
CA LYS H 314 -29.85 -53.57 -18.70
C LYS H 314 -28.81 -54.64 -18.54
N ILE H 315 -27.82 -54.38 -17.71
CA ILE H 315 -26.69 -55.29 -17.55
C ILE H 315 -26.64 -55.78 -16.10
N PRO H 316 -25.93 -56.88 -15.86
CA PRO H 316 -25.85 -57.46 -14.51
C PRO H 316 -25.41 -56.43 -13.50
N GLU H 317 -25.86 -56.59 -12.26
CA GLU H 317 -25.76 -55.54 -11.27
C GLU H 317 -24.31 -55.10 -11.07
N ASN H 318 -23.38 -56.04 -11.15
CA ASN H 318 -21.99 -55.73 -10.84
C ASN H 318 -21.13 -55.44 -12.07
N CYS H 319 -21.78 -55.27 -13.22
CA CYS H 319 -21.04 -55.00 -14.45
C CYS H 319 -21.03 -53.53 -14.78
N GLN H 320 -20.17 -53.15 -15.71
CA GLN H 320 -20.03 -51.76 -16.10
C GLN H 320 -19.78 -51.59 -17.58
N TRP H 321 -20.39 -50.58 -18.17
CA TRP H 321 -19.99 -50.15 -19.51
C TRP H 321 -18.75 -49.31 -19.36
N GLY H 322 -17.78 -49.52 -20.23
CA GLY H 322 -16.66 -48.61 -20.32
C GLY H 322 -16.95 -47.66 -21.45
N ILE H 323 -16.70 -46.39 -21.26
CA ILE H 323 -16.86 -45.42 -22.33
C ILE H 323 -15.62 -44.60 -22.52
N PHE H 324 -15.38 -44.23 -23.75
CA PHE H 324 -14.28 -43.36 -24.07
C PHE H 324 -14.65 -42.52 -25.27
N LEU H 325 -13.95 -41.41 -25.45
CA LEU H 325 -14.23 -40.51 -26.55
C LEU H 325 -13.39 -40.86 -27.75
N ARG H 326 -13.67 -41.98 -28.38
CA ARG H 326 -13.02 -42.30 -29.64
C ARG H 326 -14.00 -42.99 -30.59
N ASN H 327 -13.76 -42.92 -31.88
CA ASN H 327 -14.69 -43.50 -32.83
C ASN H 327 -14.31 -44.89 -33.26
N HIS H 328 -13.12 -45.33 -32.90
CA HIS H 328 -12.60 -46.59 -33.39
C HIS H 328 -12.07 -47.45 -32.27
N ASP H 329 -12.10 -48.77 -32.40
CA ASP H 329 -11.30 -49.55 -31.47
C ASP H 329 -9.86 -49.63 -32.02
N GLU H 330 -8.90 -49.84 -31.14
CA GLU H 330 -7.50 -49.75 -31.52
C GLU H 330 -7.03 -51.01 -32.19
N LEU H 331 -7.79 -52.08 -31.99
CA LEU H 331 -7.49 -53.37 -32.58
C LEU H 331 -7.99 -53.61 -33.99
N THR H 332 -9.06 -52.96 -34.41
CA THR H 332 -9.58 -53.24 -35.76
C THR H 332 -9.63 -51.98 -36.58
N LEU H 333 -9.45 -50.85 -35.91
CA LEU H 333 -9.52 -49.53 -36.53
C LEU H 333 -10.86 -49.39 -37.26
N GLU H 334 -11.91 -49.86 -36.61
CA GLU H 334 -13.26 -49.85 -37.16
C GLU H 334 -14.16 -49.04 -36.27
N MET H 335 -15.10 -48.32 -36.86
CA MET H 335 -16.14 -47.72 -36.05
C MET H 335 -17.22 -48.76 -35.86
N VAL H 336 -17.61 -48.99 -34.62
CA VAL H 336 -18.59 -50.05 -34.36
C VAL H 336 -19.96 -49.58 -34.74
N THR H 337 -20.52 -50.20 -35.77
CA THR H 337 -21.84 -49.83 -36.23
C THR H 337 -22.54 -51.04 -36.80
N ASP H 338 -23.79 -50.87 -37.22
CA ASP H 338 -24.63 -51.96 -37.66
C ASP H 338 -25.80 -51.42 -38.49
N GLU H 339 -25.95 -51.86 -39.73
CA GLU H 339 -26.88 -51.15 -40.60
C GLU H 339 -28.37 -51.30 -40.26
N GLU H 340 -28.79 -52.38 -39.62
CA GLU H 340 -30.22 -52.55 -39.38
C GLU H 340 -30.64 -52.07 -38.00
N ARG H 341 -29.69 -51.90 -37.09
CA ARG H 341 -30.04 -51.51 -35.74
C ARG H 341 -29.50 -50.12 -35.35
N ASP H 342 -28.63 -49.55 -36.18
CA ASP H 342 -28.15 -48.20 -35.95
C ASP H 342 -28.81 -47.25 -36.93
N TYR H 343 -29.79 -46.48 -36.48
CA TYR H 343 -30.50 -45.59 -37.38
C TYR H 343 -29.59 -44.52 -37.95
N MET H 344 -28.42 -44.33 -37.35
CA MET H 344 -27.51 -43.31 -37.83
C MET H 344 -26.42 -43.86 -38.75
N TYR H 345 -26.47 -45.16 -38.99
CA TYR H 345 -25.49 -45.87 -39.82
C TYR H 345 -25.03 -45.11 -41.04
N ALA H 346 -25.99 -44.59 -41.78
CA ALA H 346 -25.73 -43.97 -43.06
C ALA H 346 -25.39 -42.51 -42.88
N GLU H 347 -25.58 -42.00 -41.67
CA GLU H 347 -25.40 -40.59 -41.46
C GLU H 347 -23.95 -40.33 -41.10
N TYR H 348 -23.31 -41.33 -40.51
CA TYR H 348 -21.86 -41.29 -40.31
C TYR H 348 -21.27 -41.36 -41.70
N ALA H 349 -22.10 -41.75 -42.67
CA ALA H 349 -21.72 -41.94 -44.08
C ALA H 349 -22.34 -40.89 -45.06
N LYS H 350 -22.51 -39.66 -44.58
CA LYS H 350 -22.95 -38.50 -45.41
C LYS H 350 -22.14 -37.25 -45.10
N ASP H 351 -22.04 -36.87 -43.83
CA ASP H 351 -20.81 -36.26 -43.38
C ASP H 351 -20.41 -34.93 -44.03
N PRO H 352 -19.13 -34.47 -43.85
CA PRO H 352 -18.13 -34.84 -42.84
C PRO H 352 -17.90 -33.80 -41.80
N ARG H 353 -18.12 -34.21 -40.56
CA ARG H 353 -17.24 -33.84 -39.47
C ARG H 353 -16.41 -35.09 -39.25
N MET H 354 -16.09 -35.75 -40.38
CA MET H 354 -15.90 -37.18 -40.38
C MET H 354 -16.12 -37.89 -41.74
N LYS H 355 -15.04 -38.46 -42.27
CA LYS H 355 -15.01 -39.32 -43.47
C LYS H 355 -13.53 -39.45 -43.83
N ALA H 356 -12.68 -38.68 -43.17
CA ALA H 356 -11.25 -38.98 -43.09
C ALA H 356 -11.03 -39.79 -41.81
N ASN H 357 -12.11 -40.38 -41.34
CA ASN H 357 -12.15 -41.32 -40.24
C ASN H 357 -12.14 -42.63 -40.98
N ILE H 358 -11.11 -42.83 -41.76
CA ILE H 358 -11.11 -43.94 -42.65
C ILE H 358 -11.21 -45.08 -41.70
N GLY H 359 -10.52 -44.91 -40.60
CA GLY H 359 -10.06 -46.00 -39.81
C GLY H 359 -8.81 -45.44 -39.18
N ILE H 360 -8.89 -44.16 -38.84
CA ILE H 360 -7.76 -43.48 -38.27
C ILE H 360 -8.13 -43.07 -36.85
N ARG H 361 -7.30 -43.43 -35.90
CA ARG H 361 -7.45 -42.89 -34.58
C ARG H 361 -6.91 -41.48 -34.57
N ARG H 362 -7.73 -40.59 -34.06
CA ARG H 362 -7.37 -39.22 -33.91
C ARG H 362 -7.68 -38.84 -32.49
N ARG H 363 -6.94 -37.89 -31.94
CA ARG H 363 -7.15 -37.50 -30.56
C ARG H 363 -8.34 -36.60 -30.45
N LEU H 364 -8.76 -36.36 -29.23
CA LEU H 364 -10.01 -35.68 -28.97
C LEU H 364 -10.01 -34.27 -29.53
N ALA H 365 -8.92 -33.54 -29.31
CA ALA H 365 -8.85 -32.16 -29.72
C ALA H 365 -8.91 -32.00 -31.25
N PRO H 366 -8.15 -32.82 -32.00
CA PRO H 366 -8.39 -32.78 -33.45
C PRO H 366 -9.80 -33.21 -33.89
N LEU H 367 -10.37 -34.19 -33.23
CA LEU H 367 -11.69 -34.67 -33.59
C LEU H 367 -12.77 -33.60 -33.46
N LEU H 368 -12.52 -32.60 -32.62
CA LEU H 368 -13.44 -31.52 -32.40
C LEU H 368 -12.93 -30.17 -32.88
N ASP H 369 -12.02 -30.15 -33.85
CA ASP H 369 -11.41 -28.92 -34.35
C ASP H 369 -10.93 -27.96 -33.27
N ASN H 370 -10.42 -28.54 -32.19
CA ASN H 370 -9.83 -27.79 -31.10
C ASN H 370 -10.78 -26.77 -30.51
N ASP H 371 -12.07 -27.07 -30.55
CA ASP H 371 -13.09 -26.18 -30.02
C ASP H 371 -13.22 -26.44 -28.54
N ARG H 372 -12.73 -25.54 -27.70
CA ARG H 372 -12.70 -25.83 -26.30
C ARG H 372 -14.08 -26.05 -25.69
N ASN H 373 -15.06 -25.28 -26.14
CA ASN H 373 -16.40 -25.45 -25.63
C ASN H 373 -16.84 -26.87 -25.89
N GLN H 374 -16.52 -27.41 -27.06
CA GLN H 374 -16.96 -28.77 -27.35
C GLN H 374 -16.15 -29.80 -26.59
N LEU H 375 -14.88 -29.52 -26.35
CA LEU H 375 -14.04 -30.41 -25.58
C LEU H 375 -14.63 -30.54 -24.19
N GLU H 376 -15.14 -29.44 -23.67
CA GLU H 376 -15.78 -29.49 -22.39
C GLU H 376 -17.13 -30.21 -22.44
N LEU H 377 -17.93 -29.95 -23.47
CA LEU H 377 -19.20 -30.64 -23.60
C LEU H 377 -19.03 -32.15 -23.67
N PHE H 378 -18.13 -32.59 -24.54
CA PHE H 378 -17.86 -34.00 -24.76
C PHE H 378 -17.28 -34.66 -23.54
N THR H 379 -16.37 -34.00 -22.87
CA THR H 379 -15.75 -34.59 -21.70
C THR H 379 -16.74 -34.65 -20.55
N ALA H 380 -17.60 -33.65 -20.45
CA ALA H 380 -18.60 -33.67 -19.40
C ALA H 380 -19.48 -34.90 -19.54
N LEU H 381 -19.90 -35.18 -20.76
CA LEU H 381 -20.73 -36.35 -21.04
C LEU H 381 -19.96 -37.64 -20.77
N LEU H 382 -18.70 -37.68 -21.15
CA LEU H 382 -17.88 -38.84 -20.88
C LEU H 382 -17.85 -39.17 -19.40
N LEU H 383 -17.86 -38.14 -18.58
CA LEU H 383 -17.71 -38.30 -17.13
C LEU H 383 -19.03 -38.42 -16.41
N SER H 384 -20.13 -38.16 -17.11
CA SER H 384 -21.41 -38.13 -16.44
C SER H 384 -22.37 -39.20 -16.90
N LEU H 385 -22.14 -39.73 -18.09
CA LEU H 385 -22.98 -40.80 -18.58
C LEU H 385 -22.72 -42.05 -17.75
N PRO H 386 -23.65 -43.00 -17.78
CA PRO H 386 -23.50 -44.19 -16.96
C PRO H 386 -22.40 -45.11 -17.44
N GLY H 387 -21.29 -45.15 -16.71
CA GLY H 387 -20.22 -46.04 -17.07
C GLY H 387 -19.00 -45.62 -16.32
N SER H 388 -17.87 -46.20 -16.70
CA SER H 388 -16.58 -45.80 -16.19
C SER H 388 -15.76 -45.30 -17.37
N PRO H 389 -15.30 -44.05 -17.30
CA PRO H 389 -14.65 -43.42 -18.45
C PRO H 389 -13.18 -43.73 -18.61
N VAL H 390 -12.72 -43.74 -19.84
CA VAL H 390 -11.31 -43.87 -20.11
C VAL H 390 -10.75 -42.64 -20.80
N LEU H 391 -9.75 -42.01 -20.18
CA LEU H 391 -8.99 -40.93 -20.80
C LEU H 391 -7.81 -41.48 -21.55
N TYR H 392 -7.49 -40.92 -22.71
CA TYR H 392 -6.32 -41.33 -23.47
C TYR H 392 -5.22 -40.32 -23.18
N TYR H 393 -3.98 -40.78 -22.97
CA TYR H 393 -2.91 -39.89 -22.56
C TYR H 393 -2.70 -38.77 -23.59
N GLY H 394 -2.59 -37.54 -23.11
CA GLY H 394 -2.42 -36.41 -24.00
C GLY H 394 -3.69 -35.62 -24.22
N ASP H 395 -4.84 -36.28 -24.10
CA ASP H 395 -6.12 -35.62 -24.32
C ASP H 395 -6.35 -34.55 -23.28
N GLU H 396 -5.71 -34.72 -22.14
CA GLU H 396 -5.97 -33.86 -21.00
C GLU H 396 -5.34 -32.49 -21.17
N ILE H 397 -4.44 -32.36 -22.14
CA ILE H 397 -3.85 -31.06 -22.41
C ILE H 397 -4.15 -30.58 -23.84
N GLY H 398 -4.87 -31.40 -24.59
CA GLY H 398 -5.32 -31.01 -25.90
C GLY H 398 -4.30 -31.34 -26.95
N MET H 399 -3.56 -32.40 -26.71
CA MET H 399 -2.59 -32.83 -27.69
C MET H 399 -3.31 -33.17 -28.98
N GLY H 400 -2.58 -33.12 -30.08
CA GLY H 400 -3.13 -33.38 -31.38
C GLY H 400 -2.68 -34.73 -31.83
N ASP H 401 -2.52 -34.88 -33.13
CA ASP H 401 -2.02 -36.10 -33.71
C ASP H 401 -1.17 -35.82 -34.92
N ASN H 402 -0.72 -36.87 -35.57
CA ASN H 402 0.09 -36.81 -36.77
C ASN H 402 -0.30 -37.94 -37.68
N ILE H 403 -1.36 -37.76 -38.46
CA ILE H 403 -1.92 -38.83 -39.27
C ILE H 403 -0.96 -39.45 -40.28
N TRP H 404 0.05 -38.71 -40.68
CA TRP H 404 1.05 -39.20 -41.64
C TRP H 404 1.94 -40.30 -41.10
N LEU H 405 1.80 -40.66 -39.84
CA LEU H 405 2.65 -41.68 -39.27
C LEU H 405 1.94 -43.04 -39.22
N GLY H 406 0.82 -43.15 -39.95
CA GLY H 406 -0.01 -44.34 -39.94
C GLY H 406 -1.36 -44.18 -39.26
N ASP H 407 -2.15 -45.24 -39.27
CA ASP H 407 -3.50 -45.22 -38.72
C ASP H 407 -3.58 -45.49 -37.22
N ARG H 408 -2.57 -46.14 -36.67
CA ARG H 408 -2.48 -46.28 -35.24
C ARG H 408 -1.52 -45.23 -34.68
N ASP H 409 -0.36 -45.10 -35.31
CA ASP H 409 0.73 -44.33 -34.73
C ASP H 409 0.39 -42.85 -34.59
N SER H 410 -0.36 -42.31 -35.55
CA SER H 410 -0.96 -40.97 -35.50
C SER H 410 -1.15 -40.42 -34.10
N VAL H 411 -1.56 -41.29 -33.20
CA VAL H 411 -1.98 -40.90 -31.88
C VAL H 411 -1.04 -41.46 -30.81
N ARG H 412 0.11 -41.98 -31.23
CA ARG H 412 1.04 -42.58 -30.28
C ARG H 412 2.37 -41.85 -30.16
N THR H 413 2.37 -40.63 -30.66
CA THR H 413 3.44 -39.67 -30.52
C THR H 413 3.75 -39.36 -29.05
N PRO H 414 5.00 -38.94 -28.74
CA PRO H 414 5.49 -38.64 -27.38
C PRO H 414 4.67 -37.67 -26.57
N MET H 415 4.46 -37.97 -25.30
CA MET H 415 3.74 -37.09 -24.40
C MET H 415 4.43 -35.77 -24.25
N GLN H 416 3.67 -34.68 -24.21
CA GLN H 416 4.27 -33.36 -24.26
C GLN H 416 4.35 -32.66 -22.89
N TRP H 417 5.51 -32.75 -22.23
CA TRP H 417 5.66 -32.35 -20.83
C TRP H 417 6.10 -30.91 -20.63
N THR H 418 7.18 -30.53 -21.29
CA THR H 418 7.78 -29.21 -21.09
C THR H 418 8.04 -28.57 -22.45
N PRO H 419 8.43 -27.27 -22.50
CA PRO H 419 8.85 -26.67 -23.77
C PRO H 419 10.33 -26.84 -24.11
N ASP H 420 11.00 -27.77 -23.45
CA ASP H 420 12.42 -27.99 -23.68
C ASP H 420 12.62 -28.90 -24.87
N ARG H 421 13.80 -29.47 -25.01
CA ARG H 421 14.06 -30.33 -26.17
C ARG H 421 13.20 -31.60 -26.08
N ASN H 422 12.65 -31.98 -27.22
CA ASN H 422 11.76 -33.12 -27.32
C ASN H 422 10.58 -33.03 -26.36
N ALA H 423 10.13 -31.82 -26.10
CA ALA H 423 9.01 -31.58 -25.19
C ALA H 423 9.23 -32.09 -23.78
N GLY H 424 10.47 -32.42 -23.45
CA GLY H 424 10.77 -32.86 -22.10
C GLY H 424 10.60 -34.34 -21.94
N PHE H 425 10.31 -35.02 -23.04
CA PHE H 425 10.08 -36.44 -23.03
C PHE H 425 11.40 -37.19 -22.90
N SER H 426 12.43 -36.64 -23.52
CA SER H 426 13.74 -37.25 -23.56
C SER H 426 14.78 -36.15 -23.80
N ARG H 427 16.02 -36.36 -23.37
CA ARG H 427 17.05 -35.35 -23.62
C ARG H 427 17.97 -35.76 -24.78
N CYS H 428 17.56 -36.80 -25.49
CA CYS H 428 18.31 -37.35 -26.59
C CYS H 428 18.26 -36.45 -27.81
N ASP H 429 18.92 -36.90 -28.86
CA ASP H 429 18.91 -36.26 -30.17
C ASP H 429 17.57 -36.60 -30.87
N PRO H 430 16.92 -35.61 -31.51
CA PRO H 430 15.63 -35.93 -32.14
C PRO H 430 15.66 -37.06 -33.12
N ALA H 431 16.79 -37.28 -33.79
CA ALA H 431 16.89 -38.30 -34.81
C ALA H 431 16.73 -39.70 -34.24
N ARG H 432 16.92 -39.81 -32.93
CA ARG H 432 16.85 -41.08 -32.22
C ARG H 432 15.49 -41.35 -31.58
N LEU H 433 14.55 -40.42 -31.73
CA LEU H 433 13.21 -40.61 -31.19
C LEU H 433 12.44 -41.68 -31.93
N TYR H 434 11.71 -42.50 -31.19
CA TYR H 434 10.93 -43.58 -31.81
C TYR H 434 9.89 -42.98 -32.76
N LEU H 435 9.35 -41.84 -32.37
CA LEU H 435 8.44 -41.09 -33.22
C LEU H 435 8.68 -39.62 -32.92
N PRO H 436 8.46 -38.74 -33.90
CA PRO H 436 8.74 -37.33 -33.68
C PRO H 436 7.73 -36.65 -32.78
N VAL H 437 8.14 -35.62 -32.08
CA VAL H 437 7.23 -34.80 -31.32
C VAL H 437 6.46 -33.89 -32.27
N ILE H 438 5.18 -33.70 -32.02
CA ILE H 438 4.35 -32.86 -32.86
C ILE H 438 4.86 -31.41 -32.79
N MET H 439 5.08 -30.78 -33.94
CA MET H 439 5.73 -29.46 -33.95
C MET H 439 4.85 -28.43 -34.66
N ASP H 440 3.71 -28.90 -35.10
CA ASP H 440 2.58 -28.16 -35.62
C ASP H 440 2.22 -26.84 -34.90
N PRO H 441 1.85 -25.79 -35.64
CA PRO H 441 1.47 -24.53 -34.99
C PRO H 441 0.20 -24.54 -34.13
N ILE H 442 -0.60 -25.60 -34.15
CA ILE H 442 -1.78 -25.63 -33.30
C ILE H 442 -1.59 -26.58 -32.12
N TYR H 443 -1.11 -27.79 -32.38
CA TYR H 443 -0.94 -28.76 -31.31
C TYR H 443 0.53 -29.01 -30.90
N GLY H 444 1.47 -28.33 -31.52
CA GLY H 444 2.88 -28.52 -31.22
C GLY H 444 3.26 -28.18 -29.80
N TYR H 445 4.34 -28.77 -29.32
CA TYR H 445 4.68 -28.67 -27.92
C TYR H 445 5.08 -27.28 -27.47
N GLN H 446 5.50 -26.43 -28.38
CA GLN H 446 5.92 -25.11 -27.99
C GLN H 446 4.70 -24.33 -27.56
N ALA H 447 3.53 -24.83 -27.94
CA ALA H 447 2.26 -24.24 -27.58
C ALA H 447 1.45 -25.12 -26.63
N VAL H 448 1.53 -26.44 -26.81
CA VAL H 448 0.78 -27.35 -25.98
C VAL H 448 1.68 -28.27 -25.18
N ASN H 449 1.78 -28.02 -23.87
CA ASN H 449 2.56 -28.88 -22.98
C ASN H 449 2.08 -28.81 -21.51
N VAL H 450 2.39 -29.85 -20.72
CA VAL H 450 1.81 -29.96 -19.36
C VAL H 450 2.20 -28.79 -18.50
N GLU H 451 3.43 -28.33 -18.63
CA GLU H 451 3.91 -27.23 -17.83
C GLU H 451 3.15 -25.96 -18.14
N ALA H 452 2.99 -25.64 -19.42
CA ALA H 452 2.22 -24.47 -19.80
C ALA H 452 0.80 -24.59 -19.27
N GLN H 453 0.19 -25.76 -19.44
CA GLN H 453 -1.16 -26.03 -18.95
C GLN H 453 -1.34 -25.86 -17.45
N GLN H 454 -0.42 -26.41 -16.67
CA GLN H 454 -0.51 -26.35 -15.21
C GLN H 454 -0.38 -24.93 -14.70
N ARG H 455 0.46 -24.14 -15.34
CA ARG H 455 0.67 -22.79 -14.85
C ARG H 455 -0.50 -21.90 -15.16
N ASN H 456 -1.36 -22.33 -16.06
CA ASN H 456 -2.47 -21.47 -16.41
C ASN H 456 -3.74 -21.96 -15.72
N PRO H 457 -4.26 -21.18 -14.77
CA PRO H 457 -5.40 -21.64 -13.99
C PRO H 457 -6.65 -21.84 -14.84
N GLY H 458 -6.70 -21.20 -16.01
CA GLY H 458 -7.84 -21.34 -16.91
C GLY H 458 -7.71 -22.41 -17.99
N SER H 459 -6.70 -23.26 -17.87
CA SER H 459 -6.38 -24.25 -18.89
C SER H 459 -7.28 -25.47 -18.91
N LEU H 460 -7.24 -26.19 -20.03
CA LEU H 460 -8.01 -27.39 -20.21
C LEU H 460 -7.61 -28.46 -19.24
N LEU H 461 -6.32 -28.52 -18.93
CA LEU H 461 -5.81 -29.49 -17.98
C LEU H 461 -6.38 -29.25 -16.61
N ASN H 462 -6.33 -28.02 -16.17
CA ASN H 462 -6.82 -27.68 -14.86
C ASN H 462 -8.33 -27.84 -14.80
N TRP H 463 -9.01 -27.58 -15.91
CA TRP H 463 -10.45 -27.81 -15.93
C TRP H 463 -10.74 -29.29 -15.82
N THR H 464 -10.00 -30.07 -16.58
CA THR H 464 -10.17 -31.50 -16.58
C THR H 464 -9.90 -32.08 -15.21
N ARG H 465 -8.88 -31.57 -14.53
CA ARG H 465 -8.52 -32.07 -13.21
C ARG H 465 -9.60 -31.85 -12.23
N LYS H 466 -10.18 -30.68 -12.31
CA LYS H 466 -11.26 -30.31 -11.43
C LYS H 466 -12.45 -31.21 -11.63
N MET H 467 -12.74 -31.53 -12.88
CA MET H 467 -13.88 -32.35 -13.22
C MET H 467 -13.75 -33.74 -12.67
N ILE H 468 -12.56 -34.31 -12.84
CA ILE H 468 -12.25 -35.64 -12.35
C ILE H 468 -12.38 -35.67 -10.83
N GLU H 469 -12.06 -34.55 -10.21
CA GLU H 469 -12.13 -34.46 -8.77
C GLU H 469 -13.58 -34.32 -8.27
N ILE H 470 -14.40 -33.54 -8.97
CA ILE H 470 -15.80 -33.46 -8.60
C ILE H 470 -16.46 -34.83 -8.78
N ARG H 471 -16.11 -35.53 -9.84
CA ARG H 471 -16.66 -36.84 -10.09
C ARG H 471 -16.22 -37.82 -9.01
N LYS H 472 -15.02 -37.66 -8.49
CA LYS H 472 -14.59 -38.55 -7.43
C LYS H 472 -15.42 -38.37 -6.18
N ARG H 473 -15.84 -37.14 -5.94
CA ARG H 473 -16.53 -36.82 -4.71
C ARG H 473 -17.99 -37.22 -4.78
N HIS H 474 -18.41 -37.76 -5.92
CA HIS H 474 -19.79 -38.19 -6.13
C HIS H 474 -19.86 -39.57 -6.77
N PRO H 475 -19.88 -40.62 -5.95
CA PRO H 475 -19.92 -42.00 -6.44
C PRO H 475 -21.15 -42.32 -7.28
N VAL H 476 -22.10 -41.39 -7.33
CA VAL H 476 -23.31 -41.61 -8.08
C VAL H 476 -23.00 -41.78 -9.57
N PHE H 477 -21.93 -41.15 -10.02
CA PHE H 477 -21.57 -41.17 -11.43
C PHE H 477 -21.21 -42.56 -11.92
N GLY H 478 -20.67 -43.39 -11.04
CA GLY H 478 -20.33 -44.73 -11.43
C GLY H 478 -21.36 -45.76 -11.00
N LEU H 479 -22.11 -45.46 -9.95
CA LEU H 479 -22.99 -46.44 -9.34
C LEU H 479 -24.46 -46.13 -9.50
N GLY H 480 -24.78 -44.87 -9.74
CA GLY H 480 -26.15 -44.45 -9.67
C GLY H 480 -26.98 -44.74 -10.89
N SER H 481 -28.26 -44.41 -10.77
CA SER H 481 -29.21 -44.64 -11.85
C SER H 481 -29.07 -43.53 -12.86
N TYR H 482 -29.77 -43.68 -13.99
CA TYR H 482 -29.79 -42.67 -15.04
C TYR H 482 -31.21 -42.46 -15.53
N VAL H 483 -31.76 -41.27 -15.29
CA VAL H 483 -33.09 -40.97 -15.77
C VAL H 483 -33.08 -39.72 -16.58
N GLU H 484 -33.55 -39.81 -17.81
CA GLU H 484 -33.58 -38.68 -18.69
C GLU H 484 -34.80 -37.83 -18.40
N LEU H 485 -34.65 -36.51 -18.41
CA LEU H 485 -35.75 -35.64 -18.10
C LEU H 485 -36.41 -35.08 -19.34
N PRO H 486 -37.75 -35.11 -19.36
CA PRO H 486 -38.52 -34.54 -20.46
C PRO H 486 -38.32 -33.04 -20.48
N ALA H 487 -38.29 -32.46 -21.66
CA ALA H 487 -38.18 -31.02 -21.79
C ALA H 487 -38.66 -30.62 -23.16
N SER H 488 -39.34 -29.49 -23.24
CA SER H 488 -39.85 -29.04 -24.52
C SER H 488 -38.69 -28.78 -25.47
N ASN H 489 -37.50 -28.51 -24.94
CA ASN H 489 -36.38 -28.21 -25.80
C ASN H 489 -35.51 -29.42 -26.14
N PRO H 490 -35.54 -29.83 -27.40
CA PRO H 490 -34.80 -30.98 -27.91
C PRO H 490 -33.31 -30.73 -27.98
N SER H 491 -32.89 -29.47 -27.85
CA SER H 491 -31.48 -29.15 -28.07
C SER H 491 -30.69 -29.50 -26.86
N VAL H 492 -31.37 -29.74 -25.75
CA VAL H 492 -30.75 -30.00 -24.47
C VAL H 492 -30.92 -31.45 -24.04
N LEU H 493 -29.85 -32.06 -23.53
CA LEU H 493 -29.96 -33.38 -22.96
C LEU H 493 -29.86 -33.18 -21.47
N ALA H 494 -30.93 -33.46 -20.74
CA ALA H 494 -30.97 -33.25 -19.30
C ALA H 494 -31.26 -34.55 -18.60
N PHE H 495 -30.41 -34.94 -17.65
CA PHE H 495 -30.72 -36.14 -16.88
C PHE H 495 -30.34 -36.04 -15.42
N VAL H 496 -30.81 -37.01 -14.65
CA VAL H 496 -30.57 -37.10 -13.23
C VAL H 496 -29.91 -38.42 -12.92
N ARG H 497 -28.94 -38.40 -12.01
CA ARG H 497 -28.27 -39.59 -11.56
C ARG H 497 -28.48 -39.68 -10.06
N GLU H 498 -28.89 -40.85 -9.60
CA GLU H 498 -29.24 -41.01 -8.20
C GLU H 498 -28.60 -42.23 -7.58
N TYR H 499 -27.98 -42.02 -6.43
CA TYR H 499 -27.46 -43.13 -5.66
C TYR H 499 -27.69 -42.86 -4.20
N GLY H 500 -28.95 -42.95 -3.76
CA GLY H 500 -29.24 -42.85 -2.35
C GLY H 500 -28.63 -41.67 -1.66
N ASP H 501 -29.32 -40.53 -1.67
CA ASP H 501 -28.83 -39.31 -1.03
C ASP H 501 -27.82 -38.59 -1.89
N ASP H 502 -27.18 -39.29 -2.82
CA ASP H 502 -26.28 -38.63 -3.75
C ASP H 502 -26.95 -38.43 -5.09
N ARG H 503 -27.44 -37.22 -5.31
CA ARG H 503 -28.22 -36.93 -6.48
C ARG H 503 -27.61 -35.77 -7.23
N VAL H 504 -27.37 -35.95 -8.54
CA VAL H 504 -26.90 -34.85 -9.37
C VAL H 504 -27.81 -34.62 -10.56
N LEU H 505 -27.92 -33.38 -11.00
CA LEU H 505 -28.65 -33.04 -12.21
C LEU H 505 -27.65 -32.59 -13.27
N CYS H 506 -27.72 -33.19 -14.45
CA CYS H 506 -26.81 -32.87 -15.53
C CYS H 506 -27.52 -32.36 -16.75
N VAL H 507 -27.07 -31.21 -17.25
CA VAL H 507 -27.72 -30.54 -18.36
C VAL H 507 -26.72 -30.23 -19.44
N ASN H 508 -26.99 -30.64 -20.67
CA ASN H 508 -26.04 -30.50 -21.76
C ASN H 508 -26.69 -29.90 -22.98
N ASN H 509 -26.05 -28.88 -23.55
CA ASN H 509 -26.62 -28.21 -24.71
C ASN H 509 -25.93 -28.69 -25.98
N LEU H 510 -26.71 -29.24 -26.89
CA LEU H 510 -26.16 -29.79 -28.10
C LEU H 510 -26.11 -28.78 -29.21
N SER H 511 -26.81 -27.66 -29.03
CA SER H 511 -26.82 -26.56 -29.98
C SER H 511 -25.65 -25.58 -29.81
N ARG H 512 -25.27 -24.88 -30.87
CA ARG H 512 -24.21 -23.89 -30.75
C ARG H 512 -24.73 -22.55 -30.32
N PHE H 513 -26.04 -22.46 -30.13
CA PHE H 513 -26.65 -21.25 -29.65
C PHE H 513 -27.06 -21.44 -28.20
N PRO H 514 -27.21 -20.35 -27.45
CA PRO H 514 -27.77 -20.46 -26.10
C PRO H 514 -29.18 -21.03 -26.15
N GLN H 515 -29.55 -21.88 -25.21
CA GLN H 515 -30.84 -22.55 -25.21
C GLN H 515 -31.45 -22.59 -23.81
N PRO H 516 -32.75 -22.34 -23.70
CA PRO H 516 -33.46 -22.53 -22.44
C PRO H 516 -33.95 -23.95 -22.27
N VAL H 517 -33.93 -24.43 -21.04
CA VAL H 517 -34.59 -25.66 -20.76
C VAL H 517 -35.40 -25.46 -19.50
N GLU H 518 -36.64 -25.92 -19.55
CA GLU H 518 -37.57 -25.86 -18.42
C GLU H 518 -37.78 -27.26 -17.89
N LEU H 519 -37.42 -27.48 -16.63
CA LEU H 519 -37.47 -28.81 -16.07
C LEU H 519 -38.55 -28.88 -15.00
N ASP H 520 -39.26 -30.00 -14.96
CA ASP H 520 -40.20 -30.28 -13.89
C ASP H 520 -39.46 -31.09 -12.82
N LEU H 521 -38.97 -30.44 -11.77
CA LEU H 521 -38.14 -31.14 -10.79
C LEU H 521 -38.84 -31.38 -9.47
N ARG H 522 -40.14 -31.65 -9.51
CA ARG H 522 -40.96 -31.69 -8.30
C ARG H 522 -40.58 -32.80 -7.38
N ARG H 523 -40.00 -33.84 -7.96
CA ARG H 523 -39.41 -34.91 -7.20
C ARG H 523 -38.33 -34.38 -6.27
N PHE H 524 -37.79 -33.22 -6.60
CA PHE H 524 -36.74 -32.61 -5.80
C PHE H 524 -37.22 -31.32 -5.19
N GLU H 525 -38.52 -31.17 -5.01
CA GLU H 525 -39.03 -29.91 -4.48
C GLU H 525 -38.40 -29.58 -3.14
N GLY H 526 -37.98 -28.35 -2.98
CA GLY H 526 -37.38 -27.95 -1.72
C GLY H 526 -35.88 -27.90 -1.79
N CYS H 527 -35.30 -28.62 -2.75
CA CYS H 527 -33.86 -28.66 -2.88
C CYS H 527 -33.27 -27.35 -3.34
N THR H 528 -32.08 -27.07 -2.81
CA THR H 528 -31.31 -25.92 -3.19
C THR H 528 -30.15 -26.46 -4.00
N PRO H 529 -30.25 -26.40 -5.33
CA PRO H 529 -29.18 -26.97 -6.17
C PRO H 529 -27.86 -26.25 -5.95
N VAL H 530 -26.79 -27.03 -5.88
CA VAL H 530 -25.45 -26.50 -5.75
C VAL H 530 -24.62 -26.88 -6.97
N GLU H 531 -24.15 -25.87 -7.68
CA GLU H 531 -23.37 -26.09 -8.88
C GLU H 531 -21.99 -26.61 -8.50
N CYS H 532 -21.51 -27.61 -9.24
CA CYS H 532 -20.29 -28.30 -8.88
C CYS H 532 -19.02 -27.50 -9.08
N MET H 533 -18.95 -26.73 -10.16
CA MET H 533 -17.71 -26.02 -10.43
C MET H 533 -17.46 -25.01 -9.33
N GLY H 534 -18.48 -24.28 -8.91
CA GLY H 534 -18.23 -23.23 -7.94
C GLY H 534 -18.91 -23.35 -6.58
N GLY H 535 -19.81 -24.30 -6.43
CA GLY H 535 -20.46 -24.47 -5.14
C GLY H 535 -21.48 -23.40 -4.80
N VAL H 536 -21.92 -22.66 -5.81
CA VAL H 536 -22.89 -21.61 -5.60
C VAL H 536 -24.28 -22.21 -5.45
N GLN H 537 -25.07 -21.70 -4.52
CA GLN H 537 -26.43 -22.17 -4.35
C GLN H 537 -27.43 -21.50 -5.24
N PHE H 538 -28.11 -22.32 -6.05
CA PHE H 538 -29.08 -21.80 -6.98
C PHE H 538 -30.42 -21.70 -6.28
N PRO H 539 -31.37 -20.96 -6.85
CA PRO H 539 -32.64 -20.83 -6.14
C PRO H 539 -33.27 -22.17 -5.87
N ALA H 540 -34.03 -22.26 -4.79
CA ALA H 540 -34.63 -23.51 -4.38
C ALA H 540 -35.58 -24.06 -5.42
N ILE H 541 -35.57 -25.38 -5.56
CA ILE H 541 -36.49 -25.99 -6.48
C ILE H 541 -37.81 -25.91 -5.75
N GLY H 542 -38.52 -24.82 -6.03
CA GLY H 542 -39.85 -24.60 -5.48
C GLY H 542 -40.72 -25.10 -6.61
N GLU H 543 -41.97 -24.69 -6.73
CA GLU H 543 -42.76 -25.32 -7.78
C GLU H 543 -43.45 -24.56 -8.92
N LEU H 544 -42.69 -24.19 -9.94
CA LEU H 544 -43.14 -24.07 -11.32
C LEU H 544 -41.97 -24.64 -12.11
N PRO H 545 -42.15 -24.90 -13.41
CA PRO H 545 -40.97 -25.43 -14.10
C PRO H 545 -39.70 -24.60 -13.85
N TYR H 546 -38.58 -25.31 -13.71
CA TYR H 546 -37.30 -24.69 -13.38
C TYR H 546 -36.53 -24.27 -14.63
N LEU H 547 -36.12 -23.01 -14.69
CA LEU H 547 -35.49 -22.51 -15.89
C LEU H 547 -33.98 -22.51 -15.80
N LEU H 548 -33.37 -23.39 -16.58
CA LEU H 548 -31.94 -23.36 -16.73
C LEU H 548 -31.61 -22.82 -18.10
N THR H 549 -30.66 -21.91 -18.15
CA THR H 549 -30.20 -21.33 -19.38
C THR H 549 -28.78 -21.77 -19.62
N LEU H 550 -28.50 -22.33 -20.79
CA LEU H 550 -27.14 -22.73 -21.15
C LEU H 550 -26.58 -21.97 -22.34
N PRO H 551 -25.28 -21.76 -22.36
CA PRO H 551 -24.65 -21.17 -23.54
C PRO H 551 -24.46 -22.22 -24.61
N GLY H 552 -23.95 -21.80 -25.76
CA GLY H 552 -23.67 -22.73 -26.81
C GLY H 552 -22.75 -23.83 -26.36
N HIS H 553 -23.20 -25.07 -26.52
CA HIS H 553 -22.46 -26.27 -26.14
C HIS H 553 -22.07 -26.30 -24.68
N GLY H 554 -22.88 -25.69 -23.81
CA GLY H 554 -22.58 -25.64 -22.40
C GLY H 554 -23.12 -26.80 -21.62
N PHE H 555 -22.73 -26.86 -20.36
CA PHE H 555 -23.27 -27.88 -19.47
C PHE H 555 -23.19 -27.41 -18.05
N TYR H 556 -24.07 -27.92 -17.22
CA TYR H 556 -23.96 -27.70 -15.79
C TYR H 556 -24.08 -29.01 -15.06
N TRP H 557 -23.37 -29.12 -13.96
CA TRP H 557 -23.61 -30.20 -13.03
C TRP H 557 -24.12 -29.56 -11.78
N PHE H 558 -25.24 -30.04 -11.29
CA PHE H 558 -25.79 -29.57 -10.02
C PHE H 558 -25.86 -30.72 -9.05
N VAL H 559 -25.48 -30.47 -7.81
CA VAL H 559 -25.76 -31.38 -6.72
C VAL H 559 -27.13 -30.98 -6.18
N LEU H 560 -27.93 -31.96 -5.77
CA LEU H 560 -29.22 -31.68 -5.15
C LEU H 560 -29.20 -32.14 -3.70
#